data_8AXL
#
_entry.id   8AXL
#
_cell.length_a   1.00
_cell.length_b   1.00
_cell.length_c   1.00
_cell.angle_alpha   90.00
_cell.angle_beta   90.00
_cell.angle_gamma   90.00
#
_symmetry.space_group_name_H-M   'P 1'
#
_entity_poly.entity_id   1
_entity_poly.type   'polypeptide(L)'
_entity_poly.pdbx_seq_one_letter_code
;MKKFNIKSLTLLIVLLPLIVNANNIDSHLLEQNDIAKYVAQSDTVGSFFERFSALLNYPIVVSKQAAKKRISGEFDLSNP
EEMLEKLTLLVGLIWYKDGNALYIYDSGELISKVILLENISLNYLIQYLKDANLYDHRYPIRGNISDKTFYISGPPALVE
LVANTATLLDKQVSSIGTDKVNFGVIKLKNTFVSDRTYNMRGEDIVIPGVATVVERLLNNGKALSNRQAQNDPMPPFNIT
QKVSEDSNDFSFSSVTNSSILEDVSLIAYPETNSILVKGNDQQIQIIRDIITQLDVAKRHIELSLWIIDIDKSELNNLGV
NWQGTASFGDSFGASFNMSSSASISTLDGNKFIASVMALNQKKKANVVSRPVILTQENIPAIFDNNRTFYVSLVGERNSS
LEHVTYGTLINVIPRFSSRGQIEMSLTIEDGTGNSQSNYNYNNENTSVLPEVGRTKISTIARVPQGKSLLIGGYTHETNS
NEIISIPFLSSIPVIGNVFKYKTSNISNIVRVFLIQPREIKESSYYNTAEYKSLISEREIQKTTQIIPSETTLLEDEKSL
VSYLNY
;
_entity_poly.pdbx_strand_id   A,O,B,C,D,E,F,G,H,I,J,K,L,M,N
#
# COMPACT_ATOMS: atom_id res chain seq x y z
N LYS A 180 -17.70 -21.15 68.45
CA LYS A 180 -16.81 -21.90 67.57
C LYS A 180 -16.46 -21.08 66.34
N VAL A 181 -17.46 -20.43 65.75
CA VAL A 181 -17.26 -19.53 64.62
C VAL A 181 -17.92 -18.20 64.96
N ASN A 182 -17.39 -17.11 64.39
CA ASN A 182 -17.96 -15.79 64.60
C ASN A 182 -17.98 -15.04 63.29
N PHE A 183 -19.13 -14.46 62.97
CA PHE A 183 -19.27 -13.52 61.86
C PHE A 183 -19.49 -12.13 62.44
N GLY A 184 -18.70 -11.17 61.98
CA GLY A 184 -18.69 -9.86 62.60
C GLY A 184 -18.60 -8.75 61.57
N VAL A 185 -19.02 -7.57 62.02
CA VAL A 185 -18.97 -6.35 61.23
C VAL A 185 -18.10 -5.34 61.96
N ILE A 186 -17.14 -4.77 61.26
CA ILE A 186 -16.20 -3.80 61.83
C ILE A 186 -16.32 -2.51 61.04
N LYS A 187 -16.49 -1.39 61.76
CA LYS A 187 -16.76 -0.10 61.15
C LYS A 187 -15.49 0.75 61.21
N LEU A 188 -14.79 0.82 60.08
CA LEU A 188 -13.63 1.69 60.00
C LEU A 188 -14.04 3.16 60.03
N LYS A 189 -13.22 3.98 60.66
CA LYS A 189 -13.50 5.40 60.80
C LYS A 189 -12.49 6.29 60.09
N ASN A 190 -11.20 6.10 60.35
CA ASN A 190 -10.20 7.07 59.95
C ASN A 190 -9.55 6.75 58.60
N THR A 191 -9.94 5.67 57.93
CA THR A 191 -9.31 5.29 56.68
C THR A 191 -10.36 4.76 55.71
N PHE A 192 -10.00 4.79 54.42
CA PHE A 192 -10.78 4.10 53.41
C PHE A 192 -10.41 2.63 53.37
N VAL A 193 -11.32 1.82 52.85
CA VAL A 193 -11.16 0.37 52.86
C VAL A 193 -10.60 -0.14 51.53
N SER A 194 -11.11 0.37 50.42
CA SER A 194 -10.63 -0.09 49.13
C SER A 194 -9.24 0.46 48.84
N ASP A 195 -8.41 -0.35 48.18
CA ASP A 195 -7.09 0.09 47.78
C ASP A 195 -7.20 1.25 46.80
N ARG A 196 -6.31 2.22 46.93
CA ARG A 196 -6.37 3.42 46.12
C ARG A 196 -5.11 3.56 45.28
N THR A 197 -5.22 4.27 44.17
CA THR A 197 -4.13 4.47 43.23
C THR A 197 -3.90 5.96 43.02
N TYR A 198 -2.63 6.36 43.01
CA TYR A 198 -2.23 7.75 42.84
C TYR A 198 -1.15 7.85 41.76
N ASN A 199 -1.28 8.87 40.92
CA ASN A 199 -0.34 9.10 39.84
C ASN A 199 0.72 10.11 40.27
N MET A 200 1.98 9.81 39.97
CA MET A 200 3.10 10.68 40.30
C MET A 200 3.88 11.04 39.05
N ARG A 201 3.18 11.18 37.93
CA ARG A 201 3.79 11.56 36.66
C ARG A 201 4.92 10.61 36.28
N GLY A 202 4.65 9.31 36.43
CA GLY A 202 5.61 8.30 36.04
C GLY A 202 5.74 7.17 37.04
N GLU A 203 5.60 7.47 38.32
CA GLU A 203 5.76 6.49 39.40
C GLU A 203 4.39 6.30 40.05
N ASP A 204 3.60 5.39 39.47
CA ASP A 204 2.28 5.10 40.01
C ASP A 204 2.39 4.40 41.36
N ILE A 205 1.55 4.82 42.30
CA ILE A 205 1.61 4.34 43.67
C ILE A 205 0.26 3.71 44.02
N VAL A 206 0.30 2.49 44.55
CA VAL A 206 -0.90 1.79 44.99
C VAL A 206 -0.82 1.64 46.51
N ILE A 207 -1.77 2.24 47.21
CA ILE A 207 -1.88 2.11 48.66
C ILE A 207 -2.92 1.03 48.94
N PRO A 208 -2.53 -0.10 49.52
CA PRO A 208 -3.48 -1.19 49.75
C PRO A 208 -4.43 -0.88 50.90
N GLY A 209 -5.55 -1.59 50.89
CA GLY A 209 -6.53 -1.43 51.94
C GLY A 209 -6.28 -2.33 53.13
N VAL A 210 -6.88 -1.94 54.25
CA VAL A 210 -6.71 -2.70 55.49
C VAL A 210 -7.17 -4.13 55.31
N ALA A 211 -8.28 -4.32 54.60
CA ALA A 211 -8.79 -5.67 54.38
C ALA A 211 -7.77 -6.53 53.65
N THR A 212 -7.25 -6.03 52.53
CA THR A 212 -6.28 -6.80 51.76
C THR A 212 -5.04 -7.10 52.58
N VAL A 213 -4.52 -6.09 53.29
CA VAL A 213 -3.28 -6.27 54.03
C VAL A 213 -3.46 -7.29 55.13
N VAL A 214 -4.54 -7.18 55.91
CA VAL A 214 -4.74 -8.10 57.02
C VAL A 214 -4.99 -9.52 56.52
N GLU A 215 -5.81 -9.67 55.47
CA GLU A 215 -6.08 -10.99 54.95
C GLU A 215 -4.80 -11.64 54.44
N ARG A 216 -3.95 -10.88 53.74
CA ARG A 216 -2.68 -11.44 53.30
C ARG A 216 -1.76 -11.73 54.47
N LEU A 217 -1.92 -11.00 55.58
CA LEU A 217 -1.13 -11.29 56.76
C LEU A 217 -1.49 -12.65 57.35
N LEU A 218 -2.79 -12.91 57.53
CA LEU A 218 -3.24 -14.17 58.10
C LEU A 218 -3.25 -15.22 57.00
N ASN A 219 -2.07 -15.71 56.66
CA ASN A 219 -1.90 -16.60 55.51
C ASN A 219 -0.70 -17.51 55.70
N ASN A 220 -0.92 -18.81 55.46
CA ASN A 220 0.14 -19.82 55.42
C ASN A 220 0.94 -19.86 56.72
N GLY A 221 0.24 -20.20 57.80
CA GLY A 221 0.86 -20.38 59.09
C GLY A 221 0.28 -21.56 59.84
N LYS A 222 1.14 -22.49 60.25
CA LYS A 222 0.70 -23.72 60.91
C LYS A 222 1.18 -23.70 62.37
N ALA A 223 0.38 -23.08 63.24
CA ALA A 223 0.64 -23.04 64.67
C ALA A 223 -0.57 -22.42 65.36
N LEU A 224 -0.48 -22.31 66.68
CA LEU A 224 -1.49 -21.63 67.49
C LEU A 224 -0.74 -20.85 68.57
N SER A 225 -1.46 -20.41 69.61
CA SER A 225 -0.88 -19.72 70.75
C SER A 225 -0.15 -18.45 70.31
N ASN A 226 -0.94 -17.50 69.86
CA ASN A 226 -0.44 -16.24 69.34
C ASN A 226 -0.50 -15.14 70.38
N ARG A 227 0.25 -14.06 70.11
CA ARG A 227 0.23 -12.87 70.94
C ARG A 227 0.45 -11.66 70.03
N GLN A 228 0.47 -10.47 70.64
CA GLN A 228 0.50 -9.21 69.91
C GLN A 228 1.68 -8.37 70.36
N ALA A 229 2.32 -7.70 69.40
CA ALA A 229 3.51 -6.91 69.63
C ALA A 229 3.31 -5.51 69.09
N GLN A 230 3.51 -4.51 69.94
CA GLN A 230 3.42 -3.12 69.52
C GLN A 230 4.71 -2.69 68.82
N LEU A 261 -6.05 -22.76 64.69
CA LEU A 261 -6.16 -21.64 63.77
C LEU A 261 -6.37 -22.12 62.33
N GLU A 262 -7.11 -21.33 61.56
CA GLU A 262 -7.43 -21.68 60.19
C GLU A 262 -7.54 -20.37 59.39
N ASP A 263 -8.18 -20.43 58.23
CA ASP A 263 -8.28 -19.28 57.34
C ASP A 263 -9.49 -18.42 57.73
N VAL A 264 -9.24 -17.14 57.96
CA VAL A 264 -10.30 -16.17 58.22
C VAL A 264 -10.83 -15.66 56.89
N SER A 265 -12.10 -15.26 56.89
CA SER A 265 -12.72 -14.65 55.72
C SER A 265 -12.90 -13.17 56.02
N LEU A 266 -12.16 -12.33 55.31
CA LEU A 266 -12.16 -10.90 55.58
C LEU A 266 -12.42 -10.17 54.27
N ILE A 267 -13.58 -9.52 54.16
CA ILE A 267 -13.93 -8.83 52.93
C ILE A 267 -14.31 -7.39 53.25
N ALA A 268 -14.23 -6.55 52.22
CA ALA A 268 -14.45 -5.12 52.35
C ALA A 268 -15.77 -4.74 51.72
N TYR A 269 -16.58 -3.95 52.43
CA TYR A 269 -17.86 -3.46 51.94
C TYR A 269 -17.80 -1.95 52.01
N PRO A 270 -17.28 -1.29 50.97
CA PRO A 270 -17.06 0.16 51.04
C PRO A 270 -18.34 0.98 50.95
N GLU A 271 -19.47 0.37 50.61
CA GLU A 271 -20.72 1.13 50.50
C GLU A 271 -21.05 1.80 51.84
N THR A 272 -20.80 1.11 52.94
CA THR A 272 -20.85 1.72 54.26
C THR A 272 -19.48 1.78 54.91
N ASN A 273 -18.41 1.54 54.13
CA ASN A 273 -17.03 1.61 54.61
C ASN A 273 -16.84 0.71 55.83
N SER A 274 -17.09 -0.58 55.62
CA SER A 274 -17.01 -1.53 56.71
C SER A 274 -16.28 -2.78 56.24
N ILE A 275 -16.03 -3.68 57.19
CA ILE A 275 -15.31 -4.91 56.93
C ILE A 275 -16.11 -6.05 57.53
N LEU A 276 -16.33 -7.11 56.74
CA LEU A 276 -17.03 -8.30 57.20
C LEU A 276 -16.01 -9.39 57.48
N VAL A 277 -16.03 -9.92 58.70
CA VAL A 277 -15.03 -10.86 59.18
C VAL A 277 -15.70 -12.16 59.57
N LYS A 278 -14.96 -13.25 59.40
CA LYS A 278 -15.41 -14.59 59.77
C LYS A 278 -14.21 -15.36 60.31
N GLY A 279 -14.31 -15.82 61.55
CA GLY A 279 -13.20 -16.56 62.12
C GLY A 279 -13.46 -16.96 63.56
N ASN A 280 -12.42 -17.51 64.17
CA ASN A 280 -12.49 -17.95 65.56
C ASN A 280 -12.38 -16.74 66.50
N ASP A 281 -12.62 -17.00 67.78
CA ASP A 281 -12.62 -15.92 68.76
C ASP A 281 -11.23 -15.30 68.90
N GLN A 282 -10.19 -16.12 68.95
CA GLN A 282 -8.83 -15.59 69.02
C GLN A 282 -8.51 -14.76 67.78
N GLN A 283 -8.89 -15.27 66.60
CA GLN A 283 -8.61 -14.55 65.37
C GLN A 283 -9.31 -13.21 65.34
N ILE A 284 -10.60 -13.17 65.71
CA ILE A 284 -11.28 -11.89 65.69
C ILE A 284 -10.72 -10.95 66.75
N GLN A 285 -10.28 -11.48 67.89
CA GLN A 285 -9.67 -10.62 68.90
C GLN A 285 -8.40 -9.97 68.36
N ILE A 286 -7.53 -10.75 67.73
CA ILE A 286 -6.31 -10.15 67.21
C ILE A 286 -6.62 -9.21 66.06
N ILE A 287 -7.67 -9.49 65.28
CA ILE A 287 -8.03 -8.58 64.20
C ILE A 287 -8.49 -7.24 64.76
N ARG A 288 -9.33 -7.26 65.78
CA ARG A 288 -9.79 -6.02 66.39
C ARG A 288 -8.60 -5.24 66.95
N ASP A 289 -7.71 -5.93 67.66
CA ASP A 289 -6.56 -5.24 68.24
C ASP A 289 -5.67 -4.63 67.16
N ILE A 290 -5.39 -5.39 66.10
CA ILE A 290 -4.46 -4.91 65.09
C ILE A 290 -5.08 -3.76 64.30
N ILE A 291 -6.38 -3.83 64.02
CA ILE A 291 -7.02 -2.72 63.31
C ILE A 291 -7.03 -1.47 64.18
N THR A 292 -7.37 -1.61 65.46
CA THR A 292 -7.37 -0.45 66.35
C THR A 292 -5.99 0.17 66.44
N GLN A 293 -4.96 -0.67 66.52
CA GLN A 293 -3.59 -0.14 66.50
C GLN A 293 -3.21 0.39 65.13
N LEU A 294 -3.96 0.04 64.09
CA LEU A 294 -3.59 0.39 62.73
C LEU A 294 -4.10 1.75 62.30
N ASP A 295 -5.38 2.06 62.50
CA ASP A 295 -5.94 3.32 62.03
C ASP A 295 -6.22 4.24 63.21
N VAL A 296 -5.55 5.39 63.24
CA VAL A 296 -5.81 6.32 64.35
C VAL A 296 -6.20 7.72 63.90
N ALA A 297 -5.28 8.47 63.28
CA ALA A 297 -5.60 9.88 63.15
C ALA A 297 -5.37 10.49 61.78
N LYS A 298 -4.26 10.14 61.11
CA LYS A 298 -3.92 10.70 59.80
C LYS A 298 -3.80 12.23 59.87
N ARG A 299 -2.73 12.68 60.53
CA ARG A 299 -2.50 14.11 60.71
C ARG A 299 -2.28 14.81 59.38
N HIS A 300 -2.44 16.14 59.40
CA HIS A 300 -2.43 16.98 58.22
C HIS A 300 -1.14 17.78 58.15
N ILE A 301 -0.50 17.77 56.98
CA ILE A 301 0.69 18.56 56.72
C ILE A 301 0.37 19.54 55.60
N GLU A 302 0.71 20.80 55.81
CA GLU A 302 0.56 21.83 54.79
C GLU A 302 1.93 22.36 54.43
N LEU A 303 2.25 22.35 53.15
CA LEU A 303 3.56 22.72 52.64
C LEU A 303 3.45 24.02 51.87
N SER A 304 4.34 24.97 52.17
CA SER A 304 4.44 26.22 51.45
C SER A 304 5.79 26.26 50.74
N LEU A 305 5.76 26.41 49.43
CA LEU A 305 6.97 26.34 48.61
C LEU A 305 7.29 27.73 48.10
N TRP A 306 8.31 28.37 48.66
CA TRP A 306 8.69 29.71 48.25
C TRP A 306 9.65 29.64 47.08
N ILE A 307 9.34 30.37 46.02
CA ILE A 307 10.20 30.49 44.86
C ILE A 307 10.54 31.96 44.71
N ILE A 308 11.82 32.31 44.75
CA ILE A 308 12.26 33.70 44.77
C ILE A 308 13.21 33.93 43.61
N ASP A 309 12.99 35.02 42.88
CA ASP A 309 13.89 35.42 41.81
C ASP A 309 14.24 36.88 42.00
N ILE A 310 15.52 37.20 41.86
CA ILE A 310 16.02 38.57 41.91
C ILE A 310 16.97 38.77 40.76
N ASP A 311 16.74 39.79 39.96
CA ASP A 311 17.57 40.06 38.79
C ASP A 311 17.95 41.53 38.75
N LYS A 312 19.22 41.79 38.47
CA LYS A 312 19.71 43.12 38.18
C LYS A 312 20.53 43.08 36.92
N SER A 313 20.43 44.13 36.10
CA SER A 313 21.17 44.15 34.86
C SER A 313 21.48 45.60 34.50
N GLU A 314 22.61 45.79 33.84
CA GLU A 314 23.02 47.11 33.37
C GLU A 314 23.78 46.97 32.08
N LEU A 315 23.29 47.60 31.03
CA LEU A 315 23.91 47.52 29.71
C LEU A 315 24.13 48.93 29.22
N ASN A 316 25.37 49.25 28.86
CA ASN A 316 25.62 50.61 28.40
C ASN A 316 26.67 50.62 27.30
N ASN A 317 26.44 51.45 26.29
CA ASN A 317 27.37 51.53 25.17
C ASN A 317 27.46 52.97 24.67
N LEU A 318 28.68 53.40 24.38
CA LEU A 318 28.87 54.72 23.81
C LEU A 318 30.11 54.72 22.92
N GLY A 319 30.04 55.48 21.86
CA GLY A 319 31.15 55.59 20.94
C GLY A 319 30.68 55.90 19.55
N VAL A 320 31.61 55.78 18.60
CA VAL A 320 31.36 56.14 17.21
C VAL A 320 31.94 55.08 16.29
N ASN A 321 31.21 54.74 15.25
CA ASN A 321 31.70 53.90 14.16
C ASN A 321 31.81 54.73 12.89
N TRP A 322 32.89 54.52 12.13
CA TRP A 322 33.18 55.32 10.96
C TRP A 322 33.27 54.46 9.71
N GLN A 323 32.82 55.03 8.59
CA GLN A 323 33.06 54.44 7.28
C GLN A 323 33.37 55.57 6.30
N GLY A 324 34.19 55.27 5.29
CA GLY A 324 34.64 56.33 4.41
C GLY A 324 34.85 55.92 2.97
N THR A 325 34.80 56.91 2.10
CA THR A 325 35.11 56.75 0.69
C THR A 325 35.79 58.02 0.20
N ALA A 326 36.66 57.87 -0.81
CA ALA A 326 37.38 59.02 -1.33
C ALA A 326 37.76 58.75 -2.78
N SER A 327 37.90 59.83 -3.55
CA SER A 327 38.28 59.73 -4.94
C SER A 327 39.27 60.82 -5.28
N PHE A 328 40.10 60.57 -6.29
CA PHE A 328 41.08 61.54 -6.76
C PHE A 328 41.18 61.42 -8.28
N GLY A 329 40.87 62.51 -8.96
CA GLY A 329 40.70 62.49 -10.39
C GLY A 329 39.61 61.49 -10.75
N ASP A 330 39.77 60.90 -11.93
CA ASP A 330 39.00 59.73 -12.32
C ASP A 330 39.86 58.49 -12.29
N SER A 331 40.92 58.51 -11.50
CA SER A 331 41.94 57.48 -11.50
C SER A 331 42.07 56.73 -10.18
N PHE A 332 42.09 57.43 -9.05
CA PHE A 332 42.41 56.80 -7.77
C PHE A 332 41.14 56.72 -6.94
N GLY A 333 40.72 55.50 -6.62
CA GLY A 333 39.60 55.29 -5.71
C GLY A 333 40.08 54.70 -4.40
N ALA A 334 39.43 55.08 -3.30
CA ALA A 334 39.83 54.58 -1.99
C ALA A 334 38.60 54.33 -1.15
N SER A 335 38.56 53.18 -0.47
CA SER A 335 37.45 52.82 0.40
C SER A 335 38.00 52.51 1.79
N PHE A 336 37.56 53.26 2.79
CA PHE A 336 38.08 53.15 4.14
C PHE A 336 37.09 52.38 5.01
N ASN A 337 37.50 51.22 5.49
CA ASN A 337 36.70 50.38 6.39
C ASN A 337 35.37 49.98 5.75
N MET A 338 35.47 49.37 4.57
CA MET A 338 34.30 48.90 3.85
C MET A 338 34.54 47.46 3.41
N SER A 339 33.45 46.67 3.40
CA SER A 339 33.56 45.29 2.97
C SER A 339 33.89 45.20 1.48
N SER A 340 33.13 45.91 0.65
CA SER A 340 33.37 45.94 -0.79
C SER A 340 32.68 47.16 -1.37
N SER A 341 33.09 47.51 -2.58
CA SER A 341 32.53 48.67 -3.28
C SER A 341 31.13 48.40 -3.80
N ASN A 350 29.61 59.78 -0.96
CA ASN A 350 30.92 59.99 -1.55
C ASN A 350 31.97 60.21 -0.47
N LYS A 351 31.53 60.55 0.74
CA LYS A 351 32.46 60.89 1.81
C LYS A 351 31.93 60.29 3.10
N PHE A 352 32.47 60.73 4.23
CA PHE A 352 32.50 59.94 5.45
C PHE A 352 31.17 59.94 6.19
N ILE A 353 30.87 58.80 6.80
CA ILE A 353 29.66 58.63 7.60
C ILE A 353 30.06 58.09 8.97
N ALA A 354 29.37 58.56 10.00
CA ALA A 354 29.65 58.17 11.38
C ALA A 354 28.35 57.87 12.10
N SER A 355 28.30 56.71 12.73
CA SER A 355 27.18 56.33 13.59
C SER A 355 27.60 56.54 15.03
N VAL A 356 26.93 57.45 15.72
CA VAL A 356 27.21 57.73 17.13
C VAL A 356 26.16 57.05 17.97
N MET A 357 26.62 56.27 18.94
CA MET A 357 25.76 55.57 19.87
C MET A 357 26.08 56.04 21.27
N ALA A 358 25.04 56.28 22.06
CA ALA A 358 25.23 56.66 23.45
C ALA A 358 23.95 56.28 24.20
N LEU A 359 24.05 55.28 25.08
CA LEU A 359 22.85 54.80 25.75
C LEU A 359 23.25 53.99 26.97
N ASN A 360 22.39 54.00 27.97
CA ASN A 360 22.62 53.25 29.20
C ASN A 360 21.29 52.83 29.78
N GLN A 361 21.07 51.53 29.95
CA GLN A 361 19.81 51.05 30.49
C GLN A 361 20.05 50.10 31.65
N LYS A 362 19.38 50.36 32.76
CA LYS A 362 19.39 49.51 33.93
C LYS A 362 18.04 48.83 34.07
N LYS A 363 18.04 47.66 34.67
CA LYS A 363 16.81 46.89 34.81
C LYS A 363 16.87 46.09 36.10
N LYS A 364 15.74 45.99 36.79
CA LYS A 364 15.69 45.26 38.04
C LYS A 364 14.34 44.57 38.16
N ALA A 365 14.34 43.36 38.72
CA ALA A 365 13.09 42.62 38.84
C ALA A 365 13.14 41.72 40.07
N ASN A 366 12.02 41.66 40.80
CA ASN A 366 11.86 40.76 41.92
C ASN A 366 10.55 40.00 41.74
N VAL A 367 10.62 38.68 41.83
CA VAL A 367 9.44 37.84 41.67
C VAL A 367 9.39 36.89 42.85
N VAL A 368 8.23 36.81 43.50
CA VAL A 368 8.04 35.90 44.64
C VAL A 368 6.77 35.11 44.38
N SER A 369 6.92 33.80 44.21
CA SER A 369 5.77 32.94 44.01
C SER A 369 5.69 31.96 45.19
N ARG A 370 4.48 31.59 45.54
CA ARG A 370 4.27 30.69 46.68
C ARG A 370 3.07 29.81 46.41
N PRO A 371 3.29 28.57 45.99
CA PRO A 371 2.23 27.56 46.08
C PRO A 371 2.13 27.04 47.50
N VAL A 372 0.92 26.64 47.86
CA VAL A 372 0.63 26.14 49.20
C VAL A 372 -0.38 25.01 49.06
N ILE A 373 -0.04 23.83 49.56
CA ILE A 373 -0.94 22.69 49.41
C ILE A 373 -1.01 21.92 50.72
N LEU A 374 -2.21 21.45 51.06
CA LEU A 374 -2.45 20.69 52.27
C LEU A 374 -2.78 19.25 51.92
N THR A 375 -2.34 18.31 52.76
CA THR A 375 -2.65 16.91 52.54
C THR A 375 -2.52 16.17 53.86
N GLN A 376 -2.77 14.87 53.82
CA GLN A 376 -2.59 14.00 54.97
C GLN A 376 -1.25 13.29 54.86
N GLU A 377 -0.65 12.98 56.00
CA GLU A 377 0.67 12.38 55.99
C GLU A 377 0.65 11.05 55.25
N ASN A 378 1.72 10.79 54.50
CA ASN A 378 1.99 9.56 53.77
C ASN A 378 1.10 9.38 52.53
N ILE A 379 0.33 10.39 52.16
CA ILE A 379 -0.56 10.27 51.00
C ILE A 379 -0.15 11.32 49.97
N PRO A 380 0.14 10.94 48.74
CA PRO A 380 0.67 11.89 47.77
C PRO A 380 -0.35 13.00 47.47
N ALA A 381 0.19 14.18 47.20
CA ALA A 381 -0.63 15.34 46.85
C ALA A 381 -0.10 15.95 45.57
N ILE A 382 -1.02 16.46 44.74
CA ILE A 382 -0.67 17.03 43.45
C ILE A 382 -1.25 18.42 43.36
N PHE A 383 -0.44 19.38 42.90
CA PHE A 383 -0.91 20.74 42.69
C PHE A 383 -0.22 21.30 41.47
N ASP A 384 -0.98 21.62 40.43
CA ASP A 384 -0.41 22.30 39.28
C ASP A 384 -1.27 23.48 38.90
N ASN A 385 -0.64 24.48 38.31
CA ASN A 385 -1.31 25.74 38.04
C ASN A 385 -0.55 26.45 36.94
N ASN A 386 -1.27 27.25 36.16
CA ASN A 386 -0.59 28.11 35.21
C ASN A 386 -1.49 29.29 34.86
N ARG A 387 -0.92 30.48 34.92
CA ARG A 387 -1.58 31.72 34.56
C ARG A 387 -0.88 32.34 33.37
N THR A 388 -1.52 33.33 32.78
CA THR A 388 -0.94 34.11 31.71
C THR A 388 -0.90 35.58 32.16
N PHE A 389 0.27 36.18 32.07
CA PHE A 389 0.45 37.57 32.46
C PHE A 389 0.50 38.43 31.20
N TYR A 390 -0.36 39.43 31.15
CA TYR A 390 -0.48 40.34 30.03
C TYR A 390 0.08 41.70 30.39
N VAL A 391 0.66 42.36 29.40
CA VAL A 391 0.99 43.78 29.49
C VAL A 391 0.52 44.44 28.21
N SER A 392 -0.23 45.53 28.37
CA SER A 392 -0.76 46.27 27.24
C SER A 392 0.27 47.25 26.72
N LEU A 393 0.49 47.24 25.42
CA LEU A 393 1.42 48.17 24.81
C LEU A 393 0.91 49.60 24.98
N VAL A 394 1.79 50.56 24.71
CA VAL A 394 1.41 51.96 24.81
C VAL A 394 0.38 52.33 23.75
N GLY A 395 0.55 51.83 22.53
CA GLY A 395 -0.37 52.15 21.46
C GLY A 395 -0.27 51.21 20.28
N LEU A 401 0.30 44.17 23.27
CA LEU A 401 -0.25 43.20 24.19
C LEU A 401 0.62 41.96 24.22
N GLU A 402 1.59 41.92 25.13
CA GLU A 402 2.52 40.81 25.22
C GLU A 402 2.24 40.00 26.47
N HIS A 403 2.31 38.67 26.34
CA HIS A 403 1.90 37.78 27.39
C HIS A 403 2.98 36.73 27.65
N VAL A 404 3.06 36.30 28.90
CA VAL A 404 3.98 35.26 29.32
C VAL A 404 3.21 34.25 30.17
N THR A 405 3.35 32.97 29.85
CA THR A 405 2.61 31.91 30.53
C THR A 405 3.48 31.33 31.64
N TYR A 406 3.09 31.60 32.88
CA TYR A 406 3.84 31.14 34.04
C TYR A 406 3.12 29.94 34.63
N GLY A 407 3.81 28.80 34.70
CA GLY A 407 3.22 27.59 35.21
C GLY A 407 4.12 26.89 36.20
N THR A 408 3.49 26.28 37.19
CA THR A 408 4.16 25.49 38.20
C THR A 408 3.44 24.16 38.37
N LEU A 409 4.18 23.16 38.84
CA LEU A 409 3.64 21.83 39.05
C LEU A 409 4.46 21.17 40.13
N ILE A 410 3.83 20.88 41.26
CA ILE A 410 4.51 20.30 42.40
C ILE A 410 3.73 19.07 42.85
N ASN A 411 4.41 17.94 42.92
CA ASN A 411 3.80 16.75 43.51
C ASN A 411 4.70 16.25 44.63
N VAL A 412 4.08 15.96 45.77
CA VAL A 412 4.81 15.80 47.02
C VAL A 412 4.26 14.63 47.79
N ILE A 413 5.14 13.94 48.51
CA ILE A 413 4.75 12.93 49.48
C ILE A 413 5.33 13.32 50.83
N PRO A 414 4.50 13.81 51.73
CA PRO A 414 5.00 14.21 53.06
C PRO A 414 4.80 13.12 54.10
N ARG A 415 5.53 13.21 55.20
CA ARG A 415 5.34 12.33 56.34
C ARG A 415 6.13 12.88 57.50
N PHE A 416 5.96 12.27 58.67
CA PHE A 416 6.60 12.74 59.88
C PHE A 416 7.82 11.91 60.22
N SER A 417 8.60 12.41 61.19
CA SER A 417 9.81 11.75 61.64
C SER A 417 10.15 12.27 63.03
N SER A 418 11.13 11.60 63.64
CA SER A 418 11.50 11.81 65.03
C SER A 418 11.56 13.29 65.39
N ARG A 419 11.09 13.61 66.59
CA ARG A 419 11.05 14.98 67.09
C ARG A 419 10.10 15.85 66.27
N GLY A 420 9.11 15.24 65.64
CA GLY A 420 8.14 16.00 64.87
C GLY A 420 8.69 16.68 63.64
N GLN A 421 9.79 16.18 63.09
CA GLN A 421 10.30 16.75 61.84
C GLN A 421 9.43 16.27 60.67
N ILE A 422 9.41 17.06 59.61
CA ILE A 422 8.58 16.75 58.45
C ILE A 422 9.50 16.38 57.29
N GLU A 423 9.39 15.16 56.79
CA GLU A 423 10.17 14.71 55.65
C GLU A 423 9.27 14.71 54.43
N MET A 424 9.84 15.05 53.28
CA MET A 424 9.06 15.19 52.06
C MET A 424 9.87 14.72 50.86
N SER A 425 9.21 13.97 49.99
CA SER A 425 9.74 13.68 48.66
C SER A 425 9.08 14.65 47.69
N LEU A 426 9.90 15.40 46.95
CA LEU A 426 9.44 16.53 46.17
C LEU A 426 9.81 16.35 44.71
N THR A 427 8.84 16.60 43.82
CA THR A 427 9.11 16.86 42.42
C THR A 427 8.50 18.21 42.09
N ILE A 428 9.35 19.15 41.67
CA ILE A 428 8.92 20.51 41.41
C ILE A 428 9.36 20.90 40.01
N GLU A 429 8.43 21.45 39.23
CA GLU A 429 8.75 22.12 38.00
C GLU A 429 8.11 23.49 38.05
N ASP A 430 8.78 24.49 37.50
CA ASP A 430 8.17 25.82 37.49
C ASP A 430 8.85 26.67 36.44
N GLY A 431 8.17 27.73 36.06
CA GLY A 431 8.78 28.73 35.22
C GLY A 431 7.85 29.16 34.13
N THR A 432 8.41 29.90 33.19
CA THR A 432 7.63 30.54 32.13
C THR A 432 7.90 29.86 30.79
N GLY A 433 7.24 30.38 29.77
CA GLY A 433 7.49 29.98 28.40
C GLY A 433 7.97 31.16 27.58
N ASN A 434 9.02 30.98 26.82
CA ASN A 434 9.67 32.07 26.10
C ASN A 434 8.67 32.79 25.20
N SER A 435 8.49 34.09 25.45
CA SER A 435 7.69 34.94 24.59
C SER A 435 8.40 36.29 24.47
N GLN A 436 9.18 36.46 23.42
CA GLN A 436 9.90 37.69 23.16
C GLN A 436 8.94 38.84 22.88
N ASN A 443 9.42 46.02 22.49
CA ASN A 443 9.51 47.31 23.15
C ASN A 443 9.36 47.17 24.66
N GLU A 444 10.44 46.70 25.31
CA GLU A 444 10.54 46.56 26.75
C GLU A 444 9.51 45.59 27.33
N ASN A 445 8.82 44.84 26.48
CA ASN A 445 7.84 43.87 26.96
C ASN A 445 8.50 42.83 27.86
N THR A 446 9.58 42.22 27.38
CA THR A 446 10.34 41.29 28.22
C THR A 446 10.95 42.02 29.40
N SER A 447 11.25 43.31 29.25
CA SER A 447 11.80 44.08 30.35
C SER A 447 10.79 44.22 31.48
N VAL A 448 9.51 44.22 31.16
CA VAL A 448 8.47 44.37 32.18
C VAL A 448 8.01 43.03 32.71
N LEU A 449 7.77 42.06 31.83
CA LEU A 449 7.25 40.78 32.24
C LEU A 449 8.30 39.97 33.01
N PRO A 450 7.85 38.97 33.80
CA PRO A 450 8.80 38.23 34.64
C PRO A 450 9.94 37.55 33.87
N GLU A 451 9.60 36.61 32.99
CA GLU A 451 10.58 35.89 32.18
C GLU A 451 11.70 35.31 33.04
N VAL A 452 11.31 34.34 33.89
CA VAL A 452 12.23 33.77 34.87
C VAL A 452 12.81 32.43 34.43
N GLY A 453 12.69 32.06 33.18
CA GLY A 453 13.24 30.80 32.72
C GLY A 453 12.42 29.63 33.21
N ARG A 454 13.02 28.44 33.16
CA ARG A 454 12.36 27.23 33.62
C ARG A 454 13.31 26.44 34.50
N THR A 455 12.77 25.78 35.52
CA THR A 455 13.60 25.05 36.46
C THR A 455 12.83 23.86 37.01
N LYS A 456 13.45 22.69 36.99
CA LYS A 456 12.88 21.49 37.58
C LYS A 456 13.89 20.91 38.56
N ILE A 457 13.41 20.56 39.74
CA ILE A 457 14.23 19.97 40.78
C ILE A 457 13.48 18.80 41.40
N SER A 458 14.16 17.66 41.50
CA SER A 458 13.58 16.46 42.09
C SER A 458 14.51 15.96 43.18
N THR A 459 13.99 15.84 44.39
CA THR A 459 14.83 15.53 45.55
C THR A 459 13.95 15.09 46.71
N ILE A 460 14.56 14.97 47.89
CA ILE A 460 13.87 14.56 49.11
C ILE A 460 14.61 15.14 50.30
N ALA A 461 13.88 15.76 51.21
CA ALA A 461 14.53 16.44 52.33
C ALA A 461 13.59 16.50 53.52
N ARG A 462 14.17 16.68 54.70
CA ARG A 462 13.37 16.79 55.92
C ARG A 462 13.73 18.07 56.66
N VAL A 463 12.72 18.66 57.28
CA VAL A 463 12.80 19.99 57.88
C VAL A 463 12.34 19.92 59.32
N PRO A 464 13.07 20.50 60.26
CA PRO A 464 12.51 20.68 61.60
C PRO A 464 11.31 21.61 61.54
N GLN A 465 10.35 21.37 62.43
CA GLN A 465 9.15 22.20 62.42
C GLN A 465 9.47 23.55 63.02
N GLY A 466 9.09 24.61 62.31
CA GLY A 466 9.42 25.97 62.70
C GLY A 466 10.52 26.61 61.89
N LYS A 467 11.20 25.86 61.03
CA LYS A 467 12.26 26.39 60.20
C LYS A 467 11.98 26.03 58.75
N SER A 468 12.73 26.64 57.84
CA SER A 468 12.56 26.45 56.42
C SER A 468 13.91 26.14 55.78
N LEU A 469 13.87 25.40 54.68
CA LEU A 469 15.07 24.86 54.07
C LEU A 469 15.20 25.33 52.63
N LEU A 470 16.44 25.52 52.19
CA LEU A 470 16.72 25.96 50.82
C LEU A 470 17.11 24.73 50.02
N ILE A 471 16.11 24.04 49.47
CA ILE A 471 16.40 22.78 48.79
C ILE A 471 17.15 23.03 47.48
N GLY A 472 16.79 24.07 46.75
CA GLY A 472 17.38 24.26 45.44
C GLY A 472 17.73 25.72 45.20
N GLY A 473 18.67 25.92 44.30
CA GLY A 473 19.01 27.30 43.99
C GLY A 473 20.00 27.39 42.86
N TYR A 474 20.16 28.61 42.38
CA TYR A 474 20.97 28.82 41.18
C TYR A 474 21.28 30.31 41.07
N THR A 475 22.56 30.66 41.06
CA THR A 475 22.96 32.04 40.87
C THR A 475 23.84 32.16 39.63
N HIS A 476 23.87 33.35 39.07
CA HIS A 476 24.53 33.57 37.80
C HIS A 476 25.03 35.00 37.74
N GLU A 477 26.27 35.17 37.29
CA GLU A 477 26.85 36.49 37.17
C GLU A 477 27.59 36.61 35.85
N THR A 478 27.32 37.69 35.12
CA THR A 478 27.92 37.90 33.82
C THR A 478 28.52 39.29 33.76
N ASN A 479 29.74 39.38 33.20
CA ASN A 479 30.39 40.65 32.99
C ASN A 479 31.04 40.61 31.63
N SER A 480 30.88 41.66 30.84
CA SER A 480 31.42 41.65 29.49
C SER A 480 31.79 43.06 29.06
N ASN A 481 32.95 43.18 28.43
CA ASN A 481 33.42 44.44 27.89
C ASN A 481 33.89 44.23 26.46
N GLU A 482 33.68 45.24 25.63
CA GLU A 482 34.13 45.21 24.25
C GLU A 482 34.56 46.59 23.84
N ILE A 483 35.72 46.69 23.20
CA ILE A 483 36.27 47.97 22.77
C ILE A 483 36.68 47.87 21.32
N ILE A 484 36.21 48.82 20.51
CA ILE A 484 36.57 48.88 19.09
C ILE A 484 37.21 50.23 18.84
N SER A 485 38.34 50.24 18.15
CA SER A 485 39.02 51.51 17.94
C SER A 485 39.84 51.49 16.67
N ILE A 486 39.92 52.65 16.03
CA ILE A 486 40.87 52.86 14.94
C ILE A 486 42.28 52.81 15.50
N PRO A 487 43.22 52.13 14.84
CA PRO A 487 44.52 51.86 15.49
C PRO A 487 45.29 53.08 15.95
N PHE A 488 45.61 53.99 15.05
CA PHE A 488 46.57 55.04 15.38
C PHE A 488 45.91 56.29 15.94
N LEU A 489 45.04 56.92 15.17
CA LEU A 489 44.55 58.24 15.55
C LEU A 489 43.74 58.21 16.83
N SER A 490 43.02 57.11 17.09
CA SER A 490 42.25 57.02 18.32
C SER A 490 43.12 57.07 19.56
N SER A 491 44.43 57.03 19.42
CA SER A 491 45.33 57.12 20.56
C SER A 491 45.79 58.54 20.85
N ILE A 492 45.43 59.51 20.02
CA ILE A 492 45.85 60.89 20.26
C ILE A 492 45.10 61.40 21.48
N PRO A 493 45.66 62.37 22.23
CA PRO A 493 45.17 62.64 23.59
C PRO A 493 43.72 63.11 23.69
N VAL A 494 43.37 64.18 22.99
CA VAL A 494 42.11 64.86 23.28
C VAL A 494 40.97 64.29 22.45
N ILE A 495 41.06 64.43 21.12
CA ILE A 495 39.94 64.05 20.26
C ILE A 495 39.95 62.56 19.92
N GLY A 496 41.02 61.84 20.26
CA GLY A 496 41.06 60.42 19.96
C GLY A 496 39.91 59.66 20.57
N ASN A 497 39.45 60.10 21.75
CA ASN A 497 38.35 59.44 22.42
C ASN A 497 37.05 59.52 21.64
N VAL A 498 37.03 60.21 20.49
CA VAL A 498 35.84 60.23 19.65
C VAL A 498 35.80 59.08 18.67
N PHE A 499 36.90 58.32 18.52
CA PHE A 499 36.95 57.23 17.57
C PHE A 499 36.70 55.87 18.20
N LYS A 500 36.77 55.76 19.52
CA LYS A 500 36.55 54.49 20.18
C LYS A 500 35.07 54.12 20.14
N TYR A 501 34.79 52.93 20.66
CA TYR A 501 33.41 52.47 20.82
C TYR A 501 33.45 51.42 21.92
N LYS A 502 32.84 51.73 23.06
CA LYS A 502 32.92 50.91 24.26
C LYS A 502 31.54 50.39 24.61
N THR A 503 31.43 49.07 24.76
CA THR A 503 30.18 48.41 25.12
C THR A 503 30.42 47.59 26.38
N SER A 504 29.47 47.62 27.30
CA SER A 504 29.62 46.93 28.57
C SER A 504 28.30 46.33 29.01
N ASN A 505 28.37 45.17 29.63
CA ASN A 505 27.21 44.48 30.16
C ASN A 505 27.56 43.90 31.53
N ILE A 506 26.64 44.02 32.47
CA ILE A 506 26.77 43.42 33.79
C ILE A 506 25.42 42.86 34.18
N SER A 507 25.40 41.68 34.80
CA SER A 507 24.12 41.13 35.20
C SER A 507 24.29 40.14 36.34
N ASN A 508 23.36 40.20 37.30
CA ASN A 508 23.29 39.24 38.39
C ASN A 508 21.90 38.65 38.44
N ILE A 509 21.84 37.33 38.63
CA ILE A 509 20.58 36.60 38.71
C ILE A 509 20.66 35.65 39.89
N VAL A 510 19.60 35.61 40.70
CA VAL A 510 19.51 34.68 41.82
C VAL A 510 18.14 34.05 41.79
N ARG A 511 18.08 32.73 41.91
CA ARG A 511 16.82 32.02 42.01
C ARG A 511 16.92 30.98 43.10
N VAL A 512 15.89 30.90 43.93
CA VAL A 512 15.92 30.09 45.14
C VAL A 512 14.61 29.35 45.30
N PHE A 513 14.68 28.06 45.64
CA PHE A 513 13.53 27.24 45.99
C PHE A 513 13.70 26.83 47.44
N LEU A 514 12.89 27.41 48.33
CA LEU A 514 12.80 27.02 49.72
C LEU A 514 11.48 26.33 49.99
N ILE A 515 11.45 25.55 51.07
CA ILE A 515 10.24 24.92 51.54
C ILE A 515 10.07 25.25 53.01
N GLN A 516 8.82 25.43 53.42
CA GLN A 516 8.51 25.38 54.85
C GLN A 516 7.21 24.63 55.05
N PRO A 517 7.26 23.52 55.75
CA PRO A 517 6.04 22.79 56.05
C PRO A 517 5.53 23.11 57.43
N ARG A 518 4.29 22.73 57.72
CA ARG A 518 3.77 22.89 59.08
C ARG A 518 2.60 21.93 59.28
N GLU A 519 2.48 21.42 60.49
CA GLU A 519 1.37 20.55 60.83
C GLU A 519 0.14 21.41 61.09
N ILE A 520 -1.03 20.92 60.66
CA ILE A 520 -2.27 21.65 60.79
C ILE A 520 -2.90 21.32 62.14
N LYS A 521 -3.13 22.34 62.96
CA LYS A 521 -3.73 22.19 64.26
C LYS A 521 -5.13 22.80 64.25
N GLU A 522 -5.80 22.71 65.39
CA GLU A 522 -7.17 23.20 65.49
C GLU A 522 -7.27 24.70 65.28
N SER A 523 -6.17 25.42 65.45
CA SER A 523 -6.18 26.86 65.22
C SER A 523 -5.96 27.22 63.75
N SER A 524 -5.73 26.24 62.89
CA SER A 524 -5.48 26.50 61.49
C SER A 524 -6.74 26.47 60.63
N TYR A 525 -7.88 26.11 61.21
CA TYR A 525 -9.14 26.17 60.48
C TYR A 525 -9.74 27.56 60.59
N TYR A 526 -10.71 27.82 59.73
CA TYR A 526 -11.44 29.09 59.73
C TYR A 526 -12.80 28.88 60.36
N ASN A 527 -13.15 29.72 61.32
CA ASN A 527 -14.47 29.66 61.93
C ASN A 527 -15.50 30.21 60.96
N THR A 528 -16.48 29.39 60.60
CA THR A 528 -17.53 29.80 59.71
C THR A 528 -18.89 29.83 60.41
N ALA A 529 -19.30 28.71 61.01
CA ALA A 529 -20.49 28.61 61.85
C ALA A 529 -21.77 29.01 61.14
N GLU A 530 -21.72 29.24 59.83
CA GLU A 530 -22.90 29.59 59.05
C GLU A 530 -22.84 28.87 57.73
N TYR A 531 -23.87 29.05 56.91
CA TYR A 531 -23.93 28.39 55.62
C TYR A 531 -24.83 29.21 54.70
N LYS A 532 -24.23 29.99 53.82
CA LYS A 532 -24.99 30.76 52.86
C LYS A 532 -25.67 29.81 51.89
N SER A 533 -26.99 29.71 52.00
CA SER A 533 -27.74 28.95 51.01
C SER A 533 -27.63 29.62 49.65
N LEU A 534 -27.56 28.82 48.60
CA LEU A 534 -27.46 29.38 47.25
C LEU A 534 -28.68 30.23 46.92
N ILE A 535 -29.86 29.73 47.23
CA ILE A 535 -31.11 30.37 46.83
C ILE A 535 -32.01 30.49 48.05
N SER A 536 -32.90 31.48 48.02
CA SER A 536 -33.71 31.77 49.18
C SER A 536 -34.97 30.91 49.22
N GLU A 537 -35.42 30.63 50.44
CA GLU A 537 -36.65 29.87 50.61
C GLU A 537 -37.84 30.60 49.99
N ARG A 538 -37.89 31.92 50.18
CA ARG A 538 -38.98 32.68 49.59
C ARG A 538 -38.92 32.61 48.07
N GLU A 539 -37.72 32.69 47.49
CA GLU A 539 -37.58 32.57 46.05
C GLU A 539 -38.07 31.22 45.56
N ILE A 540 -37.70 30.14 46.25
CA ILE A 540 -38.13 28.82 45.83
C ILE A 540 -39.64 28.68 45.94
N GLN A 541 -40.22 29.16 47.03
CA GLN A 541 -41.67 29.09 47.15
C GLN A 541 -42.36 29.88 46.05
N LYS A 542 -41.82 31.05 45.72
CA LYS A 542 -42.39 31.86 44.65
C LYS A 542 -42.31 31.15 43.31
N THR A 543 -41.21 30.44 43.06
CA THR A 543 -41.01 29.85 41.74
C THR A 543 -41.63 28.47 41.58
N THR A 544 -41.95 27.76 42.66
CA THR A 544 -42.55 26.43 42.50
C THR A 544 -43.79 26.24 43.35
N GLN A 545 -44.39 27.30 43.85
CA GLN A 545 -45.68 27.19 44.51
C GLN A 545 -46.79 27.23 43.46
N ILE A 546 -47.92 26.62 43.80
CA ILE A 546 -49.08 26.74 42.93
C ILE A 546 -49.49 28.19 42.86
N ILE A 547 -49.83 28.64 41.65
CA ILE A 547 -50.18 30.06 41.48
C ILE A 547 -51.42 30.37 42.30
N PRO A 548 -51.42 31.43 43.13
CA PRO A 548 -52.54 31.80 44.01
C PRO A 548 -53.85 31.99 43.27
N LYS B 180 -35.76 -27.98 58.34
CA LYS B 180 -34.48 -28.48 57.86
C LYS B 180 -33.90 -27.55 56.81
N VAL B 181 -34.75 -27.08 55.89
CA VAL B 181 -34.34 -26.11 54.89
C VAL B 181 -35.34 -24.95 54.93
N ASN B 182 -34.88 -23.77 54.56
CA ASN B 182 -35.75 -22.60 54.52
C ASN B 182 -35.45 -21.80 53.26
N PHE B 183 -36.50 -21.44 52.54
CA PHE B 183 -36.44 -20.50 51.44
C PHE B 183 -37.12 -19.21 51.87
N GLY B 184 -36.46 -18.09 51.68
CA GLY B 184 -36.93 -16.84 52.24
C GLY B 184 -36.71 -15.68 51.28
N VAL B 185 -37.50 -14.63 51.51
CA VAL B 185 -37.43 -13.39 50.76
C VAL B 185 -37.10 -12.27 51.73
N ILE B 186 -36.08 -11.47 51.41
CA ILE B 186 -35.64 -10.37 52.25
C ILE B 186 -35.74 -9.09 51.44
N LYS B 187 -36.37 -8.07 52.02
CA LYS B 187 -36.67 -6.83 51.32
C LYS B 187 -35.71 -5.75 51.80
N LEU B 188 -34.68 -5.48 51.00
CA LEU B 188 -33.77 -4.39 51.32
C LEU B 188 -34.47 -3.04 51.16
N LYS B 189 -34.10 -2.09 52.03
CA LYS B 189 -34.72 -0.78 52.01
C LYS B 189 -33.72 0.33 51.69
N ASN B 190 -32.60 0.40 52.40
CA ASN B 190 -31.74 1.58 52.35
C ASN B 190 -30.60 1.46 51.34
N THR B 191 -30.50 0.36 50.60
CA THR B 191 -29.41 0.18 49.66
C THR B 191 -29.89 -0.51 48.40
N PHE B 192 -29.13 -0.35 47.33
CA PHE B 192 -29.35 -1.11 46.12
C PHE B 192 -28.68 -2.48 46.24
N VAL B 193 -29.17 -3.44 45.47
CA VAL B 193 -28.72 -4.82 45.57
C VAL B 193 -27.64 -5.14 44.54
N SER B 194 -27.81 -4.69 43.30
CA SER B 194 -26.81 -4.97 42.28
C SER B 194 -25.56 -4.14 42.50
N ASP B 195 -24.41 -4.74 42.20
CA ASP B 195 -23.15 -4.02 42.28
C ASP B 195 -23.14 -2.86 41.30
N ARG B 196 -22.58 -1.74 41.71
CA ARG B 196 -22.59 -0.53 40.91
C ARG B 196 -21.17 -0.09 40.57
N THR B 197 -21.04 0.63 39.47
CA THR B 197 -19.74 1.10 38.98
C THR B 197 -19.76 2.61 38.83
N TYR B 198 -18.68 3.25 39.26
CA TYR B 198 -18.55 4.70 39.20
C TYR B 198 -17.20 5.07 38.59
N ASN B 199 -17.23 6.10 37.73
CA ASN B 199 -16.04 6.56 37.05
C ASN B 199 -15.44 7.74 37.80
N MET B 200 -14.12 7.70 37.98
CA MET B 200 -13.39 8.77 38.67
C MET B 200 -12.31 9.34 37.78
N ARG B 201 -12.58 9.40 36.47
CA ARG B 201 -11.66 9.96 35.49
C ARG B 201 -10.29 9.27 35.56
N GLY B 202 -10.32 7.95 35.64
CA GLY B 202 -9.10 7.17 35.65
C GLY B 202 -9.11 6.04 36.66
N GLU B 203 -9.75 6.25 37.80
CA GLU B 203 -9.78 5.26 38.88
C GLU B 203 -11.22 4.76 39.00
N ASP B 204 -11.55 3.75 38.21
CA ASP B 204 -12.89 3.17 38.25
C ASP B 204 -13.12 2.44 39.56
N ILE B 205 -14.30 2.63 40.13
CA ILE B 205 -14.64 2.10 41.46
C ILE B 205 -15.85 1.19 41.31
N VAL B 206 -15.75 -0.01 41.85
CA VAL B 206 -16.86 -0.96 41.86
C VAL B 206 -17.30 -1.17 43.29
N ILE B 207 -18.54 -0.81 43.59
CA ILE B 207 -19.12 -1.03 44.92
C ILE B 207 -19.95 -2.31 44.83
N PRO B 208 -19.57 -3.37 45.55
CA PRO B 208 -20.29 -4.63 45.44
C PRO B 208 -21.62 -4.59 46.18
N GLY B 209 -22.50 -5.50 45.79
CA GLY B 209 -23.80 -5.60 46.40
C GLY B 209 -23.80 -6.49 47.63
N VAL B 210 -24.84 -6.29 48.45
CA VAL B 210 -24.96 -7.05 49.69
C VAL B 210 -25.02 -8.53 49.40
N ALA B 211 -25.74 -8.91 48.34
CA ALA B 211 -25.85 -10.33 47.98
C ALA B 211 -24.48 -10.92 47.69
N THR B 212 -23.71 -10.27 46.83
CA THR B 212 -22.40 -10.79 46.47
C THR B 212 -21.49 -10.88 47.69
N VAL B 213 -21.48 -9.82 48.51
CA VAL B 213 -20.58 -9.77 49.65
C VAL B 213 -20.92 -10.88 50.64
N VAL B 214 -22.20 -11.02 50.97
CA VAL B 214 -22.59 -12.02 51.96
C VAL B 214 -22.35 -13.43 51.44
N GLU B 215 -22.70 -13.68 50.18
CA GLU B 215 -22.48 -15.01 49.62
C GLU B 215 -20.99 -15.36 49.63
N ARG B 216 -20.14 -14.41 49.26
CA ARG B 216 -18.70 -14.68 49.31
C ARG B 216 -18.22 -14.83 50.75
N LEU B 217 -18.90 -14.21 51.70
CA LEU B 217 -18.55 -14.40 53.10
C LEU B 217 -18.81 -15.83 53.55
N LEU B 218 -20.00 -16.35 53.26
CA LEU B 218 -20.35 -17.71 53.67
C LEU B 218 -19.75 -18.69 52.66
N ASN B 219 -18.45 -18.91 52.78
CA ASN B 219 -17.72 -19.67 51.79
C ASN B 219 -16.50 -20.33 52.42
N ASN B 220 -16.34 -21.64 52.15
CA ASN B 220 -15.14 -22.41 52.52
C ASN B 220 -14.88 -22.35 54.02
N GLY B 221 -15.82 -22.89 54.78
CA GLY B 221 -15.68 -23.00 56.22
C GLY B 221 -16.23 -24.30 56.74
N LYS B 222 -15.41 -25.06 57.46
CA LYS B 222 -15.78 -26.39 57.95
C LYS B 222 -15.86 -26.34 59.48
N ALA B 223 -17.04 -25.95 59.99
CA ALA B 223 -17.31 -25.92 61.43
C ALA B 223 -18.79 -25.59 61.61
N LEU B 224 -19.20 -25.54 62.88
CA LEU B 224 -20.54 -25.11 63.25
C LEU B 224 -20.40 -24.26 64.51
N SER B 225 -21.51 -24.03 65.20
CA SER B 225 -21.54 -23.30 66.47
C SER B 225 -20.97 -21.88 66.28
N ASN B 226 -21.74 -21.09 65.55
CA ASN B 226 -21.36 -19.72 65.20
C ASN B 226 -22.01 -18.71 66.14
N ARG B 227 -21.46 -17.50 66.11
CA ARG B 227 -22.00 -16.37 66.85
C ARG B 227 -21.73 -15.09 66.06
N GLN B 228 -22.18 -13.96 66.61
CA GLN B 228 -22.15 -12.69 65.91
C GLN B 228 -21.41 -11.65 66.72
N ALA B 229 -20.63 -10.82 66.03
CA ALA B 229 -19.79 -9.81 66.66
C ALA B 229 -20.07 -8.45 66.04
N GLN B 230 -20.40 -7.47 66.88
CA GLN B 230 -20.61 -6.11 66.42
C GLN B 230 -19.28 -5.40 66.22
N LEU B 261 -23.48 -27.00 59.04
CA LEU B 261 -23.48 -25.88 58.11
C LEU B 261 -23.06 -26.32 56.71
N GLU B 262 -23.62 -25.66 55.70
CA GLU B 262 -23.36 -26.00 54.31
C GLU B 262 -23.45 -24.70 53.50
N ASP B 263 -23.60 -24.83 52.19
CA ASP B 263 -23.63 -23.69 51.29
C ASP B 263 -25.04 -23.11 51.19
N VAL B 264 -25.16 -21.81 51.46
CA VAL B 264 -26.42 -21.10 51.31
C VAL B 264 -26.53 -20.63 49.86
N SER B 265 -27.78 -20.50 49.39
CA SER B 265 -28.05 -19.96 48.07
C SER B 265 -28.64 -18.58 48.25
N LEU B 266 -27.88 -17.56 47.82
CA LEU B 266 -28.27 -16.17 48.04
C LEU B 266 -28.19 -15.45 46.71
N ILE B 267 -29.33 -15.04 46.17
CA ILE B 267 -29.37 -14.38 44.88
C ILE B 267 -30.13 -13.07 45.01
N ALA B 268 -29.87 -12.18 44.06
CA ALA B 268 -30.41 -10.82 44.06
C ALA B 268 -31.47 -10.69 42.98
N TYR B 269 -32.61 -10.12 43.34
CA TYR B 269 -33.71 -9.88 42.41
C TYR B 269 -33.99 -8.38 42.46
N PRO B 270 -33.29 -7.59 41.66
CA PRO B 270 -33.42 -6.13 41.76
C PRO B 270 -34.71 -5.58 41.20
N GLU B 271 -35.50 -6.39 40.49
CA GLU B 271 -36.75 -5.89 39.94
C GLU B 271 -37.67 -5.37 41.03
N THR B 272 -37.69 -6.06 42.18
CA THR B 272 -38.33 -5.53 43.37
C THR B 272 -37.32 -5.22 44.47
N ASN B 273 -36.03 -5.20 44.13
CA ASN B 273 -34.96 -4.88 45.07
C ASN B 273 -35.02 -5.78 46.30
N SER B 274 -34.92 -7.08 46.06
CA SER B 274 -35.03 -8.06 47.12
C SER B 274 -33.94 -9.11 46.97
N ILE B 275 -33.85 -9.97 47.97
CA ILE B 275 -32.86 -11.04 48.01
C ILE B 275 -33.57 -12.35 48.33
N LEU B 276 -33.27 -13.38 47.54
CA LEU B 276 -33.82 -14.70 47.74
C LEU B 276 -32.77 -15.58 48.40
N VAL B 277 -33.11 -16.16 49.55
CA VAL B 277 -32.16 -16.91 50.37
C VAL B 277 -32.66 -18.33 50.53
N LYS B 278 -31.69 -19.24 50.67
CA LYS B 278 -31.96 -20.66 50.89
C LYS B 278 -30.90 -21.19 51.84
N GLY B 279 -31.33 -21.73 52.98
CA GLY B 279 -30.37 -22.26 53.92
C GLY B 279 -31.03 -22.77 55.18
N ASN B 280 -30.19 -23.13 56.14
CA ASN B 280 -30.65 -23.64 57.42
C ASN B 280 -31.13 -22.49 58.31
N ASP B 281 -31.76 -22.85 59.43
CA ASP B 281 -32.32 -21.85 60.32
C ASP B 281 -31.24 -20.97 60.93
N GLN B 282 -30.13 -21.56 61.36
CA GLN B 282 -29.04 -20.76 61.90
C GLN B 282 -28.46 -19.84 60.85
N GLN B 283 -28.29 -20.34 59.62
CA GLN B 283 -27.74 -19.53 58.55
C GLN B 283 -28.65 -18.35 58.23
N ILE B 284 -29.96 -18.59 58.12
CA ILE B 284 -30.86 -17.48 57.82
C ILE B 284 -30.90 -16.50 58.98
N GLN B 285 -30.80 -16.98 60.22
CA GLN B 285 -30.78 -16.07 61.36
C GLN B 285 -29.57 -15.15 61.30
N ILE B 286 -28.38 -15.71 61.04
CA ILE B 286 -27.21 -14.85 60.97
C ILE B 286 -27.29 -13.93 59.76
N ILE B 287 -27.90 -14.38 58.66
CA ILE B 287 -28.04 -13.51 57.50
C ILE B 287 -28.94 -12.32 57.83
N ARG B 288 -30.07 -12.57 58.48
CA ARG B 288 -30.95 -11.47 58.86
C ARG B 288 -30.23 -10.50 59.78
N ASP B 289 -29.52 -11.02 60.78
CA ASP B 289 -28.82 -10.15 61.72
C ASP B 289 -27.76 -9.33 61.01
N ILE B 290 -26.96 -9.96 60.14
CA ILE B 290 -25.85 -9.24 59.51
C ILE B 290 -26.38 -8.20 58.53
N ILE B 291 -27.45 -8.51 57.80
CA ILE B 291 -28.02 -7.53 56.88
C ILE B 291 -28.59 -6.35 57.66
N THR B 292 -29.33 -6.62 58.73
CA THR B 292 -29.88 -5.54 59.53
C THR B 292 -28.78 -4.66 60.09
N GLN B 293 -27.69 -5.27 60.57
CA GLN B 293 -26.56 -4.48 61.02
C GLN B 293 -25.82 -3.82 59.86
N LEU B 294 -26.07 -4.26 58.64
CA LEU B 294 -25.32 -3.77 57.49
C LEU B 294 -25.92 -2.52 56.86
N ASP B 295 -27.22 -2.49 56.59
CA ASP B 295 -27.82 -1.34 55.92
C ASP B 295 -28.68 -0.55 56.89
N VAL B 296 -28.33 0.71 57.13
CA VAL B 296 -29.14 1.51 58.05
C VAL B 296 -29.64 2.82 57.45
N ALA B 297 -28.73 3.76 57.19
CA ALA B 297 -29.27 5.09 56.91
C ALA B 297 -28.69 5.80 55.70
N LYS B 298 -27.38 5.72 55.48
CA LYS B 298 -26.71 6.40 54.37
C LYS B 298 -26.95 7.92 54.43
N ARG B 299 -26.30 8.54 55.42
CA ARG B 299 -26.45 9.97 55.63
C ARG B 299 -25.93 10.77 54.45
N HIS B 300 -26.35 12.04 54.39
CA HIS B 300 -26.09 12.92 53.26
C HIS B 300 -25.06 13.97 53.62
N ILE B 301 -24.07 14.15 52.77
CA ILE B 301 -23.04 15.17 52.92
C ILE B 301 -23.14 16.12 51.74
N GLU B 302 -23.17 17.42 52.03
CA GLU B 302 -23.15 18.44 51.00
C GLU B 302 -21.88 19.26 51.13
N LEU B 303 -21.14 19.37 50.05
CA LEU B 303 -19.84 20.02 50.04
C LEU B 303 -19.93 21.31 49.23
N SER B 304 -19.43 22.40 49.82
CA SER B 304 -19.33 23.69 49.14
C SER B 304 -17.86 24.03 48.96
N LEU B 305 -17.46 24.24 47.74
CA LEU B 305 -16.04 24.46 47.41
C LEU B 305 -15.87 25.91 47.00
N TRP B 306 -15.26 26.71 47.88
CA TRP B 306 -15.05 28.12 47.59
C TRP B 306 -13.74 28.31 46.84
N ILE B 307 -13.80 29.01 45.72
CA ILE B 307 -12.62 29.36 44.95
C ILE B 307 -12.57 30.88 44.88
N ILE B 308 -11.49 31.46 45.37
CA ILE B 308 -11.39 32.91 45.51
C ILE B 308 -10.16 33.39 44.76
N ASP B 309 -10.32 34.44 43.97
CA ASP B 309 -9.21 35.08 43.29
C ASP B 309 -9.26 36.57 43.55
N ILE B 310 -8.10 37.15 43.88
CA ILE B 310 -7.95 38.58 44.06
C ILE B 310 -6.71 39.03 43.32
N ASP B 311 -6.85 40.03 42.45
CA ASP B 311 -5.74 40.51 41.67
C ASP B 311 -5.68 42.02 41.72
N LYS B 312 -4.47 42.55 41.91
CA LYS B 312 -4.20 43.98 41.79
C LYS B 312 -3.00 44.16 40.89
N SER B 313 -3.02 45.20 40.07
CA SER B 313 -1.91 45.45 39.17
C SER B 313 -1.79 46.93 38.91
N GLU B 314 -0.56 47.39 38.69
CA GLU B 314 -0.31 48.78 38.37
C GLU B 314 0.88 48.86 37.44
N LEU B 315 0.68 49.43 36.26
CA LEU B 315 1.72 49.54 35.26
C LEU B 315 1.81 50.99 34.84
N ASN B 316 3.00 51.57 34.94
CA ASN B 316 3.11 52.98 34.56
C ASN B 316 4.46 53.25 33.91
N ASN B 317 4.44 54.08 32.87
CA ASN B 317 5.66 54.39 32.15
C ASN B 317 5.62 55.84 31.68
N LEU B 318 6.75 56.52 31.83
CA LEU B 318 6.85 57.89 31.33
C LEU B 318 8.29 58.18 30.94
N GLY B 319 8.45 58.97 29.90
CA GLY B 319 9.77 59.34 29.45
C GLY B 319 9.77 59.62 27.96
N VAL B 320 10.98 59.74 27.41
CA VAL B 320 11.17 60.12 26.02
C VAL B 320 12.25 59.23 25.40
N ASN B 321 12.02 58.81 24.16
CA ASN B 321 13.02 58.14 23.35
C ASN B 321 13.41 59.03 22.18
N TRP B 322 14.69 59.09 21.87
CA TRP B 322 15.21 59.99 20.86
C TRP B 322 15.91 59.23 19.74
N GLN B 323 15.80 59.74 18.52
CA GLN B 323 16.60 59.29 17.40
C GLN B 323 17.00 60.50 16.57
N GLY B 324 18.15 60.42 15.93
CA GLY B 324 18.64 61.60 15.24
C GLY B 324 19.44 61.31 13.98
N THR B 325 19.51 62.32 13.12
CA THR B 325 20.32 62.30 11.91
C THR B 325 20.86 63.70 11.68
N ALA B 326 22.04 63.78 11.05
CA ALA B 326 22.64 65.07 10.78
C ALA B 326 23.56 64.95 9.58
N SER B 327 23.74 66.07 8.89
CA SER B 327 24.60 66.13 7.71
C SER B 327 25.40 67.42 7.73
N PHE B 328 26.56 67.38 7.09
CA PHE B 328 27.43 68.54 6.97
C PHE B 328 28.07 68.53 5.60
N GLY B 329 27.81 69.57 4.82
CA GLY B 329 28.16 69.58 3.43
C GLY B 329 27.52 68.41 2.73
N ASP B 330 28.19 67.93 1.70
CA ASP B 330 27.86 66.65 1.08
C ASP B 330 28.90 65.60 1.45
N SER B 331 29.58 65.81 2.57
CA SER B 331 30.73 65.00 2.96
C SER B 331 30.53 64.23 4.25
N PHE B 332 30.01 64.86 5.30
CA PHE B 332 29.97 64.24 6.63
C PHE B 332 28.52 63.86 6.96
N GLY B 333 28.28 62.57 7.14
CA GLY B 333 26.99 62.09 7.59
C GLY B 333 27.08 61.54 9.00
N ALA B 334 26.03 61.74 9.78
CA ALA B 334 26.03 61.25 11.16
C ALA B 334 24.65 60.72 11.51
N SER B 335 24.62 59.55 12.16
CA SER B 335 23.37 58.93 12.60
C SER B 335 23.44 58.68 14.09
N PHE B 336 22.54 59.27 14.85
CA PHE B 336 22.55 59.20 16.30
C PHE B 336 21.50 58.20 16.77
N ASN B 337 21.95 57.12 17.40
CA ASN B 337 21.07 56.10 17.97
C ASN B 337 20.16 55.48 16.91
N MET B 338 20.80 54.96 15.86
CA MET B 338 20.09 54.28 14.79
C MET B 338 20.75 52.95 14.49
N SER B 339 19.94 51.97 14.13
CA SER B 339 20.47 50.65 13.78
C SER B 339 21.31 50.70 12.52
N SER B 340 20.77 51.29 11.46
CA SER B 340 21.49 51.43 10.20
C SER B 340 20.82 52.52 9.37
N SER B 341 21.54 53.01 8.38
CA SER B 341 21.05 54.07 7.52
C SER B 341 20.00 53.54 6.53
N ASN B 350 15.27 64.23 8.34
CA ASN B 350 16.63 64.73 8.25
C ASN B 350 17.16 65.10 9.63
N LYS B 351 16.26 65.29 10.59
CA LYS B 351 16.65 65.75 11.91
C LYS B 351 15.83 64.99 12.95
N PHE B 352 15.85 65.48 14.19
CA PHE B 352 15.60 64.64 15.35
C PHE B 352 14.12 64.34 15.55
N ILE B 353 13.86 63.14 16.05
CA ILE B 353 12.52 62.68 16.38
C ILE B 353 12.51 62.17 17.81
N ALA B 354 11.42 62.44 18.52
CA ALA B 354 11.27 62.05 19.91
C ALA B 354 9.89 61.46 20.13
N SER B 355 9.85 60.28 20.73
CA SER B 355 8.60 59.64 21.13
C SER B 355 8.44 59.85 22.64
N VAL B 356 7.39 60.57 23.02
CA VAL B 356 7.09 60.84 24.41
C VAL B 356 5.96 59.91 24.85
N MET B 357 6.20 59.18 25.93
CA MET B 357 5.24 58.28 26.51
C MET B 357 4.93 58.74 27.93
N ALA B 358 3.66 58.72 28.29
CA ALA B 358 3.25 59.07 29.64
C ALA B 358 1.91 58.39 29.89
N LEU B 359 1.89 57.40 30.77
CA LEU B 359 0.67 56.65 30.99
C LEU B 359 0.77 55.88 32.29
N ASN B 360 -0.39 55.66 32.91
CA ASN B 360 -0.45 54.91 34.16
C ASN B 360 -1.79 54.22 34.25
N GLN B 361 -1.78 52.89 34.36
CA GLN B 361 -3.02 52.13 34.43
C GLN B 361 -3.01 51.20 35.63
N LYS B 362 -4.08 51.25 36.41
CA LYS B 362 -4.31 50.37 37.52
C LYS B 362 -5.45 49.42 37.19
N LYS B 363 -5.41 48.24 37.78
CA LYS B 363 -6.43 47.23 37.50
C LYS B 363 -6.66 46.41 38.75
N LYS B 364 -7.91 46.05 38.98
CA LYS B 364 -8.26 45.26 40.15
C LYS B 364 -9.38 44.30 39.80
N ALA B 365 -9.34 43.08 40.35
CA ALA B 365 -10.37 42.10 40.05
C ALA B 365 -10.58 41.17 41.22
N ASN B 366 -11.84 40.86 41.52
CA ASN B 366 -12.20 39.88 42.53
C ASN B 366 -13.17 38.89 41.91
N VAL B 367 -12.87 37.60 42.05
CA VAL B 367 -13.72 36.55 41.51
C VAL B 367 -13.98 35.54 42.61
N VAL B 368 -15.25 35.20 42.81
CA VAL B 368 -15.63 34.23 43.83
C VAL B 368 -16.54 33.20 43.16
N SER B 369 -16.08 31.97 43.07
CA SER B 369 -16.87 30.89 42.51
C SER B 369 -17.16 29.88 43.59
N ARG B 370 -18.32 29.24 43.52
CA ARG B 370 -18.73 28.26 44.52
C ARG B 370 -19.55 27.17 43.86
N PRO B 371 -18.94 26.03 43.57
CA PRO B 371 -19.72 24.82 43.32
C PRO B 371 -20.21 24.22 44.61
N VAL B 372 -21.36 23.57 44.53
CA VAL B 372 -22.00 22.95 45.69
C VAL B 372 -22.63 21.66 45.23
N ILE B 373 -22.26 20.54 45.84
CA ILE B 373 -22.79 19.26 45.41
C ILE B 373 -23.16 18.42 46.63
N LEU B 374 -24.28 17.70 46.53
CA LEU B 374 -24.76 16.85 47.60
C LEU B 374 -24.64 15.38 47.19
N THR B 375 -24.35 14.52 48.15
CA THR B 375 -24.27 13.09 47.88
C THR B 375 -24.47 12.33 49.18
N GLN B 376 -24.41 11.00 49.08
CA GLN B 376 -24.47 10.14 50.24
C GLN B 376 -23.07 9.70 50.63
N GLU B 377 -22.87 9.48 51.92
CA GLU B 377 -21.53 9.15 52.41
C GLU B 377 -21.01 7.89 51.74
N ASN B 378 -19.72 7.89 51.43
CA ASN B 378 -18.95 6.78 50.87
C ASN B 378 -19.28 6.49 49.42
N ILE B 379 -20.06 7.32 48.75
CA ILE B 379 -20.44 7.11 47.36
C ILE B 379 -19.92 8.26 46.53
N PRO B 380 -19.14 8.00 45.49
CA PRO B 380 -18.51 9.09 44.73
C PRO B 380 -19.55 9.98 44.06
N ALA B 381 -19.22 11.27 43.96
CA ALA B 381 -20.08 12.24 43.32
C ALA B 381 -19.27 13.03 42.30
N ILE B 382 -19.92 13.37 41.20
CA ILE B 382 -19.25 14.07 40.10
C ILE B 382 -20.04 15.33 39.77
N PHE B 383 -19.33 16.44 39.60
CA PHE B 383 -19.98 17.68 39.21
C PHE B 383 -19.03 18.44 38.29
N ASP B 384 -19.43 18.65 37.05
CA ASP B 384 -18.63 19.49 36.16
C ASP B 384 -19.52 20.48 35.47
N ASN B 385 -18.95 21.62 35.11
CA ASN B 385 -19.73 22.73 34.59
C ASN B 385 -18.79 23.63 33.81
N ASN B 386 -19.33 24.30 32.81
CA ASN B 386 -18.56 25.34 32.13
C ASN B 386 -19.50 26.32 31.47
N ARG B 387 -19.24 27.60 31.70
CA ARG B 387 -19.97 28.70 31.09
C ARG B 387 -19.04 29.50 30.21
N THR B 388 -19.63 30.37 29.42
CA THR B 388 -18.88 31.31 28.59
C THR B 388 -19.30 32.72 28.98
N PHE B 389 -18.33 33.55 29.31
CA PHE B 389 -18.58 34.94 29.70
C PHE B 389 -18.28 35.85 28.52
N TYR B 390 -19.25 36.65 28.14
CA TYR B 390 -19.14 37.57 27.02
C TYR B 390 -19.04 39.00 27.53
N VAL B 391 -18.30 39.81 26.80
CA VAL B 391 -18.32 41.26 26.95
C VAL B 391 -18.45 41.88 25.58
N SER B 392 -19.39 42.79 25.43
CA SER B 392 -19.64 43.46 24.16
C SER B 392 -18.71 44.65 24.04
N LEU B 393 -18.04 44.74 22.88
CA LEU B 393 -17.18 45.89 22.64
C LEU B 393 -18.00 47.17 22.57
N VAL B 394 -17.29 48.30 22.60
CA VAL B 394 -17.97 49.59 22.53
C VAL B 394 -18.62 49.80 21.17
N GLY B 395 -17.93 49.40 20.10
CA GLY B 395 -18.45 49.57 18.76
C GLY B 395 -17.74 48.73 17.72
N LEU B 401 -16.83 41.82 20.89
CA LEU B 401 -17.46 40.71 21.58
C LEU B 401 -16.42 39.67 21.96
N GLU B 402 -15.85 39.79 23.15
CA GLU B 402 -14.80 38.89 23.60
C GLU B 402 -15.34 37.97 24.69
N HIS B 403 -14.95 36.70 24.62
CA HIS B 403 -15.51 35.68 25.48
C HIS B 403 -14.41 34.86 26.13
N VAL B 404 -14.68 34.40 27.34
CA VAL B 404 -13.77 33.54 28.10
C VAL B 404 -14.57 32.36 28.63
N THR B 405 -14.06 31.15 28.42
CA THR B 405 -14.76 29.93 28.81
C THR B 405 -14.25 29.48 30.17
N TYR B 406 -15.09 29.61 31.19
CA TYR B 406 -14.72 29.24 32.56
C TYR B 406 -15.34 27.90 32.88
N GLY B 407 -14.50 26.93 33.22
CA GLY B 407 -14.97 25.60 33.51
C GLY B 407 -14.35 25.04 34.78
N THR B 408 -15.16 24.27 35.50
CA THR B 408 -14.74 23.57 36.71
C THR B 408 -15.18 22.13 36.63
N LEU B 409 -14.47 21.28 37.36
CA LEU B 409 -14.76 19.84 37.39
C LEU B 409 -14.26 19.31 38.73
N ILE B 410 -15.17 18.86 39.57
CA ILE B 410 -14.84 18.35 40.88
C ILE B 410 -15.45 16.98 41.05
N ASN B 411 -14.63 16.01 41.39
CA ASN B 411 -15.13 14.69 41.75
C ASN B 411 -14.62 14.33 43.13
N VAL B 412 -15.53 13.86 43.99
CA VAL B 412 -15.27 13.81 45.42
C VAL B 412 -15.81 12.49 45.97
N ILE B 413 -15.12 11.97 46.97
CA ILE B 413 -15.61 10.84 47.77
C ILE B 413 -15.63 11.28 49.22
N PRO B 414 -16.81 11.55 49.76
CA PRO B 414 -16.92 11.96 51.16
C PRO B 414 -17.25 10.82 52.09
N ARG B 415 -16.98 10.99 53.38
CA ARG B 415 -17.38 10.02 54.40
C ARG B 415 -17.18 10.68 55.75
N PHE B 416 -17.63 9.99 56.79
CA PHE B 416 -17.57 10.52 58.15
C PHE B 416 -16.40 9.93 58.92
N SER B 417 -16.15 10.53 60.07
CA SER B 417 -15.07 10.11 60.96
C SER B 417 -15.35 10.61 62.36
N SER B 418 -14.54 10.13 63.30
CA SER B 418 -14.74 10.35 64.73
C SER B 418 -15.12 11.79 65.04
N ARG B 419 -16.04 11.94 65.99
CA ARG B 419 -16.55 13.25 66.40
C ARG B 419 -17.28 13.95 65.28
N GLY B 420 -17.83 13.18 64.34
CA GLY B 420 -18.60 13.76 63.27
C GLY B 420 -17.81 14.60 62.31
N GLN B 421 -16.51 14.36 62.18
CA GLN B 421 -15.73 15.08 61.18
C GLN B 421 -16.00 14.51 59.81
N ILE B 422 -15.80 15.32 58.78
CA ILE B 422 -16.07 14.90 57.41
C ILE B 422 -14.76 14.80 56.67
N GLU B 423 -14.44 13.61 56.21
CA GLU B 423 -13.23 13.39 55.42
C GLU B 423 -13.62 13.26 53.95
N MET B 424 -12.76 13.77 53.07
CA MET B 424 -13.07 13.80 51.65
C MET B 424 -11.80 13.57 50.84
N SER B 425 -11.93 12.73 49.81
CA SER B 425 -10.93 12.63 48.77
C SER B 425 -11.38 13.50 47.60
N LEU B 426 -10.53 14.43 47.19
CA LEU B 426 -10.90 15.48 46.25
C LEU B 426 -10.01 15.45 45.03
N THR B 427 -10.63 15.54 43.86
CA THR B 427 -9.94 15.93 42.63
C THR B 427 -10.65 17.14 42.07
N ILE B 428 -9.93 18.26 41.95
CA ILE B 428 -10.50 19.52 41.53
C ILE B 428 -9.70 20.05 40.36
N GLU B 429 -10.39 20.44 39.30
CA GLU B 429 -9.79 21.23 38.23
C GLU B 429 -10.68 22.43 38.01
N ASP B 430 -10.07 23.58 37.73
CA ASP B 430 -10.90 24.74 37.46
C ASP B 430 -10.09 25.77 36.71
N GLY B 431 -10.80 26.69 36.08
CA GLY B 431 -10.15 27.84 35.49
C GLY B 431 -10.69 28.12 34.13
N THR B 432 -10.01 29.01 33.42
CA THR B 432 -10.47 29.52 32.14
C THR B 432 -9.61 28.98 31.01
N GLY B 433 -9.96 29.41 29.80
CA GLY B 433 -9.16 29.14 28.62
C GLY B 433 -8.69 30.43 28.00
N ASN B 434 -7.40 30.50 27.66
CA ASN B 434 -6.78 31.73 27.19
C ASN B 434 -7.52 32.29 25.98
N SER B 435 -8.05 33.51 26.13
CA SER B 435 -8.65 34.22 25.00
C SER B 435 -8.25 35.68 25.11
N GLN B 436 -7.19 36.06 24.41
CA GLN B 436 -6.70 37.43 24.39
C GLN B 436 -7.70 38.37 23.76
N ASN B 443 -8.62 45.51 23.37
CA ASN B 443 -9.04 46.76 23.99
C ASN B 443 -9.67 46.51 25.35
N GLU B 444 -8.83 46.24 26.35
CA GLU B 444 -9.22 46.06 27.74
C GLU B 444 -10.16 44.87 27.94
N ASN B 445 -10.33 44.03 26.92
CA ASN B 445 -11.20 42.86 27.04
C ASN B 445 -10.70 41.93 28.15
N THR B 446 -9.42 41.58 28.10
CA THR B 446 -8.84 40.79 29.17
C THR B 446 -8.85 41.55 30.49
N SER B 447 -8.79 42.89 30.41
CA SER B 447 -8.84 43.70 31.61
C SER B 447 -10.19 43.58 32.31
N VAL B 448 -11.25 43.33 31.55
CA VAL B 448 -12.58 43.22 32.13
C VAL B 448 -12.92 41.78 32.50
N LEU B 449 -12.61 40.83 31.61
CA LEU B 449 -12.97 39.45 31.84
C LEU B 449 -12.13 38.85 32.95
N PRO B 450 -12.60 37.74 33.56
CA PRO B 450 -11.87 37.15 34.70
C PRO B 450 -10.43 36.77 34.40
N GLU B 451 -10.23 35.82 33.49
CA GLU B 451 -8.90 35.35 33.10
C GLU B 451 -8.07 34.96 34.33
N VAL B 452 -8.52 33.90 35.00
CA VAL B 452 -7.91 33.47 36.26
C VAL B 452 -6.95 32.31 36.10
N GLY B 453 -6.54 31.99 34.88
CA GLY B 453 -5.62 30.89 34.68
C GLY B 453 -6.29 29.55 34.88
N ARG B 454 -5.48 28.52 35.08
CA ARG B 454 -6.00 27.17 35.31
C ARG B 454 -5.28 26.55 36.48
N THR B 455 -6.01 25.75 37.26
CA THR B 455 -5.43 25.14 38.46
C THR B 455 -6.08 23.80 38.73
N LYS B 456 -5.26 22.78 38.95
CA LYS B 456 -5.74 21.47 39.33
C LYS B 456 -5.05 21.05 40.62
N ILE B 457 -5.85 20.55 41.57
CA ILE B 457 -5.33 20.09 42.85
C ILE B 457 -5.99 18.76 43.18
N SER B 458 -5.18 17.78 43.55
CA SER B 458 -5.67 16.46 43.92
C SER B 458 -5.11 16.11 45.29
N THR B 459 -5.98 15.81 46.24
CA THR B 459 -5.56 15.63 47.62
C THR B 459 -6.68 14.96 48.41
N ILE B 460 -6.52 14.91 49.73
CA ILE B 460 -7.50 14.31 50.63
C ILE B 460 -7.36 14.97 51.99
N ALA B 461 -8.48 15.38 52.58
CA ALA B 461 -8.43 16.12 53.83
C ALA B 461 -9.72 15.93 54.60
N ARG B 462 -9.65 16.17 55.91
CA ARG B 462 -10.83 16.05 56.76
C ARG B 462 -11.03 17.33 57.55
N VAL B 463 -12.29 17.68 57.75
CA VAL B 463 -12.70 18.96 58.31
C VAL B 463 -13.63 18.72 59.49
N PRO B 464 -13.41 19.39 60.62
CA PRO B 464 -14.44 19.39 61.67
C PRO B 464 -15.70 20.05 61.15
N GLN B 465 -16.83 19.59 61.63
CA GLN B 465 -18.10 20.15 61.18
C GLN B 465 -18.31 21.52 61.82
N GLY B 466 -18.61 22.51 60.99
CA GLY B 466 -18.73 23.88 61.44
C GLY B 466 -17.57 24.78 61.05
N LYS B 467 -16.50 24.23 60.52
CA LYS B 467 -15.34 24.99 60.11
C LYS B 467 -15.00 24.66 58.66
N SER B 468 -14.13 25.45 58.07
CA SER B 468 -13.74 25.30 56.69
C SER B 468 -12.23 25.30 56.58
N LEU B 469 -11.71 24.64 55.55
CA LEU B 469 -10.29 24.38 55.44
C LEU B 469 -9.76 24.93 54.13
N LEU B 470 -8.51 25.39 54.15
CA LEU B 470 -7.86 25.95 52.96
C LEU B 470 -6.96 24.86 52.38
N ILE B 471 -7.54 24.01 51.53
CA ILE B 471 -6.78 22.88 51.02
C ILE B 471 -5.68 23.33 50.07
N GLY B 472 -5.96 24.32 49.23
CA GLY B 472 -5.01 24.69 48.21
C GLY B 472 -4.90 26.19 48.08
N GLY B 473 -3.76 26.63 47.56
CA GLY B 473 -3.63 28.06 47.35
C GLY B 473 -2.35 28.41 46.65
N TYR B 474 -2.28 29.65 46.23
CA TYR B 474 -1.16 30.09 45.41
C TYR B 474 -1.15 31.61 45.37
N THR B 475 -0.06 32.21 45.81
CA THR B 475 0.10 33.66 45.74
C THR B 475 1.31 34.01 44.89
N HIS B 476 1.30 35.22 44.35
CA HIS B 476 2.31 35.61 43.39
C HIS B 476 2.49 37.12 43.47
N GLU B 477 3.74 37.57 43.49
CA GLU B 477 4.03 38.99 43.56
C GLU B 477 5.15 39.31 42.58
N THR B 478 4.95 40.35 41.79
CA THR B 478 5.90 40.75 40.77
C THR B 478 6.20 42.23 40.90
N ASN B 479 7.48 42.58 40.81
CA ASN B 479 7.89 43.97 40.81
C ASN B 479 8.99 44.13 39.77
N SER B 480 8.90 45.17 38.95
CA SER B 480 9.86 45.33 37.88
C SER B 480 10.07 46.80 37.58
N ASN B 481 11.32 47.19 37.41
CA ASN B 481 11.68 48.55 37.03
C ASN B 481 12.66 48.51 35.87
N GLU B 482 12.54 49.50 34.99
CA GLU B 482 13.46 49.62 33.87
C GLU B 482 13.71 51.09 33.60
N ILE B 483 14.98 51.45 33.41
CA ILE B 483 15.37 52.83 33.18
C ILE B 483 16.28 52.89 31.97
N ILE B 484 15.95 53.76 31.02
CA ILE B 484 16.75 53.97 29.82
C ILE B 484 17.14 55.43 29.79
N SER B 485 18.42 55.71 29.55
CA SER B 485 18.85 57.10 29.56
C SER B 485 20.05 57.30 28.67
N ILE B 486 20.12 58.49 28.07
CA ILE B 486 21.33 58.94 27.38
C ILE B 486 22.42 59.14 28.41
N PRO B 487 23.65 58.70 28.16
CA PRO B 487 24.66 58.66 29.22
C PRO B 487 24.95 59.99 29.90
N PHE B 488 25.38 61.00 29.15
CA PHE B 488 25.92 62.20 29.78
C PHE B 488 24.85 63.27 30.04
N LEU B 489 24.21 63.75 28.98
CA LEU B 489 23.35 64.92 29.13
C LEU B 489 22.16 64.65 30.04
N SER B 490 21.65 63.41 30.05
CA SER B 490 20.52 63.11 30.92
C SER B 490 20.86 63.28 32.39
N SER B 491 22.12 63.51 32.74
CA SER B 491 22.52 63.72 34.11
C SER B 491 22.55 65.19 34.51
N ILE B 492 22.31 66.12 33.58
CA ILE B 492 22.31 67.54 33.92
C ILE B 492 21.10 67.82 34.79
N PRO B 493 21.14 68.84 35.65
CA PRO B 493 20.16 68.93 36.75
C PRO B 493 18.70 69.09 36.31
N VAL B 494 18.41 70.10 35.50
CA VAL B 494 17.02 70.51 35.29
C VAL B 494 16.40 69.76 34.13
N ILE B 495 16.91 69.98 32.92
CA ILE B 495 16.27 69.42 31.73
C ILE B 495 16.72 67.99 31.45
N GLY B 496 17.72 67.49 32.17
CA GLY B 496 18.16 66.12 31.94
C GLY B 496 17.05 65.11 32.13
N ASN B 497 16.12 65.39 33.04
CA ASN B 497 15.01 64.49 33.30
C ASN B 497 14.09 64.34 32.10
N VAL B 498 14.33 65.07 31.00
CA VAL B 498 13.54 64.89 29.79
C VAL B 498 14.10 63.81 28.88
N PHE B 499 15.30 63.30 29.17
CA PHE B 499 15.92 62.29 28.33
C PHE B 499 15.75 60.87 28.86
N LYS B 500 15.36 60.72 30.12
CA LYS B 500 15.19 59.39 30.68
C LYS B 500 13.94 58.73 30.13
N TYR B 501 13.73 57.49 30.54
CA TYR B 501 12.51 56.75 30.23
C TYR B 501 12.38 55.68 31.30
N LYS B 502 11.35 55.80 32.13
CA LYS B 502 11.17 54.95 33.29
C LYS B 502 9.90 54.15 33.14
N THR B 503 10.01 52.83 33.27
CA THR B 503 8.89 51.92 33.19
C THR B 503 8.83 51.10 34.47
N SER B 504 7.62 50.89 34.98
CA SER B 504 7.47 50.17 36.24
C SER B 504 6.22 49.31 36.20
N ASN B 505 6.31 48.14 36.84
CA ASN B 505 5.20 47.22 36.94
C ASN B 505 5.16 46.65 38.35
N ILE B 506 3.96 46.54 38.90
CA ILE B 506 3.74 45.91 40.20
C ILE B 506 2.47 45.07 40.09
N SER B 507 2.50 43.88 40.69
CA SER B 507 1.30 43.06 40.62
C SER B 507 1.24 42.07 41.77
N ASN B 508 0.05 41.90 42.34
CA ASN B 508 -0.21 40.89 43.36
C ASN B 508 -1.37 40.02 42.92
N ILE B 509 -1.23 38.72 43.11
CA ILE B 509 -2.25 37.74 42.76
C ILE B 509 -2.40 36.77 43.91
N VAL B 510 -3.63 36.47 44.28
CA VAL B 510 -3.92 35.49 45.33
C VAL B 510 -5.05 34.60 44.82
N ARG B 511 -4.85 33.29 44.95
CA ARG B 511 -5.90 32.34 44.60
C ARG B 511 -5.99 31.28 45.68
N VAL B 512 -7.21 30.95 46.10
CA VAL B 512 -7.43 30.12 47.27
C VAL B 512 -8.54 29.10 46.96
N PHE B 513 -8.31 27.86 47.33
CA PHE B 513 -9.32 26.79 47.28
C PHE B 513 -9.60 26.34 48.69
N LEU B 514 -10.77 26.71 49.22
CA LEU B 514 -11.26 26.25 50.50
C LEU B 514 -12.42 25.28 50.30
N ILE B 515 -12.67 24.47 51.31
CA ILE B 515 -13.82 23.58 51.34
C ILE B 515 -14.56 23.79 52.64
N GLN B 516 -15.88 23.70 52.58
CA GLN B 516 -16.66 23.53 53.80
C GLN B 516 -17.75 22.51 53.54
N PRO B 517 -17.73 21.40 54.24
CA PRO B 517 -18.80 20.42 54.11
C PRO B 517 -19.83 20.57 55.21
N ARG B 518 -20.98 19.92 55.04
CA ARG B 518 -21.97 19.90 56.12
C ARG B 518 -22.90 18.72 55.91
N GLU B 519 -23.34 18.13 57.02
CA GLU B 519 -24.30 17.06 56.95
C GLU B 519 -25.69 17.63 56.74
N ILE B 520 -26.49 16.93 55.94
CA ILE B 520 -27.83 17.39 55.60
C ILE B 520 -28.81 16.87 56.63
N LYS B 521 -29.51 17.79 57.29
CA LYS B 521 -30.51 17.45 58.30
C LYS B 521 -31.90 17.77 57.77
N GLU B 522 -32.90 17.48 58.60
CA GLU B 522 -34.28 17.68 58.18
C GLU B 522 -34.61 19.13 57.92
N SER B 523 -33.82 20.06 58.44
CA SER B 523 -34.03 21.48 58.19
C SER B 523 -33.38 21.94 56.90
N SER B 524 -32.67 21.07 56.20
CA SER B 524 -32.00 21.46 54.97
C SER B 524 -32.85 21.22 53.72
N TYR B 525 -34.01 20.60 53.86
CA TYR B 525 -34.91 20.44 52.74
C TYR B 525 -35.79 21.68 52.58
N TYR B 526 -36.42 21.78 51.42
CA TYR B 526 -37.35 22.86 51.14
C TYR B 526 -38.78 22.36 51.24
N ASN B 527 -39.60 23.06 51.99
CA ASN B 527 -41.01 22.70 52.10
C ASN B 527 -41.71 23.08 50.80
N THR B 528 -42.31 22.10 50.14
CA THR B 528 -43.05 22.34 48.91
C THR B 528 -44.54 22.06 49.08
N ALA B 529 -44.89 20.86 49.53
CA ALA B 529 -46.25 20.47 49.90
C ALA B 529 -47.25 20.63 48.75
N GLU B 530 -46.78 20.93 47.54
CA GLU B 530 -47.66 21.07 46.40
C GLU B 530 -46.98 20.45 45.19
N TYR B 531 -47.68 20.46 44.06
CA TYR B 531 -47.13 19.86 42.86
C TYR B 531 -47.80 20.53 41.65
N LYS B 532 -47.09 21.46 41.02
CA LYS B 532 -47.61 22.11 39.83
C LYS B 532 -47.69 21.09 38.71
N SER B 533 -48.91 20.71 38.34
CA SER B 533 -49.09 19.87 37.17
C SER B 533 -48.65 20.62 35.92
N LEU B 534 -48.05 19.90 34.99
CA LEU B 534 -47.59 20.53 33.75
C LEU B 534 -48.75 21.14 32.99
N ILE B 535 -49.85 20.39 32.86
CA ILE B 535 -50.97 20.79 32.03
C ILE B 535 -52.25 20.66 32.84
N SER B 536 -53.25 21.45 32.48
CA SER B 536 -54.46 21.52 33.26
C SER B 536 -55.44 20.42 32.87
N GLU B 537 -56.23 19.98 33.85
CA GLU B 537 -57.26 18.99 33.59
C GLU B 537 -58.28 19.49 32.58
N ARG B 538 -58.67 20.76 32.69
CA ARG B 538 -59.61 21.33 31.73
C ARG B 538 -59.00 21.34 30.33
N GLU B 539 -57.72 21.69 30.23
CA GLU B 539 -57.06 21.67 28.93
C GLU B 539 -57.04 20.28 28.33
N ILE B 540 -56.73 19.27 29.15
CA ILE B 540 -56.70 17.90 28.63
C ILE B 540 -58.08 17.46 28.19
N GLN B 541 -59.11 17.76 28.99
CA GLN B 541 -60.46 17.39 28.59
C GLN B 541 -60.85 18.08 27.30
N LYS B 542 -60.48 19.35 27.15
CA LYS B 542 -60.80 20.07 25.92
C LYS B 542 -60.09 19.46 24.73
N THR B 543 -58.85 19.01 24.89
CA THR B 543 -58.09 18.54 23.75
C THR B 543 -58.31 17.07 23.41
N THR B 544 -58.84 16.25 24.33
CA THR B 544 -59.05 14.85 24.00
C THR B 544 -60.45 14.36 24.35
N GLN B 545 -61.40 15.25 24.58
CA GLN B 545 -62.78 14.85 24.74
C GLN B 545 -63.42 14.71 23.37
N ILE B 546 -64.46 13.88 23.29
CA ILE B 546 -65.22 13.79 22.07
C ILE B 546 -65.87 15.14 21.81
N ILE B 547 -65.85 15.57 20.55
CA ILE B 547 -66.41 16.89 20.23
C ILE B 547 -67.89 16.91 20.55
N PRO B 548 -68.40 17.91 21.30
CA PRO B 548 -69.80 18.00 21.71
C PRO B 548 -70.78 17.96 20.54
N LYS C 180 4.15 -18.57 71.44
CA LYS C 180 4.52 -19.46 70.35
C LYS C 180 4.55 -18.71 69.02
N VAL C 181 3.55 -17.86 68.79
CA VAL C 181 3.52 -16.99 67.62
C VAL C 181 3.29 -15.56 68.09
N ASN C 182 3.78 -14.60 67.30
CA ASN C 182 3.59 -13.20 67.63
C ASN C 182 3.25 -12.43 66.37
N PHE C 183 2.20 -11.63 66.44
CA PHE C 183 1.85 -10.67 65.41
C PHE C 183 2.14 -9.27 65.95
N GLY C 184 2.88 -8.48 65.18
CA GLY C 184 3.35 -7.21 65.69
C GLY C 184 3.29 -6.12 64.63
N VAL C 185 3.30 -4.88 65.13
CA VAL C 185 3.29 -3.68 64.31
C VAL C 185 4.54 -2.89 64.63
N ILE C 186 5.29 -2.50 63.60
CA ILE C 186 6.53 -1.76 63.74
C ILE C 186 6.40 -0.45 62.98
N LYS C 187 6.71 0.66 63.65
CA LYS C 187 6.50 1.99 63.10
C LYS C 187 7.84 2.56 62.66
N LEU C 188 8.10 2.51 61.36
CA LEU C 188 9.30 3.13 60.82
C LEU C 188 9.21 4.65 60.92
N LYS C 189 10.35 5.28 61.17
CA LYS C 189 10.41 6.73 61.31
C LYS C 189 11.26 7.40 60.25
N ASN C 190 12.49 6.95 60.05
CA ASN C 190 13.45 7.71 59.25
C ASN C 190 13.51 7.29 57.80
N THR C 191 12.70 6.33 57.37
CA THR C 191 12.76 5.84 55.99
C THR C 191 11.36 5.55 55.48
N PHE C 192 11.23 5.52 54.16
CA PHE C 192 10.02 5.04 53.53
C PHE C 192 10.07 3.51 53.43
N VAL C 193 8.89 2.91 53.33
CA VAL C 193 8.76 1.46 53.36
C VAL C 193 8.70 0.88 51.95
N SER C 194 7.93 1.49 51.05
CA SER C 194 7.83 0.98 49.70
C SER C 194 9.10 1.23 48.92
N ASP C 195 9.46 0.28 48.07
CA ASP C 195 10.62 0.45 47.19
C ASP C 195 10.39 1.62 46.26
N ARG C 196 11.44 2.39 46.00
CA ARG C 196 11.33 3.60 45.20
C ARG C 196 12.22 3.50 43.97
N THR C 197 11.85 4.24 42.93
CA THR C 197 12.56 4.23 41.66
C THR C 197 12.99 5.64 41.29
N TYR C 198 14.21 5.78 40.81
CA TYR C 198 14.78 7.06 40.43
C TYR C 198 15.40 6.97 39.05
N ASN C 199 15.20 8.00 38.25
CA ASN C 199 15.71 8.06 36.89
C ASN C 199 17.02 8.82 36.86
N MET C 200 18.01 8.28 36.16
CA MET C 200 19.32 8.90 36.03
C MET C 200 19.67 9.11 34.57
N ARG C 201 18.66 9.41 33.75
CA ARG C 201 18.83 9.69 32.33
C ARG C 201 19.54 8.53 31.63
N GLY C 202 19.09 7.31 31.94
CA GLY C 202 19.63 6.13 31.30
C GLY C 202 19.90 4.98 32.25
N GLU C 203 20.29 5.29 33.48
CA GLU C 203 20.62 4.29 34.48
C GLU C 203 19.56 4.35 35.58
N ASP C 204 18.46 3.63 35.38
CA ASP C 204 17.39 3.60 36.36
C ASP C 204 17.83 2.88 37.61
N ILE C 205 17.49 3.44 38.77
CA ILE C 205 17.93 2.94 40.06
C ILE C 205 16.71 2.58 40.88
N VAL C 206 16.69 1.36 41.44
CA VAL C 206 15.62 0.93 42.32
C VAL C 206 16.20 0.73 43.70
N ILE C 207 15.70 1.50 44.67
CA ILE C 207 16.08 1.37 46.07
C ILE C 207 15.03 0.52 46.76
N PRO C 208 15.37 -0.68 47.22
CA PRO C 208 14.36 -1.56 47.84
C PRO C 208 13.98 -1.09 49.22
N GLY C 209 12.81 -1.55 49.66
CA GLY C 209 12.32 -1.22 50.97
C GLY C 209 12.79 -2.17 52.05
N VAL C 210 12.71 -1.69 53.29
CA VAL C 210 13.17 -2.48 54.42
C VAL C 210 12.41 -3.79 54.49
N ALA C 211 11.10 -3.75 54.24
CA ALA C 211 10.29 -4.96 54.28
C ALA C 211 10.81 -5.99 53.29
N THR C 212 10.98 -5.59 52.04
CA THR C 212 11.44 -6.53 51.01
C THR C 212 12.81 -7.08 51.37
N VAL C 213 13.73 -6.20 51.79
CA VAL C 213 15.09 -6.64 52.05
C VAL C 213 15.12 -7.64 53.20
N VAL C 214 14.44 -7.32 54.30
CA VAL C 214 14.47 -8.20 55.47
C VAL C 214 13.79 -9.52 55.16
N GLU C 215 12.64 -9.48 54.49
CA GLU C 215 11.95 -10.73 54.16
C GLU C 215 12.81 -11.61 53.28
N ARG C 216 13.48 -11.02 52.28
CA ARG C 216 14.37 -11.82 51.45
C ARG C 216 15.58 -12.30 52.24
N LEU C 217 15.97 -11.58 53.29
CA LEU C 217 17.07 -12.05 54.13
C LEU C 217 16.67 -13.31 54.89
N LEU C 218 15.50 -13.30 55.53
CA LEU C 218 15.05 -14.46 56.28
C LEU C 218 14.44 -15.48 55.32
N ASN C 219 15.31 -16.19 54.62
CA ASN C 219 14.88 -17.06 53.54
C ASN C 219 15.86 -18.21 53.35
N ASN C 220 15.33 -19.43 53.27
CA ASN C 220 16.09 -20.63 52.90
C ASN C 220 17.27 -20.85 53.85
N GLY C 221 16.95 -21.06 55.11
CA GLY C 221 17.95 -21.39 56.12
C GLY C 221 17.45 -22.44 57.09
N LYS C 222 18.20 -23.52 57.24
CA LYS C 222 17.79 -24.64 58.08
C LYS C 222 18.76 -24.75 59.26
N ALA C 223 18.45 -24.01 60.32
CA ALA C 223 19.22 -24.04 61.56
C ALA C 223 18.48 -23.19 62.60
N LEU C 224 19.05 -23.13 63.79
CA LEU C 224 18.55 -22.28 64.87
C LEU C 224 19.77 -21.68 65.57
N SER C 225 19.56 -21.12 66.76
CA SER C 225 20.64 -20.58 67.59
C SER C 225 21.40 -19.48 66.86
N ASN C 226 20.69 -18.38 66.65
CA ASN C 226 21.20 -17.24 65.92
C ASN C 226 21.74 -16.16 66.86
N ARG C 227 22.52 -15.25 66.28
CA ARG C 227 23.04 -14.09 66.99
C ARG C 227 23.16 -12.94 65.99
N GLN C 228 23.62 -11.80 66.49
CA GLN C 228 23.63 -10.55 65.73
C GLN C 228 25.04 -9.97 65.69
N ALA C 229 25.40 -9.43 64.53
CA ALA C 229 26.73 -8.90 64.28
C ALA C 229 26.62 -7.47 63.76
N GLN C 230 27.31 -6.55 64.43
CA GLN C 230 27.35 -5.16 63.99
C GLN C 230 28.36 -4.99 62.87
N LEU C 261 13.16 -22.41 63.92
CA LEU C 261 12.95 -21.28 63.03
C LEU C 261 12.16 -21.69 61.80
N GLU C 262 11.35 -20.75 61.28
CA GLU C 262 10.50 -20.99 60.13
C GLU C 262 10.37 -19.69 59.36
N ASP C 263 9.36 -19.60 58.50
CA ASP C 263 9.17 -18.43 57.64
C ASP C 263 8.38 -17.36 58.37
N VAL C 264 8.93 -16.16 58.43
CA VAL C 264 8.24 -15.00 59.00
C VAL C 264 7.38 -14.37 57.91
N SER C 265 6.30 -13.72 58.33
CA SER C 265 5.43 -12.98 57.42
C SER C 265 5.67 -11.50 57.69
N LEU C 266 6.25 -10.81 56.72
CA LEU C 266 6.63 -9.41 56.89
C LEU C 266 6.07 -8.63 55.71
N ILE C 267 5.10 -7.76 55.97
CA ILE C 267 4.47 -6.99 54.92
C ILE C 267 4.51 -5.51 55.27
N ALA C 268 4.38 -4.68 54.23
CA ALA C 268 4.51 -3.24 54.35
C ALA C 268 3.14 -2.59 54.20
N TYR C 269 2.82 -1.67 55.10
CA TYR C 269 1.56 -0.93 55.07
C TYR C 269 1.94 0.54 55.03
N PRO C 270 2.16 1.10 53.84
CA PRO C 270 2.66 2.47 53.75
C PRO C 270 1.63 3.53 54.06
N GLU C 271 0.36 3.17 54.18
CA GLU C 271 -0.66 4.16 54.48
C GLU C 271 -0.37 4.86 55.79
N THR C 272 0.11 4.12 56.79
CA THR C 272 0.66 4.70 58.00
C THR C 272 2.16 4.48 58.11
N ASN C 273 2.80 4.04 57.03
CA ASN C 273 4.25 3.83 56.99
C ASN C 273 4.69 2.89 58.10
N SER C 274 4.13 1.67 58.08
CA SER C 274 4.41 0.70 59.12
C SER C 274 4.67 -0.65 58.50
N ILE C 275 5.06 -1.59 59.33
CA ILE C 275 5.38 -2.94 58.91
C ILE C 275 4.64 -3.91 59.82
N LEU C 276 3.96 -4.88 59.22
CA LEU C 276 3.26 -5.91 59.97
C LEU C 276 4.08 -7.20 59.93
N VAL C 277 4.38 -7.73 61.11
CA VAL C 277 5.29 -8.86 61.24
C VAL C 277 4.56 -10.02 61.93
N LYS C 278 4.97 -11.22 61.58
CA LYS C 278 4.43 -12.45 62.16
C LYS C 278 5.57 -13.45 62.28
N GLY C 279 5.83 -13.90 63.49
CA GLY C 279 6.91 -14.87 63.68
C GLY C 279 7.10 -15.22 65.13
N ASN C 280 8.17 -15.99 65.38
CA ASN C 280 8.51 -16.42 66.73
C ASN C 280 9.18 -15.29 67.50
N ASP C 281 9.37 -15.51 68.80
CA ASP C 281 9.92 -14.46 69.64
C ASP C 281 11.36 -14.14 69.25
N GLN C 282 12.18 -15.15 68.98
CA GLN C 282 13.54 -14.91 68.54
C GLN C 282 13.56 -14.15 67.22
N GLN C 283 12.70 -14.55 66.29
CA GLN C 283 12.66 -13.88 64.99
C GLN C 283 12.26 -12.41 65.13
N ILE C 284 11.23 -12.12 65.94
CA ILE C 284 10.83 -10.73 66.08
C ILE C 284 11.91 -9.94 66.81
N GLN C 285 12.62 -10.57 67.75
CA GLN C 285 13.70 -9.87 68.44
C GLN C 285 14.79 -9.47 67.46
N ILE C 286 15.21 -10.41 66.60
CA ILE C 286 16.26 -10.06 65.65
C ILE C 286 15.75 -9.05 64.64
N ILE C 287 14.46 -9.10 64.29
CA ILE C 287 13.91 -8.12 63.35
C ILE C 287 13.96 -6.72 63.97
N ARG C 288 13.54 -6.60 65.23
CA ARG C 288 13.59 -5.30 65.88
C ARG C 288 15.02 -4.78 65.94
N ASP C 289 15.96 -5.65 66.34
CA ASP C 289 17.35 -5.21 66.43
C ASP C 289 17.89 -4.79 65.07
N ILE C 290 17.63 -5.57 64.02
CA ILE C 290 18.20 -5.26 62.72
C ILE C 290 17.59 -4.00 62.14
N ILE C 291 16.29 -3.79 62.34
CA ILE C 291 15.67 -2.57 61.84
C ILE C 291 16.21 -1.35 62.58
N THR C 292 16.32 -1.45 63.91
CA THR C 292 16.85 -0.33 64.68
C THR C 292 18.28 0.00 64.24
N GLN C 293 19.10 -1.03 64.00
CA GLN C 293 20.43 -0.79 63.47
C GLN C 293 20.40 -0.33 62.02
N LEU C 294 19.27 -0.50 61.34
CA LEU C 294 19.19 -0.21 59.92
C LEU C 294 18.84 1.23 59.61
N ASP C 295 17.80 1.79 60.24
CA ASP C 295 17.37 3.15 59.92
C ASP C 295 17.71 4.09 61.07
N VAL C 296 18.55 5.08 60.81
CA VAL C 296 18.89 6.02 61.88
C VAL C 296 18.64 7.48 61.51
N ALA C 297 19.41 8.04 60.57
CA ALA C 297 19.34 9.49 60.48
C ALA C 297 19.18 10.06 59.08
N LYS C 298 19.89 9.51 58.09
CA LYS C 298 19.86 10.01 56.72
C LYS C 298 20.28 11.48 56.66
N ARG C 299 21.58 11.70 56.87
CA ARG C 299 22.13 13.04 56.88
C ARG C 299 21.99 13.72 55.51
N HIS C 300 22.11 15.04 55.52
CA HIS C 300 21.87 15.89 54.35
C HIS C 300 23.17 16.42 53.79
N ILE C 301 23.34 16.29 52.48
CA ILE C 301 24.48 16.83 51.77
C ILE C 301 23.99 17.87 50.79
N GLU C 302 24.62 19.04 50.78
CA GLU C 302 24.32 20.10 49.83
C GLU C 302 25.54 20.34 48.98
N LEU C 303 25.37 20.29 47.66
CA LEU C 303 26.46 20.39 46.71
C LEU C 303 26.34 21.70 45.95
N SER C 304 27.44 22.45 45.87
CA SER C 304 27.53 23.67 45.09
C SER C 304 28.51 23.44 43.96
N LEU C 305 28.05 23.62 42.73
CA LEU C 305 28.85 23.32 41.55
C LEU C 305 29.23 24.64 40.87
N TRP C 306 30.49 25.04 41.01
CA TRP C 306 30.95 26.28 40.42
C TRP C 306 31.39 26.04 38.98
N ILE C 307 30.87 26.84 38.06
CA ILE C 307 31.28 26.80 36.66
C ILE C 307 31.81 28.18 36.33
N ILE C 308 33.07 28.25 35.89
CA ILE C 308 33.74 29.52 35.68
C ILE C 308 34.24 29.59 34.25
N ASP C 309 33.99 30.70 33.58
CA ASP C 309 34.52 30.94 32.25
C ASP C 309 35.19 32.29 32.23
N ILE C 310 36.37 32.36 31.62
CA ILE C 310 37.11 33.60 31.42
C ILE C 310 37.61 33.61 29.98
N ASP C 311 37.31 34.68 29.26
CA ASP C 311 37.71 34.79 27.87
C ASP C 311 38.32 36.15 27.61
N LYS C 312 39.44 36.15 26.89
CA LYS C 312 40.04 37.37 26.38
C LYS C 312 40.33 37.19 24.90
N SER C 313 40.16 38.24 24.13
CA SER C 313 40.39 38.14 22.69
C SER C 313 40.83 39.49 22.17
N GLU C 314 41.67 39.47 21.14
CA GLU C 314 42.13 40.69 20.50
C GLU C 314 42.34 40.42 19.03
N LEU C 315 41.63 41.15 18.18
CA LEU C 315 41.72 40.97 16.74
C LEU C 315 42.03 42.32 16.11
N ASN C 316 43.09 42.40 15.33
CA ASN C 316 43.41 43.68 14.73
C ASN C 316 43.98 43.49 13.34
N ASN C 317 43.59 44.38 12.43
CA ASN C 317 44.04 44.29 11.05
C ASN C 317 44.22 45.67 10.47
N LEU C 318 45.31 45.86 9.75
CA LEU C 318 45.56 47.13 9.07
C LEU C 318 46.36 46.89 7.81
N GLY C 319 46.07 47.67 6.79
CA GLY C 319 46.78 47.56 5.54
C GLY C 319 45.91 47.99 4.38
N VAL C 320 46.40 47.70 3.18
CA VAL C 320 45.76 48.13 1.94
C VAL C 320 45.75 46.97 0.94
N ASN C 321 44.64 46.82 0.24
CA ASN C 321 44.54 45.91 -0.90
C ASN C 321 44.35 46.72 -2.17
N TRP C 322 45.03 46.31 -3.24
CA TRP C 322 45.03 47.07 -4.48
C TRP C 322 44.51 46.22 -5.63
N GLN C 323 43.81 46.88 -6.57
CA GLN C 323 43.44 46.29 -7.84
C GLN C 323 43.60 47.34 -8.92
N GLY C 324 43.92 46.91 -10.14
CA GLY C 324 44.23 47.87 -11.17
C GLY C 324 43.83 47.44 -12.57
N THR C 325 43.68 48.45 -13.43
CA THR C 325 43.42 48.25 -14.85
C THR C 325 44.12 49.35 -15.62
N ALA C 326 44.52 49.05 -16.85
CA ALA C 326 45.22 50.04 -17.67
C ALA C 326 45.00 49.72 -19.14
N SER C 327 45.06 50.76 -19.96
CA SER C 327 44.89 50.62 -21.40
C SER C 327 45.90 51.50 -22.12
N PHE C 328 46.24 51.09 -23.34
CA PHE C 328 47.16 51.84 -24.18
C PHE C 328 46.68 51.74 -25.61
N GLY C 329 46.38 52.89 -26.21
CA GLY C 329 45.70 52.91 -27.48
C GLY C 329 44.39 52.17 -27.39
N ASP C 330 43.99 51.58 -28.51
CA ASP C 330 42.92 50.60 -28.54
C ASP C 330 43.48 49.20 -28.75
N SER C 331 44.74 49.00 -28.38
CA SER C 331 45.46 47.78 -28.68
C SER C 331 45.91 47.01 -27.45
N PHE C 332 46.47 47.66 -26.44
CA PHE C 332 47.09 46.97 -25.33
C PHE C 332 46.21 47.12 -24.09
N GLY C 333 45.70 46.01 -23.57
CA GLY C 333 44.96 46.01 -22.32
C GLY C 333 45.76 45.31 -21.23
N ALA C 334 45.63 45.81 -20.00
CA ALA C 334 46.36 45.21 -18.89
C ALA C 334 45.48 45.20 -17.65
N SER C 335 45.46 44.07 -16.94
CA SER C 335 44.70 43.93 -15.71
C SER C 335 45.64 43.49 -14.60
N PHE C 336 45.74 44.29 -13.55
CA PHE C 336 46.67 44.06 -12.46
C PHE C 336 45.92 43.49 -11.26
N ASN C 337 46.24 42.26 -10.89
CA ASN C 337 45.66 41.59 -9.72
C ASN C 337 44.15 41.48 -9.83
N MET C 338 43.70 40.88 -10.92
CA MET C 338 42.28 40.66 -11.16
C MET C 338 42.06 39.21 -11.58
N SER C 339 40.92 38.65 -11.16
CA SER C 339 40.59 37.28 -11.52
C SER C 339 40.34 37.16 -13.02
N SER C 340 39.50 38.03 -13.57
CA SER C 340 39.20 38.03 -15.00
C SER C 340 38.61 39.37 -15.37
N SER C 341 38.62 39.66 -16.66
CA SER C 341 38.09 40.91 -17.19
C SER C 341 36.56 40.94 -17.16
N ASN C 350 38.40 52.34 -14.62
CA ASN C 350 39.43 52.30 -15.65
C ASN C 350 40.82 52.28 -15.02
N LYS C 351 40.91 52.68 -13.76
CA LYS C 351 42.20 52.82 -13.10
C LYS C 351 42.06 52.30 -11.66
N PHE C 352 43.04 52.61 -10.84
CA PHE C 352 43.35 51.81 -9.66
C PHE C 352 42.39 52.07 -8.51
N ILE C 353 42.11 51.00 -7.76
CA ILE C 353 41.27 51.06 -6.58
C ILE C 353 42.01 50.43 -5.42
N ALA C 354 41.84 51.02 -4.23
CA ALA C 354 42.51 50.55 -3.02
C ALA C 354 41.52 50.51 -1.86
N SER C 355 41.47 49.37 -1.19
CA SER C 355 40.68 49.21 0.02
C SER C 355 41.62 49.30 1.21
N VAL C 356 41.43 50.32 2.05
CA VAL C 356 42.23 50.52 3.23
C VAL C 356 41.44 50.06 4.44
N MET C 357 42.05 49.17 5.22
CA MET C 357 41.47 48.64 6.43
C MET C 357 42.35 49.03 7.60
N ALA C 358 41.73 49.44 8.70
CA ALA C 358 42.47 49.77 9.91
C ALA C 358 41.49 49.63 11.07
N LEU C 359 41.70 48.62 11.91
CA LEU C 359 40.76 48.38 12.99
C LEU C 359 41.40 47.49 14.03
N ASN C 360 40.96 47.65 15.28
CA ASN C 360 41.47 46.85 16.39
C ASN C 360 40.37 46.71 17.42
N GLN C 361 39.98 45.47 17.73
CA GLN C 361 38.92 45.25 18.70
C GLN C 361 39.39 44.24 19.76
N LYS C 362 39.21 44.62 21.01
CA LYS C 362 39.47 43.77 22.16
C LYS C 362 38.15 43.37 22.80
N LYS C 363 38.14 42.20 23.43
CA LYS C 363 36.92 41.70 24.03
C LYS C 363 37.29 40.88 25.26
N LYS C 364 36.47 41.00 26.31
CA LYS C 364 36.73 40.27 27.54
C LYS C 364 35.40 39.86 28.17
N ALA C 365 35.37 38.67 28.75
CA ALA C 365 34.13 38.20 29.36
C ALA C 365 34.42 37.29 30.53
N ASN C 366 33.67 37.45 31.61
CA ASN C 366 33.73 36.57 32.77
C ASN C 366 32.33 36.10 33.10
N VAL C 367 32.17 34.78 33.23
CA VAL C 367 30.87 34.20 33.55
C VAL C 367 31.05 33.25 34.72
N VAL C 368 30.22 33.40 35.74
CA VAL C 368 30.28 32.53 36.91
C VAL C 368 28.87 32.01 37.17
N SER C 369 28.68 30.71 37.03
CA SER C 369 27.40 30.09 37.29
C SER C 369 27.55 29.14 38.47
N ARG C 370 26.50 29.01 39.27
CA ARG C 370 26.54 28.15 40.45
C ARG C 370 25.18 27.54 40.67
N PRO C 371 24.99 26.30 40.26
CA PRO C 371 23.86 25.52 40.78
C PRO C 371 24.17 25.00 42.17
N VAL C 372 23.11 24.84 42.96
CA VAL C 372 23.23 24.38 44.34
C VAL C 372 22.03 23.50 44.62
N ILE C 373 22.30 22.26 45.04
CA ILE C 373 21.20 21.32 45.28
C ILE C 373 21.45 20.57 46.57
N LEU C 374 20.38 20.34 47.33
CA LEU C 374 20.45 19.62 48.60
C LEU C 374 19.74 18.28 48.47
N THR C 375 20.26 17.27 49.15
CA THR C 375 19.64 15.95 49.14
C THR C 375 20.07 15.19 50.37
N GLN C 376 19.58 13.96 50.48
CA GLN C 376 19.98 13.05 51.54
C GLN C 376 21.03 12.08 51.01
N GLU C 377 21.92 11.65 51.88
CA GLU C 377 23.01 10.79 51.45
C GLU C 377 22.47 9.51 50.84
N ASN C 378 23.14 9.05 49.77
CA ASN C 378 22.88 7.80 49.06
C ASN C 378 21.60 7.83 48.23
N ILE C 379 20.95 8.97 48.09
CA ILE C 379 19.71 9.07 47.33
C ILE C 379 19.92 10.02 46.18
N PRO C 380 19.67 9.60 44.93
CA PRO C 380 19.98 10.46 43.78
C PRO C 380 19.17 11.74 43.80
N ALA C 381 19.79 12.81 43.29
CA ALA C 381 19.14 14.10 43.20
C ALA C 381 19.29 14.63 41.78
N ILE C 382 18.26 15.32 41.30
CA ILE C 382 18.23 15.82 39.93
C ILE C 382 17.94 17.31 39.97
N PHE C 383 18.70 18.09 39.20
CA PHE C 383 18.47 19.52 39.10
C PHE C 383 18.76 19.95 37.68
N ASP C 384 17.76 20.44 36.96
CA ASP C 384 18.01 21.00 35.65
C ASP C 384 17.31 22.35 35.53
N ASN C 385 17.87 23.20 34.70
CA ASN C 385 17.41 24.58 34.62
C ASN C 385 17.84 25.13 33.28
N ASN C 386 17.06 26.08 32.76
CA ASN C 386 17.51 26.80 31.58
C ASN C 386 16.80 28.14 31.51
N ARG C 387 17.58 29.20 31.29
CA ARG C 387 17.09 30.54 31.13
C ARG C 387 17.42 31.03 29.73
N THR C 388 16.82 32.14 29.35
CA THR C 388 17.12 32.82 28.10
C THR C 388 17.59 34.22 28.42
N PHE C 389 18.76 34.59 27.90
CA PHE C 389 19.33 35.90 28.11
C PHE C 389 19.09 36.75 26.88
N TYR C 390 18.46 37.90 27.07
CA TYR C 390 18.13 38.84 26.01
C TYR C 390 19.05 40.05 26.08
N VAL C 391 19.36 40.60 24.90
CA VAL C 391 19.96 41.92 24.79
C VAL C 391 19.20 42.69 23.74
N SER C 392 18.79 43.90 24.07
CA SER C 392 18.04 44.75 23.17
C SER C 392 19.00 45.51 22.27
N LEU C 393 18.73 45.48 20.97
CA LEU C 393 19.54 46.22 20.03
C LEU C 393 19.41 47.72 20.29
N VAL C 394 20.30 48.48 19.66
CA VAL C 394 20.27 49.93 19.82
C VAL C 394 19.02 50.52 19.18
N GLY C 395 18.64 50.02 18.00
CA GLY C 395 17.47 50.52 17.31
C GLY C 395 16.97 49.60 16.22
N LEU C 401 17.19 42.55 19.20
CA LEU C 401 16.84 41.69 20.32
C LEU C 401 17.39 40.30 20.11
N GLU C 402 18.60 40.06 20.62
CA GLU C 402 19.27 38.78 20.45
C GLU C 402 19.29 38.02 21.76
N HIS C 403 19.06 36.71 21.68
CA HIS C 403 18.88 35.89 22.86
C HIS C 403 19.75 34.65 22.78
N VAL C 404 20.20 34.19 23.94
CA VAL C 404 20.99 32.97 24.08
C VAL C 404 20.38 32.13 25.18
N THR C 405 20.15 30.85 24.91
CA THR C 405 19.51 29.96 25.87
C THR C 405 20.58 29.20 26.64
N TYR C 406 20.73 29.52 27.91
CA TYR C 406 21.74 28.89 28.77
C TYR C 406 21.05 27.85 29.63
N GLY C 407 21.49 26.60 29.52
CA GLY C 407 20.89 25.52 30.26
C GLY C 407 21.94 24.64 30.91
N THR C 408 21.60 24.16 32.10
CA THR C 408 22.42 23.22 32.85
C THR C 408 21.56 22.07 33.34
N LEU C 409 22.21 20.93 33.57
CA LEU C 409 21.53 19.72 34.03
C LEU C 409 22.54 18.90 34.80
N ILE C 410 22.31 18.73 36.09
CA ILE C 410 23.23 18.00 36.95
C ILE C 410 22.43 16.95 37.71
N ASN C 411 22.85 15.70 37.61
CA ASN C 411 22.29 14.64 38.43
C ASN C 411 23.41 13.96 39.19
N VAL C 412 23.19 13.78 40.48
CA VAL C 412 24.28 13.47 41.41
C VAL C 412 23.82 12.41 42.40
N ILE C 413 24.73 11.55 42.79
CA ILE C 413 24.54 10.61 43.89
C ILE C 413 25.62 10.86 44.93
N PRO C 414 25.28 11.50 46.04
CA PRO C 414 26.28 11.76 47.08
C PRO C 414 26.26 10.72 48.18
N ARG C 415 27.34 10.64 48.95
CA ARG C 415 27.39 9.79 50.13
C ARG C 415 28.64 10.16 50.91
N PHE C 416 28.78 9.58 52.10
CA PHE C 416 29.89 9.89 52.98
C PHE C 416 30.97 8.82 52.91
N SER C 417 32.11 9.15 53.51
CA SER C 417 33.25 8.25 53.54
C SER C 417 34.16 8.66 54.68
N SER C 418 35.14 7.80 54.96
CA SER C 418 36.03 7.92 56.11
C SER C 418 36.49 9.35 56.34
N ARG C 419 36.56 9.73 57.61
CA ARG C 419 36.95 11.07 58.02
C ARG C 419 35.97 12.12 57.53
N GLY C 420 34.72 11.73 57.33
CA GLY C 420 33.72 12.69 56.91
C GLY C 420 33.90 13.26 55.53
N GLN C 421 34.61 12.57 54.65
CA GLN C 421 34.74 13.04 53.28
C GLN C 421 33.45 12.76 52.52
N ILE C 422 33.20 13.55 51.48
CA ILE C 422 31.97 13.44 50.71
C ILE C 422 32.33 12.92 49.33
N GLU C 423 31.82 11.75 48.97
CA GLU C 423 32.03 11.18 47.66
C GLU C 423 30.77 11.37 46.83
N MET C 424 30.95 11.61 45.53
CA MET C 424 29.83 11.92 44.66
C MET C 424 30.05 11.32 43.29
N SER C 425 29.00 10.73 42.74
CA SER C 425 28.95 10.36 41.33
C SER C 425 28.19 11.46 40.60
N LEU C 426 28.83 12.04 39.59
CA LEU C 426 28.34 13.25 38.95
C LEU C 426 28.13 13.03 37.46
N THR C 427 26.98 13.48 36.97
CA THR C 427 26.78 13.71 35.54
C THR C 427 26.37 15.15 35.37
N ILE C 428 27.16 15.92 34.62
CA ILE C 428 26.95 17.35 34.46
C ILE C 428 26.91 17.66 32.98
N GLU C 429 25.90 18.40 32.55
CA GLU C 429 25.88 19.01 31.23
C GLU C 429 25.58 20.48 31.44
N ASP C 430 26.20 21.33 30.63
CA ASP C 430 25.89 22.75 30.76
C ASP C 430 26.30 23.46 29.50
N GLY C 431 25.75 24.66 29.32
CA GLY C 431 26.21 25.52 28.26
C GLY C 431 25.05 26.15 27.54
N THR C 432 25.37 26.77 26.43
CA THR C 432 24.41 27.57 25.67
C THR C 432 24.04 26.88 24.37
N GLY C 433 23.18 27.54 23.62
CA GLY C 433 22.84 27.12 22.27
C GLY C 433 23.22 28.20 21.28
N ASN C 434 23.87 27.80 20.19
CA ASN C 434 24.41 28.76 19.24
C ASN C 434 23.33 29.69 18.71
N SER C 435 23.51 30.99 18.94
CA SER C 435 22.63 32.01 18.36
C SER C 435 23.49 33.18 17.94
N GLN C 436 23.87 33.20 16.66
CA GLN C 436 24.68 34.28 16.09
C GLN C 436 23.93 35.60 16.10
N ASN C 443 25.61 42.53 15.17
CA ASN C 443 26.17 43.77 15.68
C ASN C 443 26.56 43.64 17.14
N GLU C 444 27.68 42.95 17.40
CA GLU C 444 28.26 42.77 18.73
C GLU C 444 27.33 42.02 19.68
N ASN C 445 26.26 41.43 19.17
CA ASN C 445 25.34 40.67 20.02
C ASN C 445 26.06 39.51 20.69
N THR C 446 26.76 38.70 19.90
CA THR C 446 27.57 37.63 20.46
C THR C 446 28.69 38.19 21.31
N SER C 447 29.16 39.40 20.99
CA SER C 447 30.20 40.03 21.79
C SER C 447 29.72 40.35 23.19
N VAL C 448 28.42 40.62 23.34
CA VAL C 448 27.88 40.95 24.66
C VAL C 448 27.37 39.72 25.39
N LEU C 449 26.66 38.84 24.70
CA LEU C 449 26.08 37.67 25.34
C LEU C 449 27.16 36.67 25.74
N PRO C 450 26.85 35.76 26.68
CA PRO C 450 27.86 34.83 27.17
C PRO C 450 28.49 33.95 26.09
N GLU C 451 27.69 33.11 25.44
CA GLU C 451 28.16 32.22 24.38
C GLU C 451 29.38 31.41 24.83
N VAL C 452 29.14 30.53 25.80
CA VAL C 452 30.21 29.77 26.43
C VAL C 452 30.33 28.34 25.90
N GLY C 453 29.70 28.04 24.78
CA GLY C 453 29.80 26.70 24.24
C GLY C 453 29.00 25.70 25.06
N ARG C 454 29.30 24.42 24.86
CA ARG C 454 28.62 23.36 25.59
C ARG C 454 29.65 22.38 26.12
N THR C 455 29.39 21.84 27.31
CA THR C 455 30.34 20.93 27.94
C THR C 455 29.60 19.91 28.79
N LYS C 456 29.93 18.64 28.60
CA LYS C 456 29.40 17.57 29.43
C LYS C 456 30.55 16.78 30.02
N ILE C 457 30.46 16.51 31.32
CA ILE C 457 31.47 15.75 32.03
C ILE C 457 30.78 14.75 32.94
N SER C 458 31.21 13.49 32.87
CA SER C 458 30.66 12.43 33.68
C SER C 458 31.80 11.73 34.40
N THR C 459 31.73 11.70 35.73
CA THR C 459 32.85 11.20 36.53
C THR C 459 32.38 10.93 37.95
N ILE C 460 33.33 10.67 38.84
CA ILE C 460 33.06 10.39 40.25
C ILE C 460 34.27 10.79 41.07
N ALA C 461 34.05 11.52 42.14
CA ALA C 461 35.18 12.04 42.92
C ALA C 461 34.74 12.28 44.36
N ARG C 462 35.73 12.31 45.26
CA ARG C 462 35.46 12.55 46.66
C ARG C 462 36.29 13.73 47.16
N VAL C 463 35.71 14.51 48.06
CA VAL C 463 36.26 15.77 48.51
C VAL C 463 36.32 15.77 50.03
N PRO C 464 37.44 16.18 50.63
CA PRO C 464 37.45 16.45 52.06
C PRO C 464 36.51 17.59 52.37
N GLN C 465 35.90 17.55 53.54
CA GLN C 465 34.96 18.60 53.91
C GLN C 465 35.72 19.85 54.30
N GLY C 466 35.33 20.98 53.70
CA GLY C 466 36.04 22.23 53.87
C GLY C 466 36.88 22.66 52.69
N LYS C 467 37.05 21.80 51.69
CA LYS C 467 37.82 22.11 50.51
C LYS C 467 36.98 21.84 49.27
N SER C 468 37.47 22.31 48.13
CA SER C 468 36.77 22.17 46.87
C SER C 468 37.71 21.61 45.82
N LEU C 469 37.14 20.92 44.84
CA LEU C 469 37.93 20.16 43.88
C LEU C 469 37.61 20.61 42.46
N LEU C 470 38.63 20.56 41.61
CA LEU C 470 38.48 20.95 40.21
C LEU C 470 38.31 19.68 39.38
N ILE C 471 37.08 19.22 39.26
CA ILE C 471 36.85 17.95 38.60
C ILE C 471 37.12 18.06 37.10
N GLY C 472 36.73 19.16 36.48
CA GLY C 472 36.84 19.25 35.04
C GLY C 472 37.36 20.60 34.61
N GLY C 473 37.93 20.63 33.42
CA GLY C 473 38.40 21.92 32.94
C GLY C 473 38.92 21.83 31.52
N TYR C 474 39.13 22.99 30.94
CA TYR C 474 39.49 23.07 29.54
C TYR C 474 40.02 24.45 29.24
N THR C 475 41.25 24.54 28.76
CA THR C 475 41.82 25.82 28.37
C THR C 475 42.20 25.77 26.89
N HIS C 476 42.27 26.95 26.29
CA HIS C 476 42.46 27.04 24.85
C HIS C 476 43.18 28.35 24.55
N GLU C 477 44.17 28.28 23.67
CA GLU C 477 44.92 29.46 23.30
C GLU C 477 45.15 29.45 21.80
N THR C 478 44.86 30.56 21.15
CA THR C 478 44.98 30.68 19.71
C THR C 478 45.79 31.91 19.35
N ASN C 479 46.70 31.77 18.41
CA ASN C 479 47.49 32.88 17.91
C ASN C 479 47.58 32.74 16.40
N SER C 480 47.36 33.82 15.67
CA SER C 480 47.37 33.72 14.22
C SER C 480 47.83 35.02 13.60
N ASN C 481 48.70 34.93 12.60
CA ASN C 481 49.18 36.07 11.86
C ASN C 481 49.05 35.80 10.37
N GLU C 482 48.75 36.85 9.62
CA GLU C 482 48.68 36.74 8.17
C GLU C 482 49.19 38.02 7.55
N ILE C 483 50.04 37.90 6.54
CA ILE C 483 50.65 39.05 5.88
C ILE C 483 50.47 38.89 4.38
N ILE C 484 49.94 39.91 3.73
CA ILE C 484 49.78 39.94 2.28
C ILE C 484 50.53 41.13 1.75
N SER C 485 51.34 40.93 0.70
CA SER C 485 52.12 42.05 0.20
C SER C 485 52.41 41.88 -1.28
N ILE C 486 52.49 43.01 -1.97
CA ILE C 486 53.00 43.04 -3.34
C ILE C 486 54.49 42.69 -3.31
N PRO C 487 54.98 41.85 -4.20
CA PRO C 487 56.33 41.32 -4.05
C PRO C 487 57.45 42.35 -3.95
N PHE C 488 57.60 43.19 -4.97
CA PHE C 488 58.80 44.02 -5.05
C PHE C 488 58.64 45.38 -4.36
N LEU C 489 57.68 46.18 -4.82
CA LEU C 489 57.63 47.57 -4.36
C LEU C 489 57.33 47.66 -2.87
N SER C 490 56.57 46.72 -2.32
CA SER C 490 56.27 46.78 -0.89
C SER C 490 57.51 46.63 -0.04
N SER C 491 58.67 46.34 -0.63
CA SER C 491 59.91 46.22 0.11
C SER C 491 60.71 47.52 0.14
N ILE C 492 60.27 48.56 -0.57
CA ILE C 492 61.00 49.82 -0.57
C ILE C 492 60.86 50.45 0.81
N PRO C 493 61.82 51.27 1.26
CA PRO C 493 61.90 51.60 2.69
C PRO C 493 60.71 52.35 3.26
N VAL C 494 60.34 53.48 2.67
CA VAL C 494 59.42 54.40 3.34
C VAL C 494 57.97 54.09 2.99
N ILE C 495 57.62 54.23 1.72
CA ILE C 495 56.21 54.09 1.34
C ILE C 495 55.81 52.65 1.09
N GLY C 496 56.77 51.72 1.07
CA GLY C 496 56.44 50.32 0.87
C GLY C 496 55.45 49.80 1.88
N ASN C 497 55.53 50.30 3.12
CA ASN C 497 54.63 49.86 4.17
C ASN C 497 53.18 50.21 3.88
N VAL C 498 52.90 50.92 2.79
CA VAL C 498 51.50 51.19 2.42
C VAL C 498 50.91 50.09 1.57
N PHE C 499 51.71 49.13 1.10
CA PHE C 499 51.20 48.06 0.25
C PHE C 499 50.94 46.77 1.01
N LYS C 500 51.45 46.63 2.22
CA LYS C 500 51.24 45.42 2.98
C LYS C 500 49.79 45.35 3.49
N TYR C 501 49.49 44.23 4.15
CA TYR C 501 48.21 44.06 4.82
C TYR C 501 48.42 43.00 5.88
N LYS C 502 48.34 43.41 7.14
CA LYS C 502 48.68 42.56 8.27
C LYS C 502 47.43 42.32 9.12
N THR C 503 47.13 41.06 9.37
CA THR C 503 46.00 40.66 10.19
C THR C 503 46.50 39.79 11.33
N SER C 504 45.96 39.99 12.52
CA SER C 504 46.42 39.26 13.68
C SER C 504 45.26 38.94 14.60
N ASN C 505 45.31 37.76 15.22
CA ASN C 505 44.30 37.32 16.17
C ASN C 505 45.00 36.66 17.34
N ILE C 506 44.52 36.96 18.55
CA ILE C 506 45.00 36.31 19.77
C ILE C 506 43.79 36.04 20.65
N SER C 507 43.76 34.87 21.29
CA SER C 507 42.62 34.57 22.14
C SER C 507 43.00 33.56 23.20
N ASN C 508 42.50 33.79 24.43
CA ASN C 508 42.64 32.84 25.53
C ASN C 508 41.27 32.54 26.10
N ILE C 509 41.02 31.27 26.38
CA ILE C 509 39.76 30.80 26.94
C ILE C 509 40.07 29.84 28.06
N VAL C 510 39.38 29.99 29.18
CA VAL C 510 39.52 29.09 30.32
C VAL C 510 38.13 28.74 30.81
N ARG C 511 37.86 27.46 31.01
CA ARG C 511 36.61 27.02 31.59
C ARG C 511 36.88 25.96 32.63
N VAL C 512 36.22 26.07 33.78
CA VAL C 512 36.53 25.25 34.95
C VAL C 512 35.24 24.78 35.60
N PHE C 513 35.18 23.51 35.96
CA PHE C 513 34.09 22.93 36.74
C PHE C 513 34.68 22.46 38.06
N LEU C 514 34.37 23.18 39.14
CA LEU C 514 34.72 22.79 40.50
C LEU C 514 33.46 22.38 41.24
N ILE C 515 33.67 21.61 42.31
CA ILE C 515 32.60 21.23 43.22
C ILE C 515 33.04 21.55 44.63
N GLN C 516 32.08 21.98 45.45
CA GLN C 516 32.30 21.98 46.88
C GLN C 516 31.03 21.49 47.57
N PRO C 517 31.12 20.38 48.27
CA PRO C 517 29.96 19.90 49.02
C PRO C 517 30.04 20.31 50.48
N ARG C 518 28.95 20.17 51.21
CA ARG C 518 28.98 20.40 52.64
C ARG C 518 27.80 19.70 53.30
N GLU C 519 28.03 19.20 54.50
CA GLU C 519 26.96 18.59 55.26
C GLU C 519 26.09 19.66 55.89
N ILE C 520 24.78 19.42 55.93
CA ILE C 520 23.83 20.38 56.45
C ILE C 520 23.67 20.16 57.94
N LYS C 521 23.95 21.20 58.72
CA LYS C 521 23.83 21.15 60.18
C LYS C 521 22.67 22.03 60.61
N GLU C 522 22.44 22.05 61.92
CA GLU C 522 21.32 22.81 62.46
C GLU C 522 21.45 24.30 62.23
N SER C 523 22.65 24.79 61.94
CA SER C 523 22.84 26.20 61.66
C SER C 523 22.59 26.53 60.19
N SER C 524 22.31 25.54 59.36
CA SER C 524 22.08 25.77 57.95
C SER C 524 20.62 26.01 57.60
N TYR C 525 19.71 25.87 58.56
CA TYR C 525 18.32 26.20 58.32
C TYR C 525 18.07 27.68 58.54
N TYR C 526 16.93 28.15 58.07
CA TYR C 526 16.52 29.53 58.26
C TYR C 526 15.44 29.59 59.33
N ASN C 527 15.64 30.47 60.31
CA ASN C 527 14.63 30.66 61.35
C ASN C 527 13.45 31.42 60.77
N THR C 528 12.28 30.82 60.82
CA THR C 528 11.06 31.46 60.33
C THR C 528 10.09 31.75 61.47
N ALA C 529 9.71 30.73 62.23
CA ALA C 529 8.90 30.85 63.45
C ALA C 529 7.55 31.51 63.20
N GLU C 530 7.17 31.74 61.95
CA GLU C 530 5.89 32.34 61.62
C GLU C 530 5.32 31.64 60.40
N TYR C 531 4.13 32.04 60.00
CA TYR C 531 3.50 31.42 58.85
C TYR C 531 2.50 32.42 58.26
N LYS C 532 2.89 33.08 57.18
CA LYS C 532 2.00 34.01 56.50
C LYS C 532 0.85 33.23 55.89
N SER C 533 -0.34 33.39 56.46
CA SER C 533 -1.53 32.82 55.85
C SER C 533 -1.78 33.49 54.51
N LEU C 534 -2.24 32.70 53.54
CA LEU C 534 -2.53 33.24 52.22
C LEU C 534 -3.58 34.32 52.29
N ILE C 535 -4.65 34.08 53.02
CA ILE C 535 -5.81 34.96 53.05
C ILE C 535 -6.17 35.23 54.50
N SER C 536 -6.80 36.37 54.72
CA SER C 536 -7.09 36.82 56.08
C SER C 536 -8.38 36.22 56.60
N GLU C 537 -8.42 36.01 57.91
CA GLU C 537 -9.63 35.52 58.55
C GLU C 537 -10.79 36.48 58.36
N ARG C 538 -10.53 37.78 58.48
CA ARG C 538 -11.58 38.76 58.26
C ARG C 538 -12.08 38.70 56.83
N GLU C 539 -11.17 38.54 55.86
CA GLU C 539 -11.58 38.43 54.48
C GLU C 539 -12.47 37.20 54.26
N ILE C 540 -12.08 36.07 54.84
CA ILE C 540 -12.88 34.86 54.68
C ILE C 540 -14.26 35.03 55.30
N GLN C 541 -14.31 35.60 56.51
CA GLN C 541 -15.61 35.83 57.14
C GLN C 541 -16.47 36.76 56.29
N LYS C 542 -15.87 37.80 55.74
CA LYS C 542 -16.61 38.72 54.90
C LYS C 542 -17.15 38.02 53.66
N THR C 543 -16.38 37.12 53.06
CA THR C 543 -16.79 36.53 51.80
C THR C 543 -17.67 35.30 51.94
N THR C 544 -17.72 34.65 53.11
CA THR C 544 -18.57 33.47 53.24
C THR C 544 -19.45 33.51 54.49
N GLN C 545 -19.62 34.67 55.11
CA GLN C 545 -20.58 34.81 56.18
C GLN C 545 -21.95 35.09 55.59
N ILE C 546 -22.99 34.71 56.34
CA ILE C 546 -24.34 35.07 55.93
C ILE C 546 -24.45 36.59 55.92
N ILE C 547 -25.11 37.11 54.89
CA ILE C 547 -25.21 38.57 54.77
C ILE C 547 -25.99 39.12 55.97
N PRO C 548 -25.49 40.13 56.68
CA PRO C 548 -26.13 40.71 57.87
C PRO C 548 -27.55 41.17 57.62
N LYS D 180 25.59 -20.47 66.28
CA LYS D 180 25.35 -21.41 65.18
C LYS D 180 25.06 -20.65 63.89
N VAL D 181 24.24 -19.61 63.98
CA VAL D 181 23.95 -18.74 62.85
C VAL D 181 24.18 -17.29 63.28
N ASN D 182 24.54 -16.44 62.34
CA ASN D 182 24.76 -15.04 62.63
C ASN D 182 24.14 -14.20 61.52
N PHE D 183 23.37 -13.20 61.91
CA PHE D 183 22.87 -12.17 61.02
C PHE D 183 23.58 -10.86 61.35
N GLY D 184 24.14 -10.21 60.33
CA GLY D 184 25.01 -9.09 60.56
C GLY D 184 24.78 -7.98 59.55
N VAL D 185 25.20 -6.79 59.95
CA VAL D 185 25.14 -5.59 59.11
C VAL D 185 26.56 -5.07 58.93
N ILE D 186 26.95 -4.83 57.67
CA ILE D 186 28.29 -4.35 57.35
C ILE D 186 28.14 -3.03 56.61
N LYS D 187 28.88 -2.02 57.06
CA LYS D 187 28.75 -0.66 56.56
C LYS D 187 29.93 -0.36 55.64
N LEU D 188 29.71 -0.43 54.33
CA LEU D 188 30.74 -0.06 53.38
C LEU D 188 30.98 1.45 53.41
N LYS D 189 32.24 1.83 53.21
CA LYS D 189 32.62 3.23 53.26
C LYS D 189 33.15 3.75 51.93
N ASN D 190 34.12 3.07 51.33
CA ASN D 190 34.87 3.63 50.21
C ASN D 190 34.32 3.23 48.85
N THR D 191 33.24 2.45 48.79
CA THR D 191 32.71 2.00 47.50
C THR D 191 31.20 2.00 47.53
N PHE D 192 30.60 2.02 46.35
CA PHE D 192 29.19 1.79 46.20
C PHE D 192 28.89 0.30 46.18
N VAL D 193 27.66 -0.05 46.53
CA VAL D 193 27.28 -1.45 46.68
C VAL D 193 26.61 -1.98 45.41
N SER D 194 25.71 -1.21 44.82
CA SER D 194 25.04 -1.67 43.61
C SER D 194 25.97 -1.66 42.42
N ASP D 195 25.81 -2.65 41.54
CA ASP D 195 26.60 -2.70 40.32
C ASP D 195 26.28 -1.48 39.46
N ARG D 196 27.31 -0.94 38.81
CA ARG D 196 27.15 0.28 38.03
C ARG D 196 27.52 0.03 36.58
N THR D 197 26.95 0.85 35.69
CA THR D 197 27.15 0.72 34.25
C THR D 197 27.68 2.02 33.69
N TYR D 198 28.67 1.92 32.81
CA TYR D 198 29.30 3.06 32.18
C TYR D 198 29.37 2.87 30.67
N ASN D 199 29.09 3.95 29.94
CA ASN D 199 29.09 3.92 28.49
C ASN D 199 30.43 4.41 27.96
N MET D 200 30.98 3.69 26.99
CA MET D 200 32.25 4.05 26.37
C MET D 200 32.09 4.20 24.87
N ARG D 201 30.93 4.71 24.45
CA ARG D 201 30.64 4.98 23.04
C ARG D 201 30.82 3.71 22.20
N GLY D 202 30.29 2.60 22.71
CA GLY D 202 30.33 1.35 21.99
C GLY D 202 30.69 0.15 22.84
N GLU D 203 31.54 0.36 23.85
CA GLU D 203 32.00 -0.71 24.72
C GLU D 203 31.43 -0.45 26.12
N ASP D 204 30.22 -0.93 26.34
CA ASP D 204 29.58 -0.76 27.64
C ASP D 204 30.28 -1.59 28.70
N ILE D 205 30.49 -0.99 29.87
CA ILE D 205 31.25 -1.59 30.96
C ILE D 205 30.35 -1.72 32.17
N VAL D 206 30.30 -2.91 32.75
CA VAL D 206 29.54 -3.15 33.98
C VAL D 206 30.53 -3.48 35.08
N ILE D 207 30.55 -2.64 36.12
CA ILE D 207 31.39 -2.87 37.30
C ILE D 207 30.50 -3.51 38.36
N PRO D 208 30.75 -4.76 38.75
CA PRO D 208 29.87 -5.42 39.71
C PRO D 208 30.09 -4.91 41.13
N GLY D 209 29.09 -5.15 41.97
CA GLY D 209 29.16 -4.74 43.35
C GLY D 209 29.80 -5.78 44.23
N VAL D 210 30.26 -5.32 45.39
CA VAL D 210 30.93 -6.21 46.34
C VAL D 210 29.99 -7.34 46.75
N ALA D 211 28.72 -7.03 46.96
CA ALA D 211 27.76 -8.06 47.35
C ALA D 211 27.68 -9.16 46.30
N THR D 212 27.48 -8.78 45.04
CA THR D 212 27.35 -9.77 43.98
C THR D 212 28.62 -10.59 43.86
N VAL D 213 29.78 -9.93 43.88
CA VAL D 213 31.04 -10.63 43.68
C VAL D 213 31.29 -11.63 44.80
N VAL D 214 31.10 -11.20 46.05
CA VAL D 214 31.38 -12.09 47.18
C VAL D 214 30.39 -13.25 47.21
N GLU D 215 29.11 -12.97 46.96
CA GLU D 215 28.12 -14.04 46.97
C GLU D 215 28.42 -15.06 45.89
N ARG D 216 28.80 -14.60 44.70
CA ARG D 216 29.17 -15.54 43.65
C ARG D 216 30.46 -16.28 43.98
N LEU D 217 31.34 -15.67 44.79
CA LEU D 217 32.55 -16.36 45.23
C LEU D 217 32.20 -17.53 46.14
N LEU D 218 31.36 -17.30 47.14
CA LEU D 218 30.99 -18.36 48.08
C LEU D 218 29.89 -19.21 47.44
N ASN D 219 30.30 -20.06 46.52
CA ASN D 219 29.35 -20.81 45.71
C ASN D 219 29.97 -22.13 45.24
N ASN D 220 29.22 -23.22 45.43
CA ASN D 220 29.56 -24.55 44.89
C ASN D 220 30.93 -25.02 45.36
N GLY D 221 31.04 -25.18 46.68
CA GLY D 221 32.24 -25.72 47.28
C GLY D 221 31.93 -26.66 48.42
N LYS D 222 32.45 -27.88 48.35
CA LYS D 222 32.17 -28.92 49.35
C LYS D 222 33.45 -29.23 50.12
N ALA D 223 33.69 -28.46 51.18
CA ALA D 223 34.82 -28.66 52.07
C ALA D 223 34.67 -27.71 53.25
N LEU D 224 35.63 -27.78 54.17
CA LEU D 224 35.72 -26.87 55.30
C LEU D 224 37.19 -26.54 55.50
N SER D 225 37.53 -25.98 56.65
CA SER D 225 38.91 -25.68 57.03
C SER D 225 39.57 -24.74 56.01
N ASN D 226 39.05 -23.51 56.02
CA ASN D 226 39.49 -22.48 55.08
C ASN D 226 40.52 -21.55 55.72
N ARG D 227 41.21 -20.81 54.84
CA ARG D 227 42.16 -19.79 55.27
C ARG D 227 42.13 -18.66 54.24
N GLN D 228 42.95 -17.65 54.48
CA GLN D 228 42.94 -16.42 53.70
C GLN D 228 44.32 -16.12 53.13
N ALA D 229 44.35 -15.65 51.89
CA ALA D 229 45.58 -15.38 51.16
C ALA D 229 45.58 -13.95 50.63
N GLN D 230 46.61 -13.20 50.98
CA GLN D 230 46.76 -11.84 50.48
C GLN D 230 47.33 -11.86 49.06
N LEU D 261 30.43 -25.91 56.31
CA LEU D 261 30.13 -24.74 55.49
C LEU D 261 28.89 -24.96 54.63
N GLU D 262 28.16 -23.87 54.39
CA GLU D 262 26.93 -23.93 53.62
C GLU D 262 26.79 -22.60 52.87
N ASP D 263 25.58 -22.29 52.41
CA ASP D 263 25.32 -21.10 51.62
C ASP D 263 25.06 -19.90 52.52
N VAL D 264 25.82 -18.83 52.31
CA VAL D 264 25.61 -17.57 53.02
C VAL D 264 24.57 -16.76 52.27
N SER D 265 23.85 -15.92 53.01
CA SER D 265 22.88 -15.01 52.43
C SER D 265 23.48 -13.61 52.51
N LEU D 266 23.79 -13.03 51.36
CA LEU D 266 24.47 -11.74 51.31
C LEU D 266 23.70 -10.83 50.36
N ILE D 267 23.07 -9.79 50.90
CA ILE D 267 22.26 -8.90 50.09
C ILE D 267 22.71 -7.46 50.33
N ALA D 268 22.39 -6.61 49.37
CA ALA D 268 22.83 -5.22 49.35
C ALA D 268 21.64 -4.31 49.65
N TYR D 269 21.85 -3.37 50.56
CA TYR D 269 20.83 -2.38 50.93
C TYR D 269 21.45 -1.01 50.68
N PRO D 270 21.35 -0.49 49.45
CA PRO D 270 22.03 0.75 49.11
C PRO D 270 21.40 1.99 49.72
N GLU D 271 20.20 1.89 50.29
CA GLU D 271 19.57 3.07 50.87
C GLU D 271 20.44 3.66 51.97
N THR D 272 21.09 2.82 52.77
CA THR D 272 22.13 3.26 53.68
C THR D 272 23.49 2.75 53.27
N ASN D 273 23.62 2.21 52.06
CA ASN D 273 24.88 1.71 51.52
C ASN D 273 25.50 0.68 52.46
N SER D 274 24.76 -0.39 52.70
CA SER D 274 25.18 -1.42 53.64
C SER D 274 24.94 -2.79 53.02
N ILE D 275 25.42 -3.80 53.73
CA ILE D 275 25.29 -5.19 53.30
C ILE D 275 24.75 -6.01 54.46
N LEU D 276 23.73 -6.81 54.18
CA LEU D 276 23.15 -7.70 55.18
C LEU D 276 23.64 -9.11 54.93
N VAL D 277 24.23 -9.72 55.95
CA VAL D 277 24.89 -11.01 55.83
C VAL D 277 24.25 -12.00 56.78
N LYS D 278 24.26 -13.27 56.38
CA LYS D 278 23.73 -14.37 57.17
C LYS D 278 24.63 -15.57 56.94
N GLY D 279 25.21 -16.10 58.01
CA GLY D 279 26.08 -17.26 57.86
C GLY D 279 26.69 -17.68 59.18
N ASN D 280 27.61 -18.64 59.07
CA ASN D 280 28.32 -19.16 60.23
C ASN D 280 29.42 -18.19 60.66
N ASP D 281 30.01 -18.47 61.82
CA ASP D 281 31.03 -17.58 62.36
C ASP D 281 32.26 -17.53 61.47
N GLN D 282 32.72 -18.69 60.99
CA GLN D 282 33.86 -18.71 60.09
C GLN D 282 33.55 -17.95 58.81
N GLN D 283 32.36 -18.14 58.25
CA GLN D 283 31.98 -17.47 57.03
C GLN D 283 31.96 -15.95 57.22
N ILE D 284 31.36 -15.48 58.31
CA ILE D 284 31.31 -14.03 58.51
C ILE D 284 32.71 -13.49 58.78
N GLN D 285 33.57 -14.27 59.45
CA GLN D 285 34.94 -13.81 59.66
C GLN D 285 35.67 -13.62 58.34
N ILE D 286 35.57 -14.61 57.44
CA ILE D 286 36.25 -14.46 56.17
C ILE D 286 35.63 -13.35 55.35
N ILE D 287 34.31 -13.13 55.48
CA ILE D 287 33.67 -12.05 54.74
C ILE D 287 34.20 -10.70 55.23
N ARG D 288 34.29 -10.52 56.53
CA ARG D 288 34.82 -9.26 57.06
C ARG D 288 36.25 -9.04 56.60
N ASP D 289 37.07 -10.08 56.68
CA ASP D 289 38.46 -9.93 56.25
C ASP D 289 38.58 -9.60 54.77
N ILE D 290 37.81 -10.30 53.93
CA ILE D 290 37.94 -10.09 52.50
C ILE D 290 37.41 -8.71 52.10
N ILE D 291 36.32 -8.27 52.73
CA ILE D 291 35.81 -6.94 52.41
C ILE D 291 36.81 -5.86 52.84
N THR D 292 37.36 -6.00 54.06
CA THR D 292 38.35 -5.03 54.53
C THR D 292 39.55 -4.98 53.61
N GLN D 293 40.01 -6.14 53.15
CA GLN D 293 41.09 -6.17 52.17
C GLN D 293 40.64 -5.69 50.81
N LEU D 294 39.33 -5.61 50.57
CA LEU D 294 38.82 -5.29 49.25
C LEU D 294 38.67 -3.80 49.02
N ASP D 295 38.04 -3.06 49.93
CA ASP D 295 37.80 -1.64 49.71
C ASP D 295 38.70 -0.81 50.62
N VAL D 296 39.57 0.00 50.02
CA VAL D 296 40.43 0.84 50.85
C VAL D 296 40.36 2.33 50.52
N ALA D 297 40.85 2.73 49.34
CA ALA D 297 41.03 4.18 49.20
C ALA D 297 40.49 4.78 47.92
N LYS D 298 40.68 4.12 46.77
CA LYS D 298 40.28 4.65 45.47
C LYS D 298 40.93 6.00 45.18
N ARG D 299 42.23 5.95 44.92
CA ARG D 299 42.99 7.17 44.66
C ARG D 299 42.51 7.87 43.39
N HIS D 300 42.89 9.15 43.29
CA HIS D 300 42.41 10.05 42.25
C HIS D 300 43.51 10.31 41.23
N ILE D 301 43.17 10.18 39.95
CA ILE D 301 44.08 10.49 38.86
C ILE D 301 43.48 11.63 38.06
N GLU D 302 44.28 12.64 37.77
CA GLU D 302 43.87 13.75 36.92
C GLU D 302 44.74 13.77 35.69
N LEU D 303 44.11 13.77 34.52
CA LEU D 303 44.79 13.68 33.24
C LEU D 303 44.66 15.00 32.50
N SER D 304 45.78 15.51 32.01
CA SER D 304 45.82 16.71 31.17
C SER D 304 46.28 16.30 29.78
N LEU D 305 45.45 16.59 28.79
CA LEU D 305 45.71 16.17 27.42
C LEU D 305 46.08 17.38 26.59
N TRP D 306 47.35 17.52 26.24
CA TRP D 306 47.80 18.67 25.46
C TRP D 306 47.66 18.37 23.99
N ILE D 307 47.01 19.26 23.26
CA ILE D 307 46.88 19.17 21.81
C ILE D 307 47.52 20.42 21.23
N ILE D 308 48.53 20.25 20.39
CA ILE D 308 49.31 21.37 19.88
C ILE D 308 49.28 21.35 18.37
N ASP D 309 49.03 22.51 17.76
CA ASP D 309 49.08 22.67 16.33
C ASP D 309 49.96 23.86 16.00
N ILE D 310 50.83 23.69 15.02
CA ILE D 310 51.67 24.76 14.50
C ILE D 310 51.63 24.70 12.98
N ASP D 311 51.30 25.82 12.35
CA ASP D 311 51.20 25.87 10.90
C ASP D 311 51.94 27.09 10.37
N LYS D 312 52.70 26.88 9.30
CA LYS D 312 53.31 27.97 8.55
C LYS D 312 53.01 27.76 7.08
N SER D 313 52.78 28.84 6.36
CA SER D 313 52.47 28.71 4.95
C SER D 313 52.94 29.96 4.23
N GLU D 314 53.34 29.79 2.97
CA GLU D 314 53.77 30.91 2.15
C GLU D 314 53.40 30.61 0.71
N LEU D 315 52.59 31.50 0.12
CA LEU D 315 52.12 31.33 -1.24
C LEU D 315 52.45 32.60 -2.00
N ASN D 316 53.15 32.48 -3.11
CA ASN D 316 53.49 33.68 -3.86
C ASN D 316 53.48 33.41 -5.35
N ASN D 317 52.97 34.37 -6.11
CA ASN D 317 52.88 34.21 -7.55
C ASN D 317 53.11 35.55 -8.24
N LEU D 318 53.89 35.52 -9.31
CA LEU D 318 54.12 36.74 -10.09
C LEU D 318 54.36 36.36 -11.54
N GLY D 319 53.88 37.20 -12.43
CA GLY D 319 54.08 36.98 -13.84
C GLY D 319 52.95 37.59 -14.65
N VAL D 320 52.91 37.23 -15.93
CA VAL D 320 51.97 37.81 -16.88
C VAL D 320 51.40 36.69 -17.75
N ASN D 321 50.10 36.78 -18.01
CA ASN D 321 49.43 35.92 -18.99
C ASN D 321 48.96 36.78 -20.16
N TRP D 322 49.12 36.26 -21.37
CA TRP D 322 48.83 37.03 -22.58
C TRP D 322 47.77 36.32 -23.42
N GLN D 323 46.94 37.12 -24.09
CA GLN D 323 46.04 36.63 -25.12
C GLN D 323 46.01 37.66 -26.24
N GLY D 324 45.79 37.19 -27.47
CA GLY D 324 45.88 38.10 -28.59
C GLY D 324 44.95 37.78 -29.74
N THR D 325 44.69 38.81 -30.54
CA THR D 325 43.91 38.69 -31.77
C THR D 325 44.50 39.65 -32.80
N ALA D 326 44.37 39.29 -34.07
CA ALA D 326 44.92 40.14 -35.13
C ALA D 326 44.14 39.90 -36.41
N SER D 327 44.11 40.92 -37.26
CA SER D 327 43.41 40.84 -38.54
C SER D 327 44.24 41.51 -39.62
N PHE D 328 44.04 41.07 -40.85
CA PHE D 328 44.74 41.64 -42.00
C PHE D 328 43.77 41.65 -43.16
N GLY D 329 43.50 42.85 -43.68
CA GLY D 329 42.44 43.04 -44.64
C GLY D 329 41.13 42.56 -44.05
N ASP D 330 40.26 42.09 -44.93
CA ASP D 330 39.07 41.34 -44.52
C ASP D 330 39.25 39.87 -44.85
N SER D 331 40.49 39.41 -44.93
CA SER D 331 40.81 38.08 -45.40
C SER D 331 41.50 37.20 -44.36
N PHE D 332 42.50 37.72 -43.65
CA PHE D 332 43.33 36.89 -42.78
C PHE D 332 42.99 37.20 -41.33
N GLY D 333 42.49 36.20 -40.61
CA GLY D 333 42.26 36.34 -39.18
C GLY D 333 43.24 35.47 -38.40
N ALA D 334 43.65 35.95 -37.23
CA ALA D 334 44.59 35.20 -36.42
C ALA D 334 44.23 35.35 -34.95
N SER D 335 44.24 34.23 -34.22
CA SER D 335 43.96 34.22 -32.79
C SER D 335 45.12 33.58 -32.05
N PHE D 336 45.73 34.34 -31.15
CA PHE D 336 46.93 33.89 -30.44
C PHE D 336 46.56 33.48 -29.03
N ASN D 337 46.75 32.18 -28.73
CA ASN D 337 46.50 31.63 -27.40
C ASN D 337 45.05 31.82 -26.96
N MET D 338 44.14 31.35 -27.80
CA MET D 338 42.71 31.42 -27.52
C MET D 338 42.09 30.05 -27.76
N SER D 339 41.09 29.73 -26.93
CA SER D 339 40.39 28.45 -27.08
C SER D 339 39.61 28.41 -28.39
N SER D 340 38.81 29.43 -28.65
CA SER D 340 38.04 29.52 -29.88
C SER D 340 37.61 30.97 -30.10
N SER D 341 37.21 31.27 -31.33
CA SER D 341 36.80 32.61 -31.70
C SER D 341 35.41 32.95 -31.14
N ASN D 350 40.19 43.70 -30.03
CA ASN D 350 40.77 43.48 -31.34
C ASN D 350 42.25 43.17 -31.24
N LYS D 351 42.86 43.52 -30.11
CA LYS D 351 44.30 43.38 -29.95
C LYS D 351 44.58 42.88 -28.54
N PHE D 352 45.84 42.97 -28.12
CA PHE D 352 46.37 42.10 -27.09
C PHE D 352 45.97 42.53 -25.69
N ILE D 353 45.76 41.52 -24.83
CA ILE D 353 45.42 41.73 -23.44
C ILE D 353 46.39 40.94 -22.57
N ALA D 354 46.77 41.53 -21.44
CA ALA D 354 47.72 40.92 -20.52
C ALA D 354 47.21 41.05 -19.09
N SER D 355 47.18 39.93 -18.38
CA SER D 355 46.86 39.92 -16.95
C SER D 355 48.16 39.80 -16.18
N VAL D 356 48.47 40.82 -15.39
CA VAL D 356 49.67 40.82 -14.57
C VAL D 356 49.28 40.50 -13.14
N MET D 357 49.94 39.50 -12.58
CA MET D 357 49.73 39.09 -11.21
C MET D 357 51.03 39.26 -10.44
N ALA D 358 50.93 39.78 -9.23
CA ALA D 358 52.09 39.93 -8.36
C ALA D 358 51.59 39.97 -6.93
N LEU D 359 51.88 38.92 -6.17
CA LEU D 359 51.35 38.85 -4.81
C LEU D 359 52.13 37.83 -4.01
N ASN D 360 52.21 38.06 -2.71
CA ASN D 360 52.90 37.15 -1.80
C ASN D 360 52.24 37.21 -0.44
N GLN D 361 51.75 36.07 0.05
CA GLN D 361 51.09 36.04 1.34
C GLN D 361 51.69 34.95 2.21
N LYS D 362 52.05 35.33 3.44
CA LYS D 362 52.52 34.41 4.46
C LYS D 362 51.47 34.28 5.54
N LYS D 363 51.45 33.13 6.19
CA LYS D 363 50.45 32.87 7.22
C LYS D 363 51.06 31.99 8.28
N LYS D 364 50.71 32.24 9.55
CA LYS D 364 51.24 31.45 10.65
C LYS D 364 50.17 31.30 11.72
N ALA D 365 50.11 30.13 12.34
CA ALA D 365 49.11 29.90 13.36
C ALA D 365 49.62 28.92 14.40
N ASN D 366 49.33 29.22 15.67
CA ASN D 366 49.64 28.32 16.78
C ASN D 366 48.38 28.14 17.62
N VAL D 367 48.01 26.89 17.86
CA VAL D 367 46.84 26.56 18.64
C VAL D 367 47.23 25.58 19.72
N VAL D 368 46.86 25.87 20.96
CA VAL D 368 47.16 24.99 22.08
C VAL D 368 45.86 24.75 22.85
N SER D 369 45.39 23.52 22.85
CA SER D 369 44.18 23.16 23.58
C SER D 369 44.56 22.19 24.68
N ARG D 370 43.85 22.25 25.80
CA ARG D 370 44.14 21.38 26.93
C ARG D 370 42.86 21.05 27.65
N PRO D 371 42.29 19.88 27.41
CA PRO D 371 41.29 19.33 28.33
C PRO D 371 41.97 18.73 29.55
N VAL D 372 41.25 18.78 30.67
CA VAL D 372 41.76 18.29 31.94
C VAL D 372 40.60 17.64 32.67
N ILE D 373 40.74 16.38 33.04
CA ILE D 373 39.65 15.67 33.69
C ILE D 373 40.18 14.85 34.86
N LEU D 374 39.43 14.84 35.95
CA LEU D 374 39.80 14.10 37.15
C LEU D 374 38.85 12.93 37.35
N THR D 375 39.36 11.82 37.86
CA THR D 375 38.53 10.66 38.14
C THR D 375 39.22 9.79 39.18
N GLN D 376 38.57 8.69 39.53
CA GLN D 376 39.14 7.70 40.43
C GLN D 376 39.72 6.55 39.61
N GLU D 377 40.77 5.92 40.14
CA GLU D 377 41.45 4.88 39.40
C GLU D 377 40.49 3.73 39.09
N ASN D 378 40.63 3.18 37.88
CA ASN D 378 39.91 2.03 37.37
C ASN D 378 38.45 2.32 37.05
N ILE D 379 38.02 3.57 37.08
CA ILE D 379 36.63 3.92 36.80
C ILE D 379 36.61 4.84 35.59
N PRO D 380 35.86 4.50 34.55
CA PRO D 380 35.90 5.30 33.31
C PRO D 380 35.42 6.71 33.54
N ALA D 381 36.00 7.64 32.79
CA ALA D 381 35.63 9.04 32.86
C ALA D 381 35.37 9.56 31.45
N ILE D 382 34.39 10.44 31.33
CA ILE D 382 33.97 10.97 30.03
C ILE D 382 34.00 12.49 30.09
N PHE D 383 34.58 13.11 29.06
CA PHE D 383 34.61 14.56 28.97
C PHE D 383 34.46 14.95 27.51
N ASP D 384 33.38 15.64 27.17
CA ASP D 384 33.26 16.17 25.82
C ASP D 384 32.83 17.62 25.89
N ASN D 385 33.22 18.37 24.86
CA ASN D 385 33.03 19.80 24.87
C ASN D 385 33.06 20.29 23.44
N ASN D 386 32.35 21.37 23.18
CA ASN D 386 32.48 22.03 21.88
C ASN D 386 32.06 23.47 21.99
N ARG D 387 32.91 24.35 21.46
CA ARG D 387 32.65 25.78 21.40
C ARG D 387 32.56 26.22 19.95
N THR D 388 32.08 27.43 19.75
CA THR D 388 32.05 28.05 18.43
C THR D 388 32.87 29.33 18.49
N PHE D 389 33.82 29.46 17.58
CA PHE D 389 34.68 30.63 17.50
C PHE D 389 34.19 31.54 16.39
N TYR D 390 33.91 32.79 16.73
CA TYR D 390 33.41 33.79 15.79
C TYR D 390 34.50 34.79 15.47
N VAL D 391 34.48 35.28 14.24
CA VAL D 391 35.24 36.46 13.86
C VAL D 391 34.32 37.39 13.09
N SER D 392 34.30 38.65 13.49
CA SER D 392 33.45 39.65 12.86
C SER D 392 34.17 40.21 11.64
N LEU D 393 33.45 40.26 10.51
CA LEU D 393 34.01 40.84 9.31
C LEU D 393 34.27 42.33 9.52
N VAL D 394 35.01 42.92 8.58
CA VAL D 394 35.32 44.34 8.65
C VAL D 394 34.06 45.17 8.47
N GLY D 395 33.20 44.78 7.53
CA GLY D 395 31.99 45.52 7.25
C GLY D 395 30.96 44.74 6.46
N LEU D 401 30.86 37.73 9.56
CA LEU D 401 30.75 36.94 10.78
C LEU D 401 30.92 35.47 10.46
N GLU D 402 32.16 34.99 10.53
CA GLU D 402 32.46 33.60 10.20
C GLU D 402 32.81 32.83 11.46
N HIS D 403 32.31 31.60 11.54
CA HIS D 403 32.41 30.80 12.75
C HIS D 403 32.94 29.42 12.43
N VAL D 404 33.66 28.86 13.39
CA VAL D 404 34.20 27.50 13.31
C VAL D 404 33.88 26.79 14.60
N THR D 405 33.33 25.58 14.50
CA THR D 405 32.91 24.82 15.66
C THR D 405 34.00 23.84 16.05
N TYR D 406 34.65 24.10 17.17
CA TYR D 406 35.76 23.28 17.65
C TYR D 406 35.24 22.37 18.76
N GLY D 407 35.36 21.06 18.57
CA GLY D 407 34.86 20.11 19.53
C GLY D 407 35.88 19.03 19.82
N THR D 408 35.89 18.60 21.08
CA THR D 408 36.73 17.51 21.54
C THR D 408 35.90 16.54 22.36
N LEU D 409 36.35 15.29 22.41
CA LEU D 409 35.66 14.24 23.15
C LEU D 409 36.69 13.22 23.55
N ILE D 410 36.91 13.07 24.85
CA ILE D 410 37.91 12.16 25.38
C ILE D 410 37.24 11.28 26.42
N ASN D 411 37.36 9.97 26.24
CA ASN D 411 36.93 9.03 27.27
C ASN D 411 38.08 8.12 27.63
N VAL D 412 38.32 7.97 28.92
CA VAL D 412 39.57 7.43 29.42
C VAL D 412 39.29 6.46 30.57
N ILE D 413 40.11 5.42 30.65
CA ILE D 413 40.13 4.54 31.81
C ILE D 413 41.54 4.54 32.38
N PRO D 414 41.75 5.21 33.51
CA PRO D 414 43.08 5.25 34.12
C PRO D 414 43.25 4.22 35.22
N ARG D 415 44.49 3.91 35.55
CA ARG D 415 44.80 3.05 36.69
C ARG D 415 46.29 3.14 36.96
N PHE D 416 46.72 2.52 38.05
CA PHE D 416 48.11 2.59 38.46
C PHE D 416 48.86 1.33 38.08
N SER D 417 50.18 1.41 38.23
CA SER D 417 51.06 0.30 37.91
C SER D 417 52.39 0.50 38.64
N SER D 418 53.21 -0.54 38.60
CA SER D 418 54.45 -0.63 39.36
C SER D 418 55.23 0.68 39.34
N ARG D 419 55.82 1.02 40.48
CA ARG D 419 56.58 2.25 40.65
C ARG D 419 55.72 3.48 40.49
N GLY D 420 54.42 3.36 40.74
CA GLY D 420 53.54 4.50 40.66
C GLY D 420 53.33 5.04 39.27
N GLN D 421 53.54 4.24 38.23
CA GLN D 421 53.26 4.70 36.88
C GLN D 421 51.76 4.71 36.64
N ILE D 422 51.31 5.55 35.72
CA ILE D 422 49.90 5.69 35.43
C ILE D 422 49.64 5.14 34.04
N GLU D 423 48.82 4.10 33.96
CA GLU D 423 48.44 3.52 32.68
C GLU D 423 47.03 3.99 32.33
N MET D 424 46.77 4.20 31.05
CA MET D 424 45.50 4.74 30.60
C MET D 424 45.10 4.14 29.27
N SER D 425 43.84 3.77 29.16
CA SER D 425 43.22 3.45 27.88
C SER D 425 42.48 4.69 27.41
N LEU D 426 42.81 5.15 26.20
CA LEU D 426 42.38 6.45 25.71
C LEU D 426 41.61 6.30 24.41
N THR D 427 40.47 6.97 24.33
CA THR D 427 39.83 7.27 23.05
C THR D 427 39.67 8.77 22.96
N ILE D 428 40.29 9.37 21.93
CA ILE D 428 40.31 10.81 21.78
C ILE D 428 39.81 11.16 20.38
N GLU D 429 38.88 12.09 20.30
CA GLU D 429 38.51 12.72 19.04
C GLU D 429 38.59 14.22 19.26
N ASP D 430 39.04 14.94 18.25
CA ASP D 430 39.08 16.39 18.40
C ASP D 430 39.15 17.03 17.03
N GLY D 431 38.81 18.32 16.99
CA GLY D 431 39.02 19.09 15.81
C GLY D 431 37.83 19.95 15.49
N THR D 432 37.84 20.52 14.31
CA THR D 432 36.86 21.51 13.90
C THR D 432 35.93 20.92 12.85
N GLY D 433 34.99 21.75 12.40
CA GLY D 433 34.13 21.43 11.29
C GLY D 433 34.32 22.43 10.17
N ASN D 434 34.48 21.94 8.95
CA ASN D 434 34.81 22.78 7.81
C ASN D 434 33.81 23.91 7.64
N SER D 435 34.30 25.15 7.72
CA SER D 435 33.49 26.33 7.44
C SER D 435 34.36 27.32 6.68
N GLN D 436 34.27 27.29 5.35
CA GLN D 436 35.01 28.19 4.48
C GLN D 436 34.58 29.64 4.69
N ASN D 443 37.13 36.11 2.84
CA ASN D 443 38.07 37.20 3.06
C ASN D 443 38.92 36.97 4.30
N GLU D 444 39.89 36.08 4.19
CA GLU D 444 40.85 35.75 5.23
C GLU D 444 40.21 35.18 6.49
N ASN D 445 38.92 34.83 6.42
CA ASN D 445 38.24 34.25 7.57
C ASN D 445 38.91 32.96 8.01
N THR D 446 39.12 32.03 7.07
CA THR D 446 39.84 30.82 7.38
C THR D 446 41.29 31.13 7.74
N SER D 447 41.84 32.23 7.22
CA SER D 447 43.20 32.62 7.56
C SER D 447 43.30 33.00 9.03
N VAL D 448 42.22 33.52 9.60
CA VAL D 448 42.25 33.94 11.01
C VAL D 448 41.81 32.82 11.94
N LEU D 449 40.75 32.11 11.59
CA LEU D 449 40.21 31.08 12.45
C LEU D 449 41.15 29.86 12.50
N PRO D 450 41.02 29.02 13.54
CA PRO D 450 41.94 27.90 13.69
C PRO D 450 41.97 26.93 12.52
N GLU D 451 40.85 26.28 12.23
CA GLU D 451 40.73 25.33 11.13
C GLU D 451 41.85 24.28 11.17
N VAL D 452 41.80 23.44 12.21
CA VAL D 452 42.86 22.48 12.46
C VAL D 452 42.50 21.07 12.00
N GLY D 453 41.47 20.91 11.20
CA GLY D 453 41.11 19.59 10.72
C GLY D 453 40.47 18.76 11.82
N ARG D 454 40.43 17.46 11.60
CA ARG D 454 39.87 16.54 12.57
C ARG D 454 40.80 15.36 12.76
N THR D 455 40.88 14.86 13.99
CA THR D 455 41.80 13.77 14.29
C THR D 455 41.22 12.91 15.40
N LYS D 456 41.23 11.59 15.19
CA LYS D 456 40.81 10.64 16.20
C LYS D 456 41.92 9.62 16.41
N ILE D 457 42.25 9.36 17.66
CA ILE D 457 43.28 8.40 18.01
C ILE D 457 42.77 7.53 19.15
N SER D 458 42.90 6.22 19.00
CA SER D 458 42.47 5.27 20.02
C SER D 458 43.64 4.35 20.33
N THR D 459 44.03 4.31 21.60
CA THR D 459 45.25 3.58 21.98
C THR D 459 45.27 3.38 23.48
N ILE D 460 46.41 2.93 24.00
CA ILE D 460 46.60 2.68 25.43
C ILE D 460 48.08 2.81 25.75
N ALA D 461 48.40 3.56 26.79
CA ALA D 461 49.80 3.83 27.10
C ALA D 461 49.97 4.11 28.58
N ARG D 462 51.19 3.93 29.07
CA ARG D 462 51.49 4.20 30.48
C ARG D 462 52.66 5.18 30.58
N VAL D 463 52.58 6.03 31.58
CA VAL D 463 53.49 7.16 31.74
C VAL D 463 54.09 7.12 33.14
N PRO D 464 55.41 7.29 33.29
CA PRO D 464 55.96 7.52 34.62
C PRO D 464 55.44 8.83 35.17
N GLN D 465 55.29 8.88 36.49
CA GLN D 465 54.77 10.09 37.10
C GLN D 465 55.84 11.16 37.12
N GLY D 466 55.48 12.35 36.64
CA GLY D 466 56.44 13.43 36.49
C GLY D 466 56.87 13.71 35.07
N LYS D 467 56.50 12.84 34.12
CA LYS D 467 56.86 13.03 32.73
C LYS D 467 55.60 12.94 31.88
N SER D 468 55.73 13.32 30.61
CA SER D 468 54.61 13.35 29.68
C SER D 468 55.00 12.64 28.41
N LEU D 469 54.00 12.09 27.73
CA LEU D 469 54.23 11.21 26.61
C LEU D 469 53.53 11.74 25.36
N LEU D 470 54.14 11.50 24.20
CA LEU D 470 53.60 11.94 22.93
C LEU D 470 52.90 10.74 22.28
N ILE D 471 51.63 10.54 22.63
CA ILE D 471 50.95 9.34 22.16
C ILE D 471 50.69 9.42 20.66
N GLY D 472 50.32 10.60 20.15
CA GLY D 472 49.93 10.69 18.76
C GLY D 472 50.52 11.92 18.10
N GLY D 473 50.64 11.86 16.78
CA GLY D 473 51.14 13.04 16.10
C GLY D 473 51.09 12.87 14.61
N TYR D 474 51.31 13.98 13.93
CA TYR D 474 51.16 14.00 12.48
C TYR D 474 51.80 15.26 11.94
N THR D 475 52.77 15.11 11.06
CA THR D 475 53.40 16.26 10.41
C THR D 475 53.22 16.17 8.91
N HIS D 476 53.30 17.31 8.26
CA HIS D 476 52.98 17.39 6.84
C HIS D 476 53.77 18.53 6.24
N GLU D 477 54.38 18.29 5.08
CA GLU D 477 55.15 19.30 4.40
C GLU D 477 54.83 19.27 2.91
N THR D 478 54.55 20.43 2.34
CA THR D 478 54.17 20.55 0.95
C THR D 478 55.03 21.60 0.27
N ASN D 479 55.51 21.29 -0.93
CA ASN D 479 56.25 22.24 -1.73
C ASN D 479 55.79 22.09 -3.16
N SER D 480 55.52 23.21 -3.83
CA SER D 480 55.00 23.14 -5.18
C SER D 480 55.46 24.34 -5.99
N ASN D 481 55.88 24.09 -7.23
CA ASN D 481 56.27 25.14 -8.15
C ASN D 481 55.58 24.91 -9.48
N GLU D 482 55.25 26.02 -10.14
CA GLU D 482 54.64 25.95 -11.46
C GLU D 482 55.14 27.11 -12.30
N ILE D 483 55.55 26.84 -13.53
CA ILE D 483 56.08 27.86 -14.42
C ILE D 483 55.37 27.77 -15.75
N ILE D 484 54.85 28.89 -16.23
CA ILE D 484 54.19 28.97 -17.52
C ILE D 484 54.93 30.00 -18.36
N SER D 485 55.24 29.67 -19.60
CA SER D 485 56.00 30.60 -20.41
C SER D 485 55.72 30.41 -21.88
N ILE D 486 55.76 31.51 -22.62
CA ILE D 486 55.75 31.46 -24.08
C ILE D 486 57.06 30.83 -24.54
N PRO D 487 57.03 29.92 -25.52
CA PRO D 487 58.22 29.11 -25.82
C PRO D 487 59.47 29.91 -26.17
N PHE D 488 59.41 30.73 -27.22
CA PHE D 488 60.64 31.30 -27.76
C PHE D 488 61.00 32.64 -27.13
N LEU D 489 60.12 33.63 -27.27
CA LEU D 489 60.50 34.99 -26.90
C LEU D 489 60.77 35.12 -25.41
N SER D 490 60.08 34.35 -24.58
CA SER D 490 60.33 34.43 -23.14
C SER D 490 61.74 34.02 -22.76
N SER D 491 62.52 33.50 -23.71
CA SER D 491 63.90 33.14 -23.44
C SER D 491 64.90 34.25 -23.76
N ILE D 492 64.45 35.36 -24.33
CA ILE D 492 65.36 36.45 -24.66
C ILE D 492 65.84 37.08 -23.35
N PRO D 493 67.04 37.68 -23.31
CA PRO D 493 67.68 37.96 -22.02
C PRO D 493 66.94 38.92 -21.11
N VAL D 494 66.62 40.12 -21.58
CA VAL D 494 66.19 41.19 -20.69
C VAL D 494 64.68 41.18 -20.50
N ILE D 495 63.93 41.41 -21.56
CA ILE D 495 62.48 41.56 -21.42
C ILE D 495 61.75 40.24 -21.45
N GLY D 496 62.45 39.13 -21.75
CA GLY D 496 61.79 37.84 -21.75
C GLY D 496 61.14 37.50 -20.41
N ASN D 497 61.76 37.95 -19.32
CA ASN D 497 61.21 37.69 -18.00
C ASN D 497 59.86 38.32 -17.77
N VAL D 498 59.34 39.09 -18.73
CA VAL D 498 58.00 39.65 -18.61
C VAL D 498 56.93 38.70 -19.13
N PHE D 499 57.32 37.61 -19.80
CA PHE D 499 56.35 36.68 -20.36
C PHE D 499 56.12 35.45 -19.49
N LYS D 500 56.99 35.19 -18.52
CA LYS D 500 56.83 34.04 -17.67
C LYS D 500 55.67 34.24 -16.70
N TYR D 501 55.41 33.20 -15.91
CA TYR D 501 54.44 33.27 -14.83
C TYR D 501 54.82 32.18 -13.85
N LYS D 502 55.26 32.58 -12.66
CA LYS D 502 55.80 31.65 -11.67
C LYS D 502 54.92 31.65 -10.44
N THR D 503 54.49 30.47 -10.03
CA THR D 503 53.67 30.30 -8.84
C THR D 503 54.35 29.32 -7.92
N SER D 504 54.33 29.60 -6.61
CA SER D 504 55.02 28.77 -5.65
C SER D 504 54.22 28.68 -4.36
N ASN D 505 54.26 27.50 -3.75
CA ASN D 505 53.59 27.25 -2.49
C ASN D 505 54.51 26.44 -1.59
N ILE D 506 54.56 26.80 -0.31
CA ILE D 506 55.30 26.06 0.71
C ILE D 506 54.45 26.01 1.96
N SER D 507 54.43 24.86 2.62
CA SER D 507 53.63 24.79 3.85
C SER D 507 54.15 23.70 4.77
N ASN D 508 54.18 23.99 6.06
CA ASN D 508 54.51 23.03 7.10
C ASN D 508 53.39 22.99 8.13
N ILE D 509 53.02 21.78 8.54
CA ILE D 509 51.97 21.57 9.52
C ILE D 509 52.47 20.55 10.53
N VAL D 510 52.26 20.81 11.81
CA VAL D 510 52.62 19.88 12.88
C VAL D 510 51.45 19.82 13.84
N ARG D 511 51.04 18.61 14.19
CA ARG D 511 50.00 18.42 15.19
C ARG D 511 50.42 17.30 16.13
N VAL D 512 50.24 17.53 17.43
CA VAL D 512 50.78 16.64 18.45
C VAL D 512 49.73 16.43 19.54
N PHE D 513 49.56 15.18 19.97
CA PHE D 513 48.73 14.82 21.11
C PHE D 513 49.65 14.22 22.16
N LEU D 514 49.88 14.97 23.24
CA LEU D 514 50.60 14.49 24.41
C LEU D 514 49.65 14.33 25.58
N ILE D 515 50.07 13.51 26.54
CA ILE D 515 49.33 13.33 27.79
C ILE D 515 50.29 13.53 28.94
N GLN D 516 49.78 14.13 30.01
CA GLN D 516 50.49 14.06 31.28
C GLN D 516 49.48 13.83 32.39
N PRO D 517 49.59 12.71 33.07
CA PRO D 517 48.71 12.46 34.21
C PRO D 517 49.38 12.81 35.52
N ARG D 518 48.60 12.89 36.59
CA ARG D 518 49.18 13.08 37.91
C ARG D 518 48.21 12.61 38.96
N GLU D 519 48.74 12.06 40.04
CA GLU D 519 47.92 11.65 41.17
C GLU D 519 47.54 12.87 41.99
N ILE D 520 46.32 12.89 42.50
CA ILE D 520 45.83 14.02 43.27
C ILE D 520 46.16 13.81 44.73
N LYS D 521 46.89 14.75 45.31
CA LYS D 521 47.29 14.70 46.71
C LYS D 521 46.55 15.79 47.48
N GLU D 522 46.81 15.83 48.80
CA GLU D 522 46.12 16.78 49.65
C GLU D 522 46.44 18.23 49.29
N SER D 523 47.53 18.47 48.58
CA SER D 523 47.88 19.82 48.17
C SER D 523 47.20 20.22 46.87
N SER D 524 46.44 19.32 46.24
CA SER D 524 45.79 19.63 44.99
C SER D 524 44.37 20.15 45.17
N TYR D 525 43.85 20.18 46.38
CA TYR D 525 42.56 20.78 46.63
C TYR D 525 42.70 22.28 46.85
N TYR D 526 41.58 22.97 46.77
CA TYR D 526 41.52 24.42 47.03
C TYR D 526 40.94 24.66 48.41
N ASN D 527 41.63 25.47 49.21
CA ASN D 527 41.12 25.84 50.51
C ASN D 527 39.99 26.83 50.34
N THR D 528 38.81 26.48 50.84
CA THR D 528 37.65 27.35 50.78
C THR D 528 37.21 27.81 52.16
N ALA D 529 36.93 26.88 53.06
CA ALA D 529 36.66 27.14 54.47
C ALA D 529 35.45 28.06 54.69
N GLU D 530 34.71 28.38 53.63
CA GLU D 530 33.54 29.22 53.74
C GLU D 530 32.46 28.68 52.83
N TYR D 531 31.30 29.32 52.85
CA TYR D 531 30.18 28.86 52.03
C TYR D 531 29.26 30.04 51.77
N LYS D 532 29.37 30.63 50.59
CA LYS D 532 28.49 31.73 50.22
C LYS D 532 27.07 31.21 50.10
N SER D 533 26.22 31.60 51.04
CA SER D 533 24.80 31.28 50.90
C SER D 533 24.23 32.01 49.71
N LEU D 534 23.30 31.35 49.00
CA LEU D 534 22.68 31.95 47.83
C LEU D 534 21.96 33.24 48.21
N ILE D 535 21.18 33.19 49.29
CA ILE D 535 20.30 34.28 49.67
C ILE D 535 20.53 34.60 51.14
N SER D 536 20.25 35.84 51.51
CA SER D 536 20.58 36.30 52.85
C SER D 536 19.45 35.97 53.82
N GLU D 537 19.84 35.75 55.08
CA GLU D 537 18.86 35.50 56.12
C GLU D 537 17.92 36.68 56.30
N ARG D 538 18.45 37.89 56.25
CA ARG D 538 17.60 39.08 56.35
C ARG D 538 16.63 39.14 55.20
N GLU D 539 17.09 38.82 53.99
CA GLU D 539 16.19 38.81 52.84
C GLU D 539 15.07 37.79 53.01
N ILE D 540 15.41 36.59 53.48
CA ILE D 540 14.38 35.58 53.68
C ILE D 540 13.39 36.01 54.74
N GLN D 541 13.87 36.56 55.85
CA GLN D 541 12.95 37.02 56.88
C GLN D 541 12.05 38.11 56.34
N LYS D 542 12.60 39.03 55.55
CA LYS D 542 11.79 40.09 54.98
C LYS D 542 10.73 39.54 54.04
N THR D 543 11.06 38.51 53.27
CA THR D 543 10.12 38.04 52.27
C THR D 543 9.12 37.01 52.77
N THR D 544 9.38 36.37 53.91
CA THR D 544 8.41 35.38 54.40
C THR D 544 8.06 35.57 55.87
N GLN D 545 8.34 36.73 56.44
CA GLN D 545 7.87 37.04 57.78
C GLN D 545 6.46 37.59 57.69
N ILE D 546 5.70 37.42 58.78
CA ILE D 546 4.39 38.05 58.84
C ILE D 546 4.58 39.55 58.79
N ILE D 547 3.71 40.23 58.03
CA ILE D 547 3.86 41.67 57.88
C ILE D 547 3.67 42.34 59.24
N PRO D 548 4.58 43.23 59.68
CA PRO D 548 4.53 43.89 60.97
C PRO D 548 3.22 44.64 61.22
N LYS E 180 42.89 -26.55 54.06
CA LYS E 180 42.11 -27.39 53.16
C LYS E 180 41.53 -26.57 52.01
N VAL E 181 41.01 -25.38 52.33
CA VAL E 181 40.53 -24.44 51.32
C VAL E 181 41.17 -23.09 51.58
N ASN E 182 41.34 -22.31 50.51
CA ASN E 182 41.91 -20.98 50.64
C ASN E 182 41.13 -20.02 49.77
N PHE E 183 40.75 -18.89 50.36
CA PHE E 183 40.18 -17.75 49.64
C PHE E 183 41.22 -16.64 49.62
N GLY E 184 41.49 -16.10 48.45
CA GLY E 184 42.59 -15.16 48.29
C GLY E 184 42.24 -14.03 47.36
N VAL E 185 42.99 -12.94 47.52
CA VAL E 185 42.88 -11.75 46.69
C VAL E 185 44.21 -11.51 46.00
N ILE E 186 44.17 -11.34 44.68
CA ILE E 186 45.37 -11.13 43.88
C ILE E 186 45.24 -9.79 43.17
N LYS E 187 46.27 -8.97 43.27
CA LYS E 187 46.24 -7.60 42.77
C LYS E 187 47.05 -7.53 41.49
N LEU E 188 46.37 -7.53 40.35
CA LEU E 188 47.04 -7.36 39.07
C LEU E 188 47.58 -5.94 38.94
N LYS E 189 48.73 -5.81 38.29
CA LYS E 189 49.37 -4.52 38.11
C LYS E 189 49.48 -4.09 36.66
N ASN E 190 50.02 -4.95 35.79
CA ASN E 190 50.42 -4.53 34.46
C ASN E 190 49.36 -4.77 33.40
N THR E 191 48.20 -5.31 33.76
CA THR E 191 47.17 -5.63 32.78
C THR E 191 45.79 -5.33 33.34
N PHE E 192 44.84 -5.15 32.43
CA PHE E 192 43.44 -5.09 32.81
C PHE E 192 42.88 -6.49 32.98
N VAL E 193 41.80 -6.60 33.76
CA VAL E 193 41.22 -7.88 34.10
C VAL E 193 40.07 -8.25 33.19
N SER E 194 39.18 -7.30 32.90
CA SER E 194 38.04 -7.59 32.04
C SER E 194 38.48 -7.75 30.60
N ASP E 195 37.83 -8.66 29.89
CA ASP E 195 38.09 -8.85 28.47
C ASP E 195 37.74 -7.57 27.70
N ARG E 196 38.56 -7.24 26.71
CA ARG E 196 38.38 -6.00 25.98
C ARG E 196 38.14 -6.28 24.50
N THR E 197 37.47 -5.36 23.83
CA THR E 197 37.12 -5.50 22.43
C THR E 197 37.66 -4.32 21.64
N TYR E 198 38.23 -4.60 20.46
CA TYR E 198 38.81 -3.59 19.59
C TYR E 198 38.29 -3.76 18.18
N ASN E 199 38.00 -2.65 17.53
CA ASN E 199 37.48 -2.64 16.17
C ASN E 199 38.61 -2.43 15.19
N MET E 200 38.63 -3.22 14.13
CA MET E 200 39.64 -3.12 13.08
C MET E 200 38.99 -2.90 11.72
N ARG E 201 37.88 -2.16 11.71
CA ARG E 201 37.17 -1.82 10.48
C ARG E 201 36.78 -3.07 9.71
N GLY E 202 36.26 -4.06 10.43
CA GLY E 202 35.79 -5.28 9.81
C GLY E 202 36.18 -6.54 10.55
N GLU E 203 37.36 -6.54 11.17
CA GLU E 203 37.88 -7.69 11.89
C GLU E 203 37.91 -7.35 13.38
N ASP E 204 36.79 -7.58 14.05
CA ASP E 204 36.69 -7.31 15.47
C ASP E 204 37.56 -8.28 16.26
N ILE E 205 38.28 -7.76 17.25
CA ILE E 205 39.24 -8.53 18.02
C ILE E 205 38.83 -8.49 19.49
N VAL E 206 38.75 -9.66 20.11
CA VAL E 206 38.45 -9.76 21.53
C VAL E 206 39.68 -10.31 22.25
N ILE E 207 40.24 -9.51 23.15
CA ILE E 207 41.37 -9.92 23.97
C ILE E 207 40.80 -10.40 25.31
N PRO E 208 40.93 -11.67 25.65
CA PRO E 208 40.34 -12.17 26.90
C PRO E 208 41.15 -11.74 28.12
N GLY E 209 40.47 -11.78 29.26
CA GLY E 209 41.11 -11.42 30.50
C GLY E 209 41.80 -12.60 31.17
N VAL E 210 42.73 -12.26 32.07
CA VAL E 210 43.50 -13.28 32.76
C VAL E 210 42.58 -14.21 33.53
N ALA E 211 41.55 -13.65 34.17
CA ALA E 211 40.60 -14.47 34.93
C ALA E 211 39.94 -15.51 34.03
N THR E 212 39.39 -15.07 32.91
CA THR E 212 38.70 -15.99 32.01
C THR E 212 39.65 -17.05 31.49
N VAL E 213 40.85 -16.63 31.07
CA VAL E 213 41.79 -17.58 30.48
C VAL E 213 42.22 -18.63 31.49
N VAL E 214 42.58 -18.20 32.70
CA VAL E 214 43.06 -19.14 33.71
C VAL E 214 41.94 -20.07 34.14
N GLU E 215 40.74 -19.54 34.36
CA GLU E 215 39.62 -20.39 34.77
C GLU E 215 39.31 -21.43 33.70
N ARG E 216 39.33 -21.03 32.44
CA ARG E 216 39.11 -22.00 31.37
C ARG E 216 40.26 -22.99 31.27
N LEU E 217 41.46 -22.58 31.69
CA LEU E 217 42.58 -23.52 31.71
C LEU E 217 42.37 -24.61 32.74
N LEU E 218 42.01 -24.23 33.97
CA LEU E 218 41.78 -25.22 35.03
C LEU E 218 40.39 -25.82 34.87
N ASN E 219 40.26 -26.73 33.90
CA ASN E 219 38.96 -27.25 33.52
C ASN E 219 39.10 -28.65 32.94
N ASN E 220 38.27 -29.56 33.43
CA ASN E 220 38.12 -30.92 32.89
C ASN E 220 39.45 -31.68 32.87
N GLY E 221 39.99 -31.87 34.08
CA GLY E 221 41.20 -32.66 34.24
C GLY E 221 41.13 -33.55 35.47
N LYS E 222 41.35 -34.85 35.28
CA LYS E 222 41.23 -35.82 36.37
C LYS E 222 42.61 -36.40 36.66
N ALA E 223 43.36 -35.72 37.52
CA ALA E 223 44.67 -36.17 37.98
C ALA E 223 45.15 -35.22 39.07
N LEU E 224 46.33 -35.51 39.60
CA LEU E 224 46.99 -34.64 40.58
C LEU E 224 48.48 -34.63 40.22
N SER E 225 49.31 -34.17 41.15
CA SER E 225 50.76 -34.18 41.00
C SER E 225 51.18 -33.37 39.77
N ASN E 226 50.96 -32.06 39.88
CA ASN E 226 51.23 -31.12 38.80
C ASN E 226 52.58 -30.43 38.99
N ARG E 227 53.04 -29.83 37.89
CA ARG E 227 54.27 -29.03 37.89
C ARG E 227 54.10 -27.90 36.88
N GLN E 228 55.14 -27.08 36.76
CA GLN E 228 55.08 -25.86 35.97
C GLN E 228 56.21 -25.85 34.94
N ALA E 229 55.88 -25.36 33.74
CA ALA E 229 56.80 -25.34 32.62
C ALA E 229 56.88 -23.93 32.05
N GLN E 230 58.11 -23.40 31.97
CA GLN E 230 58.34 -22.10 31.36
C GLN E 230 58.35 -22.20 29.84
N LEU E 261 42.71 -32.65 43.33
CA LEU E 261 42.38 -31.44 42.60
C LEU E 261 40.89 -31.38 42.25
N GLU E 262 40.35 -30.17 42.21
CA GLU E 262 38.95 -29.95 41.93
C GLU E 262 38.81 -28.61 41.21
N ASP E 263 37.61 -28.06 41.21
CA ASP E 263 37.32 -26.82 40.49
C ASP E 263 37.63 -25.61 41.35
N VAL E 264 38.47 -24.72 40.83
CA VAL E 264 38.78 -23.45 41.49
C VAL E 264 37.72 -22.44 41.12
N SER E 265 37.49 -21.48 42.01
CA SER E 265 36.58 -20.37 41.76
C SER E 265 37.43 -19.13 41.56
N LEU E 266 37.42 -18.60 40.34
CA LEU E 266 38.28 -17.47 39.98
C LEU E 266 37.42 -16.42 39.32
N ILE E 267 37.23 -15.28 39.99
CA ILE E 267 36.39 -14.22 39.46
C ILE E 267 37.17 -12.91 39.45
N ALA E 268 36.69 -12.00 38.62
CA ALA E 268 37.36 -10.72 38.37
C ALA E 268 36.57 -9.60 39.02
N TYR E 269 37.27 -8.73 39.75
CA TYR E 269 36.66 -7.56 40.39
C TYR E 269 37.41 -6.35 39.87
N PRO E 270 36.98 -5.80 38.73
CA PRO E 270 37.74 -4.71 38.11
C PRO E 270 37.61 -3.38 38.83
N GLU E 271 36.71 -3.25 39.79
CA GLU E 271 36.56 -1.98 40.50
C GLU E 271 37.86 -1.58 41.18
N THR E 272 38.58 -2.56 41.73
CA THR E 272 39.94 -2.35 42.20
C THR E 272 40.94 -3.14 41.37
N ASN E 273 40.52 -3.66 40.22
CA ASN E 273 41.38 -4.41 39.30
C ASN E 273 42.08 -5.55 40.02
N SER E 274 41.26 -6.46 40.56
CA SER E 274 41.79 -7.57 41.34
C SER E 274 41.08 -8.85 40.93
N ILE E 275 41.56 -9.96 41.47
CA ILE E 275 41.03 -11.27 41.19
C ILE E 275 40.79 -11.98 42.51
N LEU E 276 39.60 -12.56 42.67
CA LEU E 276 39.24 -13.33 43.85
C LEU E 276 39.33 -14.81 43.52
N VAL E 277 40.12 -15.55 44.30
CA VAL E 277 40.41 -16.94 44.02
C VAL E 277 39.97 -17.80 45.19
N LYS E 278 39.58 -19.03 44.88
CA LYS E 278 39.17 -20.02 45.86
C LYS E 278 39.67 -21.38 45.39
N GLY E 279 40.48 -22.03 46.23
CA GLY E 279 40.98 -23.34 45.85
C GLY E 279 41.95 -23.90 46.87
N ASN E 280 42.55 -25.02 46.51
CA ASN E 280 43.51 -25.70 47.36
C ASN E 280 44.86 -24.98 47.33
N ASP E 281 45.75 -25.40 48.22
CA ASP E 281 47.05 -24.74 48.33
C ASP E 281 47.87 -24.94 47.05
N GLN E 282 47.89 -26.16 46.51
CA GLN E 282 48.61 -26.38 45.26
C GLN E 282 48.02 -25.55 44.12
N GLN E 283 46.70 -25.49 44.05
CA GLN E 283 46.05 -24.72 42.99
C GLN E 283 46.39 -23.24 43.10
N ILE E 284 46.32 -22.67 44.30
CA ILE E 284 46.65 -21.26 44.43
C ILE E 284 48.12 -21.02 44.16
N GLN E 285 48.99 -21.96 44.52
CA GLN E 285 50.40 -21.79 44.22
C GLN E 285 50.64 -21.74 42.72
N ILE E 286 50.04 -22.66 41.97
CA ILE E 286 50.24 -22.63 40.53
C ILE E 286 49.59 -21.40 39.92
N ILE E 287 48.48 -20.93 40.49
CA ILE E 287 47.86 -19.71 39.97
C ILE E 287 48.77 -18.52 40.15
N ARG E 288 49.36 -18.38 41.34
CA ARG E 288 50.27 -17.27 41.59
C ARG E 288 51.46 -17.34 40.64
N ASP E 289 52.03 -18.53 40.48
CA ASP E 289 53.18 -18.66 39.58
C ASP E 289 52.81 -18.32 38.14
N ILE E 290 51.68 -18.83 37.66
CA ILE E 290 51.33 -18.63 36.27
C ILE E 290 50.98 -17.17 36.00
N ILE E 291 50.30 -16.51 36.94
CA ILE E 291 49.98 -15.10 36.76
C ILE E 291 51.26 -14.27 36.76
N THR E 292 52.17 -14.53 37.70
CA THR E 292 53.42 -13.79 37.74
C THR E 292 54.20 -13.97 36.46
N GLN E 293 54.24 -15.20 35.93
CA GLN E 293 54.88 -15.43 34.64
C GLN E 293 54.07 -14.83 33.49
N LEU E 294 52.81 -14.50 33.73
CA LEU E 294 51.93 -14.04 32.65
C LEU E 294 52.00 -12.54 32.41
N ASP E 295 51.91 -11.72 33.45
CA ASP E 295 51.89 -10.27 33.25
C ASP E 295 53.19 -9.65 33.73
N VAL E 296 53.94 -9.03 32.82
CA VAL E 296 55.19 -8.40 33.25
C VAL E 296 55.30 -6.92 32.89
N ALA E 297 55.39 -6.61 31.59
CA ALA E 297 55.80 -5.23 31.33
C ALA E 297 54.98 -4.50 30.27
N LYS E 298 54.62 -5.16 29.17
CA LYS E 298 53.87 -4.54 28.08
C LYS E 298 54.63 -3.33 27.51
N ARG E 299 55.72 -3.64 26.80
CA ARG E 299 56.56 -2.61 26.23
C ARG E 299 55.82 -1.80 25.17
N HIS E 300 56.37 -0.62 24.88
CA HIS E 300 55.74 0.37 24.01
C HIS E 300 56.44 0.44 22.67
N ILE E 301 55.65 0.40 21.60
CA ILE E 301 56.15 0.54 20.24
C ILE E 301 55.53 1.79 19.63
N GLU E 302 56.38 2.63 19.03
CA GLU E 302 55.92 3.82 18.33
C GLU E 302 56.27 3.68 16.86
N LEU E 303 55.28 3.83 16.00
CA LEU E 303 55.43 3.63 14.57
C LEU E 303 55.31 4.96 13.85
N SER E 304 56.27 5.24 12.96
CA SER E 304 56.24 6.42 12.11
C SER E 304 56.08 5.96 10.66
N LEU E 305 55.04 6.43 10.01
CA LEU E 305 54.70 5.99 8.66
C LEU E 305 54.97 7.12 7.69
N TRP E 306 56.05 7.01 6.91
CA TRP E 306 56.41 8.04 5.96
C TRP E 306 55.69 7.81 4.64
N ILE E 307 55.01 8.84 4.14
CA ILE E 307 54.37 8.81 2.85
C ILE E 307 54.99 9.91 2.01
N ILE E 308 55.57 9.55 0.88
CA ILE E 308 56.34 10.49 0.07
C ILE E 308 55.76 10.51 -1.33
N ASP E 309 55.55 11.71 -1.86
CA ASP E 309 55.11 11.88 -3.24
C ASP E 309 56.03 12.88 -3.92
N ILE E 310 56.45 12.55 -5.13
CA ILE E 310 57.24 13.44 -5.98
C ILE E 310 56.65 13.42 -7.37
N ASP E 311 56.35 14.59 -7.91
CA ASP E 311 55.76 14.70 -9.23
C ASP E 311 56.48 15.74 -10.04
N LYS E 312 56.75 15.41 -11.31
CA LYS E 312 57.26 16.36 -12.27
C LYS E 312 56.43 16.23 -13.54
N SER E 313 56.16 17.36 -14.19
CA SER E 313 55.36 17.34 -15.40
C SER E 313 55.78 18.47 -16.31
N GLU E 314 55.68 18.25 -17.61
CA GLU E 314 55.99 19.27 -18.59
C GLU E 314 55.08 19.09 -19.78
N LEU E 315 54.31 20.13 -20.10
CA LEU E 315 53.36 20.09 -21.20
C LEU E 315 53.63 21.28 -22.10
N ASN E 316 53.86 21.04 -23.38
CA ASN E 316 54.14 22.16 -24.25
C ASN E 316 53.55 21.93 -25.63
N ASN E 317 53.00 22.98 -26.22
CA ASN E 317 52.38 22.88 -27.52
C ASN E 317 52.60 24.16 -28.31
N LEU E 318 52.94 23.99 -29.59
CA LEU E 318 53.10 25.14 -30.46
C LEU E 318 52.74 24.76 -31.88
N GLY E 319 52.14 25.69 -32.59
CA GLY E 319 51.78 25.46 -33.97
C GLY E 319 50.58 26.30 -34.36
N VAL E 320 50.03 25.99 -35.52
CA VAL E 320 48.94 26.76 -36.11
C VAL E 320 47.88 25.81 -36.66
N ASN E 321 46.62 26.16 -36.46
CA ASN E 321 45.49 25.48 -37.09
C ASN E 321 44.81 26.44 -38.06
N TRP E 322 44.43 25.92 -39.22
CA TRP E 322 43.89 26.75 -40.29
C TRP E 322 42.49 26.29 -40.67
N GLN E 323 41.64 27.26 -41.04
CA GLN E 323 40.37 26.99 -41.66
C GLN E 323 40.13 28.02 -42.75
N GLY E 324 39.40 27.63 -43.80
CA GLY E 324 39.26 28.52 -44.94
C GLY E 324 37.95 28.41 -45.66
N THR E 325 37.63 29.50 -46.38
CA THR E 325 36.46 29.56 -47.24
C THR E 325 36.82 30.39 -48.46
N ALA E 326 36.18 30.10 -49.59
CA ALA E 326 36.47 30.84 -50.80
C ALA E 326 35.24 30.79 -51.72
N SER E 327 35.12 31.81 -52.56
CA SER E 327 34.01 31.89 -53.50
C SER E 327 34.52 32.41 -54.83
N PHE E 328 33.82 32.04 -55.91
CA PHE E 328 34.15 32.48 -57.25
C PHE E 328 32.86 32.71 -58.01
N GLY E 329 32.67 33.95 -58.45
CA GLY E 329 31.40 34.37 -58.98
C GLY E 329 30.31 34.16 -57.95
N ASP E 330 29.11 33.88 -58.44
CA ASP E 330 28.03 33.39 -57.60
C ASP E 330 27.77 31.91 -57.88
N SER E 331 28.79 31.22 -58.37
CA SER E 331 28.66 29.86 -58.86
C SER E 331 29.49 28.85 -58.08
N PHE E 332 30.75 29.13 -57.79
CA PHE E 332 31.65 28.14 -57.23
C PHE E 332 31.92 28.47 -55.76
N GLY E 333 31.53 27.59 -54.86
CA GLY E 333 31.84 27.73 -53.45
C GLY E 333 32.84 26.67 -53.01
N ALA E 334 33.73 27.04 -52.10
CA ALA E 334 34.73 26.09 -51.63
C ALA E 334 34.96 26.28 -50.14
N SER E 335 35.01 25.17 -49.40
CA SER E 335 35.25 25.20 -47.97
C SER E 335 36.45 24.32 -47.65
N PHE E 336 37.48 24.91 -47.06
CA PHE E 336 38.74 24.22 -46.80
C PHE E 336 38.82 23.86 -45.33
N ASN E 337 38.85 22.56 -45.04
CA ASN E 337 38.99 22.04 -43.68
C ASN E 337 37.85 22.52 -42.78
N MET E 338 36.63 22.25 -43.21
CA MET E 338 35.44 22.60 -42.44
C MET E 338 34.51 21.40 -42.37
N SER E 339 33.83 21.27 -41.23
CA SER E 339 32.89 20.17 -41.07
C SER E 339 31.70 20.30 -42.00
N SER E 340 31.08 21.48 -42.03
CA SER E 340 29.95 21.74 -42.91
C SER E 340 29.77 23.25 -43.04
N SER E 341 29.03 23.65 -44.07
CA SER E 341 28.79 25.06 -44.34
C SER E 341 27.79 25.65 -43.35
N ASN E 350 34.67 35.19 -44.57
CA ASN E 350 34.68 34.87 -45.99
C ASN E 350 36.01 34.27 -46.40
N LYS E 351 37.04 34.47 -45.59
CA LYS E 351 38.38 34.04 -45.94
C LYS E 351 39.04 33.46 -44.68
N PHE E 352 40.36 33.29 -44.74
CA PHE E 352 41.04 32.31 -43.92
C PHE E 352 41.24 32.78 -42.49
N ILE E 353 41.17 31.83 -41.56
CA ILE E 353 41.39 32.07 -40.14
C ILE E 353 42.43 31.08 -39.64
N ALA E 354 43.30 31.55 -38.74
CA ALA E 354 44.37 30.75 -38.18
C ALA E 354 44.45 30.96 -36.68
N SER E 355 44.45 29.85 -35.95
CA SER E 355 44.65 29.87 -34.51
C SER E 355 46.09 29.47 -34.22
N VAL E 356 46.86 30.39 -33.65
CA VAL E 356 48.25 30.14 -33.31
C VAL E 356 48.34 29.88 -31.82
N MET E 357 48.95 28.76 -31.47
CA MET E 357 49.16 28.35 -30.09
C MET E 357 50.65 28.26 -29.84
N ALA E 358 51.10 28.76 -28.70
CA ALA E 358 52.50 28.64 -28.31
C ALA E 358 52.54 28.75 -26.80
N LEU E 359 52.89 27.67 -26.13
CA LEU E 359 52.87 27.67 -24.67
C LEU E 359 53.67 26.50 -24.15
N ASN E 360 54.24 26.68 -22.96
CA ASN E 360 55.02 25.64 -22.32
C ASN E 360 54.91 25.80 -20.81
N GLN E 361 54.41 24.78 -20.13
CA GLN E 361 54.27 24.86 -18.68
C GLN E 361 54.90 23.66 -18.01
N LYS E 362 55.73 23.93 -17.02
CA LYS E 362 56.35 22.91 -16.18
C LYS E 362 55.75 22.98 -14.79
N LYS E 363 55.74 21.84 -14.11
CA LYS E 363 55.14 21.77 -12.80
C LYS E 363 55.91 20.75 -11.96
N LYS E 364 56.08 21.05 -10.68
CA LYS E 364 56.79 20.15 -9.79
C LYS E 364 56.18 20.20 -8.41
N ALA E 365 56.12 19.06 -7.74
CA ALA E 365 55.50 19.02 -6.41
C ALA E 365 56.15 17.93 -5.57
N ASN E 366 56.41 18.26 -4.30
CA ASN E 366 56.89 17.30 -3.32
C ASN E 366 56.01 17.35 -2.09
N VAL E 367 55.52 16.20 -1.66
CA VAL E 367 54.65 16.10 -0.50
C VAL E 367 55.20 15.05 0.43
N VAL E 368 55.37 15.38 1.70
CA VAL E 368 55.86 14.43 2.70
C VAL E 368 54.91 14.45 3.87
N SER E 369 54.22 13.34 4.10
CA SER E 369 53.32 13.23 5.23
C SER E 369 53.86 12.17 6.19
N ARG E 370 53.62 12.36 7.47
CA ARG E 370 54.12 11.42 8.48
C ARG E 370 53.13 11.34 9.62
N PRO E 371 52.30 10.31 9.65
CA PRO E 371 51.61 9.96 10.89
C PRO E 371 52.54 9.21 11.82
N VAL E 372 52.29 9.39 13.12
CA VAL E 372 53.11 8.77 14.16
C VAL E 372 52.19 8.37 15.29
N ILE E 373 52.19 7.09 15.65
CA ILE E 373 51.28 6.61 16.69
C ILE E 373 52.02 5.68 17.63
N LEU E 374 51.72 5.79 18.92
CA LEU E 374 52.35 4.97 19.95
C LEU E 374 51.31 4.01 20.53
N THR E 375 51.75 2.81 20.89
CA THR E 375 50.86 1.84 21.51
C THR E 375 51.69 0.83 22.28
N GLN E 376 51.01 -0.13 22.90
CA GLN E 376 51.65 -1.22 23.59
C GLN E 376 51.66 -2.45 22.69
N GLU E 377 52.69 -3.28 22.85
CA GLU E 377 52.83 -4.44 21.98
C GLU E 377 51.63 -5.35 22.08
N ASN E 378 51.22 -5.90 20.93
CA ASN E 378 50.14 -6.87 20.78
C ASN E 378 48.75 -6.29 20.97
N ILE E 379 48.62 -4.98 21.09
CA ILE E 379 47.32 -4.34 21.29
C ILE E 379 47.04 -3.41 20.12
N PRO E 380 45.92 -3.57 19.42
CA PRO E 380 45.69 -2.78 18.22
C PRO E 380 45.60 -1.29 18.51
N ALA E 381 46.05 -0.49 17.56
CA ALA E 381 46.01 0.96 17.68
C ALA E 381 45.37 1.53 16.43
N ILE E 382 44.61 2.61 16.61
CA ILE E 382 43.87 3.23 15.52
C ILE E 382 44.22 4.71 15.47
N PHE E 383 44.51 5.22 14.28
CA PHE E 383 44.78 6.64 14.11
C PHE E 383 44.21 7.08 12.78
N ASP E 384 43.24 7.99 12.80
CA ASP E 384 42.75 8.55 11.55
C ASP E 384 42.67 10.06 11.68
N ASN E 385 42.80 10.73 10.55
CA ASN E 385 42.93 12.18 10.55
C ASN E 385 42.54 12.67 9.17
N ASN E 386 42.00 13.89 9.12
CA ASN E 386 41.79 14.52 7.83
C ASN E 386 41.74 16.03 7.99
N ARG E 387 42.48 16.72 7.15
CA ARG E 387 42.52 18.17 7.11
C ARG E 387 42.00 18.64 5.76
N THR E 388 41.74 19.94 5.68
CA THR E 388 41.36 20.57 4.43
C THR E 388 42.38 21.66 4.12
N PHE E 389 42.95 21.61 2.93
CA PHE E 389 43.94 22.59 2.49
C PHE E 389 43.27 23.59 1.58
N TYR E 390 43.39 24.87 1.92
CA TYR E 390 42.80 25.96 1.17
C TYR E 390 43.88 26.73 0.43
N VAL E 391 43.51 27.25 -0.74
CA VAL E 391 44.31 28.26 -1.43
C VAL E 391 43.38 29.36 -1.87
N SER E 392 43.75 30.59 -1.56
CA SER E 392 42.95 31.75 -1.92
C SER E 392 43.28 32.19 -3.33
N LEU E 393 42.24 32.40 -4.13
CA LEU E 393 42.43 32.88 -5.48
C LEU E 393 43.04 34.28 -5.46
N VAL E 394 43.50 34.72 -6.63
CA VAL E 394 44.09 36.05 -6.74
C VAL E 394 43.02 37.13 -6.53
N GLY E 395 41.84 36.93 -7.08
CA GLY E 395 40.77 37.92 -6.95
C GLY E 395 39.40 37.36 -7.28
N LEU E 401 39.03 30.47 -3.98
CA LEU E 401 39.21 29.70 -2.75
C LEU E 401 38.97 28.23 -3.04
N GLU E 402 40.03 27.50 -3.37
CA GLU E 402 39.90 26.09 -3.71
C GLU E 402 40.51 25.23 -2.61
N HIS E 403 39.85 24.13 -2.30
CA HIS E 403 40.22 23.32 -1.16
C HIS E 403 40.31 21.85 -1.56
N VAL E 404 41.21 21.13 -0.90
CA VAL E 404 41.40 19.70 -1.10
C VAL E 404 41.42 19.04 0.28
N THR E 405 40.64 17.97 0.44
CA THR E 405 40.52 17.29 1.72
C THR E 405 41.48 16.10 1.74
N TYR E 406 42.52 16.20 2.55
CA TYR E 406 43.53 15.16 2.66
C TYR E 406 43.27 14.36 3.92
N GLY E 407 43.06 13.06 3.77
CA GLY E 407 42.76 12.21 4.89
C GLY E 407 43.57 10.94 4.86
N THR E 408 43.95 10.49 6.06
CA THR E 408 44.67 9.24 6.26
C THR E 408 44.00 8.45 7.37
N LEU E 409 44.20 7.14 7.32
CA LEU E 409 43.61 6.23 8.31
C LEU E 409 44.50 5.01 8.38
N ILE E 410 45.14 4.80 9.53
CA ILE E 410 46.05 3.69 9.73
C ILE E 410 45.64 2.94 10.98
N ASN E 411 45.43 1.64 10.84
CA ASN E 411 45.21 0.79 12.01
C ASN E 411 46.22 -0.34 11.98
N VAL E 412 46.86 -0.57 13.12
CA VAL E 412 48.07 -1.36 13.17
C VAL E 412 48.03 -2.27 14.39
N ILE E 413 48.61 -3.45 14.24
CA ILE E 413 48.86 -4.35 15.36
C ILE E 413 50.36 -4.64 15.40
N PRO E 414 51.08 -4.05 16.35
CA PRO E 414 52.52 -4.29 16.45
C PRO E 414 52.86 -5.36 17.46
N ARG E 415 54.06 -5.92 17.36
CA ARG E 415 54.57 -6.86 18.37
C ARG E 415 56.05 -7.07 18.09
N PHE E 416 56.71 -7.78 18.98
CA PHE E 416 58.14 -8.00 18.88
C PHE E 416 58.45 -9.39 18.33
N SER E 417 59.72 -9.59 18.00
CA SER E 417 60.19 -10.85 17.46
C SER E 417 61.69 -10.92 17.66
N SER E 418 62.23 -12.11 17.38
CA SER E 418 63.62 -12.47 17.67
C SER E 418 64.57 -11.35 17.29
N ARG E 419 65.58 -11.15 18.14
CA ARG E 419 66.59 -10.11 17.98
C ARG E 419 65.98 -8.72 18.05
N GLY E 420 64.86 -8.60 18.75
CA GLY E 420 64.26 -7.29 18.92
C GLY E 420 63.68 -6.69 17.66
N GLN E 421 63.34 -7.49 16.67
CA GLN E 421 62.69 -6.97 15.48
C GLN E 421 61.24 -6.65 15.78
N ILE E 422 60.67 -5.71 15.03
CA ILE E 422 59.30 -5.27 15.25
C ILE E 422 58.46 -5.74 14.07
N GLU E 423 57.48 -6.58 14.34
CA GLU E 423 56.56 -7.05 13.31
C GLU E 423 55.25 -6.31 13.45
N MET E 424 54.60 -6.01 12.32
CA MET E 424 53.39 -5.22 12.33
C MET E 424 52.44 -5.70 11.26
N SER E 425 51.16 -5.79 11.63
CA SER E 425 50.08 -5.96 10.67
C SER E 425 49.48 -4.59 10.41
N LEU E 426 49.45 -4.18 9.14
CA LEU E 426 49.13 -2.81 8.77
C LEU E 426 47.94 -2.78 7.83
N THR E 427 46.99 -1.88 8.11
CA THR E 427 46.02 -1.44 7.13
C THR E 427 46.13 0.07 7.02
N ILE E 428 46.45 0.55 5.81
CA ILE E 428 46.70 1.96 5.59
C ILE E 428 45.82 2.42 4.44
N GLU E 429 45.12 3.52 4.64
CA GLU E 429 44.46 4.24 3.56
C GLU E 429 44.91 5.69 3.65
N ASP E 430 45.10 6.32 2.50
CA ASP E 430 45.47 7.73 2.55
C ASP E 430 45.18 8.38 1.22
N GLY E 431 45.12 9.69 1.24
CA GLY E 431 45.03 10.44 0.01
C GLY E 431 44.00 11.52 0.09
N THR E 432 43.71 12.11 -1.06
CA THR E 432 42.85 13.28 -1.14
C THR E 432 41.51 12.92 -1.77
N GLY E 433 40.67 13.93 -1.90
CA GLY E 433 39.41 13.82 -2.62
C GLY E 433 39.40 14.78 -3.79
N ASN E 434 39.00 14.29 -4.96
CA ASN E 434 39.07 15.07 -6.19
C ASN E 434 38.32 16.38 -6.06
N SER E 435 39.04 17.49 -6.21
CA SER E 435 38.44 18.81 -6.27
C SER E 435 39.15 19.62 -7.34
N GLN E 436 38.58 19.63 -8.53
CA GLN E 436 39.12 20.38 -9.66
C GLN E 436 39.10 21.88 -9.40
N ASN E 443 42.04 27.74 -12.37
CA ASN E 443 43.20 28.61 -12.56
C ASN E 443 44.37 28.18 -11.68
N GLU E 444 45.04 27.11 -12.08
CA GLU E 444 46.24 26.58 -11.42
C GLU E 444 45.97 26.13 -9.99
N ASN E 445 44.70 26.05 -9.58
CA ASN E 445 44.39 25.60 -8.23
C ASN E 445 44.89 24.18 -7.99
N THR E 446 44.56 23.26 -8.89
CA THR E 446 45.10 21.92 -8.80
C THR E 446 46.61 21.92 -8.98
N SER E 447 47.14 22.90 -9.73
CA SER E 447 48.58 22.99 -9.90
C SER E 447 49.28 23.32 -8.60
N VAL E 448 48.60 24.04 -7.70
CA VAL E 448 49.21 24.41 -6.42
C VAL E 448 48.91 23.38 -5.34
N LEU E 449 47.68 22.91 -5.26
CA LEU E 449 47.29 21.99 -4.19
C LEU E 449 47.93 20.62 -4.41
N PRO E 450 48.01 19.80 -3.35
CA PRO E 450 48.69 18.50 -3.47
C PRO E 450 48.10 17.58 -4.53
N GLU E 451 46.85 17.17 -4.37
CA GLU E 451 46.16 16.29 -5.30
C GLU E 451 46.99 15.04 -5.61
N VAL E 452 47.15 14.21 -4.58
CA VAL E 452 48.01 13.04 -4.65
C VAL E 452 47.25 11.75 -4.89
N GLY E 453 45.99 11.82 -5.27
CA GLY E 453 45.24 10.61 -5.51
C GLY E 453 44.88 9.90 -4.22
N ARG E 454 44.51 8.63 -4.34
CA ARG E 454 44.15 7.83 -3.17
C ARG E 454 44.83 6.49 -3.26
N THR E 455 45.25 5.95 -2.11
CA THR E 455 45.98 4.69 -2.09
C THR E 455 45.69 3.94 -0.80
N LYS E 456 45.35 2.67 -0.93
CA LYS E 456 45.14 1.79 0.21
C LYS E 456 46.03 0.57 0.06
N ILE E 457 46.72 0.22 1.13
CA ILE E 457 47.60 -0.95 1.15
C ILE E 457 47.37 -1.71 2.45
N SER E 458 47.17 -3.01 2.33
CA SER E 458 46.97 -3.88 3.48
C SER E 458 47.96 -5.02 3.41
N THR E 459 48.76 -5.18 4.46
CA THR E 459 49.86 -6.13 4.42
C THR E 459 50.38 -6.36 5.85
N ILE E 460 51.51 -7.05 5.95
CA ILE E 460 52.14 -7.36 7.22
C ILE E 460 53.63 -7.54 7.00
N ALA E 461 54.45 -6.89 7.82
CA ALA E 461 55.89 -6.92 7.60
C ALA E 461 56.63 -6.70 8.91
N ARG E 462 57.89 -7.13 8.95
CA ARG E 462 58.71 -6.96 10.13
C ARG E 462 60.00 -6.24 9.77
N VAL E 463 60.46 -5.41 10.69
CA VAL E 463 61.57 -4.49 10.46
C VAL E 463 62.61 -4.69 11.56
N PRO E 464 63.89 -4.80 11.23
CA PRO E 464 64.92 -4.70 12.26
C PRO E 464 64.89 -3.33 12.88
N GLN E 465 65.23 -3.27 14.17
CA GLN E 465 65.21 -2.00 14.86
C GLN E 465 66.41 -1.17 14.45
N GLY E 466 66.15 0.08 14.05
CA GLY E 466 67.18 0.95 13.51
C GLY E 466 67.12 1.15 12.02
N LYS E 467 66.29 0.41 11.31
CA LYS E 467 66.15 0.54 9.87
C LYS E 467 64.67 0.73 9.53
N SER E 468 64.43 1.11 8.28
CA SER E 468 63.08 1.38 7.81
C SER E 468 62.83 0.63 6.51
N LEU E 469 61.57 0.30 6.26
CA LEU E 469 61.21 -0.58 5.18
C LEU E 469 60.23 0.10 4.23
N LEU E 470 60.33 -0.23 2.95
CA LEU E 470 59.47 0.33 1.92
C LEU E 470 58.37 -0.68 1.63
N ILE E 471 57.29 -0.63 2.41
CA ILE E 471 56.26 -1.66 2.27
C ILE E 471 55.51 -1.49 0.96
N GLY E 472 55.23 -0.25 0.55
CA GLY E 472 54.40 -0.06 -0.62
C GLY E 472 54.94 1.04 -1.50
N GLY E 473 54.57 0.98 -2.77
CA GLY E 473 55.01 2.04 -3.64
C GLY E 473 54.41 1.91 -5.02
N TYR E 474 54.58 2.98 -5.79
CA TYR E 474 53.94 3.05 -7.10
C TYR E 474 54.58 4.17 -7.89
N THR E 475 55.13 3.84 -9.05
CA THR E 475 55.70 4.84 -9.93
C THR E 475 54.98 4.81 -11.27
N HIS E 476 55.04 5.94 -11.98
CA HIS E 476 54.27 6.11 -13.19
C HIS E 476 55.00 7.08 -14.10
N GLU E 477 55.09 6.74 -15.38
CA GLU E 477 55.76 7.58 -16.34
C GLU E 477 54.92 7.65 -17.62
N THR E 478 54.70 8.85 -18.10
CA THR E 478 53.88 9.07 -19.28
C THR E 478 54.63 9.95 -20.27
N ASN E 479 54.57 9.56 -21.54
CA ASN E 479 55.17 10.35 -22.61
C ASN E 479 54.20 10.34 -23.78
N SER E 480 53.95 11.50 -24.37
CA SER E 480 52.97 11.57 -25.45
C SER E 480 53.34 12.66 -26.43
N ASN E 481 53.23 12.35 -27.72
CA ASN E 481 53.48 13.31 -28.78
C ASN E 481 52.33 13.27 -29.77
N GLU E 482 52.00 14.43 -30.33
CA GLU E 482 50.96 14.51 -31.35
C GLU E 482 51.36 15.57 -32.36
N ILE E 483 51.23 15.24 -33.64
CA ILE E 483 51.60 16.14 -34.72
C ILE E 483 50.46 16.23 -35.70
N ILE E 484 50.04 17.44 -36.03
CA ILE E 484 49.00 17.68 -37.02
C ILE E 484 49.58 18.55 -38.11
N SER E 485 49.35 18.18 -39.37
CA SER E 485 49.95 18.96 -40.44
C SER E 485 49.12 18.86 -41.71
N ILE E 486 49.12 19.94 -42.47
CA ILE E 486 48.59 19.93 -43.82
C ILE E 486 49.48 19.05 -44.68
N PRO E 487 48.93 18.19 -45.53
CA PRO E 487 49.75 17.16 -46.19
C PRO E 487 50.92 17.69 -47.00
N PHE E 488 50.66 18.52 -48.01
CA PHE E 488 51.71 18.84 -48.98
C PHE E 488 52.52 20.07 -48.59
N LEU E 489 51.87 21.22 -48.47
CA LEU E 489 52.61 22.47 -48.32
C LEU E 489 53.42 22.51 -47.04
N SER E 490 52.93 21.87 -45.97
CA SER E 490 53.69 21.88 -44.72
C SER E 490 55.02 21.19 -44.84
N SER E 491 55.31 20.54 -45.98
CA SER E 491 56.59 19.89 -46.19
C SER E 491 57.60 20.78 -46.90
N ILE E 492 57.21 21.98 -47.33
CA ILE E 492 58.14 22.87 -48.01
C ILE E 492 59.16 23.36 -47.00
N PRO E 493 60.40 23.70 -47.41
CA PRO E 493 61.50 23.82 -46.45
C PRO E 493 61.33 24.90 -45.38
N VAL E 494 61.10 26.14 -45.79
CA VAL E 494 61.24 27.26 -44.86
C VAL E 494 59.93 27.55 -44.15
N ILE E 495 58.90 27.96 -44.89
CA ILE E 495 57.66 28.39 -44.26
C ILE E 495 56.73 27.23 -43.95
N GLY E 496 57.04 26.03 -44.42
CA GLY E 496 56.18 24.89 -44.11
C GLY E 496 56.01 24.67 -42.63
N ASN E 497 57.04 24.97 -41.84
CA ASN E 497 56.96 24.79 -40.40
C ASN E 497 55.93 25.69 -39.75
N VAL E 498 55.26 26.56 -40.51
CA VAL E 498 54.19 27.37 -39.95
C VAL E 498 52.84 26.67 -40.01
N PHE E 499 52.75 25.55 -40.71
CA PHE E 499 51.48 24.84 -40.84
C PHE E 499 51.34 23.67 -39.88
N LYS E 500 52.43 23.22 -39.28
CA LYS E 500 52.35 22.10 -38.36
C LYS E 500 51.68 22.52 -37.05
N TYR E 501 51.52 21.54 -36.17
CA TYR E 501 51.02 21.78 -34.82
C TYR E 501 51.51 20.62 -33.97
N LYS E 502 52.41 20.89 -33.05
CA LYS E 502 53.08 19.86 -32.26
C LYS E 502 52.71 20.02 -30.80
N THR E 503 52.23 18.94 -30.20
CA THR E 503 51.86 18.91 -28.79
C THR E 503 52.63 17.79 -28.11
N SER E 504 53.12 18.05 -26.91
CA SER E 504 53.93 17.08 -26.20
C SER E 504 53.64 17.12 -24.72
N ASN E 505 53.66 15.95 -24.08
CA ASN E 505 53.45 15.82 -22.65
C ASN E 505 54.45 14.82 -22.10
N ILE E 506 55.02 15.15 -20.94
CA ILE E 506 55.91 14.24 -20.22
C ILE E 506 55.57 14.34 -18.73
N SER E 507 55.56 13.21 -18.04
CA SER E 507 55.25 13.28 -16.62
C SER E 507 55.84 12.09 -15.89
N ASN E 508 56.38 12.34 -14.69
CA ASN E 508 56.86 11.31 -13.80
C ASN E 508 56.20 11.49 -12.44
N ILE E 509 55.77 10.37 -11.85
CA ILE E 509 55.12 10.36 -10.55
C ILE E 509 55.73 9.23 -9.74
N VAL E 510 56.05 9.51 -8.48
CA VAL E 510 56.57 8.50 -7.56
C VAL E 510 55.84 8.65 -6.25
N ARG E 511 55.33 7.55 -5.71
CA ARG E 511 54.72 7.55 -4.39
C ARG E 511 55.21 6.36 -3.60
N VAL E 512 55.56 6.59 -2.34
CA VAL E 512 56.23 5.60 -1.52
C VAL E 512 55.63 5.58 -0.13
N PHE E 513 55.37 4.39 0.40
CA PHE E 513 54.95 4.17 1.78
C PHE E 513 56.03 3.38 2.47
N LEU E 514 56.79 4.05 3.36
CA LEU E 514 57.77 3.41 4.22
C LEU E 514 57.27 3.42 5.66
N ILE E 515 57.83 2.52 6.46
CA ILE E 515 57.57 2.47 7.89
C ILE E 515 58.90 2.45 8.62
N GLN E 516 58.94 3.12 9.76
CA GLN E 516 60.02 2.87 10.70
C GLN E 516 59.45 2.83 12.11
N PRO E 517 59.57 1.71 12.77
CA PRO E 517 59.12 1.61 14.15
C PRO E 517 60.27 1.80 15.12
N ARG E 518 59.95 2.00 16.40
CA ARG E 518 61.00 2.05 17.42
C ARG E 518 60.38 1.77 18.77
N GLU E 519 61.15 1.10 19.62
CA GLU E 519 60.70 0.85 20.98
C GLU E 519 60.91 2.10 21.83
N ILE E 520 59.96 2.36 22.72
CA ILE E 520 60.01 3.55 23.55
C ILE E 520 60.80 3.25 24.82
N LYS E 521 61.86 4.01 25.05
CA LYS E 521 62.70 3.86 26.22
C LYS E 521 62.52 5.05 27.14
N GLU E 522 63.22 5.01 28.27
CA GLU E 522 63.09 6.08 29.26
C GLU E 522 63.54 7.42 28.74
N SER E 523 64.33 7.46 27.68
CA SER E 523 64.77 8.71 27.09
C SER E 523 63.77 9.28 26.10
N SER E 524 62.68 8.55 25.83
CA SER E 524 61.69 9.01 24.87
C SER E 524 60.57 9.81 25.50
N TYR E 525 60.53 9.92 26.81
CA TYR E 525 59.55 10.77 27.48
C TYR E 525 60.05 12.20 27.55
N TYR E 526 59.14 13.12 27.84
CA TYR E 526 59.46 14.52 28.01
C TYR E 526 59.47 14.86 29.49
N ASN E 527 60.54 15.50 29.95
CA ASN E 527 60.61 15.93 31.33
C ASN E 527 59.71 17.14 31.52
N THR E 528 58.74 17.03 32.42
CA THR E 528 57.83 18.12 32.72
C THR E 528 58.01 18.62 34.14
N ALA E 529 57.91 17.75 35.13
CA ALA E 529 58.20 18.03 36.53
C ALA E 529 57.36 19.17 37.10
N GLU E 530 56.37 19.66 36.36
CA GLU E 530 55.51 20.73 36.83
C GLU E 530 54.09 20.42 36.40
N TYR E 531 53.15 21.30 36.78
CA TYR E 531 51.76 21.08 36.43
C TYR E 531 51.05 22.44 36.46
N LYS E 532 50.85 23.02 35.29
CA LYS E 532 50.13 24.28 35.18
C LYS E 532 48.68 24.06 35.60
N SER E 533 48.32 24.59 36.76
CA SER E 533 46.92 24.57 37.15
C SER E 533 46.10 25.42 36.19
N LEU E 534 44.89 24.98 35.90
CA LEU E 534 44.02 25.73 34.99
C LEU E 534 43.74 27.12 35.53
N ILE E 535 43.41 27.21 36.81
CA ILE E 535 42.96 28.46 37.41
C ILE E 535 43.75 28.69 38.69
N SER E 536 43.88 29.94 39.06
CA SER E 536 44.73 30.31 40.18
C SER E 536 43.99 30.20 41.50
N GLU E 537 44.75 29.88 42.55
CA GLU E 537 44.17 29.81 43.88
C GLU E 537 43.60 31.15 44.31
N ARG E 538 44.32 32.23 44.01
CA ARG E 538 43.81 33.56 44.35
C ARG E 538 42.52 33.85 43.60
N GLU E 539 42.45 33.47 42.33
CA GLU E 539 41.22 33.67 41.57
C GLU E 539 40.06 32.89 42.18
N ILE E 540 40.30 31.64 42.57
CA ILE E 540 39.24 30.85 43.17
C ILE E 540 38.78 31.45 44.48
N GLN E 541 39.73 31.86 45.32
CA GLN E 541 39.34 32.48 46.59
C GLN E 541 38.54 33.75 46.34
N LYS E 542 38.94 34.55 45.35
CA LYS E 542 38.22 35.77 45.04
C LYS E 542 36.80 35.46 44.57
N THR E 543 36.62 34.40 43.80
CA THR E 543 35.32 34.15 43.21
C THR E 543 34.39 33.33 44.10
N THR E 544 34.89 32.63 45.11
CA THR E 544 33.99 31.85 45.96
C THR E 544 34.22 32.08 47.44
N GLN E 545 34.91 33.15 47.81
CA GLN E 545 35.02 33.51 49.21
C GLN E 545 33.81 34.35 49.59
N ILE E 546 33.48 34.32 50.88
CA ILE E 546 32.42 35.20 51.37
C ILE E 546 32.87 36.64 51.18
N ILE E 547 31.94 37.48 50.74
CA ILE E 547 32.31 38.88 50.47
C ILE E 547 32.74 39.54 51.77
N PRO E 548 33.91 40.21 51.81
CA PRO E 548 34.46 40.85 53.01
C PRO E 548 33.49 41.84 53.65
N LYS F 180 53.18 -35.77 36.87
CA LYS F 180 51.98 -36.42 36.36
C LYS F 180 51.20 -35.48 35.44
N VAL F 181 51.07 -34.22 35.85
CA VAL F 181 50.45 -33.18 35.04
C VAL F 181 51.40 -32.00 34.97
N ASN F 182 51.33 -31.24 33.88
CA ASN F 182 52.16 -30.06 33.72
C ASN F 182 51.32 -28.94 33.14
N PHE F 183 51.41 -27.77 33.75
CA PHE F 183 50.86 -26.53 33.22
C PHE F 183 52.02 -25.64 32.78
N GLY F 184 51.96 -25.15 31.55
CA GLY F 184 53.09 -24.46 30.98
C GLY F 184 52.66 -23.25 30.16
N VAL F 185 53.62 -22.35 29.99
CA VAL F 185 53.46 -21.14 29.19
C VAL F 185 54.47 -21.18 28.06
N ILE F 186 54.01 -20.97 26.83
CA ILE F 186 54.85 -20.98 25.65
C ILE F 186 54.74 -19.65 24.96
N LYS F 187 55.90 -19.04 24.65
CA LYS F 187 55.95 -17.68 24.11
C LYS F 187 56.25 -17.76 22.62
N LEU F 188 55.22 -17.60 21.81
CA LEU F 188 55.41 -17.55 20.37
C LEU F 188 56.14 -16.26 19.98
N LYS F 189 56.98 -16.36 18.96
CA LYS F 189 57.77 -15.22 18.50
C LYS F 189 57.44 -14.80 17.08
N ASN F 190 57.46 -15.72 16.12
CA ASN F 190 57.43 -15.37 14.72
C ASN F 190 56.02 -15.37 14.12
N THR F 191 54.98 -15.67 14.89
CA THR F 191 53.64 -15.75 14.35
C THR F 191 52.64 -15.18 15.34
N PHE F 192 51.48 -14.81 14.82
CA PHE F 192 50.34 -14.46 15.66
C PHE F 192 49.62 -15.72 16.09
N VAL F 193 48.89 -15.62 17.20
CA VAL F 193 48.23 -16.78 17.79
C VAL F 193 46.78 -16.87 17.37
N SER F 194 46.06 -15.76 17.36
CA SER F 194 44.65 -15.79 16.98
C SER F 194 44.51 -16.01 15.48
N ASP F 195 43.48 -16.77 15.10
CA ASP F 195 43.18 -16.96 13.69
C ASP F 195 42.85 -15.64 13.03
N ARG F 196 43.30 -15.46 11.79
CA ARG F 196 43.13 -14.19 11.10
C ARG F 196 42.31 -14.40 9.82
N THR F 197 41.65 -13.34 9.38
CA THR F 197 40.80 -13.38 8.21
C THR F 197 41.25 -12.31 7.21
N TYR F 198 41.29 -12.68 5.93
CA TYR F 198 41.72 -11.80 4.86
C TYR F 198 40.71 -11.84 3.72
N ASN F 199 40.43 -10.66 3.16
CA ASN F 199 39.47 -10.53 2.08
C ASN F 199 40.20 -10.53 0.74
N MET F 200 39.67 -11.29 -0.21
CA MET F 200 40.25 -11.37 -1.55
C MET F 200 39.22 -11.00 -2.59
N ARG F 201 38.35 -10.05 -2.26
CA ARG F 201 37.33 -9.54 -3.18
C ARG F 201 36.45 -10.69 -3.70
N GLY F 202 36.04 -11.56 -2.79
CA GLY F 202 35.15 -12.64 -3.14
C GLY F 202 35.53 -13.97 -2.52
N GLU F 203 36.82 -14.22 -2.35
CA GLU F 203 37.32 -15.48 -1.80
C GLU F 203 37.94 -15.17 -0.44
N ASP F 204 37.11 -15.18 0.60
CA ASP F 204 37.59 -14.92 1.95
C ASP F 204 38.46 -16.07 2.42
N ILE F 205 39.58 -15.73 3.07
CA ILE F 205 40.57 -16.69 3.50
C ILE F 205 40.73 -16.59 5.01
N VAL F 206 40.66 -17.73 5.69
CA VAL F 206 40.86 -17.80 7.13
C VAL F 206 42.13 -18.60 7.39
N ILE F 207 43.12 -17.95 7.99
CA ILE F 207 44.35 -18.61 8.39
C ILE F 207 44.23 -18.97 9.87
N PRO F 208 44.21 -20.26 10.21
CA PRO F 208 44.02 -20.64 11.61
C PRO F 208 45.27 -20.41 12.44
N GLY F 209 45.06 -20.33 13.75
CA GLY F 209 46.16 -20.15 14.67
C GLY F 209 46.80 -21.45 15.10
N VAL F 210 48.03 -21.32 15.60
CA VAL F 210 48.78 -22.50 16.04
C VAL F 210 48.02 -23.23 17.13
N ALA F 211 47.42 -22.48 18.06
CA ALA F 211 46.66 -23.11 19.14
C ALA F 211 45.53 -23.97 18.60
N THR F 212 44.71 -23.41 17.71
CA THR F 212 43.59 -24.15 17.17
C THR F 212 44.07 -25.38 16.41
N VAL F 213 45.09 -25.21 15.57
CA VAL F 213 45.55 -26.31 14.73
C VAL F 213 46.09 -27.45 15.60
N VAL F 214 46.94 -27.12 16.58
CA VAL F 214 47.54 -28.16 17.40
C VAL F 214 46.50 -28.86 18.25
N GLU F 215 45.57 -28.09 18.84
CA GLU F 215 44.54 -28.70 19.67
C GLU F 215 43.67 -29.63 18.84
N ARG F 216 43.31 -29.23 17.62
CA ARG F 216 42.55 -30.12 16.76
C ARG F 216 43.37 -31.32 16.32
N LEU F 217 44.69 -31.17 16.26
CA LEU F 217 45.55 -32.31 15.93
C LEU F 217 45.50 -33.36 17.03
N LEU F 218 45.67 -32.94 18.28
CA LEU F 218 45.66 -33.88 19.41
C LEU F 218 44.21 -34.18 19.79
N ASN F 219 43.58 -35.01 18.97
CA ASN F 219 42.14 -35.26 19.10
C ASN F 219 41.79 -36.65 18.58
N ASN F 220 41.02 -37.39 19.39
CA ASN F 220 40.43 -38.67 19.00
C ASN F 220 41.49 -39.68 18.56
N GLY F 221 42.36 -40.02 19.51
CA GLY F 221 43.37 -41.02 19.29
C GLY F 221 43.57 -41.90 20.50
N LYS F 222 43.46 -43.22 20.33
CA LYS F 222 43.54 -44.17 21.44
C LYS F 222 44.79 -45.03 21.25
N ALA F 223 45.91 -44.52 21.75
CA ALA F 223 47.19 -45.24 21.73
C ALA F 223 48.19 -44.43 22.55
N LEU F 224 49.41 -44.96 22.63
CA LEU F 224 50.53 -44.28 23.28
C LEU F 224 51.76 -44.56 22.43
N SER F 225 52.95 -44.29 22.98
CA SER F 225 54.22 -44.58 22.32
C SER F 225 54.32 -43.85 20.98
N ASN F 226 54.42 -42.53 21.09
CA ASN F 226 54.47 -41.65 19.94
C ASN F 226 55.90 -41.26 19.60
N ARG F 227 56.06 -40.74 18.37
CA ARG F 227 57.32 -40.20 17.90
C ARG F 227 57.04 -39.05 16.95
N GLN F 228 58.11 -38.44 16.43
CA GLN F 228 58.02 -37.23 15.64
C GLN F 228 58.67 -37.42 14.28
N ALA F 229 58.05 -36.85 13.26
CA ALA F 229 58.50 -37.00 11.88
C ALA F 229 58.65 -35.63 11.24
N GLN F 230 59.84 -35.36 10.70
CA GLN F 230 60.09 -34.12 9.99
C GLN F 230 59.54 -34.19 8.57
N LEU F 261 47.98 -41.51 27.25
CA LEU F 261 47.67 -40.23 26.62
C LEU F 261 46.19 -39.87 26.80
N GLU F 262 45.93 -38.57 26.89
CA GLU F 262 44.59 -38.06 27.12
C GLU F 262 44.48 -36.71 26.42
N ASP F 263 43.47 -35.92 26.80
CA ASP F 263 43.20 -34.64 26.16
C ASP F 263 44.03 -33.54 26.79
N VAL F 264 44.79 -32.82 25.96
CA VAL F 264 45.56 -31.67 26.41
C VAL F 264 44.66 -30.44 26.37
N SER F 265 44.96 -29.49 27.24
CA SER F 265 44.26 -28.21 27.27
C SER F 265 45.20 -27.15 26.71
N LEU F 266 44.87 -26.61 25.54
CA LEU F 266 45.75 -25.68 24.85
C LEU F 266 44.93 -24.45 24.48
N ILE F 267 45.22 -23.32 25.10
CA ILE F 267 44.48 -22.10 24.85
C ILE F 267 45.43 -20.98 24.49
N ALA F 268 44.89 -19.96 23.83
CA ALA F 268 45.66 -18.85 23.30
C ALA F 268 45.39 -17.60 24.12
N TYR F 269 46.46 -16.91 24.52
CA TYR F 269 46.36 -15.66 25.27
C TYR F 269 47.09 -14.61 24.44
N PRO F 270 46.40 -13.96 23.50
CA PRO F 270 47.10 -13.03 22.59
C PRO F 270 47.51 -11.73 23.24
N GLU F 271 47.04 -11.42 24.45
CA GLU F 271 47.41 -10.16 25.09
C GLU F 271 48.92 -10.07 25.25
N THR F 272 49.57 -11.18 25.57
CA THR F 272 51.03 -11.26 25.52
C THR F 272 51.49 -12.21 24.43
N ASN F 273 50.59 -12.63 23.53
CA ASN F 273 50.91 -13.51 22.40
C ASN F 273 51.58 -14.79 22.90
N SER F 274 50.85 -15.51 23.74
CA SER F 274 51.38 -16.72 24.34
C SER F 274 50.34 -17.82 24.28
N ILE F 275 50.76 -19.01 24.68
CA ILE F 275 49.91 -20.20 24.67
C ILE F 275 50.01 -20.87 26.03
N LEU F 276 48.87 -21.19 26.62
CA LEU F 276 48.82 -21.89 27.89
C LEU F 276 48.47 -23.35 27.63
N VAL F 277 49.33 -24.25 28.13
CA VAL F 277 49.23 -25.67 27.83
C VAL F 277 49.08 -26.44 29.13
N LYS F 278 48.37 -27.56 29.04
CA LYS F 278 48.15 -28.47 30.17
C LYS F 278 48.17 -29.89 29.63
N GLY F 279 49.07 -30.71 30.15
CA GLY F 279 49.14 -32.08 29.69
C GLY F 279 50.27 -32.85 30.34
N ASN F 280 50.48 -34.06 29.85
CA ASN F 280 51.52 -34.93 30.36
C ASN F 280 52.88 -34.51 29.81
N ASP F 281 53.94 -35.12 30.35
CA ASP F 281 55.29 -34.74 29.95
C ASP F 281 55.55 -35.07 28.48
N GLN F 282 55.12 -36.26 28.04
CA GLN F 282 55.30 -36.60 26.64
C GLN F 282 54.52 -35.65 25.74
N GLN F 283 53.30 -35.32 26.12
CA GLN F 283 52.48 -34.42 25.32
C GLN F 283 53.12 -33.04 25.23
N ILE F 284 53.60 -32.49 26.34
CA ILE F 284 54.22 -31.17 26.27
C ILE F 284 55.52 -31.23 25.48
N GLN F 285 56.25 -32.34 25.56
CA GLN F 285 57.48 -32.46 24.77
C GLN F 285 57.17 -32.42 23.29
N ILE F 286 56.17 -33.18 22.85
CA ILE F 286 55.85 -33.17 21.42
C ILE F 286 55.28 -31.82 21.03
N ILE F 287 54.56 -31.14 21.93
CA ILE F 287 54.05 -29.82 21.59
C ILE F 287 55.18 -28.84 21.37
N ARG F 288 56.16 -28.85 22.28
CA ARG F 288 57.30 -27.95 22.12
C ARG F 288 58.04 -28.24 20.81
N ASP F 289 58.27 -29.52 20.52
CA ASP F 289 58.99 -29.86 19.30
C ASP F 289 58.20 -29.44 18.06
N ILE F 290 56.90 -29.69 18.04
CA ILE F 290 56.12 -29.39 16.84
C ILE F 290 55.99 -27.89 16.65
N ILE F 291 55.84 -27.13 17.73
CA ILE F 291 55.76 -25.67 17.59
C ILE F 291 57.09 -25.11 17.10
N THR F 292 58.20 -25.58 17.68
CA THR F 292 59.50 -25.11 17.23
C THR F 292 59.73 -25.42 15.76
N GLN F 293 59.34 -26.62 15.33
CA GLN F 293 59.42 -26.95 13.91
C GLN F 293 58.38 -26.18 13.08
N LEU F 294 57.38 -25.60 13.73
CA LEU F 294 56.29 -24.96 13.02
C LEU F 294 56.56 -23.49 12.68
N ASP F 295 57.00 -22.69 13.63
CA ASP F 295 57.20 -21.26 13.38
C ASP F 295 58.69 -20.94 13.34
N VAL F 296 59.17 -20.45 12.19
CA VAL F 296 60.59 -20.11 12.12
C VAL F 296 60.85 -18.68 11.66
N ALA F 297 60.54 -18.35 10.39
CA ALA F 297 61.08 -17.09 9.93
C ALA F 297 60.11 -16.18 9.19
N LYS F 298 59.25 -16.74 8.32
CA LYS F 298 58.31 -15.96 7.53
C LYS F 298 59.03 -14.92 6.67
N ARG F 299 59.72 -15.43 5.64
CA ARG F 299 60.49 -14.58 4.75
C ARG F 299 59.59 -13.61 3.98
N HIS F 300 60.22 -12.56 3.45
CA HIS F 300 59.54 -11.45 2.81
C HIS F 300 59.71 -11.50 1.30
N ILE F 301 58.60 -11.36 0.58
CA ILE F 301 58.61 -11.29 -0.87
C ILE F 301 58.08 -9.93 -1.28
N GLU F 302 58.79 -9.27 -2.19
CA GLU F 302 58.36 -8.01 -2.74
C GLU F 302 58.13 -8.19 -4.24
N LEU F 303 56.95 -7.82 -4.70
CA LEU F 303 56.54 -8.02 -6.08
C LEU F 303 56.44 -6.68 -6.79
N SER F 304 57.06 -6.58 -7.96
CA SER F 304 56.95 -5.40 -8.82
C SER F 304 56.21 -5.79 -10.09
N LEU F 305 55.11 -5.10 -10.36
CA LEU F 305 54.24 -5.45 -11.47
C LEU F 305 54.37 -4.37 -12.54
N TRP F 306 55.05 -4.69 -13.63
CA TRP F 306 55.25 -3.72 -14.70
C TRP F 306 54.08 -3.78 -15.67
N ILE F 307 53.48 -2.63 -15.95
CA ILE F 307 52.43 -2.50 -16.94
C ILE F 307 52.91 -1.53 -18.00
N ILE F 308 52.98 -1.98 -19.24
CA ILE F 308 53.57 -1.20 -20.31
C ILE F 308 52.55 -1.03 -21.43
N ASP F 309 52.39 0.19 -21.92
CA ASP F 309 51.55 0.48 -23.07
C ASP F 309 52.34 1.28 -24.07
N ILE F 310 52.22 0.89 -25.34
CA ILE F 310 52.83 1.62 -26.44
C ILE F 310 51.79 1.75 -27.55
N ASP F 311 51.56 2.97 -28.00
CA ASP F 311 50.55 3.23 -29.03
C ASP F 311 51.14 4.12 -30.11
N LYS F 312 50.88 3.76 -31.37
CA LYS F 312 51.18 4.60 -32.50
C LYS F 312 49.94 4.68 -33.39
N SER F 313 49.69 5.84 -33.96
CA SER F 313 48.53 6.01 -34.81
C SER F 313 48.81 7.06 -35.87
N GLU F 314 48.21 6.88 -37.03
CA GLU F 314 48.34 7.84 -38.12
C GLU F 314 47.05 7.87 -38.90
N LEU F 315 46.44 9.04 -38.97
CA LEU F 315 45.18 9.22 -39.68
C LEU F 315 45.34 10.35 -40.67
N ASN F 316 45.05 10.09 -41.94
CA ASN F 316 45.22 11.16 -42.92
C ASN F 316 44.14 11.07 -43.97
N ASN F 317 43.63 12.23 -44.39
CA ASN F 317 42.58 12.28 -45.39
C ASN F 317 42.77 13.49 -46.27
N LEU F 318 42.57 13.30 -47.58
CA LEU F 318 42.65 14.40 -48.51
C LEU F 318 41.74 14.13 -49.68
N GLY F 319 41.12 15.18 -50.19
CA GLY F 319 40.25 15.06 -51.35
C GLY F 319 39.19 16.14 -51.33
N VAL F 320 38.20 15.96 -52.21
CA VAL F 320 37.15 16.95 -52.42
C VAL F 320 35.81 16.25 -52.50
N ASN F 321 34.79 16.84 -51.89
CA ASN F 321 33.41 16.41 -52.04
C ASN F 321 32.63 17.50 -52.77
N TRP F 322 31.76 17.11 -53.70
CA TRP F 322 31.05 18.04 -54.54
C TRP F 322 29.55 17.90 -54.39
N GLN F 323 28.84 19.02 -54.48
CA GLN F 323 27.39 19.02 -54.60
C GLN F 323 26.99 20.10 -55.60
N GLY F 324 25.88 19.88 -56.29
CA GLY F 324 25.53 20.80 -57.36
C GLY F 324 24.04 20.99 -57.56
N THR F 325 23.71 22.12 -58.18
CA THR F 325 22.35 22.44 -58.57
C THR F 325 22.41 23.22 -59.88
N ALA F 326 21.37 23.08 -60.70
CA ALA F 326 21.33 23.77 -61.98
C ALA F 326 19.89 23.98 -62.40
N SER F 327 19.68 25.02 -63.20
CA SER F 327 18.35 25.35 -63.70
C SER F 327 18.45 25.78 -65.15
N PHE F 328 17.35 25.58 -65.88
CA PHE F 328 17.26 25.97 -67.28
C PHE F 328 15.85 26.47 -67.54
N GLY F 329 15.76 27.74 -67.96
CA GLY F 329 14.49 28.42 -68.03
C GLY F 329 13.83 28.40 -66.68
N ASP F 330 12.50 28.40 -66.69
CA ASP F 330 11.71 28.11 -65.50
C ASP F 330 11.10 26.72 -65.59
N SER F 331 11.72 25.85 -66.38
CA SER F 331 11.15 24.55 -66.70
C SER F 331 11.97 23.37 -66.22
N PHE F 332 13.30 23.39 -66.41
CA PHE F 332 14.12 22.22 -66.14
C PHE F 332 14.96 22.48 -64.89
N GLY F 333 14.75 21.67 -63.86
CA GLY F 333 15.57 21.72 -62.66
C GLY F 333 16.42 20.47 -62.55
N ALA F 334 17.64 20.62 -62.02
CA ALA F 334 18.53 19.49 -61.88
C ALA F 334 19.29 19.60 -60.58
N SER F 335 19.39 18.49 -59.85
CA SER F 335 20.12 18.43 -58.59
C SER F 335 21.16 17.33 -58.68
N PHE F 336 22.43 17.69 -58.52
CA PHE F 336 23.54 16.76 -58.68
C PHE F 336 24.06 16.35 -57.31
N ASN F 337 23.93 15.07 -56.98
CA ASN F 337 24.43 14.49 -55.73
C ASN F 337 23.82 15.17 -54.52
N MET F 338 22.49 15.18 -54.48
CA MET F 338 21.74 15.74 -53.37
C MET F 338 20.69 14.76 -52.90
N SER F 339 20.44 14.74 -51.59
CA SER F 339 19.43 13.85 -51.04
C SER F 339 18.03 14.25 -51.51
N SER F 340 17.68 15.53 -51.37
CA SER F 340 16.39 16.04 -51.82
C SER F 340 16.48 17.54 -51.95
N SER F 341 15.52 18.11 -52.68
CA SER F 341 15.48 19.54 -52.92
C SER F 341 15.03 20.31 -51.68
N ASN F 350 22.76 28.27 -55.76
CA ASN F 350 22.21 27.99 -57.07
C ASN F 350 23.16 27.14 -57.89
N LYS F 351 24.43 27.10 -57.50
CA LYS F 351 25.44 26.41 -58.27
C LYS F 351 26.38 25.69 -57.31
N PHE F 352 27.53 25.25 -57.82
CA PHE F 352 28.26 24.13 -57.24
C PHE F 352 29.05 24.53 -55.99
N ILE F 353 29.11 23.59 -55.04
CA ILE F 353 29.87 23.76 -53.82
C ILE F 353 30.81 22.57 -53.65
N ALA F 354 32.01 22.84 -53.15
CA ALA F 354 33.03 21.82 -52.96
C ALA F 354 33.67 21.98 -51.60
N SER F 355 33.71 20.89 -50.85
CA SER F 355 34.42 20.84 -49.58
C SER F 355 35.75 20.15 -49.80
N VAL F 356 36.84 20.87 -49.59
CA VAL F 356 38.19 20.35 -49.74
C VAL F 356 38.75 20.04 -48.36
N MET F 357 39.20 18.80 -48.19
CA MET F 357 39.81 18.35 -46.95
C MET F 357 41.24 17.94 -47.25
N ALA F 358 42.15 18.32 -46.35
CA ALA F 358 43.54 17.91 -46.48
C ALA F 358 44.15 17.98 -45.09
N LEU F 359 44.49 16.83 -44.52
CA LEU F 359 44.99 16.82 -43.16
C LEU F 359 45.67 15.50 -42.89
N ASN F 360 46.65 15.53 -41.99
CA ASN F 360 47.40 14.33 -41.60
C ASN F 360 47.86 14.49 -40.17
N GLN F 361 47.45 13.57 -39.30
CA GLN F 361 47.84 13.65 -37.89
C GLN F 361 48.42 12.33 -37.43
N LYS F 362 49.59 12.42 -36.81
CA LYS F 362 50.26 11.28 -36.19
C LYS F 362 50.21 11.45 -34.68
N LYS F 363 50.22 10.31 -33.98
CA LYS F 363 50.12 10.34 -32.54
C LYS F 363 50.92 9.17 -31.97
N LYS F 364 51.60 9.40 -30.85
CA LYS F 364 52.38 8.36 -30.22
C LYS F 364 52.33 8.51 -28.72
N ALA F 365 52.28 7.39 -28.00
CA ALA F 365 52.19 7.45 -26.55
C ALA F 365 52.87 6.24 -25.93
N ASN F 366 53.61 6.48 -24.86
CA ASN F 366 54.22 5.43 -24.05
C ASN F 366 53.85 5.63 -22.60
N VAL F 367 53.32 4.59 -21.96
CA VAL F 367 52.93 4.66 -20.57
C VAL F 367 53.56 3.48 -19.84
N VAL F 368 54.22 3.76 -18.72
CA VAL F 368 54.85 2.71 -17.92
C VAL F 368 54.39 2.90 -16.49
N SER F 369 53.63 1.95 -15.96
CA SER F 369 53.18 1.99 -14.58
C SER F 369 53.80 0.82 -13.82
N ARG F 370 54.08 1.03 -12.55
CA ARG F 370 54.71 0.00 -11.73
C ARG F 370 54.20 0.10 -10.31
N PRO F 371 53.25 -0.74 -9.94
CA PRO F 371 52.99 -0.97 -8.51
C PRO F 371 54.03 -1.90 -7.92
N VAL F 372 54.30 -1.71 -6.65
CA VAL F 372 55.29 -2.49 -5.92
C VAL F 372 54.76 -2.73 -4.52
N ILE F 373 54.65 -3.99 -4.12
CA ILE F 373 54.10 -4.29 -2.80
C ILE F 373 54.92 -5.37 -2.14
N LEU F 374 55.13 -5.23 -0.83
CA LEU F 374 55.90 -6.18 -0.04
C LEU F 374 54.98 -6.91 0.92
N THR F 375 55.27 -8.19 1.17
CA THR F 375 54.48 -8.97 2.10
C THR F 375 55.31 -10.14 2.60
N GLN F 376 54.72 -10.95 3.47
CA GLN F 376 55.34 -12.18 3.95
C GLN F 376 54.78 -13.36 3.17
N GLU F 377 55.62 -14.38 3.00
CA GLU F 377 55.21 -15.52 2.19
C GLU F 377 53.95 -16.17 2.76
N ASN F 378 53.08 -16.61 1.87
CA ASN F 378 51.84 -17.34 2.15
C ASN F 378 50.76 -16.49 2.79
N ILE F 379 50.94 -15.17 2.88
CA ILE F 379 49.95 -14.30 3.49
C ILE F 379 49.47 -13.31 2.44
N PRO F 380 48.16 -13.21 2.19
CA PRO F 380 47.66 -12.37 1.10
C PRO F 380 47.99 -10.90 1.33
N ALA F 381 48.22 -10.20 0.24
CA ALA F 381 48.52 -8.78 0.28
C ALA F 381 47.60 -8.05 -0.69
N ILE F 382 47.17 -6.84 -0.30
CA ILE F 382 46.24 -6.07 -1.11
C ILE F 382 46.84 -4.69 -1.35
N PHE F 383 46.77 -4.22 -2.60
CA PHE F 383 47.24 -2.88 -2.93
C PHE F 383 46.33 -2.31 -4.00
N ASP F 384 45.62 -1.24 -3.68
CA ASP F 384 44.85 -0.55 -4.70
C ASP F 384 45.12 0.93 -4.64
N ASN F 385 44.98 1.59 -5.78
CA ASN F 385 45.37 2.98 -5.91
C ASN F 385 44.62 3.58 -7.08
N ASN F 386 44.36 4.87 -7.01
CA ASN F 386 43.83 5.56 -8.18
C ASN F 386 44.13 7.04 -8.09
N ARG F 387 44.66 7.58 -9.17
CA ARG F 387 44.95 8.99 -9.30
C ARG F 387 44.10 9.59 -10.41
N THR F 388 44.08 10.92 -10.46
CA THR F 388 43.42 11.63 -11.53
C THR F 388 44.45 12.50 -12.23
N PHE F 389 44.54 12.36 -13.55
CA PHE F 389 45.48 13.12 -14.35
C PHE F 389 44.74 14.26 -15.03
N TYR F 390 45.22 15.47 -14.82
CA TYR F 390 44.64 16.68 -15.37
C TYR F 390 45.51 17.23 -16.49
N VAL F 391 44.87 17.84 -17.48
CA VAL F 391 45.54 18.66 -18.46
C VAL F 391 44.75 19.95 -18.61
N SER F 392 45.45 21.08 -18.51
CA SER F 392 44.82 22.38 -18.62
C SER F 392 44.70 22.76 -20.08
N LEU F 393 43.51 23.20 -20.49
CA LEU F 393 43.30 23.65 -21.84
C LEU F 393 44.15 24.91 -22.11
N VAL F 394 44.23 25.26 -23.38
CA VAL F 394 44.98 26.45 -23.77
C VAL F 394 44.31 27.72 -23.26
N GLY F 395 42.98 27.78 -23.34
CA GLY F 395 42.25 28.95 -22.90
C GLY F 395 40.77 28.70 -22.70
N LEU F 401 40.25 21.96 -19.10
CA LEU F 401 40.69 21.14 -17.98
C LEU F 401 40.08 19.76 -18.08
N GLU F 402 40.79 18.84 -18.72
CA GLU F 402 40.28 17.49 -18.93
C GLU F 402 41.07 16.51 -18.07
N HIS F 403 40.35 15.56 -17.48
CA HIS F 403 40.92 14.65 -16.50
C HIS F 403 40.58 13.22 -16.83
N VAL F 404 41.50 12.32 -16.48
CA VAL F 404 41.32 10.89 -16.65
C VAL F 404 41.69 10.20 -15.35
N THR F 405 40.83 9.32 -14.87
CA THR F 405 41.04 8.65 -13.59
C THR F 405 41.68 7.29 -13.85
N TYR F 406 42.95 7.16 -13.46
CA TYR F 406 43.70 5.93 -13.66
C TYR F 406 43.76 5.17 -12.35
N GLY F 407 43.25 3.95 -12.34
CA GLY F 407 43.21 3.15 -11.13
C GLY F 407 43.70 1.74 -11.38
N THR F 408 44.38 1.20 -10.37
CA THR F 408 44.86 -0.17 -10.37
C THR F 408 44.49 -0.83 -9.05
N LEU F 409 44.38 -2.15 -9.09
CA LEU F 409 44.03 -2.93 -7.91
C LEU F 409 44.63 -4.32 -8.09
N ILE F 410 45.57 -4.68 -7.23
CA ILE F 410 46.26 -5.95 -7.32
C ILE F 410 46.18 -6.62 -5.96
N ASN F 411 45.68 -7.85 -5.94
CA ASN F 411 45.73 -8.66 -4.73
C ASN F 411 46.41 -9.97 -5.05
N VAL F 412 47.37 -10.35 -4.19
CA VAL F 412 48.34 -11.37 -4.52
C VAL F 412 48.56 -12.27 -3.32
N ILE F 413 48.80 -13.55 -3.60
CA ILE F 413 49.25 -14.51 -2.60
C ILE F 413 50.57 -15.10 -3.07
N PRO F 414 51.68 -14.68 -2.47
CA PRO F 414 52.98 -15.21 -2.87
C PRO F 414 53.45 -16.34 -1.99
N ARG F 415 54.40 -17.15 -2.47
CA ARG F 415 55.04 -18.18 -1.66
C ARG F 415 56.25 -18.68 -2.43
N PHE F 416 57.03 -19.53 -1.79
CA PHE F 416 58.26 -20.04 -2.36
C PHE F 416 58.06 -21.44 -2.92
N SER F 417 59.07 -21.89 -3.67
CA SER F 417 59.06 -23.21 -4.27
C SER F 417 60.49 -23.59 -4.61
N SER F 418 60.65 -24.86 -4.99
CA SER F 418 61.95 -25.50 -5.19
C SER F 418 62.91 -24.58 -5.94
N ARG F 419 64.18 -24.62 -5.50
CA ARG F 419 65.24 -23.80 -6.08
C ARG F 419 64.98 -22.32 -5.87
N GLY F 420 64.24 -21.98 -4.83
CA GLY F 420 64.00 -20.59 -4.52
C GLY F 420 63.15 -19.84 -5.53
N GLN F 421 62.33 -20.55 -6.30
CA GLN F 421 61.42 -19.88 -7.21
C GLN F 421 60.26 -19.27 -6.43
N ILE F 422 59.65 -18.23 -6.99
CA ILE F 422 58.56 -17.53 -6.33
C ILE F 422 57.29 -17.79 -7.10
N GLU F 423 56.31 -18.42 -6.46
CA GLU F 423 55.03 -18.67 -7.07
C GLU F 423 54.02 -17.68 -6.52
N MET F 424 53.08 -17.23 -7.36
CA MET F 424 52.14 -16.21 -6.97
C MET F 424 50.79 -16.48 -7.61
N SER F 425 49.73 -16.32 -6.81
CA SER F 425 48.37 -16.24 -7.32
C SER F 425 48.01 -14.76 -7.43
N LEU F 426 47.61 -14.33 -8.62
CA LEU F 426 47.45 -12.93 -8.93
C LEU F 426 46.03 -12.62 -9.39
N THR F 427 45.46 -11.56 -8.85
CA THR F 427 44.29 -10.92 -9.44
C THR F 427 44.66 -9.46 -9.68
N ILE F 428 44.62 -9.03 -10.93
CA ILE F 428 45.04 -7.69 -11.31
C ILE F 428 43.92 -7.04 -12.10
N GLU F 429 43.57 -5.82 -11.73
CA GLU F 429 42.73 -4.97 -12.54
C GLU F 429 43.46 -3.65 -12.70
N ASP F 430 43.35 -3.04 -13.87
CA ASP F 430 43.99 -1.74 -14.02
C ASP F 430 43.37 -1.02 -15.21
N GLY F 431 43.57 0.29 -15.24
CA GLY F 431 43.21 1.05 -16.40
C GLY F 431 42.51 2.33 -16.02
N THR F 432 41.95 2.98 -17.02
CA THR F 432 41.36 4.30 -16.86
C THR F 432 39.84 4.23 -16.96
N GLY F 433 39.23 5.40 -16.84
CA GLY F 433 37.81 5.55 -17.06
C GLY F 433 37.56 6.52 -18.20
N ASN F 434 36.69 6.14 -19.13
CA ASN F 434 36.47 6.92 -20.34
C ASN F 434 36.09 8.35 -20.03
N SER F 435 36.92 9.29 -20.50
CA SER F 435 36.60 10.71 -20.40
C SER F 435 37.03 11.38 -21.69
N GLN F 436 36.09 11.54 -22.62
CA GLN F 436 36.34 12.18 -23.90
C GLN F 436 36.70 13.65 -23.73
N ASN F 443 39.48 18.84 -27.85
CA ASN F 443 40.64 19.46 -28.49
C ASN F 443 41.94 18.79 -28.05
N GLU F 444 42.21 17.61 -28.61
CA GLU F 444 43.42 16.83 -28.38
C GLU F 444 43.60 16.42 -26.93
N ASN F 445 42.57 16.59 -26.10
CA ASN F 445 42.67 16.19 -24.70
C ASN F 445 42.94 14.70 -24.57
N THR F 446 42.14 13.88 -25.25
CA THR F 446 42.40 12.45 -25.28
C THR F 446 43.71 12.15 -25.98
N SER F 447 44.13 13.00 -26.92
CA SER F 447 45.39 12.82 -27.59
C SER F 447 46.57 12.97 -26.64
N VAL F 448 46.41 13.78 -25.60
CA VAL F 448 47.48 14.01 -24.64
C VAL F 448 47.40 13.04 -23.47
N LEU F 449 46.21 12.83 -22.93
CA LEU F 449 46.06 11.99 -21.75
C LEU F 449 46.28 10.51 -22.10
N PRO F 450 46.58 9.68 -21.10
CA PRO F 450 46.90 8.27 -21.38
C PRO F 450 45.81 7.50 -22.11
N GLU F 451 44.63 7.36 -21.49
CA GLU F 451 43.50 6.65 -22.07
C GLU F 451 43.91 5.26 -22.59
N VAL F 452 44.25 4.41 -21.63
CA VAL F 452 44.79 3.09 -21.94
C VAL F 452 43.75 1.98 -21.82
N GLY F 453 42.48 2.31 -21.73
CA GLY F 453 41.47 1.29 -21.64
C GLY F 453 41.46 0.65 -20.27
N ARG F 454 40.82 -0.53 -20.17
CA ARG F 454 40.76 -1.26 -18.92
C ARG F 454 41.09 -2.71 -19.17
N THR F 455 41.77 -3.34 -18.22
CA THR F 455 42.20 -4.72 -18.38
C THR F 455 42.23 -5.42 -17.04
N LYS F 456 41.62 -6.60 -16.97
CA LYS F 456 41.67 -7.44 -15.78
C LYS F 456 42.19 -8.81 -16.17
N ILE F 457 43.14 -9.32 -15.38
CA ILE F 457 43.71 -10.63 -15.62
C ILE F 457 43.82 -11.35 -14.28
N SER F 458 43.34 -12.60 -14.25
CA SER F 458 43.38 -13.43 -13.06
C SER F 458 44.04 -14.75 -13.41
N THR F 459 45.12 -15.08 -12.70
CA THR F 459 45.92 -16.23 -13.07
C THR F 459 46.85 -16.59 -11.91
N ILE F 460 47.79 -17.50 -12.18
CA ILE F 460 48.76 -17.96 -11.19
C ILE F 460 50.01 -18.43 -11.92
N ALA F 461 51.17 -17.98 -11.47
CA ALA F 461 52.40 -18.30 -12.18
C ALA F 461 53.58 -18.25 -11.23
N ARG F 462 54.66 -18.93 -11.61
CA ARG F 462 55.87 -18.95 -10.80
C ARG F 462 57.06 -18.50 -11.63
N VAL F 463 57.98 -17.80 -10.98
CA VAL F 463 59.08 -17.13 -11.64
C VAL F 463 60.39 -17.55 -10.97
N PRO F 464 61.42 -17.92 -11.72
CA PRO F 464 62.74 -18.06 -11.13
C PRO F 464 63.21 -16.71 -10.61
N GLN F 465 63.99 -16.76 -9.53
CA GLN F 465 64.47 -15.51 -8.94
C GLN F 465 65.59 -14.94 -9.80
N GLY F 466 65.45 -13.66 -10.15
CA GLY F 466 66.37 -13.01 -11.05
C GLY F 466 65.83 -12.77 -12.44
N LYS F 467 64.67 -13.31 -12.77
CA LYS F 467 64.05 -13.12 -14.07
C LYS F 467 62.63 -12.63 -13.89
N SER F 468 62.03 -12.19 -14.98
CA SER F 468 60.68 -11.64 -14.97
C SER F 468 59.86 -12.30 -16.05
N LEU F 469 58.55 -12.35 -15.83
CA LEU F 469 57.65 -13.13 -16.67
C LEU F 469 56.56 -12.24 -17.24
N LEU F 470 56.13 -12.57 -18.45
CA LEU F 470 55.08 -11.82 -19.15
C LEU F 470 53.78 -12.58 -18.98
N ILE F 471 53.08 -12.33 -17.87
CA ILE F 471 51.89 -13.11 -17.58
C ILE F 471 50.77 -12.77 -18.55
N GLY F 472 50.61 -11.50 -18.90
CA GLY F 472 49.47 -11.11 -19.71
C GLY F 472 49.87 -10.14 -20.79
N GLY F 473 49.07 -10.09 -21.83
CA GLY F 473 49.37 -9.12 -22.87
C GLY F 473 48.31 -9.10 -23.93
N TYR F 474 48.40 -8.08 -24.78
CA TYR F 474 47.36 -7.85 -25.76
C TYR F 474 47.89 -6.87 -26.81
N THR F 475 47.91 -7.28 -28.06
CA THR F 475 48.31 -6.40 -29.14
C THR F 475 47.18 -6.25 -30.14
N HIS F 476 47.21 -5.15 -30.87
CA HIS F 476 46.10 -4.80 -31.74
C HIS F 476 46.64 -3.99 -32.91
N GLU F 477 46.19 -4.32 -34.11
CA GLU F 477 46.63 -3.60 -35.30
C GLU F 477 45.43 -3.35 -36.19
N THR F 478 45.29 -2.10 -36.64
CA THR F 478 44.16 -1.71 -37.46
C THR F 478 44.67 -0.99 -38.70
N ASN F 479 44.10 -1.32 -39.85
CA ASN F 479 44.41 -0.65 -41.10
C ASN F 479 43.10 -0.44 -41.85
N SER F 480 42.89 0.76 -42.38
CA SER F 480 41.63 1.05 -43.05
C SER F 480 41.84 2.05 -44.15
N ASN F 481 41.22 1.80 -45.30
CA ASN F 481 41.26 2.71 -46.42
C ASN F 481 39.85 2.93 -46.94
N GLU F 482 39.58 4.13 -47.42
CA GLU F 482 38.30 4.44 -48.01
C GLU F 482 38.49 5.41 -49.15
N ILE F 483 37.86 5.16 -50.29
CA ILE F 483 37.99 5.98 -51.47
C ILE F 483 36.62 6.31 -52.00
N ILE F 484 36.35 7.60 -52.22
CA ILE F 484 35.09 8.06 -52.79
C ILE F 484 35.41 8.82 -54.06
N SER F 485 34.69 8.52 -55.14
CA SER F 485 35.00 9.20 -56.39
C SER F 485 33.78 9.28 -57.27
N ILE F 486 33.72 10.36 -58.04
CA ILE F 486 32.74 10.48 -59.12
C ILE F 486 33.08 9.46 -60.20
N PRO F 487 32.10 8.74 -60.75
CA PRO F 487 32.43 7.59 -61.60
C PRO F 487 33.31 7.88 -62.80
N PHE F 488 32.88 8.77 -63.70
CA PHE F 488 33.55 8.89 -64.99
C PHE F 488 34.68 9.91 -64.97
N LEU F 489 34.35 11.17 -64.68
CA LEU F 489 35.32 12.24 -64.89
C LEU F 489 36.53 12.08 -63.97
N SER F 490 36.34 11.55 -62.76
CA SER F 490 37.47 11.37 -61.86
C SER F 490 38.52 10.43 -62.41
N SER F 491 38.24 9.76 -63.53
CA SER F 491 39.20 8.87 -64.15
C SER F 491 40.05 9.55 -65.22
N ILE F 492 39.78 10.81 -65.55
CA ILE F 492 40.57 11.50 -66.57
C ILE F 492 41.96 11.74 -66.00
N PRO F 493 43.01 11.84 -66.84
CA PRO F 493 44.37 11.71 -66.34
C PRO F 493 44.82 12.78 -65.35
N VAL F 494 44.70 14.06 -65.71
CA VAL F 494 45.38 15.10 -64.95
C VAL F 494 44.50 15.64 -63.83
N ILE F 495 43.37 16.26 -64.20
CA ILE F 495 42.55 16.92 -63.20
C ILE F 495 41.58 15.98 -62.51
N GLY F 496 41.46 14.75 -62.99
CA GLY F 496 40.56 13.80 -62.34
C GLY F 496 40.88 13.59 -60.88
N ASN F 497 42.17 13.65 -60.52
CA ASN F 497 42.58 13.46 -59.14
C ASN F 497 42.04 14.55 -58.21
N VAL F 498 41.33 15.55 -58.74
CA VAL F 498 40.71 16.55 -57.87
C VAL F 498 39.32 16.15 -57.43
N PHE F 499 38.76 15.07 -57.98
CA PHE F 499 37.41 14.64 -57.63
C PHE F 499 37.39 13.51 -56.62
N LYS F 500 38.52 12.83 -56.41
CA LYS F 500 38.55 11.73 -55.47
C LYS F 500 38.49 12.26 -54.03
N TYR F 501 38.46 11.31 -53.10
CA TYR F 501 38.54 11.63 -51.67
C TYR F 501 39.05 10.37 -50.99
N LYS F 502 40.26 10.43 -50.45
CA LYS F 502 40.94 9.28 -49.90
C LYS F 502 41.16 9.48 -48.41
N THR F 503 40.72 8.50 -47.61
CA THR F 503 40.87 8.52 -46.18
C THR F 503 41.60 7.25 -45.75
N SER F 504 42.53 7.39 -44.81
CA SER F 504 43.33 6.25 -44.38
C SER F 504 43.60 6.34 -42.89
N ASN F 505 43.62 5.17 -42.26
CA ASN F 505 43.91 5.05 -40.83
C ASN F 505 44.82 3.86 -40.61
N ILE F 506 45.81 4.03 -39.75
CA ILE F 506 46.71 2.96 -39.33
C ILE F 506 46.94 3.10 -37.84
N SER F 507 46.95 1.97 -37.12
CA SER F 507 47.19 2.08 -35.69
C SER F 507 47.76 0.78 -35.14
N ASN F 508 48.72 0.90 -34.24
CA ASN F 508 49.28 -0.22 -33.51
C ASN F 508 49.20 0.05 -32.02
N ILE F 509 48.79 -0.97 -31.26
CA ILE F 509 48.66 -0.87 -29.81
C ILE F 509 49.28 -2.11 -29.21
N VAL F 510 50.08 -1.93 -28.17
CA VAL F 510 50.68 -3.04 -27.43
C VAL F 510 50.50 -2.77 -25.94
N ARG F 511 50.02 -3.76 -25.20
CA ARG F 511 49.92 -3.65 -23.76
C ARG F 511 50.42 -4.94 -23.13
N VAL F 512 51.23 -4.80 -22.09
CA VAL F 512 51.94 -5.94 -21.51
C VAL F 512 51.88 -5.85 -19.99
N PHE F 513 51.60 -6.98 -19.35
CA PHE F 513 51.66 -7.13 -17.89
C PHE F 513 52.75 -8.14 -17.58
N LEU F 514 53.88 -7.65 -17.06
CA LEU F 514 54.95 -8.49 -16.56
C LEU F 514 55.01 -8.42 -15.05
N ILE F 515 55.63 -9.43 -14.44
CA ILE F 515 55.89 -9.45 -13.02
C ILE F 515 57.36 -9.75 -12.80
N GLN F 516 57.94 -9.13 -11.78
CA GLN F 516 59.21 -9.61 -11.27
C GLN F 516 59.18 -9.57 -9.75
N PRO F 517 59.30 -10.70 -9.11
CA PRO F 517 59.37 -10.73 -7.65
C PRO F 517 60.80 -10.79 -7.16
N ARG F 518 61.01 -10.56 -5.87
CA ARG F 518 62.32 -10.74 -5.29
C ARG F 518 62.19 -10.92 -3.79
N GLU F 519 63.06 -11.76 -3.23
CA GLU F 519 63.09 -11.93 -1.80
C GLU F 519 63.82 -10.77 -1.15
N ILE F 520 63.33 -10.34 0.01
CA ILE F 520 63.90 -9.19 0.71
C ILE F 520 65.01 -9.68 1.63
N LYS F 521 66.20 -9.15 1.43
CA LYS F 521 67.36 -9.50 2.23
C LYS F 521 67.76 -8.31 3.09
N GLU F 522 68.81 -8.51 3.91
CA GLU F 522 69.23 -7.46 4.82
C GLU F 522 69.73 -6.22 4.11
N SER F 523 70.09 -6.34 2.84
CA SER F 523 70.53 -5.18 2.06
C SER F 523 69.37 -4.42 1.46
N SER F 524 68.14 -4.89 1.62
CA SER F 524 66.99 -4.22 1.05
C SER F 524 66.34 -3.22 1.99
N TYR F 525 66.80 -3.13 3.23
CA TYR F 525 66.30 -2.11 4.14
C TYR F 525 67.07 -0.81 3.95
N TYR F 526 66.52 0.26 4.50
CA TYR F 526 67.16 1.56 4.47
C TYR F 526 67.75 1.86 5.83
N ASN F 527 69.02 2.27 5.85
CA ASN F 527 69.66 2.65 7.09
C ASN F 527 69.14 4.01 7.52
N THR F 528 68.55 4.08 8.70
CA THR F 528 68.03 5.33 9.24
C THR F 528 68.81 5.76 10.49
N ALA F 529 68.90 4.90 11.50
CA ALA F 529 69.71 5.10 12.69
C ALA F 529 69.37 6.36 13.45
N GLU F 530 68.30 7.06 13.09
CA GLU F 530 67.89 8.28 13.77
C GLU F 530 66.37 8.28 13.88
N TYR F 531 65.84 9.30 14.52
CA TYR F 531 64.40 9.39 14.69
C TYR F 531 64.03 10.86 14.89
N LYS F 532 63.54 11.49 13.83
CA LYS F 532 63.10 12.88 13.92
C LYS F 532 61.88 12.94 14.83
N SER F 533 62.05 13.52 16.01
CA SER F 533 60.91 13.78 16.87
C SER F 533 60.00 14.80 16.21
N LEU F 534 58.69 14.62 16.40
CA LEU F 534 57.73 15.54 15.81
C LEU F 534 57.94 16.95 16.34
N ILE F 535 58.11 17.08 17.65
CA ILE F 535 58.15 18.37 18.30
C ILE F 535 59.38 18.42 19.20
N SER F 536 59.88 19.62 19.44
CA SER F 536 61.13 19.78 20.16
C SER F 536 60.89 19.80 21.67
N GLU F 537 61.90 19.31 22.40
CA GLU F 537 61.84 19.33 23.85
C GLU F 537 61.73 20.75 24.38
N ARG F 538 62.49 21.67 23.79
CA ARG F 538 62.41 23.07 24.21
C ARG F 538 61.02 23.63 23.95
N GLU F 539 60.42 23.28 22.81
CA GLU F 539 59.07 23.74 22.52
C GLU F 539 58.08 23.22 23.54
N ILE F 540 58.19 21.93 23.89
CA ILE F 540 57.26 21.37 24.86
C ILE F 540 57.43 22.02 26.22
N GLN F 541 58.68 22.22 26.64
CA GLN F 541 58.90 22.88 27.93
C GLN F 541 58.34 24.29 27.91
N LYS F 542 58.51 25.01 26.81
CA LYS F 542 57.98 26.35 26.71
C LYS F 542 56.46 26.35 26.78
N THR F 543 55.81 25.37 26.17
CA THR F 543 54.36 25.39 26.10
C THR F 543 53.66 24.77 27.30
N THR F 544 54.33 23.96 28.10
CA THR F 544 53.66 23.36 29.25
C THR F 544 54.45 23.51 30.55
N GLN F 545 55.42 24.40 30.60
CA GLN F 545 56.09 24.72 31.84
C GLN F 545 55.29 25.77 32.59
N ILE F 546 55.43 25.79 33.92
CA ILE F 546 54.82 26.85 34.69
C ILE F 546 55.44 28.17 34.27
N ILE F 547 54.61 29.19 34.14
CA ILE F 547 55.12 30.49 33.69
C ILE F 547 56.11 31.03 34.71
N PRO F 548 57.31 31.45 34.30
CA PRO F 548 58.37 31.94 35.19
C PRO F 548 57.92 33.09 36.07
N LYS G 180 54.64 -46.57 17.70
CA LYS G 180 53.23 -46.94 17.67
C LYS G 180 52.38 -45.84 17.04
N VAL G 181 52.67 -44.59 17.40
CA VAL G 181 52.01 -43.43 16.80
C VAL G 181 53.09 -42.47 16.34
N ASN G 182 52.78 -41.69 15.31
CA ASN G 182 53.72 -40.70 14.80
C ASN G 182 52.97 -39.42 14.48
N PHE G 183 53.50 -38.30 14.97
CA PHE G 183 53.04 -36.97 14.60
C PHE G 183 54.12 -36.34 13.73
N GLY G 184 53.73 -35.81 12.58
CA GLY G 184 54.69 -35.35 11.60
C GLY G 184 54.26 -34.07 10.94
N VAL G 185 55.25 -33.39 10.38
CA VAL G 185 55.06 -32.15 9.63
C VAL G 185 55.58 -32.37 8.21
N ILE G 186 54.75 -32.04 7.22
CA ILE G 186 55.10 -32.22 5.82
C ILE G 186 55.02 -30.86 5.14
N LYS G 187 56.08 -30.50 4.41
CA LYS G 187 56.21 -29.17 3.82
C LYS G 187 55.94 -29.28 2.33
N LEU G 188 54.74 -28.89 1.91
CA LEU G 188 54.42 -28.84 0.50
C LEU G 188 55.19 -27.73 -0.20
N LYS G 189 55.58 -27.98 -1.44
CA LYS G 189 56.36 -27.01 -2.20
C LYS G 189 55.64 -26.50 -3.44
N ASN G 190 55.13 -27.39 -4.29
CA ASN G 190 54.67 -27.01 -5.61
C ASN G 190 53.18 -26.73 -5.68
N THR G 191 52.44 -26.83 -4.58
CA THR G 191 51.00 -26.62 -4.61
C THR G 191 50.55 -25.87 -3.36
N PHE G 192 49.38 -25.26 -3.45
CA PHE G 192 48.73 -24.71 -2.28
C PHE G 192 47.96 -25.81 -1.56
N VAL G 193 47.71 -25.58 -0.28
CA VAL G 193 47.09 -26.58 0.58
C VAL G 193 45.59 -26.38 0.70
N SER G 194 45.14 -25.14 0.88
CA SER G 194 43.72 -24.88 1.01
C SER G 194 43.01 -25.03 -0.32
N ASP G 195 41.79 -25.55 -0.27
CA ASP G 195 40.97 -25.67 -1.48
C ASP G 195 40.69 -24.28 -2.04
N ARG G 196 40.71 -24.17 -3.36
CA ARG G 196 40.55 -22.89 -4.03
C ARG G 196 39.32 -22.90 -4.93
N THR G 197 38.76 -21.71 -5.16
CA THR G 197 37.56 -21.55 -5.96
C THR G 197 37.83 -20.59 -7.11
N TYR G 198 37.34 -20.93 -8.30
CA TYR G 198 37.52 -20.13 -9.50
C TYR G 198 36.19 -19.94 -10.20
N ASN G 199 35.96 -18.73 -10.68
CA ASN G 199 34.73 -18.37 -11.37
C ASN G 199 34.91 -18.50 -12.87
N MET G 200 33.95 -19.12 -13.54
CA MET G 200 33.99 -19.30 -14.98
C MET G 200 32.74 -18.70 -15.62
N ARG G 201 32.26 -17.60 -15.06
CA ARG G 201 31.10 -16.88 -15.58
C ARG G 201 29.88 -17.80 -15.70
N GLY G 202 29.66 -18.59 -14.65
CA GLY G 202 28.51 -19.47 -14.61
C GLY G 202 28.81 -20.86 -14.09
N GLU G 203 30.01 -21.36 -14.36
CA GLU G 203 30.41 -22.70 -13.96
C GLU G 203 31.52 -22.57 -12.93
N ASP G 204 31.12 -22.43 -11.67
CA ASP G 204 32.09 -22.29 -10.59
C ASP G 204 32.84 -23.61 -10.39
N ILE G 205 34.15 -23.50 -10.20
CA ILE G 205 35.03 -24.67 -10.10
C ILE G 205 35.72 -24.63 -8.75
N VAL G 206 35.67 -25.75 -8.02
CA VAL G 206 36.37 -25.88 -6.74
C VAL G 206 37.46 -26.92 -6.90
N ILE G 207 38.70 -26.49 -6.72
CA ILE G 207 39.85 -27.40 -6.75
C ILE G 207 40.18 -27.76 -5.31
N PRO G 208 40.03 -29.02 -4.90
CA PRO G 208 40.28 -29.40 -3.51
C PRO G 208 41.77 -29.44 -3.19
N GLY G 209 42.06 -29.35 -1.90
CA GLY G 209 43.42 -29.40 -1.44
C GLY G 209 43.90 -30.82 -1.17
N VAL G 210 45.22 -30.95 -1.16
CA VAL G 210 45.84 -32.26 -0.94
C VAL G 210 45.39 -32.84 0.38
N ALA G 211 45.31 -32.02 1.41
CA ALA G 211 44.88 -32.49 2.73
C ALA G 211 43.50 -33.10 2.67
N THR G 212 42.54 -32.35 2.10
CA THR G 212 41.17 -32.84 2.02
C THR G 212 41.09 -34.13 1.22
N VAL G 213 41.77 -34.16 0.06
CA VAL G 213 41.68 -35.31 -0.81
C VAL G 213 42.25 -36.55 -0.15
N VAL G 214 43.44 -36.42 0.45
CA VAL G 214 44.07 -37.58 1.06
C VAL G 214 43.28 -38.07 2.27
N GLU G 215 42.81 -37.14 3.11
CA GLU G 215 42.03 -37.55 4.27
C GLU G 215 40.76 -38.27 3.85
N ARG G 216 40.08 -37.76 2.82
CA ARG G 216 38.90 -38.46 2.33
C ARG G 216 39.25 -39.80 1.70
N LEU G 217 40.47 -39.92 1.16
CA LEU G 217 40.91 -41.20 0.63
C LEU G 217 41.05 -42.24 1.73
N LEU G 218 41.74 -41.89 2.82
CA LEU G 218 41.94 -42.83 3.92
C LEU G 218 40.69 -42.84 4.79
N ASN G 219 39.65 -43.52 4.31
CA ASN G 219 38.35 -43.47 4.94
C ASN G 219 37.57 -44.74 4.67
N ASN G 220 37.00 -45.32 5.73
CA ASN G 220 36.07 -46.45 5.64
C ASN G 220 36.69 -47.65 4.91
N GLY G 221 37.75 -48.17 5.50
CA GLY G 221 38.40 -49.36 5.00
C GLY G 221 38.84 -50.28 6.10
N LYS G 222 38.41 -51.55 6.07
CA LYS G 222 38.70 -52.51 7.11
C LYS G 222 39.61 -53.60 6.56
N ALA G 223 40.91 -53.35 6.60
CA ALA G 223 41.92 -54.31 6.18
C ALA G 223 43.29 -53.74 6.54
N LEU G 224 44.33 -54.51 6.22
CA LEU G 224 45.71 -54.08 6.38
C LEU G 224 46.49 -54.59 5.17
N SER G 225 47.82 -54.58 5.25
CA SER G 225 48.69 -55.11 4.21
C SER G 225 48.45 -54.39 2.88
N ASN G 226 48.84 -53.12 2.88
CA ASN G 226 48.65 -52.24 1.75
C ASN G 226 49.91 -52.14 0.89
N ARG G 227 49.72 -51.65 -0.33
CA ARG G 227 50.82 -51.37 -1.26
C ARG G 227 50.45 -50.16 -2.09
N GLN G 228 51.36 -49.78 -2.99
CA GLN G 228 51.23 -48.55 -3.76
C GLN G 228 51.32 -48.85 -5.26
N ALA G 229 50.49 -48.15 -6.02
CA ALA G 229 50.38 -48.35 -7.47
C ALA G 229 50.57 -47.03 -8.19
N GLN G 230 51.51 -47.00 -9.13
CA GLN G 230 51.74 -45.82 -9.95
C GLN G 230 50.72 -45.75 -11.07
N LEU G 261 45.35 -50.93 10.84
CA LEU G 261 45.09 -49.60 10.30
C LEU G 261 43.88 -48.95 10.96
N GLU G 262 43.93 -47.63 11.08
CA GLU G 262 42.88 -46.86 11.73
C GLU G 262 42.79 -45.51 11.04
N ASP G 263 42.17 -44.54 11.71
CA ASP G 263 41.95 -43.22 11.13
C ASP G 263 43.16 -42.32 11.38
N VAL G 264 43.69 -41.76 10.29
CA VAL G 264 44.77 -40.78 10.38
C VAL G 264 44.19 -39.40 10.59
N SER G 265 44.95 -38.54 11.25
CA SER G 265 44.56 -37.15 11.45
C SER G 265 45.44 -36.30 10.53
N LEU G 266 44.83 -35.69 9.54
CA LEU G 266 45.57 -34.94 8.52
C LEU G 266 44.93 -33.56 8.39
N ILE G 267 45.65 -32.52 8.81
CA ILE G 267 45.12 -31.17 8.78
C ILE G 267 46.08 -30.26 8.05
N ALA G 268 45.55 -29.14 7.57
CA ALA G 268 46.29 -28.21 6.73
C ALA G 268 46.58 -26.94 7.54
N TYR G 269 47.83 -26.49 7.49
CA TYR G 269 48.26 -25.26 8.15
C TYR G 269 48.84 -24.37 7.07
N PRO G 270 48.01 -23.57 6.40
CA PRO G 270 48.49 -22.78 5.25
C PRO G 270 49.35 -21.60 5.64
N GLU G 271 49.42 -21.24 6.93
CA GLU G 271 50.23 -20.10 7.32
C GLU G 271 51.68 -20.30 6.93
N THR G 272 52.18 -21.53 7.06
CA THR G 272 53.47 -21.91 6.51
C THR G 272 53.32 -22.92 5.39
N ASN G 273 52.11 -23.11 4.89
CA ASN G 273 51.82 -24.01 3.77
C ASN G 273 52.36 -25.42 4.06
N SER G 274 51.84 -25.99 5.14
CA SER G 274 52.31 -27.30 5.58
C SER G 274 51.11 -28.16 5.95
N ILE G 275 51.40 -29.43 6.24
CA ILE G 275 50.39 -30.40 6.60
C ILE G 275 50.84 -31.11 7.87
N LEU G 276 49.94 -31.21 8.84
CA LEU G 276 50.20 -31.91 10.09
C LEU G 276 49.52 -33.26 10.04
N VAL G 277 50.29 -34.32 10.25
CA VAL G 277 49.82 -35.69 10.10
C VAL G 277 49.99 -36.45 11.40
N LYS G 278 49.09 -37.40 11.63
CA LYS G 278 49.10 -38.25 12.80
C LYS G 278 48.65 -39.65 12.37
N GLY G 279 49.50 -40.63 12.59
CA GLY G 279 49.14 -41.98 12.20
C GLY G 279 50.24 -42.98 12.46
N ASN G 280 50.02 -44.21 12.00
CA ASN G 280 50.98 -45.28 12.15
C ASN G 280 52.11 -45.12 11.13
N ASP G 281 53.15 -45.95 11.30
CA ASP G 281 54.31 -45.85 10.44
C ASP G 281 53.97 -46.20 8.99
N GLN G 282 53.19 -47.25 8.78
CA GLN G 282 52.77 -47.61 7.43
C GLN G 282 51.94 -46.49 6.81
N GLN G 283 51.02 -45.93 7.59
CA GLN G 283 50.17 -44.87 7.07
C GLN G 283 50.99 -43.64 6.68
N ILE G 284 51.93 -43.23 7.53
CA ILE G 284 52.73 -42.06 7.17
C ILE G 284 53.63 -42.37 5.98
N GLN G 285 54.11 -43.61 5.86
CA GLN G 285 54.93 -43.95 4.70
C GLN G 285 54.13 -43.82 3.41
N ILE G 286 52.90 -44.37 3.40
CA ILE G 286 52.11 -44.26 2.19
C ILE G 286 51.71 -42.81 1.93
N ILE G 287 51.51 -42.02 2.99
CA ILE G 287 51.17 -40.62 2.78
C ILE G 287 52.34 -39.88 2.14
N ARG G 288 53.56 -40.10 2.63
CA ARG G 288 54.72 -39.45 2.03
C ARG G 288 54.86 -39.86 0.58
N ASP G 289 54.72 -41.15 0.29
CA ASP G 289 54.87 -41.61 -1.09
C ASP G 289 53.80 -41.01 -1.99
N ILE G 290 52.55 -40.99 -1.54
CA ILE G 290 51.47 -40.52 -2.41
C ILE G 290 51.58 -39.01 -2.62
N ILE G 291 51.97 -38.26 -1.59
CA ILE G 291 52.14 -36.83 -1.78
C ILE G 291 53.29 -36.53 -2.74
N THR G 292 54.42 -37.23 -2.57
CA THR G 292 55.54 -37.02 -3.47
C THR G 292 55.16 -37.35 -4.90
N GLN G 293 54.41 -38.43 -5.10
CA GLN G 293 53.92 -38.74 -6.44
C GLN G 293 52.84 -37.77 -6.89
N LEU G 294 52.26 -37.00 -5.96
CA LEU G 294 51.14 -36.14 -6.28
C LEU G 294 51.55 -34.76 -6.77
N ASP G 295 52.46 -34.07 -6.08
CA ASP G 295 52.83 -32.71 -6.47
C ASP G 295 54.23 -32.70 -7.04
N VAL G 296 54.37 -32.30 -8.31
CA VAL G 296 55.70 -32.25 -8.89
C VAL G 296 56.06 -30.90 -9.50
N ALA G 297 55.39 -30.50 -10.58
CA ALA G 297 55.98 -29.35 -11.28
C ALA G 297 54.99 -28.26 -11.67
N LYS G 298 53.80 -28.60 -12.15
CA LYS G 298 52.81 -27.63 -12.60
C LYS G 298 53.37 -26.75 -13.73
N ARG G 299 53.53 -27.37 -14.89
CA ARG G 299 54.09 -26.67 -16.04
C ARG G 299 53.18 -25.53 -16.50
N HIS G 300 53.77 -24.62 -17.28
CA HIS G 300 53.15 -23.37 -17.69
C HIS G 300 52.75 -23.43 -19.16
N ILE G 301 51.52 -23.05 -19.46
CA ILE G 301 51.01 -22.96 -20.82
C ILE G 301 50.65 -21.51 -21.09
N GLU G 302 51.11 -20.99 -22.22
CA GLU G 302 50.77 -19.66 -22.66
C GLU G 302 50.00 -19.76 -23.97
N LEU G 303 48.82 -19.15 -24.00
CA LEU G 303 47.92 -19.23 -25.14
C LEU G 303 47.84 -17.88 -25.83
N SER G 304 48.01 -17.89 -27.15
CA SER G 304 47.84 -16.70 -27.98
C SER G 304 46.64 -16.90 -28.87
N LEU G 305 45.67 -16.01 -28.79
CA LEU G 305 44.41 -16.14 -29.51
C LEU G 305 44.36 -15.09 -30.60
N TRP G 306 44.53 -15.52 -31.85
CA TRP G 306 44.52 -14.59 -32.97
C TRP G 306 43.10 -14.40 -33.45
N ILE G 307 42.68 -13.14 -33.58
CA ILE G 307 41.38 -12.79 -34.14
C ILE G 307 41.65 -11.91 -35.34
N ILE G 308 41.17 -12.33 -36.51
CA ILE G 308 41.48 -11.67 -37.77
C ILE G 308 40.19 -11.28 -38.45
N ASP G 309 40.12 -10.04 -38.93
CA ASP G 309 39.00 -9.57 -39.71
C ASP G 309 39.51 -8.92 -40.98
N ILE G 310 38.89 -9.25 -42.09
CA ILE G 310 39.19 -8.64 -43.38
C ILE G 310 37.87 -8.28 -44.05
N ASP G 311 37.73 -7.03 -44.47
CA ASP G 311 36.51 -6.56 -45.09
C ASP G 311 36.83 -5.78 -46.35
N LYS G 312 36.08 -6.06 -47.41
CA LYS G 312 36.12 -5.27 -48.63
C LYS G 312 34.69 -4.92 -49.02
N SER G 313 34.49 -3.72 -49.54
CA SER G 313 33.15 -3.31 -49.93
C SER G 313 33.25 -2.33 -51.07
N GLU G 314 32.24 -2.35 -51.93
CA GLU G 314 32.17 -1.42 -53.05
C GLU G 314 30.72 -1.10 -53.34
N LEU G 315 30.37 0.17 -53.25
CA LEU G 315 28.99 0.62 -53.47
C LEU G 315 29.02 1.70 -54.52
N ASN G 316 28.25 1.54 -55.59
CA ASN G 316 28.26 2.56 -56.62
C ASN G 316 26.87 2.72 -57.22
N ASN G 317 26.50 3.96 -57.50
CA ASN G 317 25.20 4.24 -58.06
C ASN G 317 25.29 5.42 -59.02
N LEU G 318 24.61 5.29 -60.15
CA LEU G 318 24.56 6.38 -61.12
C LEU G 318 23.26 6.32 -61.88
N GLY G 319 22.72 7.48 -62.20
CA GLY G 319 21.49 7.56 -62.96
C GLY G 319 20.74 8.83 -62.64
N VAL G 320 19.50 8.88 -63.10
CA VAL G 320 18.66 10.06 -62.97
C VAL G 320 17.26 9.64 -62.55
N ASN G 321 16.66 10.42 -61.64
CA ASN G 321 15.27 10.29 -61.28
C ASN G 321 14.51 11.53 -61.75
N TRP G 322 13.31 11.34 -62.28
CA TRP G 322 12.54 12.42 -62.88
C TRP G 322 11.19 12.57 -62.19
N GLN G 323 10.73 13.82 -62.10
CA GLN G 323 9.37 14.12 -61.70
C GLN G 323 8.87 15.27 -62.54
N GLY G 324 7.55 15.30 -62.79
CA GLY G 324 7.04 16.30 -63.71
C GLY G 324 5.65 16.79 -63.39
N THR G 325 5.35 17.97 -63.91
CA THR G 325 4.02 18.57 -63.83
C THR G 325 3.76 19.34 -65.11
N ALA G 326 2.49 19.43 -65.50
CA ALA G 326 2.15 20.14 -66.72
C ALA G 326 0.72 20.65 -66.62
N SER G 327 0.45 21.73 -67.35
CA SER G 327 -0.87 22.34 -67.36
C SER G 327 -1.23 22.76 -68.77
N PHE G 328 -2.52 22.80 -69.05
CA PHE G 328 -3.03 23.23 -70.35
C PHE G 328 -4.31 24.01 -70.13
N GLY G 329 -4.28 25.28 -70.56
CA GLY G 329 -5.34 26.20 -70.22
C GLY G 329 -5.46 26.30 -68.72
N ASP G 330 -6.68 26.56 -68.26
CA ASP G 330 -7.03 26.42 -66.86
C ASP G 330 -7.91 25.19 -66.65
N SER G 331 -7.79 24.22 -67.55
CA SER G 331 -8.68 23.07 -67.59
C SER G 331 -7.98 21.74 -67.37
N PHE G 332 -6.84 21.49 -68.01
CA PHE G 332 -6.22 20.17 -67.99
C PHE G 332 -4.96 20.23 -67.13
N GLY G 333 -4.96 19.46 -66.04
CA GLY G 333 -3.77 19.32 -65.22
C GLY G 333 -3.19 17.92 -65.34
N ALA G 334 -1.87 17.82 -65.30
CA ALA G 334 -1.22 16.52 -65.41
C ALA G 334 -0.04 16.45 -64.46
N SER G 335 0.08 15.32 -63.76
CA SER G 335 1.19 15.10 -62.83
C SER G 335 1.90 13.81 -63.22
N PHE G 336 3.17 13.90 -63.54
CA PHE G 336 3.95 12.76 -64.02
C PHE G 336 4.83 12.23 -62.91
N ASN G 337 4.58 11.00 -62.49
CA ASN G 337 5.38 10.32 -61.46
C ASN G 337 5.37 11.08 -60.15
N MET G 338 4.18 11.35 -59.65
CA MET G 338 4.01 12.03 -58.37
C MET G 338 3.01 11.28 -57.51
N SER G 339 3.25 11.29 -56.21
CA SER G 339 2.34 10.61 -55.28
C SER G 339 0.98 11.29 -55.26
N SER G 340 0.96 12.62 -55.07
CA SER G 340 -0.28 13.37 -55.07
C SER G 340 0.05 14.84 -55.31
N SER G 341 -0.97 15.59 -55.68
CA SER G 341 -0.81 17.02 -55.96
C SER G 341 -0.63 17.84 -54.69
N ASN G 350 6.55 24.14 -61.66
CA ASN G 350 5.52 24.00 -62.67
C ASN G 350 5.93 22.98 -63.73
N LYS G 351 7.22 22.69 -63.80
CA LYS G 351 7.74 21.82 -64.84
C LYS G 351 8.80 20.90 -64.23
N PHE G 352 9.58 20.25 -65.08
CA PHE G 352 10.23 18.99 -64.74
C PHE G 352 11.48 19.20 -63.88
N ILE G 353 11.68 18.25 -62.98
CA ILE G 353 12.84 18.23 -62.09
C ILE G 353 13.53 16.88 -62.20
N ALA G 354 14.86 16.89 -62.16
CA ALA G 354 15.65 15.67 -62.30
C ALA G 354 16.76 15.67 -61.26
N SER G 355 16.85 14.58 -60.51
CA SER G 355 17.94 14.37 -59.57
C SER G 355 18.94 13.42 -60.21
N VAL G 356 20.16 13.92 -60.43
CA VAL G 356 21.22 13.12 -61.02
C VAL G 356 22.16 12.68 -59.91
N MET G 357 22.40 11.38 -59.85
CA MET G 357 23.30 10.78 -58.89
C MET G 357 24.42 10.09 -59.63
N ALA G 358 25.65 10.27 -59.14
CA ALA G 358 26.80 9.59 -59.73
C ALA G 358 27.86 9.50 -58.65
N LEU G 359 28.14 8.30 -58.17
CA LEU G 359 29.08 8.16 -57.07
C LEU G 359 29.54 6.71 -56.99
N ASN G 360 30.76 6.53 -56.49
CA ASN G 360 31.34 5.20 -56.33
C ASN G 360 32.31 5.23 -55.17
N GLN G 361 32.06 4.41 -54.15
CA GLN G 361 32.93 4.38 -52.98
C GLN G 361 33.38 2.95 -52.68
N LYS G 362 34.68 2.78 -52.52
CA LYS G 362 35.29 1.53 -52.11
C LYS G 362 35.81 1.66 -50.69
N LYS G 363 35.84 0.54 -49.99
CA LYS G 363 36.28 0.56 -48.60
C LYS G 363 36.97 -0.75 -48.29
N LYS G 364 38.03 -0.68 -47.49
CA LYS G 364 38.78 -1.88 -47.13
C LYS G 364 39.28 -1.75 -45.70
N ALA G 365 39.27 -2.86 -44.96
CA ALA G 365 39.71 -2.81 -43.58
C ALA G 365 40.32 -4.14 -43.16
N ASN G 366 41.43 -4.08 -42.43
CA ASN G 366 42.06 -5.25 -41.84
C ASN G 366 42.28 -5.00 -40.37
N VAL G 367 41.82 -5.93 -39.53
CA VAL G 367 41.97 -5.81 -38.09
C VAL G 367 42.58 -7.10 -37.57
N VAL G 368 43.64 -6.99 -36.77
CA VAL G 368 44.27 -8.15 -36.18
C VAL G 368 44.41 -7.90 -34.69
N SER G 369 43.71 -8.70 -33.89
CA SER G 369 43.80 -8.59 -32.44
C SER G 369 44.41 -9.87 -31.89
N ARG G 370 45.16 -9.75 -30.81
CA ARG G 370 45.82 -10.91 -30.21
C ARG G 370 45.88 -10.73 -28.71
N PRO G 371 44.97 -11.36 -27.98
CA PRO G 371 45.20 -11.56 -26.55
C PRO G 371 46.17 -12.70 -26.31
N VAL G 372 46.91 -12.59 -25.21
CA VAL G 372 47.93 -13.57 -24.85
C VAL G 372 47.89 -13.72 -23.34
N ILE G 373 47.68 -14.94 -22.85
CA ILE G 373 47.59 -15.15 -21.42
C ILE G 373 48.36 -16.39 -21.02
N LEU G 374 49.05 -16.32 -19.88
CA LEU G 374 49.84 -17.42 -19.37
C LEU G 374 49.20 -17.97 -18.10
N THR G 375 49.30 -19.28 -17.90
CA THR G 375 48.76 -19.90 -16.70
C THR G 375 49.46 -21.24 -16.48
N GLN G 376 49.07 -21.92 -15.42
CA GLN G 376 49.56 -23.26 -15.12
C GLN G 376 48.55 -24.28 -15.59
N GLU G 377 49.05 -25.45 -15.98
CA GLU G 377 48.17 -26.47 -16.52
C GLU G 377 47.11 -26.87 -15.52
N ASN G 378 45.89 -27.09 -16.02
CA ASN G 378 44.72 -27.56 -15.28
C ASN G 378 44.13 -26.52 -14.35
N ILE G 379 44.57 -25.27 -14.41
CA ILE G 379 44.06 -24.23 -13.54
C ILE G 379 43.44 -23.13 -14.40
N PRO G 380 42.18 -22.78 -14.17
CA PRO G 380 41.50 -21.83 -15.07
C PRO G 380 42.18 -20.47 -15.04
N ALA G 381 42.14 -19.79 -16.18
CA ALA G 381 42.70 -18.47 -16.32
C ALA G 381 41.66 -17.55 -16.95
N ILE G 382 41.64 -16.30 -16.51
CA ILE G 382 40.67 -15.32 -16.97
C ILE G 382 41.39 -14.10 -17.48
N PHE G 383 40.98 -13.60 -18.65
CA PHE G 383 41.55 -12.38 -19.19
C PHE G 383 40.46 -11.61 -19.90
N ASP G 384 40.14 -10.42 -19.42
CA ASP G 384 39.21 -9.57 -20.14
C ASP G 384 39.77 -8.17 -20.26
N ASN G 385 39.35 -7.48 -21.31
CA ASN G 385 39.94 -6.20 -21.64
C ASN G 385 38.96 -5.44 -22.52
N ASN G 386 38.99 -4.12 -22.42
CA ASN G 386 38.23 -3.32 -23.36
C ASN G 386 38.84 -1.94 -23.46
N ARG G 387 39.04 -1.48 -24.69
CA ARG G 387 39.55 -0.16 -24.99
C ARG G 387 38.48 0.61 -25.76
N THR G 388 38.71 1.91 -25.88
CA THR G 388 37.87 2.79 -26.68
C THR G 388 38.74 3.43 -27.75
N PHE G 389 38.31 3.30 -29.00
CA PHE G 389 39.04 3.87 -30.13
C PHE G 389 38.35 5.15 -30.56
N TYR G 390 39.11 6.24 -30.60
CA TYR G 390 38.61 7.54 -30.97
C TYR G 390 39.12 7.93 -32.35
N VAL G 391 38.30 8.67 -33.08
CA VAL G 391 38.73 9.37 -34.28
C VAL G 391 38.21 10.78 -34.22
N SER G 392 39.10 11.75 -34.44
CA SER G 392 38.74 13.16 -34.38
C SER G 392 38.19 13.58 -35.73
N LEU G 393 37.05 14.26 -35.70
CA LEU G 393 36.46 14.77 -36.93
C LEU G 393 37.38 15.83 -37.55
N VAL G 394 37.07 16.19 -38.79
CA VAL G 394 37.87 17.20 -39.48
C VAL G 394 37.68 18.57 -38.83
N GLY G 395 36.45 18.91 -38.45
CA GLY G 395 36.17 20.20 -37.84
C GLY G 395 34.85 20.25 -37.12
N LEU G 401 34.32 13.69 -33.20
CA LEU G 401 34.96 12.77 -32.27
C LEU G 401 34.09 11.54 -32.07
N GLU G 402 34.32 10.51 -32.87
CA GLU G 402 33.53 9.30 -32.81
C GLU G 402 34.35 8.17 -32.23
N HIS G 403 33.73 7.36 -31.38
CA HIS G 403 34.42 6.35 -30.61
C HIS G 403 33.70 5.02 -30.73
N VAL G 404 34.48 3.94 -30.68
CA VAL G 404 33.97 2.58 -30.69
C VAL G 404 34.65 1.81 -29.57
N THR G 405 33.86 1.11 -28.76
CA THR G 405 34.37 0.37 -27.61
C THR G 405 34.60 -1.08 -28.00
N TYR G 406 35.87 -1.47 -28.07
CA TYR G 406 36.25 -2.82 -28.46
C TYR G 406 36.62 -3.60 -27.22
N GLY G 407 35.91 -4.70 -26.96
CA GLY G 407 36.15 -5.49 -25.78
C GLY G 407 36.23 -6.97 -26.10
N THR G 408 37.10 -7.65 -25.37
CA THR G 408 37.27 -9.09 -25.46
C THR G 408 37.27 -9.68 -24.07
N LEU G 409 36.90 -10.96 -23.99
CA LEU G 409 36.84 -11.68 -22.72
C LEU G 409 37.05 -13.16 -23.03
N ILE G 410 38.15 -13.71 -22.54
CA ILE G 410 38.50 -15.10 -22.78
C ILE G 410 38.78 -15.76 -21.46
N ASN G 411 38.08 -16.86 -21.19
CA ASN G 411 38.40 -17.69 -20.03
C ASN G 411 38.65 -19.11 -20.50
N VAL G 412 39.75 -19.69 -20.01
CA VAL G 412 40.33 -20.88 -20.61
C VAL G 412 40.77 -21.83 -19.52
N ILE G 413 40.64 -23.12 -19.79
CA ILE G 413 41.22 -24.17 -18.97
C ILE G 413 42.15 -25.00 -19.83
N PRO G 414 43.45 -24.84 -19.69
CA PRO G 414 44.40 -25.61 -20.50
C PRO G 414 44.92 -26.84 -19.76
N ARG G 415 45.46 -27.80 -20.51
CA ARG G 415 46.12 -28.96 -19.93
C ARG G 415 46.85 -29.68 -21.04
N PHE G 416 47.62 -30.68 -20.67
CA PHE G 416 48.44 -31.42 -21.61
C PHE G 416 47.79 -32.75 -21.99
N SER G 417 48.35 -33.37 -23.01
CA SER G 417 47.87 -34.65 -23.50
C SER G 417 48.99 -35.31 -24.30
N SER G 418 48.74 -36.58 -24.64
CA SER G 418 49.74 -37.46 -25.25
C SER G 418 50.53 -36.75 -26.35
N ARG G 419 51.83 -37.05 -26.38
CA ARG G 419 52.76 -36.46 -27.34
C ARG G 419 52.90 -34.95 -27.13
N GLY G 420 52.65 -34.49 -25.91
CA GLY G 420 52.81 -33.08 -25.62
C GLY G 420 51.82 -32.18 -26.30
N GLN G 421 50.66 -32.68 -26.68
CA GLN G 421 49.64 -31.81 -27.26
C GLN G 421 48.98 -31.00 -26.16
N ILE G 422 48.42 -29.84 -26.52
CA ILE G 422 47.81 -28.95 -25.56
C ILE G 422 46.31 -28.93 -25.82
N GLU G 423 45.53 -29.36 -24.85
CA GLU G 423 44.08 -29.33 -24.95
C GLU G 423 43.55 -28.17 -24.13
N MET G 424 42.49 -27.53 -24.61
CA MET G 424 41.97 -26.34 -23.96
C MET G 424 40.46 -26.31 -24.08
N SER G 425 39.81 -25.96 -22.97
CA SER G 425 38.40 -25.59 -22.98
C SER G 425 38.32 -24.08 -23.02
N LEU G 426 37.61 -23.55 -24.02
CA LEU G 426 37.64 -22.13 -24.34
C LEU G 426 36.24 -21.55 -24.28
N THR G 427 36.11 -20.40 -23.62
CA THR G 427 34.97 -19.51 -23.81
C THR G 427 35.50 -18.16 -24.23
N ILE G 428 35.11 -17.70 -25.42
CA ILE G 428 35.62 -16.47 -26.00
C ILE G 428 34.44 -15.59 -26.38
N GLU G 429 34.49 -14.34 -25.97
CA GLU G 429 33.60 -13.30 -26.48
C GLU G 429 34.46 -12.16 -26.95
N ASP G 430 34.08 -11.52 -28.05
CA ASP G 430 34.86 -10.37 -28.49
C ASP G 430 34.02 -9.52 -29.41
N GLY G 431 34.45 -8.29 -29.58
CA GLY G 431 33.85 -7.43 -30.58
C GLY G 431 33.61 -6.06 -30.05
N THR G 432 32.86 -5.29 -30.82
CA THR G 432 32.65 -3.88 -30.54
C THR G 432 31.21 -3.63 -30.10
N GLY G 433 30.92 -2.36 -29.83
CA GLY G 433 29.57 -1.92 -29.55
C GLY G 433 29.14 -0.90 -30.58
N ASN G 434 27.94 -1.07 -31.12
CA ASN G 434 27.46 -0.25 -32.22
C ASN G 434 27.50 1.23 -31.87
N SER G 435 28.27 2.00 -32.64
CA SER G 435 28.30 3.44 -32.52
C SER G 435 28.37 4.04 -33.92
N GLN G 436 27.21 4.39 -34.46
CA GLN G 436 27.11 5.00 -35.78
C GLN G 436 27.78 6.36 -35.82
N ASN G 443 29.89 10.95 -40.95
CA ASN G 443 30.85 11.34 -41.98
C ASN G 443 32.05 10.41 -41.99
N GLU G 444 31.86 9.22 -42.54
CA GLU G 444 32.90 8.20 -42.72
C GLU G 444 33.51 7.73 -41.39
N ASN G 445 32.89 8.09 -40.27
CA ASN G 445 33.39 7.65 -38.98
C ASN G 445 33.39 6.14 -38.87
N THR G 446 32.26 5.50 -39.18
CA THR G 446 32.20 4.05 -39.22
C THR G 446 33.11 3.51 -40.32
N SER G 447 33.31 4.28 -41.38
CA SER G 447 34.20 3.85 -42.45
C SER G 447 35.63 3.74 -41.97
N VAL G 448 36.02 4.56 -40.99
CA VAL G 448 37.39 4.53 -40.49
C VAL G 448 37.54 3.58 -39.31
N LEU G 449 36.60 3.60 -38.38
CA LEU G 449 36.71 2.79 -37.18
C LEU G 449 36.51 1.31 -37.51
N PRO G 450 36.97 0.41 -36.63
CA PRO G 450 36.88 -1.03 -36.92
C PRO G 450 35.48 -1.54 -37.19
N GLU G 451 34.60 -1.45 -36.19
CA GLU G 451 33.21 -1.91 -36.30
C GLU G 451 33.12 -3.33 -36.84
N VAL G 452 33.62 -4.27 -36.02
CA VAL G 452 33.73 -5.66 -36.43
C VAL G 452 32.61 -6.54 -35.89
N GLY G 453 31.54 -5.96 -35.39
CA GLY G 453 30.44 -6.76 -34.87
C GLY G 453 30.80 -7.41 -33.55
N ARG G 454 30.03 -8.42 -33.19
CA ARG G 454 30.26 -9.15 -31.95
C ARG G 454 30.19 -10.64 -32.22
N THR G 455 31.03 -11.42 -31.53
CA THR G 455 31.08 -12.85 -31.77
C THR G 455 31.46 -13.56 -30.49
N LYS G 456 30.70 -14.60 -30.14
CA LYS G 456 31.01 -15.45 -29.00
C LYS G 456 31.07 -16.89 -29.47
N ILE G 457 32.11 -17.59 -29.05
CA ILE G 457 32.30 -19.00 -29.39
C ILE G 457 32.73 -19.76 -28.15
N SER G 458 32.05 -20.87 -27.89
CA SER G 458 32.35 -21.71 -26.73
C SER G 458 32.57 -23.13 -27.22
N THR G 459 33.74 -23.69 -26.92
CA THR G 459 34.11 -24.99 -27.49
C THR G 459 35.30 -25.54 -26.71
N ILE G 460 35.89 -26.61 -27.25
CA ILE G 460 37.04 -27.28 -26.63
C ILE G 460 37.82 -27.99 -27.72
N ALA G 461 39.14 -27.78 -27.74
CA ALA G 461 39.94 -28.33 -28.82
C ALA G 461 41.37 -28.55 -28.35
N ARG G 462 42.08 -29.42 -29.04
CA ARG G 462 43.48 -29.71 -28.72
C ARG G 462 44.35 -29.51 -29.94
N VAL G 463 45.56 -29.01 -29.69
CA VAL G 463 46.48 -28.56 -30.73
C VAL G 463 47.82 -29.25 -30.54
N PRO G 464 48.42 -29.80 -31.59
CA PRO G 464 49.82 -30.22 -31.50
C PRO G 464 50.70 -29.01 -31.24
N GLN G 465 51.78 -29.23 -30.51
CA GLN G 465 52.67 -28.12 -30.19
C GLN G 465 53.50 -27.78 -31.41
N GLY G 466 53.51 -26.49 -31.76
CA GLY G 466 54.15 -26.02 -32.96
C GLY G 466 53.21 -25.65 -34.09
N LYS G 467 51.92 -25.94 -33.96
CA LYS G 467 50.94 -25.60 -34.97
C LYS G 467 49.80 -24.83 -34.32
N SER G 468 48.94 -24.26 -35.17
CA SER G 468 47.83 -23.44 -34.70
C SER G 468 46.56 -23.90 -35.38
N LEU G 469 45.44 -23.69 -34.71
CA LEU G 469 44.17 -24.26 -35.13
C LEU G 469 43.14 -23.15 -35.34
N LEU G 470 42.25 -23.36 -36.31
CA LEU G 470 41.19 -22.39 -36.62
C LEU G 470 39.91 -22.89 -35.96
N ILE G 471 39.72 -22.52 -34.70
CA ILE G 471 38.58 -23.04 -33.97
C ILE G 471 37.28 -22.47 -34.50
N GLY G 472 37.26 -21.18 -34.83
CA GLY G 472 36.01 -20.56 -35.21
C GLY G 472 36.18 -19.66 -36.42
N GLY G 473 35.08 -19.43 -37.12
CA GLY G 473 35.18 -18.52 -38.24
C GLY G 473 33.83 -18.27 -38.87
N TYR G 474 33.83 -17.28 -39.74
CA TYR G 474 32.57 -16.81 -40.31
C TYR G 474 32.88 -15.95 -41.52
N THR G 475 32.37 -16.32 -42.68
CA THR G 475 32.53 -15.52 -43.88
C THR G 475 31.17 -15.13 -44.42
N HIS G 476 31.15 -14.05 -45.18
CA HIS G 476 29.89 -13.45 -45.63
C HIS G 476 30.13 -12.75 -46.94
N GLU G 477 29.23 -12.96 -47.90
CA GLU G 477 29.35 -12.32 -49.20
C GLU G 477 27.99 -11.81 -49.62
N THR G 478 27.94 -10.56 -50.05
CA THR G 478 26.70 -9.92 -50.45
C THR G 478 26.86 -9.30 -51.83
N ASN G 479 25.87 -9.48 -52.68
CA ASN G 479 25.84 -8.86 -53.99
C ASN G 479 24.43 -8.38 -54.25
N SER G 480 24.28 -7.15 -54.73
CA SER G 480 22.95 -6.61 -54.92
C SER G 480 22.94 -5.63 -56.09
N ASN G 481 21.92 -5.73 -56.93
CA ASN G 481 21.73 -4.83 -58.05
C ASN G 481 20.30 -4.33 -58.04
N GLU G 482 20.12 -3.08 -58.46
CA GLU G 482 18.80 -2.49 -58.58
C GLU G 482 18.77 -1.56 -59.77
N ILE G 483 17.73 -1.67 -60.59
CA ILE G 483 17.61 -0.87 -61.79
C ILE G 483 16.21 -0.25 -61.81
N ILE G 484 16.15 1.06 -61.99
CA ILE G 484 14.89 1.79 -62.11
C ILE G 484 14.88 2.49 -63.45
N SER G 485 13.77 2.37 -64.19
CA SER G 485 13.75 2.98 -65.50
C SER G 485 12.33 3.34 -65.91
N ILE G 486 12.22 4.42 -66.67
CA ILE G 486 10.97 4.76 -67.34
C ILE G 486 10.70 3.70 -68.41
N PRO G 487 9.47 3.21 -68.55
CA PRO G 487 9.23 2.03 -69.39
C PRO G 487 9.66 2.17 -70.83
N PHE G 488 9.13 3.14 -71.56
CA PHE G 488 9.31 3.15 -73.01
C PHE G 488 10.55 3.92 -73.45
N LEU G 489 10.59 5.22 -73.14
CA LEU G 489 11.62 6.06 -73.73
C LEU G 489 13.02 5.65 -73.29
N SER G 490 13.17 5.14 -72.06
CA SER G 490 14.49 4.72 -71.61
C SER G 490 15.06 3.59 -72.44
N SER G 491 14.28 3.02 -73.36
CA SER G 491 14.77 1.96 -74.22
C SER G 491 15.29 2.47 -75.55
N ILE G 492 15.18 3.77 -75.83
CA ILE G 492 15.67 4.30 -77.10
C ILE G 492 17.20 4.26 -77.07
N PRO G 493 17.86 4.16 -78.23
CA PRO G 493 19.28 3.75 -78.24
C PRO G 493 20.25 4.68 -77.53
N VAL G 494 20.26 5.95 -77.90
CA VAL G 494 21.36 6.82 -77.48
C VAL G 494 21.06 7.51 -76.16
N ILE G 495 20.02 8.35 -76.13
CA ILE G 495 19.75 9.15 -74.95
C ILE G 495 18.92 8.41 -73.91
N GLY G 496 18.40 7.23 -74.24
CA GLY G 496 17.62 6.48 -73.27
C GLY G 496 18.39 6.18 -72.01
N ASN G 497 19.70 5.97 -72.13
CA ASN G 497 20.53 5.68 -70.98
C ASN G 497 20.58 6.82 -69.98
N VAL G 498 19.95 7.97 -70.28
CA VAL G 498 19.89 9.05 -69.31
C VAL G 498 18.70 8.93 -68.38
N PHE G 499 17.77 8.00 -68.65
CA PHE G 499 16.59 7.85 -67.81
C PHE G 499 16.71 6.72 -66.80
N LYS G 500 17.67 5.83 -66.96
CA LYS G 500 17.82 4.73 -66.03
C LYS G 500 18.39 5.22 -64.69
N TYR G 501 18.50 4.28 -63.76
CA TYR G 501 19.14 4.55 -62.48
C TYR G 501 19.59 3.20 -61.95
N LYS G 502 20.91 3.01 -61.87
CA LYS G 502 21.50 1.72 -61.54
C LYS G 502 22.27 1.84 -60.24
N THR G 503 21.95 0.97 -59.29
CA THR G 503 22.62 0.93 -57.99
C THR G 503 23.18 -0.46 -57.78
N SER G 504 24.39 -0.54 -57.24
CA SER G 504 25.06 -1.82 -57.06
C SER G 504 25.84 -1.83 -55.77
N ASN G 505 25.86 -2.99 -55.11
CA ASN G 505 26.60 -3.19 -53.88
C ASN G 505 27.28 -4.54 -53.93
N ILE G 506 28.52 -4.59 -53.47
CA ILE G 506 29.28 -5.83 -53.35
C ILE G 506 30.05 -5.78 -52.05
N SER G 507 30.10 -6.89 -51.32
CA SER G 507 30.85 -6.87 -50.07
C SER G 507 31.30 -8.26 -49.68
N ASN G 508 32.52 -8.36 -49.19
CA ASN G 508 33.07 -9.60 -48.64
C ASN G 508 33.58 -9.33 -47.22
N ILE G 509 33.28 -10.26 -46.33
CA ILE G 509 33.69 -10.17 -44.93
C ILE G 509 34.23 -11.52 -44.51
N VAL G 510 35.37 -11.53 -43.83
CA VAL G 510 35.95 -12.74 -43.29
C VAL G 510 36.37 -12.47 -41.86
N ARG G 511 36.01 -13.37 -40.95
CA ARG G 511 36.44 -13.26 -39.57
C ARG G 511 36.88 -14.64 -39.09
N VAL G 512 38.01 -14.70 -38.39
CA VAL G 512 38.65 -15.95 -38.04
C VAL G 512 39.14 -15.90 -36.61
N PHE G 513 38.90 -16.95 -35.85
CA PHE G 513 39.43 -17.14 -34.51
C PHE G 513 40.34 -18.36 -34.54
N LEU G 514 41.65 -18.12 -34.48
CA LEU G 514 42.65 -19.17 -34.35
C LEU G 514 43.26 -19.14 -32.95
N ILE G 515 43.83 -20.27 -32.56
CA ILE G 515 44.57 -20.37 -31.31
C ILE G 515 45.94 -20.96 -31.61
N GLN G 516 46.96 -20.50 -30.89
CA GLN G 516 48.20 -21.24 -30.84
C GLN G 516 48.72 -21.21 -29.41
N PRO G 517 48.83 -22.37 -28.79
CA PRO G 517 49.41 -22.43 -27.45
C PRO G 517 50.88 -22.80 -27.49
N ARG G 518 51.58 -22.63 -26.37
CA ARG G 518 52.95 -23.09 -26.29
C ARG G 518 53.32 -23.27 -24.82
N GLU G 519 54.15 -24.27 -24.56
CA GLU G 519 54.65 -24.48 -23.22
C GLU G 519 55.78 -23.50 -22.93
N ILE G 520 55.84 -23.01 -21.70
CA ILE G 520 56.83 -22.01 -21.31
C ILE G 520 58.07 -22.73 -20.82
N LYS G 521 59.20 -22.46 -21.45
CA LYS G 521 60.47 -23.04 -21.09
C LYS G 521 61.38 -21.98 -20.49
N GLU G 522 62.58 -22.41 -20.09
CA GLU G 522 63.50 -21.49 -19.45
C GLU G 522 63.94 -20.36 -20.35
N SER G 523 63.80 -20.51 -21.67
CA SER G 523 64.15 -19.46 -22.60
C SER G 523 63.03 -18.46 -22.80
N SER G 524 61.87 -18.68 -22.19
CA SER G 524 60.74 -17.79 -22.36
C SER G 524 60.69 -16.68 -21.30
N TYR G 525 61.56 -16.71 -20.31
CA TYR G 525 61.64 -15.64 -19.34
C TYR G 525 62.52 -14.52 -19.86
N TYR G 526 62.42 -13.37 -19.21
CA TYR G 526 63.25 -12.22 -19.53
C TYR G 526 64.35 -12.07 -18.49
N ASN G 527 65.58 -11.94 -18.94
CA ASN G 527 66.70 -11.72 -18.02
C ASN G 527 66.64 -10.29 -17.52
N THR G 528 66.53 -10.12 -16.20
CA THR G 528 66.50 -8.81 -15.58
C THR G 528 67.74 -8.57 -14.72
N ALA G 529 68.00 -9.45 -13.75
CA ALA G 529 69.21 -9.45 -12.94
C ALA G 529 69.42 -8.15 -12.18
N GLU G 530 68.45 -7.25 -12.18
CA GLU G 530 68.56 -5.98 -11.47
C GLU G 530 67.21 -5.68 -10.83
N TYR G 531 67.15 -4.56 -10.10
CA TYR G 531 65.91 -4.20 -9.43
C TYR G 531 65.94 -2.69 -9.20
N LYS G 532 65.24 -1.95 -10.05
CA LYS G 532 65.13 -0.51 -9.89
C LYS G 532 64.36 -0.21 -8.61
N SER G 533 65.06 0.29 -7.60
CA SER G 533 64.37 0.76 -6.41
C SER G 533 63.50 1.96 -6.76
N LEU G 534 62.33 2.04 -6.12
CA LEU G 534 61.43 3.15 -6.38
C LEU G 534 62.08 4.49 -6.03
N ILE G 535 62.74 4.55 -4.88
CA ILE G 535 63.26 5.80 -4.35
C ILE G 535 64.71 5.57 -3.94
N SER G 536 65.48 6.64 -3.96
CA SER G 536 66.92 6.53 -3.73
C SER G 536 67.24 6.56 -2.25
N GLU G 537 68.32 5.86 -1.90
CA GLU G 537 68.78 5.87 -0.52
C GLU G 537 69.16 7.28 -0.06
N ARG G 538 69.82 8.04 -0.93
CA ARG G 538 70.17 9.41 -0.59
C ARG G 538 68.92 10.24 -0.37
N GLU G 539 67.91 10.05 -1.21
CA GLU G 539 66.66 10.78 -1.02
C GLU G 539 66.00 10.44 0.30
N ILE G 540 65.98 9.16 0.66
CA ILE G 540 65.37 8.78 1.93
C ILE G 540 66.15 9.36 3.10
N GLN G 541 67.47 9.28 3.06
CA GLN G 541 68.26 9.86 4.13
C GLN G 541 68.01 11.36 4.24
N LYS G 542 67.92 12.05 3.10
CA LYS G 542 67.66 13.47 3.13
C LYS G 542 66.30 13.79 3.73
N THR G 543 65.29 12.96 3.44
CA THR G 543 63.94 13.29 3.89
C THR G 543 63.61 12.80 5.29
N THR G 544 64.36 11.84 5.85
CA THR G 544 64.04 11.37 7.19
C THR G 544 65.25 11.34 8.11
N GLN G 545 66.34 12.01 7.77
CA GLN G 545 67.44 12.16 8.69
C GLN G 545 67.18 13.34 9.60
N ILE G 546 67.78 13.29 10.79
CA ILE G 546 67.71 14.44 11.67
C ILE G 546 68.39 15.62 10.99
N ILE G 547 67.78 16.80 11.11
CA ILE G 547 68.34 17.97 10.43
C ILE G 547 69.72 18.27 11.01
N PRO G 548 70.75 18.44 10.18
CA PRO G 548 72.13 18.69 10.61
C PRO G 548 72.26 19.90 11.54
N LYS H 180 46.99 -56.91 0.02
CA LYS H 180 45.62 -56.98 0.52
C LYS H 180 44.84 -55.72 0.16
N VAL H 181 45.47 -54.56 0.32
CA VAL H 181 44.88 -53.28 -0.08
C VAL H 181 45.90 -52.56 -0.95
N ASN H 182 45.41 -51.72 -1.86
CA ASN H 182 46.28 -50.94 -2.71
C ASN H 182 45.74 -49.52 -2.82
N PHE H 183 46.62 -48.55 -2.61
CA PHE H 183 46.34 -47.14 -2.89
C PHE H 183 47.14 -46.73 -4.11
N GLY H 184 46.47 -46.12 -5.09
CA GLY H 184 47.09 -45.85 -6.36
C GLY H 184 46.71 -44.50 -6.91
N VAL H 185 47.56 -44.02 -7.82
CA VAL H 185 47.36 -42.76 -8.52
C VAL H 185 47.29 -43.06 -10.01
N ILE H 186 46.25 -42.56 -10.67
CA ILE H 186 46.04 -42.77 -12.10
C ILE H 186 45.99 -41.42 -12.78
N LYS H 187 46.77 -41.28 -13.85
CA LYS H 187 46.94 -40.00 -14.53
C LYS H 187 46.15 -40.01 -15.83
N LEU H 188 44.97 -39.39 -15.82
CA LEU H 188 44.19 -39.25 -17.03
C LEU H 188 44.87 -38.31 -18.01
N LYS H 189 44.73 -38.62 -19.30
CA LYS H 189 45.36 -37.82 -20.34
C LYS H 189 44.36 -37.16 -21.27
N ASN H 190 43.43 -37.91 -21.83
CA ASN H 190 42.60 -37.42 -22.93
C ASN H 190 41.28 -36.83 -22.49
N THR H 191 40.98 -36.79 -21.20
CA THR H 191 39.69 -36.29 -20.73
C THR H 191 39.88 -35.49 -19.44
N PHE H 192 38.90 -34.64 -19.17
CA PHE H 192 38.82 -33.98 -17.87
C PHE H 192 38.16 -34.90 -16.86
N VAL H 193 38.43 -34.66 -15.58
CA VAL H 193 37.97 -35.53 -14.51
C VAL H 193 36.69 -35.02 -13.89
N SER H 194 36.59 -33.72 -13.64
CA SER H 194 35.39 -33.17 -13.02
C SER H 194 34.24 -33.15 -14.01
N ASP H 195 33.03 -33.41 -13.52
CA ASP H 195 31.84 -33.33 -14.34
C ASP H 195 31.66 -31.91 -14.85
N ARG H 196 31.23 -31.79 -16.10
CA ARG H 196 31.10 -30.48 -16.74
C ARG H 196 29.65 -30.23 -17.14
N THR H 197 29.30 -28.95 -17.24
CA THR H 197 27.94 -28.53 -17.58
C THR H 197 27.98 -27.62 -18.80
N TYR H 198 27.04 -27.84 -19.71
CA TYR H 198 26.94 -27.07 -20.95
C TYR H 198 25.50 -26.60 -21.14
N ASN H 199 25.37 -25.37 -21.59
CA ASN H 199 24.07 -24.75 -21.82
C ASN H 199 23.69 -24.89 -23.28
N MET H 200 22.44 -25.28 -23.53
CA MET H 200 21.92 -25.44 -24.88
C MET H 200 20.68 -24.59 -25.08
N ARG H 201 20.65 -23.42 -24.45
CA ARG H 201 19.55 -22.47 -24.57
C ARG H 201 18.22 -23.12 -24.20
N GLY H 202 18.22 -23.86 -23.09
CA GLY H 202 17.01 -24.48 -22.60
C GLY H 202 17.21 -25.91 -22.13
N GLU H 203 18.09 -26.64 -22.79
CA GLU H 203 18.34 -28.05 -22.48
C GLU H 203 19.75 -28.17 -21.91
N ASP H 204 19.87 -27.96 -20.60
CA ASP H 204 21.16 -28.05 -19.93
C ASP H 204 21.66 -29.50 -19.93
N ILE H 205 22.95 -29.68 -20.22
CA ILE H 205 23.54 -30.98 -20.37
C ILE H 205 24.67 -31.12 -19.34
N VAL H 206 24.66 -32.21 -18.59
CA VAL H 206 25.72 -32.50 -17.62
C VAL H 206 26.44 -33.74 -18.10
N ILE H 207 27.74 -33.59 -18.39
CA ILE H 207 28.59 -34.72 -18.77
C ILE H 207 29.34 -35.17 -17.52
N PRO H 208 29.09 -36.37 -17.01
CA PRO H 208 29.74 -36.80 -15.77
C PRO H 208 31.20 -37.16 -15.99
N GLY H 209 31.94 -37.15 -14.89
CA GLY H 209 33.34 -37.49 -14.94
C GLY H 209 33.59 -38.98 -14.78
N VAL H 210 34.79 -39.39 -15.22
CA VAL H 210 35.15 -40.80 -15.16
C VAL H 210 35.10 -41.30 -13.73
N ALA H 211 35.57 -40.48 -12.78
CA ALA H 211 35.55 -40.89 -11.38
C ALA H 211 34.13 -41.19 -10.91
N THR H 212 33.21 -40.26 -11.15
CA THR H 212 31.84 -40.45 -10.71
C THR H 212 31.22 -41.68 -11.36
N VAL H 213 31.42 -41.83 -12.67
CA VAL H 213 30.79 -42.92 -13.40
C VAL H 213 31.32 -44.26 -12.90
N VAL H 214 32.63 -44.40 -12.77
CA VAL H 214 33.21 -45.67 -12.35
C VAL H 214 32.82 -45.99 -10.91
N GLU H 215 32.86 -45.00 -10.02
CA GLU H 215 32.49 -45.26 -8.63
C GLU H 215 31.03 -45.70 -8.54
N ARG H 216 30.14 -45.05 -9.30
CA ARG H 216 28.75 -45.48 -9.29
C ARG H 216 28.59 -46.85 -9.93
N LEU H 217 29.49 -47.22 -10.85
CA LEU H 217 29.44 -48.56 -11.43
C LEU H 217 29.75 -49.62 -10.39
N LEU H 218 30.83 -49.43 -9.64
CA LEU H 218 31.23 -50.41 -8.62
C LEU H 218 30.40 -50.16 -7.36
N ASN H 219 29.15 -50.61 -7.41
CA ASN H 219 28.19 -50.31 -6.36
C ASN H 219 27.12 -51.39 -6.27
N ASN H 220 26.87 -51.85 -5.04
CA ASN H 220 25.76 -52.76 -4.73
C ASN H 220 25.83 -54.05 -5.56
N GLY H 221 26.91 -54.79 -5.36
CA GLY H 221 27.08 -56.08 -5.98
C GLY H 221 27.70 -57.09 -5.04
N LYS H 222 27.04 -58.23 -4.86
CA LYS H 222 27.47 -59.26 -3.92
C LYS H 222 27.89 -60.50 -4.70
N ALA H 223 29.15 -60.53 -5.12
CA ALA H 223 29.74 -61.67 -5.83
C ALA H 223 31.22 -61.41 -5.99
N LEU H 224 31.91 -62.37 -6.61
CA LEU H 224 33.32 -62.24 -6.97
C LEU H 224 33.48 -62.87 -8.35
N SER H 225 34.74 -63.14 -8.74
CA SER H 225 35.05 -63.83 -9.99
C SER H 225 34.51 -63.05 -11.19
N ASN H 226 35.12 -61.89 -11.40
CA ASN H 226 34.71 -60.97 -12.45
C ASN H 226 35.58 -61.12 -13.70
N ARG H 227 35.07 -60.57 -14.81
CA ARG H 227 35.80 -60.52 -16.06
C ARG H 227 35.40 -59.25 -16.80
N GLN H 228 35.99 -59.04 -17.97
CA GLN H 228 35.85 -57.81 -18.72
C GLN H 228 35.33 -58.09 -20.13
N ALA H 229 34.44 -57.22 -20.59
CA ALA H 229 33.79 -57.38 -21.89
C ALA H 229 33.96 -56.11 -22.72
N GLN H 230 34.50 -56.26 -23.92
CA GLN H 230 34.65 -55.14 -24.83
C GLN H 230 33.33 -54.84 -25.53
N LEU H 261 35.19 -59.14 -2.87
CA LEU H 261 35.02 -57.78 -3.36
C LEU H 261 34.29 -56.90 -2.36
N GLU H 262 34.63 -55.63 -2.35
CA GLU H 262 34.06 -54.67 -1.41
C GLU H 262 34.01 -53.31 -2.11
N ASP H 263 33.87 -52.25 -1.32
CA ASP H 263 33.73 -50.90 -1.86
C ASP H 263 35.09 -50.28 -2.10
N VAL H 264 35.31 -49.81 -3.34
CA VAL H 264 36.52 -49.10 -3.70
C VAL H 264 36.33 -47.62 -3.38
N SER H 265 37.44 -46.95 -3.08
CA SER H 265 37.44 -45.52 -2.84
C SER H 265 38.08 -44.85 -4.05
N LEU H 266 37.29 -44.10 -4.81
CA LEU H 266 37.75 -43.50 -6.05
C LEU H 266 37.39 -42.03 -6.03
N ILE H 267 38.41 -41.17 -5.96
CA ILE H 267 38.18 -39.73 -5.88
C ILE H 267 38.98 -39.04 -6.96
N ALA H 268 38.54 -37.82 -7.29
CA ALA H 268 39.11 -37.04 -8.38
C ALA H 268 39.91 -35.88 -7.81
N TYR H 269 41.12 -35.70 -8.32
CA TYR H 269 42.00 -34.60 -7.92
C TYR H 269 42.32 -33.82 -9.19
N PRO H 270 41.49 -32.85 -9.57
CA PRO H 270 41.68 -32.18 -10.85
C PRO H 270 42.83 -31.20 -10.87
N GLU H 271 43.42 -30.88 -9.71
CA GLU H 271 44.53 -29.93 -9.69
C GLU H 271 45.69 -30.43 -10.56
N THR H 272 45.94 -31.74 -10.54
CA THR H 272 46.84 -32.37 -11.49
C THR H 272 46.11 -33.30 -12.43
N ASN H 273 44.77 -33.24 -12.46
CA ASN H 273 43.94 -34.04 -13.35
C ASN H 273 44.26 -35.53 -13.17
N SER H 274 44.05 -36.01 -11.95
CA SER H 274 44.38 -37.38 -11.62
C SER H 274 43.25 -37.99 -10.81
N ILE H 275 43.36 -39.29 -10.56
CA ILE H 275 42.37 -40.05 -9.82
C ILE H 275 43.09 -40.85 -8.74
N LEU H 276 42.60 -40.77 -7.52
CA LEU H 276 43.14 -41.54 -6.40
C LEU H 276 42.22 -42.71 -6.12
N VAL H 277 42.81 -43.92 -6.13
CA VAL H 277 42.04 -45.16 -6.03
C VAL H 277 42.51 -45.94 -4.82
N LYS H 278 41.57 -46.70 -4.24
CA LYS H 278 41.84 -47.55 -3.10
C LYS H 278 41.00 -48.81 -3.26
N GLY H 279 41.66 -49.97 -3.31
CA GLY H 279 40.92 -51.20 -3.45
C GLY H 279 41.82 -52.40 -3.54
N ASN H 280 41.21 -53.55 -3.82
CA ASN H 280 41.93 -54.80 -3.96
C ASN H 280 42.62 -54.88 -5.31
N ASP H 281 43.47 -55.89 -5.47
CA ASP H 281 44.25 -56.02 -6.69
C ASP H 281 43.35 -56.26 -7.90
N GLN H 282 42.35 -57.14 -7.76
CA GLN H 282 41.43 -57.38 -8.86
C GLN H 282 40.67 -56.11 -9.21
N GLN H 283 40.21 -55.38 -8.20
CA GLN H 283 39.46 -54.15 -8.45
C GLN H 283 40.32 -53.12 -9.17
N ILE H 284 41.56 -52.92 -8.73
CA ILE H 284 42.39 -51.94 -9.41
C ILE H 284 42.73 -52.40 -10.82
N GLN H 285 42.88 -53.71 -11.03
CA GLN H 285 43.14 -54.21 -12.37
C GLN H 285 41.98 -53.90 -13.31
N ILE H 286 40.75 -54.17 -12.86
CA ILE H 286 39.62 -53.88 -13.72
C ILE H 286 39.46 -52.38 -13.90
N ILE H 287 39.80 -51.58 -12.90
CA ILE H 287 39.71 -50.13 -13.05
C ILE H 287 40.67 -49.64 -14.11
N ARG H 288 41.92 -50.11 -14.06
CA ARG H 288 42.89 -49.72 -15.06
C ARG H 288 42.43 -50.13 -16.46
N ASP H 289 41.94 -51.35 -16.60
CA ASP H 289 41.49 -51.81 -17.91
C ASP H 289 40.31 -50.98 -18.42
N ILE H 290 39.34 -50.72 -17.56
CA ILE H 290 38.15 -50.02 -18.01
C ILE H 290 38.46 -48.57 -18.34
N ILE H 291 39.34 -47.92 -17.56
CA ILE H 291 39.72 -46.55 -17.88
C ILE H 291 40.48 -46.49 -19.20
N THR H 292 41.43 -47.41 -19.39
CA THR H 292 42.18 -47.43 -20.64
C THR H 292 41.26 -47.64 -21.82
N GLN H 293 40.29 -48.54 -21.69
CA GLN H 293 39.30 -48.72 -22.74
C GLN H 293 38.35 -47.54 -22.84
N LEU H 294 38.30 -46.68 -21.82
CA LEU H 294 37.33 -45.60 -21.78
C LEU H 294 37.81 -44.33 -22.46
N ASP H 295 39.02 -43.86 -22.17
CA ASP H 295 39.49 -42.60 -22.73
C ASP H 295 40.58 -42.87 -23.77
N VAL H 296 40.32 -42.49 -25.03
CA VAL H 296 41.35 -42.71 -26.05
C VAL H 296 41.73 -41.44 -26.82
N ALA H 297 40.81 -40.90 -27.62
CA ALA H 297 41.32 -39.88 -28.55
C ALA H 297 40.50 -38.60 -28.64
N LYS H 298 39.17 -38.69 -28.64
CA LYS H 298 38.30 -37.52 -28.77
C LYS H 298 38.59 -36.77 -30.07
N ARG H 299 38.19 -37.38 -31.18
CA ARG H 299 38.43 -36.80 -32.49
C ARG H 299 37.68 -35.48 -32.68
N HIS H 300 38.12 -34.71 -33.66
CA HIS H 300 37.65 -33.35 -33.90
C HIS H 300 36.75 -33.32 -35.13
N ILE H 301 35.60 -32.68 -34.99
CA ILE H 301 34.66 -32.46 -36.09
C ILE H 301 34.53 -30.96 -36.30
N GLU H 302 34.65 -30.53 -37.56
CA GLU H 302 34.45 -29.14 -37.93
C GLU H 302 33.26 -29.06 -38.87
N LEU H 303 32.29 -28.22 -38.53
CA LEU H 303 31.05 -28.10 -39.27
C LEU H 303 31.00 -26.76 -39.97
N SER H 304 30.68 -26.77 -41.26
CA SER H 304 30.46 -25.56 -42.05
C SER H 304 29.01 -25.50 -42.45
N LEU H 305 28.34 -24.42 -42.08
CA LEU H 305 26.91 -24.28 -42.30
C LEU H 305 26.68 -23.23 -43.37
N TRP H 306 26.30 -23.66 -44.57
CA TRP H 306 26.08 -22.73 -45.67
C TRP H 306 24.65 -22.24 -45.63
N ILE H 307 24.47 -20.93 -45.67
CA ILE H 307 23.16 -20.30 -45.77
C ILE H 307 23.15 -19.48 -47.04
N ILE H 308 22.21 -19.79 -47.93
CA ILE H 308 22.18 -19.17 -49.26
C ILE H 308 20.84 -18.51 -49.46
N ASP H 309 20.85 -17.28 -49.96
CA ASP H 309 19.64 -16.57 -50.32
C ASP H 309 19.79 -16.03 -51.73
N ILE H 310 18.75 -16.21 -52.54
CA ILE H 310 18.69 -15.64 -53.88
C ILE H 310 17.32 -15.01 -54.07
N ASP H 311 17.30 -13.76 -54.48
CA ASP H 311 16.05 -13.03 -54.66
C ASP H 311 16.06 -12.32 -56.00
N LYS H 312 14.94 -12.42 -56.71
CA LYS H 312 14.69 -11.63 -57.90
C LYS H 312 13.32 -11.00 -57.79
N SER H 313 13.19 -9.77 -58.27
CA SER H 313 11.91 -9.08 -58.18
C SER H 313 11.79 -8.12 -59.35
N GLU H 314 10.55 -7.92 -59.80
CA GLU H 314 10.28 -6.98 -60.88
C GLU H 314 8.92 -6.37 -60.65
N LEU H 315 8.88 -5.04 -60.52
CA LEU H 315 7.64 -4.33 -60.28
C LEU H 315 7.50 -3.25 -61.32
N ASN H 316 6.38 -3.24 -62.04
CA ASN H 316 6.23 -2.22 -63.07
C ASN H 316 4.79 -1.77 -63.16
N ASN H 317 4.60 -0.47 -63.37
CA ASN H 317 3.25 0.09 -63.45
C ASN H 317 3.24 1.23 -64.44
N LEU H 318 2.19 1.26 -65.27
CA LEU H 318 2.01 2.35 -66.21
C LEU H 318 0.54 2.57 -66.46
N GLY H 319 0.16 3.82 -66.64
CA GLY H 319 -1.21 4.17 -66.92
C GLY H 319 -1.53 5.56 -66.43
N VAL H 320 -2.83 5.87 -66.42
CA VAL H 320 -3.31 7.20 -66.09
C VAL H 320 -4.52 7.08 -65.17
N ASN H 321 -4.59 7.95 -64.16
CA ASN H 321 -5.76 8.10 -63.32
C ASN H 321 -6.37 9.48 -63.57
N TRP H 322 -7.69 9.55 -63.63
CA TRP H 322 -8.39 10.77 -63.99
C TRP H 322 -9.35 11.19 -62.88
N GLN H 323 -9.49 12.50 -62.70
CA GLN H 323 -10.53 13.08 -61.87
C GLN H 323 -11.06 14.32 -62.55
N GLY H 324 -12.33 14.62 -62.33
CA GLY H 324 -12.94 15.72 -63.06
C GLY H 324 -14.00 16.48 -62.30
N THR H 325 -14.22 17.71 -62.75
CA THR H 325 -15.28 18.57 -62.25
C THR H 325 -15.82 19.40 -63.40
N ALA H 326 -17.10 19.75 -63.32
CA ALA H 326 -17.70 20.54 -64.39
C ALA H 326 -18.88 21.34 -63.82
N SER H 327 -19.18 22.45 -64.47
CA SER H 327 -20.26 23.32 -64.05
C SER H 327 -21.01 23.83 -65.28
N PHE H 328 -22.27 24.15 -65.09
CA PHE H 328 -23.12 24.68 -66.16
C PHE H 328 -24.05 25.72 -65.55
N GLY H 329 -23.93 26.95 -66.02
CA GLY H 329 -24.59 28.07 -65.39
C GLY H 329 -24.14 28.18 -63.95
N ASP H 330 -25.05 28.67 -63.11
CA ASP H 330 -24.90 28.59 -61.67
C ASP H 330 -25.87 27.56 -61.09
N SER H 331 -26.27 26.60 -61.92
CA SER H 331 -27.33 25.67 -61.58
C SER H 331 -26.87 24.21 -61.53
N PHE H 332 -26.11 23.74 -62.52
CA PHE H 332 -25.80 22.32 -62.64
C PHE H 332 -24.34 22.11 -62.27
N GLY H 333 -24.09 21.33 -61.22
CA GLY H 333 -22.75 20.94 -60.86
C GLY H 333 -22.54 19.45 -61.09
N ALA H 334 -21.33 19.08 -61.51
CA ALA H 334 -21.04 17.67 -61.76
C ALA H 334 -19.64 17.34 -61.29
N SER H 335 -19.49 16.21 -60.61
CA SER H 335 -18.21 15.74 -60.13
C SER H 335 -17.95 14.33 -60.65
N PHE H 336 -16.88 14.16 -61.41
CA PHE H 336 -16.57 12.91 -62.07
C PHE H 336 -15.46 12.19 -61.30
N ASN H 337 -15.81 11.02 -60.74
CA ASN H 337 -14.84 10.17 -60.03
C ASN H 337 -14.22 10.91 -58.84
N MET H 338 -15.09 11.41 -57.97
CA MET H 338 -14.65 12.10 -56.76
C MET H 338 -15.41 11.54 -55.57
N SER H 339 -14.72 11.48 -54.43
CA SER H 339 -15.36 11.00 -53.20
C SER H 339 -16.46 11.94 -52.74
N SER H 340 -16.15 13.23 -52.64
CA SER H 340 -17.13 14.24 -52.24
C SER H 340 -16.62 15.61 -52.67
N SER H 341 -17.53 16.57 -52.70
CA SER H 341 -17.20 17.93 -53.11
C SER H 341 -16.43 18.67 -52.03
N ASN H 350 -11.10 23.45 -61.44
CA ASN H 350 -12.43 23.54 -62.02
C ASN H 350 -12.62 22.49 -63.09
N LYS H 351 -11.53 21.93 -63.59
CA LYS H 351 -11.60 20.99 -64.70
C LYS H 351 -10.60 19.87 -64.45
N PHE H 352 -10.32 19.08 -65.48
CA PHE H 352 -9.85 17.72 -65.30
C PHE H 352 -8.38 17.65 -64.95
N ILE H 353 -8.05 16.65 -64.12
CA ILE H 353 -6.68 16.39 -63.71
C ILE H 353 -6.36 14.92 -63.97
N ALA H 354 -5.13 14.65 -64.41
CA ALA H 354 -4.69 13.31 -64.73
C ALA H 354 -3.31 13.06 -64.14
N SER H 355 -3.18 11.96 -63.42
CA SER H 355 -1.90 11.51 -62.90
C SER H 355 -1.39 10.39 -63.80
N VAL H 356 -0.27 10.62 -64.46
CA VAL H 356 0.34 9.64 -65.35
C VAL H 356 1.50 9.00 -64.61
N MET H 357 1.48 7.67 -64.56
CA MET H 357 2.53 6.89 -63.93
C MET H 357 3.16 5.99 -64.99
N ALA H 358 4.48 5.90 -64.97
CA ALA H 358 5.19 5.00 -65.88
C ALA H 358 6.52 4.69 -65.24
N LEU H 359 6.72 3.44 -64.82
CA LEU H 359 7.94 3.09 -64.11
C LEU H 359 8.10 1.58 -64.11
N ASN H 360 9.36 1.15 -64.08
CA ASN H 360 9.67 -0.28 -64.04
C ASN H 360 10.98 -0.47 -63.29
N GLN H 361 10.95 -1.24 -62.21
CA GLN H 361 12.16 -1.47 -61.42
C GLN H 361 12.38 -2.95 -61.22
N LYS H 362 13.60 -3.39 -61.51
CA LYS H 362 14.04 -4.75 -61.27
C LYS H 362 15.05 -4.76 -60.13
N LYS H 363 15.11 -5.87 -59.41
CA LYS H 363 16.00 -5.96 -58.28
C LYS H 363 16.49 -7.39 -58.15
N LYS H 364 17.76 -7.56 -57.78
CA LYS H 364 18.32 -8.89 -57.63
C LYS H 364 19.32 -8.89 -56.48
N ALA H 365 19.36 -9.98 -55.73
CA ALA H 365 20.26 -10.04 -54.59
C ALA H 365 20.70 -11.48 -54.34
N ASN H 366 21.99 -11.67 -54.04
CA ASN H 366 22.53 -12.95 -53.65
C ASN H 366 23.31 -12.78 -52.36
N VAL H 367 23.01 -13.60 -51.37
CA VAL H 367 23.68 -13.53 -50.08
C VAL H 367 24.16 -14.93 -49.72
N VAL H 368 25.43 -15.06 -49.36
CA VAL H 368 26.00 -16.34 -48.96
C VAL H 368 26.70 -16.14 -47.63
N SER H 369 26.19 -16.79 -46.59
CA SER H 369 26.81 -16.72 -45.28
C SER H 369 27.31 -18.11 -44.90
N ARG H 370 28.40 -18.16 -44.16
CA ARG H 370 28.98 -19.44 -43.76
C ARG H 370 29.60 -19.31 -42.39
N PRO H 371 28.91 -19.75 -41.35
CA PRO H 371 29.58 -20.01 -40.08
C PRO H 371 30.34 -21.33 -40.14
N VAL H 372 31.42 -21.40 -39.37
CA VAL H 372 32.28 -22.57 -39.33
C VAL H 372 32.76 -22.74 -37.89
N ILE H 373 32.49 -23.89 -37.30
CA ILE H 373 32.88 -24.10 -35.91
C ILE H 373 33.48 -25.49 -35.75
N LEU H 374 34.53 -25.57 -34.92
CA LEU H 374 35.22 -26.82 -34.65
C LEU H 374 34.97 -27.24 -33.21
N THR H 375 34.87 -28.55 -32.99
CA THR H 375 34.67 -29.07 -31.64
C THR H 375 35.14 -30.52 -31.60
N GLN H 376 35.02 -31.12 -30.43
CA GLN H 376 35.31 -32.53 -30.25
C GLN H 376 34.01 -33.33 -30.26
N GLU H 377 34.10 -34.56 -30.73
CA GLU H 377 32.90 -35.37 -30.88
C GLU H 377 32.20 -35.55 -29.54
N ASN H 378 30.88 -35.52 -29.56
CA ASN H 378 29.98 -35.74 -28.44
C ASN H 378 29.97 -34.62 -27.42
N ILE H 379 30.61 -33.49 -27.71
CA ILE H 379 30.66 -32.38 -26.78
C ILE H 379 30.00 -31.17 -27.43
N PRO H 380 29.00 -30.56 -26.79
CA PRO H 380 28.26 -29.48 -27.45
C PRO H 380 29.14 -28.28 -27.74
N ALA H 381 28.84 -27.60 -28.83
CA ALA H 381 29.56 -26.41 -29.24
C ALA H 381 28.58 -25.29 -29.52
N ILE H 382 28.97 -24.07 -29.18
CA ILE H 382 28.10 -22.90 -29.32
C ILE H 382 28.83 -21.85 -30.13
N PHE H 383 28.14 -21.25 -31.10
CA PHE H 383 28.71 -20.17 -31.88
C PHE H 383 27.61 -19.19 -32.20
N ASP H 384 27.73 -17.97 -31.72
CA ASP H 384 26.79 -16.93 -32.11
C ASP H 384 27.54 -15.68 -32.50
N ASN H 385 26.92 -14.90 -33.38
CA ASN H 385 27.60 -13.76 -33.97
C ASN H 385 26.54 -12.80 -34.49
N ASN H 386 26.87 -11.51 -34.49
CA ASN H 386 26.00 -10.56 -35.15
C ASN H 386 26.79 -9.33 -35.54
N ARG H 387 26.63 -8.91 -36.78
CA ARG H 387 27.24 -7.72 -37.32
C ARG H 387 26.16 -6.72 -37.71
N THR H 388 26.59 -5.50 -37.98
CA THR H 388 25.70 -4.47 -38.49
C THR H 388 26.24 -3.99 -39.82
N PHE H 389 25.39 -4.01 -40.84
CA PHE H 389 25.76 -3.58 -42.18
C PHE H 389 25.23 -2.19 -42.42
N TYR H 390 26.13 -1.28 -42.78
CA TYR H 390 25.80 0.11 -43.04
C TYR H 390 25.85 0.41 -44.53
N VAL H 391 24.98 1.31 -44.97
CA VAL H 391 25.10 1.92 -46.29
C VAL H 391 24.92 3.42 -46.12
N SER H 392 25.85 4.17 -46.70
CA SER H 392 25.82 5.63 -46.60
C SER H 392 24.92 6.18 -47.69
N LEU H 393 24.02 7.08 -47.30
CA LEU H 393 23.16 7.72 -48.28
C LEU H 393 23.98 8.58 -49.23
N VAL H 394 23.33 9.01 -50.31
CA VAL H 394 24.01 9.84 -51.29
C VAL H 394 24.35 11.21 -50.71
N GLY H 395 23.43 11.79 -49.93
CA GLY H 395 23.65 13.09 -49.34
C GLY H 395 22.70 13.41 -48.21
N LEU H 401 22.31 7.05 -43.98
CA LEU H 401 23.04 6.00 -43.28
C LEU H 401 22.08 4.98 -42.72
N GLU H 402 21.80 3.93 -43.48
CA GLU H 402 20.85 2.91 -43.07
C GLU H 402 21.58 1.61 -42.75
N HIS H 403 21.16 0.95 -41.68
CA HIS H 403 21.86 -0.20 -41.16
C HIS H 403 20.89 -1.35 -40.93
N VAL H 404 21.42 -2.57 -41.10
CA VAL H 404 20.68 -3.79 -40.86
C VAL H 404 21.54 -4.71 -39.99
N THR H 405 20.96 -5.24 -38.92
CA THR H 405 21.70 -6.08 -37.97
C THR H 405 21.48 -7.54 -38.34
N TYR H 406 22.53 -8.18 -38.83
CA TYR H 406 22.47 -9.58 -39.24
C TYR H 406 23.10 -10.44 -38.16
N GLY H 407 22.33 -11.37 -37.62
CA GLY H 407 22.81 -12.21 -36.55
C GLY H 407 22.47 -13.67 -36.79
N THR H 408 23.39 -14.53 -36.37
CA THR H 408 23.22 -15.97 -36.43
C THR H 408 23.61 -16.58 -35.09
N LEU H 409 23.05 -17.75 -34.81
CA LEU H 409 23.30 -18.46 -33.57
C LEU H 409 23.08 -19.94 -33.84
N ILE H 410 24.15 -20.72 -33.73
CA ILE H 410 24.10 -22.14 -34.00
C ILE H 410 24.69 -22.88 -32.82
N ASN H 411 23.94 -23.81 -32.26
CA ASN H 411 24.48 -24.71 -31.25
C ASN H 411 24.26 -26.14 -31.69
N VAL H 412 25.31 -26.94 -31.58
CA VAL H 412 25.39 -28.21 -32.28
C VAL H 412 26.00 -29.26 -31.36
N ILE H 413 25.52 -30.48 -31.49
CA ILE H 413 26.14 -31.65 -30.86
C ILE H 413 26.52 -32.64 -31.94
N PRO H 414 27.79 -32.74 -32.28
CA PRO H 414 28.21 -33.69 -33.32
C PRO H 414 28.70 -35.01 -32.74
N ARG H 415 28.74 -36.05 -33.56
CA ARG H 415 29.32 -37.32 -33.18
C ARG H 415 29.46 -38.17 -34.44
N PHE H 416 30.09 -39.31 -34.31
CA PHE H 416 30.35 -40.19 -35.43
C PHE H 416 29.37 -41.35 -35.48
N SER H 417 29.39 -42.06 -36.59
CA SER H 417 28.52 -43.20 -36.81
C SER H 417 29.12 -44.07 -37.90
N SER H 418 28.53 -45.25 -38.07
CA SER H 418 29.04 -46.30 -38.93
C SER H 418 29.52 -45.76 -40.28
N ARG H 419 30.63 -46.32 -40.75
CA ARG H 419 31.26 -45.92 -42.00
C ARG H 419 31.76 -44.48 -41.94
N GLY H 420 32.06 -43.99 -40.75
CA GLY H 420 32.59 -42.65 -40.62
C GLY H 420 31.62 -41.55 -40.96
N GLN H 421 30.32 -41.79 -40.88
CA GLN H 421 29.36 -40.73 -41.11
C GLN H 421 29.30 -39.81 -39.90
N ILE H 422 28.91 -38.57 -40.11
CA ILE H 422 28.87 -37.58 -39.04
C ILE H 422 27.41 -37.24 -38.77
N GLU H 423 26.95 -37.52 -37.56
CA GLU H 423 25.60 -37.20 -37.15
C GLU H 423 25.65 -35.96 -36.26
N MET H 424 24.63 -35.11 -36.38
CA MET H 424 24.61 -33.84 -35.67
C MET H 424 23.20 -33.50 -35.24
N SER H 425 23.07 -33.04 -34.00
CA SER H 425 21.86 -32.38 -33.53
C SER H 425 22.06 -30.89 -33.63
N LEU H 426 21.18 -30.20 -34.35
CA LEU H 426 21.37 -28.83 -34.74
C LEU H 426 20.23 -27.96 -34.23
N THR H 427 20.57 -26.82 -33.65
CA THR H 427 19.64 -25.72 -33.47
C THR H 427 20.24 -24.50 -34.13
N ILE H 428 19.55 -23.95 -35.13
CA ILE H 428 20.05 -22.85 -35.91
C ILE H 428 19.02 -21.73 -35.91
N GLU H 429 19.47 -20.52 -35.62
CA GLU H 429 18.67 -19.33 -35.85
C GLU H 429 19.52 -18.37 -36.66
N ASP H 430 18.91 -17.65 -37.58
CA ASP H 430 19.69 -16.68 -38.34
C ASP H 430 18.77 -15.66 -38.95
N GLY H 431 19.34 -14.54 -39.34
CA GLY H 431 18.61 -13.57 -40.12
C GLY H 431 18.85 -12.18 -39.62
N THR H 432 18.05 -11.25 -40.12
CA THR H 432 18.23 -9.84 -39.86
C THR H 432 17.12 -9.31 -38.97
N GLY H 433 17.21 -8.01 -38.68
CA GLY H 433 16.17 -7.31 -37.98
C GLY H 433 15.60 -6.19 -38.84
N ASN H 434 14.28 -6.11 -38.91
CA ASN H 434 13.62 -5.19 -39.83
C ASN H 434 14.08 -3.76 -39.60
N SER H 435 14.66 -3.16 -40.64
CA SER H 435 15.02 -1.74 -40.62
C SER H 435 14.70 -1.16 -41.99
N GLN H 436 13.52 -0.56 -42.10
CA GLN H 436 13.07 0.07 -43.34
C GLN H 436 13.95 1.27 -43.70
N ASN H 443 14.97 5.41 -49.50
CA ASN H 443 15.55 5.60 -50.82
C ASN H 443 16.46 4.45 -51.20
N GLU H 444 15.85 3.32 -51.58
CA GLU H 444 16.54 2.12 -52.05
C GLU H 444 17.47 1.52 -51.00
N ASN H 445 17.37 1.97 -49.75
CA ASN H 445 18.21 1.42 -48.69
C ASN H 445 17.95 -0.07 -48.50
N THR H 446 16.68 -0.44 -48.35
CA THR H 446 16.32 -1.85 -48.29
C THR H 446 16.64 -2.55 -49.60
N SER H 447 16.60 -1.82 -50.71
CA SER H 447 16.95 -2.41 -51.99
C SER H 447 18.41 -2.82 -52.05
N VAL H 448 19.27 -2.12 -51.32
CA VAL H 448 20.70 -2.43 -51.33
C VAL H 448 21.06 -3.41 -50.22
N LEU H 449 20.55 -3.21 -49.01
CA LEU H 449 20.91 -4.05 -47.89
C LEU H 449 20.31 -5.45 -48.03
N PRO H 450 20.87 -6.44 -47.32
CA PRO H 450 20.40 -7.83 -47.48
C PRO H 450 18.92 -8.03 -47.21
N GLU H 451 18.49 -7.78 -45.97
CA GLU H 451 17.09 -7.94 -45.56
C GLU H 451 16.54 -9.30 -45.95
N VAL H 452 17.09 -10.34 -45.30
CA VAL H 452 16.78 -11.71 -45.64
C VAL H 452 15.77 -12.34 -44.69
N GLY H 453 15.09 -11.57 -43.87
CA GLY H 453 14.10 -12.13 -42.97
C GLY H 453 14.78 -12.86 -41.82
N ARG H 454 14.00 -13.70 -41.15
CA ARG H 454 14.52 -14.48 -40.04
C ARG H 454 14.05 -15.92 -40.18
N THR H 455 14.90 -16.86 -39.78
CA THR H 455 14.59 -18.27 -39.93
C THR H 455 15.25 -19.07 -38.82
N LYS H 456 14.47 -19.93 -38.18
CA LYS H 456 14.97 -20.84 -37.17
C LYS H 456 14.58 -22.26 -37.54
N ILE H 457 15.54 -23.17 -37.47
CA ILE H 457 15.32 -24.58 -37.78
C ILE H 457 16.00 -25.43 -36.72
N SER H 458 15.26 -26.38 -36.16
CA SER H 458 15.78 -27.28 -35.14
C SER H 458 15.52 -28.70 -35.60
N THR H 459 16.58 -29.50 -35.69
CA THR H 459 16.47 -30.84 -36.28
C THR H 459 17.71 -31.64 -35.94
N ILE H 460 17.84 -32.80 -36.57
CA ILE H 460 18.98 -33.70 -36.36
C ILE H 460 19.17 -34.54 -37.62
N ALA H 461 20.40 -34.61 -38.12
CA ALA H 461 20.65 -35.30 -39.37
C ALA H 461 22.08 -35.81 -39.41
N ARG H 462 22.31 -36.81 -40.27
CA ARG H 462 23.63 -37.38 -40.43
C ARG H 462 24.04 -37.34 -41.89
N VAL H 463 25.33 -37.11 -42.11
CA VAL H 463 25.89 -36.84 -43.43
C VAL H 463 27.05 -37.80 -43.69
N PRO H 464 27.11 -38.45 -44.84
CA PRO H 464 28.33 -39.15 -45.22
C PRO H 464 29.47 -38.15 -45.36
N GLN H 465 30.68 -38.60 -45.05
CA GLN H 465 31.82 -37.71 -45.13
C GLN H 465 32.22 -37.51 -46.58
N GLY H 466 32.35 -36.25 -46.99
CA GLY H 466 32.61 -35.91 -48.37
C GLY H 466 31.42 -35.33 -49.11
N LYS H 467 30.24 -35.35 -48.52
CA LYS H 467 29.04 -34.80 -49.13
C LYS H 467 28.38 -33.82 -48.18
N SER H 468 27.42 -33.08 -48.70
CA SER H 468 26.73 -32.06 -47.93
C SER H 468 25.23 -32.23 -48.09
N LEU H 469 24.49 -31.80 -47.08
CA LEU H 469 23.06 -32.08 -47.00
C LEU H 469 22.27 -30.79 -46.90
N LEU H 470 21.08 -30.79 -47.47
CA LEU H 470 20.20 -29.62 -47.45
C LEU H 470 19.16 -29.85 -46.36
N ILE H 471 19.51 -29.47 -45.13
CA ILE H 471 18.62 -29.76 -44.01
C ILE H 471 17.36 -28.92 -44.09
N GLY H 472 17.47 -27.65 -44.47
CA GLY H 472 16.32 -26.78 -44.42
C GLY H 472 16.23 -25.92 -45.66
N GLY H 473 15.02 -25.46 -45.95
CA GLY H 473 14.90 -24.57 -47.09
C GLY H 473 13.50 -24.03 -47.21
N TYR H 474 13.38 -23.04 -48.08
CA TYR H 474 12.11 -22.32 -48.20
C TYR H 474 12.14 -21.52 -49.48
N THR H 475 11.19 -21.77 -50.37
CA THR H 475 11.06 -21.00 -51.60
C THR H 475 9.70 -20.32 -51.64
N HIS H 476 9.64 -19.24 -52.42
CA HIS H 476 8.45 -18.40 -52.43
C HIS H 476 8.34 -17.74 -53.78
N GLU H 477 7.13 -17.74 -54.34
CA GLU H 477 6.91 -17.12 -55.64
C GLU H 477 5.62 -16.33 -55.60
N THR H 478 5.66 -15.10 -56.06
CA THR H 478 4.51 -14.20 -56.03
C THR H 478 4.30 -13.60 -57.40
N ASN H 479 3.05 -13.57 -57.85
CA ASN H 479 2.68 -12.94 -59.10
C ASN H 479 1.39 -12.17 -58.87
N SER H 480 1.33 -10.93 -59.33
CA SER H 480 0.15 -10.12 -59.08
C SER H 480 -0.06 -9.14 -60.22
N ASN H 481 -1.32 -9.02 -60.64
CA ASN H 481 -1.71 -8.07 -61.68
C ASN H 481 -2.91 -7.29 -61.20
N GLU H 482 -2.97 -6.03 -61.61
CA GLU H 482 -4.11 -5.18 -61.28
C GLU H 482 -4.37 -4.24 -62.44
N ILE H 483 -5.64 -4.12 -62.84
CA ILE H 483 -6.02 -3.29 -63.97
C ILE H 483 -7.17 -2.39 -63.53
N ILE H 484 -7.03 -1.09 -63.77
CA ILE H 484 -8.08 -0.13 -63.47
C ILE H 484 -8.44 0.58 -64.76
N SER H 485 -9.73 0.71 -65.06
CA SER H 485 -10.10 1.34 -66.31
C SER H 485 -11.46 1.98 -66.21
N ILE H 486 -11.62 3.07 -66.94
CA ILE H 486 -12.94 3.68 -67.16
C ILE H 486 -13.78 2.72 -67.99
N PRO H 487 -15.04 2.49 -67.66
CA PRO H 487 -15.79 1.40 -68.30
C PRO H 487 -15.88 1.47 -69.81
N PHE H 488 -16.43 2.54 -70.36
CA PHE H 488 -16.79 2.53 -71.77
C PHE H 488 -15.66 3.04 -72.67
N LEU H 489 -15.25 4.29 -72.48
CA LEU H 489 -14.34 4.92 -73.43
C LEU H 489 -13.00 4.22 -73.48
N SER H 490 -12.53 3.67 -72.36
CA SER H 490 -11.25 2.98 -72.37
C SER H 490 -11.24 1.77 -73.29
N SER H 491 -12.39 1.38 -73.84
CA SER H 491 -12.47 0.26 -74.76
C SER H 491 -12.35 0.67 -76.22
N ILE H 492 -12.31 1.97 -76.51
CA ILE H 492 -12.20 2.42 -77.90
C ILE H 492 -10.81 2.05 -78.41
N PRO H 493 -10.63 1.83 -79.73
CA PRO H 493 -9.42 1.13 -80.19
C PRO H 493 -8.10 1.84 -79.92
N VAL H 494 -7.96 3.09 -80.34
CA VAL H 494 -6.65 3.71 -80.40
C VAL H 494 -6.32 4.42 -79.09
N ILE H 495 -7.08 5.46 -78.76
CA ILE H 495 -6.74 6.28 -77.60
C ILE H 495 -7.28 5.70 -76.30
N GLY H 496 -8.11 4.67 -76.36
CA GLY H 496 -8.62 4.08 -75.14
C GLY H 496 -7.53 3.60 -74.22
N ASN H 497 -6.42 3.13 -74.77
CA ASN H 497 -5.31 2.66 -73.97
C ASN H 497 -4.67 3.75 -73.12
N VAL H 498 -5.14 5.00 -73.24
CA VAL H 498 -4.64 6.06 -72.38
C VAL H 498 -5.41 6.17 -71.08
N PHE H 499 -6.53 5.47 -70.95
CA PHE H 499 -7.35 5.54 -69.75
C PHE H 499 -7.11 4.40 -68.78
N LYS H 500 -6.47 3.33 -69.21
CA LYS H 500 -6.21 2.21 -68.33
C LYS H 500 -5.13 2.56 -67.32
N TYR H 501 -4.87 1.60 -66.43
CA TYR H 501 -3.78 1.70 -65.47
C TYR H 501 -3.44 0.29 -65.06
N LYS H 502 -2.26 -0.18 -65.43
CA LYS H 502 -1.85 -1.57 -65.25
C LYS H 502 -0.67 -1.62 -64.31
N THR H 503 -0.79 -2.42 -63.26
CA THR H 503 0.26 -2.63 -62.28
C THR H 503 0.58 -4.11 -62.20
N SER H 504 1.86 -4.44 -62.11
CA SER H 504 2.28 -5.83 -62.10
C SER H 504 3.46 -6.03 -61.17
N ASN H 505 3.47 -7.17 -60.49
CA ASN H 505 4.55 -7.54 -59.59
C ASN H 505 4.88 -9.01 -59.79
N ILE H 506 6.17 -9.32 -59.80
CA ILE H 506 6.66 -10.70 -59.88
C ILE H 506 7.84 -10.82 -58.94
N SER H 507 7.92 -11.93 -58.20
CA SER H 507 9.05 -12.08 -57.30
C SER H 507 9.32 -13.55 -57.02
N ASN H 508 10.61 -13.90 -56.98
CA ASN H 508 11.05 -15.23 -56.59
C ASN H 508 12.07 -15.11 -55.46
N ILE H 509 11.93 -15.96 -54.46
CA ILE H 509 12.82 -15.98 -53.31
C ILE H 509 13.19 -17.42 -53.02
N VAL H 510 14.47 -17.67 -52.78
CA VAL H 510 14.96 -18.99 -52.41
C VAL H 510 15.90 -18.85 -51.25
N ARG H 511 15.71 -19.65 -50.21
CA ARG H 511 16.63 -19.67 -49.08
C ARG H 511 16.91 -21.10 -48.70
N VAL H 512 18.18 -21.40 -48.45
CA VAL H 512 18.64 -22.78 -48.27
C VAL H 512 19.62 -22.84 -47.11
N PHE H 513 19.45 -23.85 -46.25
CA PHE H 513 20.38 -24.16 -45.17
C PHE H 513 20.96 -25.53 -45.45
N LEU H 514 22.23 -25.57 -45.86
CA LEU H 514 22.98 -26.80 -46.02
C LEU H 514 24.03 -26.92 -44.94
N ILE H 515 24.47 -28.16 -44.71
CA ILE H 515 25.57 -28.43 -43.80
C ILE H 515 26.59 -29.29 -44.52
N GLN H 516 27.86 -29.05 -44.23
CA GLN H 516 28.88 -30.03 -44.57
C GLN H 516 29.87 -30.14 -43.42
N PRO H 517 29.96 -31.30 -42.82
CA PRO H 517 30.95 -31.50 -41.76
C PRO H 517 32.20 -32.17 -42.29
N ARG H 518 33.27 -32.17 -41.50
CA ARG H 518 34.46 -32.90 -41.87
C ARG H 518 35.29 -33.17 -40.63
N GLU H 519 35.94 -34.33 -40.62
CA GLU H 519 36.84 -34.66 -39.53
C GLU H 519 38.17 -33.94 -39.72
N ILE H 520 38.75 -33.48 -38.62
CA ILE H 520 39.99 -32.73 -38.65
C ILE H 520 41.16 -33.70 -38.59
N LYS H 521 42.01 -33.64 -39.59
CA LYS H 521 43.19 -34.49 -39.67
C LYS H 521 44.45 -33.65 -39.48
N GLU H 522 45.60 -34.32 -39.51
CA GLU H 522 46.86 -33.62 -39.29
C GLU H 522 47.16 -32.60 -40.36
N SER H 523 46.53 -32.70 -41.52
CA SER H 523 46.73 -31.73 -42.59
C SER H 523 45.83 -30.51 -42.44
N SER H 524 44.95 -30.50 -41.44
CA SER H 524 44.03 -29.38 -41.26
C SER H 524 44.58 -28.31 -40.31
N TYR H 525 45.73 -28.54 -39.69
CA TYR H 525 46.35 -27.52 -38.87
C TYR H 525 47.20 -26.60 -39.73
N TYR H 526 47.57 -25.46 -39.16
CA TYR H 526 48.44 -24.50 -39.83
C TYR H 526 49.84 -24.60 -39.24
N ASN H 527 50.84 -24.72 -40.10
CA ASN H 527 52.22 -24.75 -39.65
C ASN H 527 52.64 -23.35 -39.24
N THR H 528 53.04 -23.18 -37.99
CA THR H 528 53.49 -21.91 -37.48
C THR H 528 54.97 -21.93 -37.12
N ALA H 529 55.38 -22.86 -36.26
CA ALA H 529 56.77 -23.13 -35.93
C ALA H 529 57.50 -21.91 -35.36
N GLU H 530 56.79 -20.82 -35.08
CA GLU H 530 57.39 -19.62 -34.52
C GLU H 530 56.45 -19.06 -33.47
N TYR H 531 56.88 -17.98 -32.83
CA TYR H 531 56.06 -17.36 -31.79
C TYR H 531 56.46 -15.90 -31.68
N LYS H 532 55.66 -15.02 -32.27
CA LYS H 532 55.91 -13.59 -32.16
C LYS H 532 55.72 -13.16 -30.72
N SER H 533 56.82 -12.83 -30.05
CA SER H 533 56.70 -12.24 -28.73
C SER H 533 56.03 -10.89 -28.81
N LEU H 534 55.21 -10.57 -27.82
CA LEU H 534 54.51 -9.29 -27.80
C LEU H 534 55.50 -8.13 -27.79
N ILE H 535 56.51 -8.22 -26.95
CA ILE H 535 57.42 -7.12 -26.71
C ILE H 535 58.85 -7.64 -26.82
N SER H 536 59.76 -6.76 -27.18
CA SER H 536 61.13 -7.16 -27.46
C SER H 536 61.97 -7.23 -26.19
N GLU H 537 62.94 -8.14 -26.19
CA GLU H 537 63.85 -8.25 -25.07
C GLU H 537 64.63 -6.96 -24.87
N ARG H 538 65.08 -6.34 -25.95
CA ARG H 538 65.80 -5.08 -25.83
C ARG H 538 64.90 -4.01 -25.24
N GLU H 539 63.63 -3.97 -25.65
CA GLU H 539 62.71 -3.00 -25.09
C GLU H 539 62.52 -3.22 -23.60
N ILE H 540 62.37 -4.47 -23.18
CA ILE H 540 62.18 -4.74 -21.75
C ILE H 540 63.42 -4.35 -20.97
N GLN H 541 64.60 -4.70 -21.47
CA GLN H 541 65.82 -4.31 -20.77
C GLN H 541 65.93 -2.80 -20.68
N LYS H 542 65.58 -2.09 -21.75
CA LYS H 542 65.64 -0.64 -21.72
C LYS H 542 64.67 -0.06 -20.70
N THR H 543 63.49 -0.65 -20.56
CA THR H 543 62.47 -0.06 -19.70
C THR H 543 62.57 -0.50 -18.24
N THR H 544 63.26 -1.60 -17.92
CA THR H 544 63.35 -2.01 -16.53
C THR H 544 64.78 -2.31 -16.09
N GLN H 545 65.77 -1.87 -16.83
CA GLN H 545 67.14 -1.96 -16.37
C GLN H 545 67.47 -0.77 -15.50
N ILE H 546 68.43 -0.96 -14.58
CA ILE H 546 68.91 0.17 -13.81
C ILE H 546 69.52 1.19 -14.75
N ILE H 547 69.24 2.47 -14.50
CA ILE H 547 69.74 3.50 -15.40
C ILE H 547 71.27 3.50 -15.36
N PRO H 548 71.96 3.48 -16.51
CA PRO H 548 73.42 3.42 -16.61
C PRO H 548 74.10 4.56 -15.85
N LYS I 180 31.74 -65.19 -13.33
CA LYS I 180 30.66 -65.00 -12.38
C LYS I 180 30.07 -63.60 -12.52
N VAL I 181 30.94 -62.58 -12.66
CA VAL I 181 30.52 -61.21 -12.90
C VAL I 181 31.27 -60.70 -14.11
N ASN I 182 30.66 -59.76 -14.83
CA ASN I 182 31.31 -59.16 -15.99
C ASN I 182 31.05 -57.66 -15.98
N PHE I 183 32.12 -56.90 -16.16
CA PHE I 183 32.05 -55.47 -16.40
C PHE I 183 32.43 -55.20 -17.85
N GLY I 184 31.59 -54.45 -18.55
CA GLY I 184 31.75 -54.30 -19.98
C GLY I 184 31.48 -52.89 -20.44
N VAL I 185 32.02 -52.59 -21.62
CA VAL I 185 31.83 -51.30 -22.28
C VAL I 185 31.17 -51.55 -23.63
N ILE I 186 30.09 -50.84 -23.91
CA ILE I 186 29.34 -50.98 -25.15
C ILE I 186 29.32 -49.64 -25.85
N LYS I 187 29.68 -49.64 -27.13
CA LYS I 187 29.85 -48.41 -27.91
C LYS I 187 28.65 -48.24 -28.83
N LEU I 188 27.71 -47.39 -28.44
CA LEU I 188 26.58 -47.07 -29.30
C LEU I 188 27.05 -46.28 -30.52
N LYS I 189 26.40 -46.53 -31.65
CA LYS I 189 26.75 -45.87 -32.90
C LYS I 189 25.64 -45.00 -33.45
N ASN I 190 24.43 -45.52 -33.59
CA ASN I 190 23.39 -44.86 -34.36
C ASN I 190 22.45 -44.01 -33.52
N THR I 191 22.65 -43.93 -32.20
CA THR I 191 21.75 -43.19 -31.34
C THR I 191 22.55 -42.46 -30.26
N PHE I 192 21.91 -41.44 -29.70
CA PHE I 192 22.44 -40.79 -28.50
C PHE I 192 22.01 -41.58 -27.27
N VAL I 193 22.78 -41.41 -26.19
CA VAL I 193 22.57 -42.18 -24.98
C VAL I 193 21.72 -41.42 -23.97
N SER I 194 21.99 -40.14 -23.77
CA SER I 194 21.22 -39.37 -22.81
C SER I 194 19.81 -39.09 -23.32
N ASP I 195 18.84 -39.10 -22.41
CA ASP I 195 17.48 -38.76 -22.77
C ASP I 195 17.41 -37.33 -23.27
N ARG I 196 16.60 -37.09 -24.29
CA ARG I 196 16.51 -35.79 -24.92
C ARG I 196 15.10 -35.22 -24.80
N THR I 197 14.98 -33.91 -24.84
CA THR I 197 13.71 -33.21 -24.70
C THR I 197 13.49 -32.31 -25.90
N TYR I 198 12.26 -32.31 -26.41
CA TYR I 198 11.88 -31.52 -27.57
C TYR I 198 10.60 -30.75 -27.28
N ASN I 199 10.56 -29.51 -27.72
CA ASN I 199 9.41 -28.64 -27.51
C ASN I 199 8.51 -28.66 -28.73
N MET I 200 7.21 -28.79 -28.50
CA MET I 200 6.21 -28.82 -29.57
C MET I 200 5.18 -27.72 -29.36
N ARG I 201 5.63 -26.59 -28.83
CA ARG I 201 4.76 -25.42 -28.61
C ARG I 201 3.55 -25.79 -27.76
N GLY I 202 3.81 -26.53 -26.69
CA GLY I 202 2.76 -26.89 -25.76
C GLY I 202 2.82 -28.34 -25.30
N GLU I 203 3.24 -29.24 -26.19
CA GLU I 203 3.30 -30.66 -25.89
C GLU I 203 4.77 -31.08 -25.86
N ASP I 204 5.38 -30.92 -24.69
CA ASP I 204 6.78 -31.29 -24.52
C ASP I 204 6.95 -32.80 -24.61
N ILE I 205 7.98 -33.24 -25.32
CA ILE I 205 8.22 -34.66 -25.59
C ILE I 205 9.58 -35.03 -25.03
N VAL I 206 9.63 -36.11 -24.26
CA VAL I 206 10.88 -36.62 -23.71
C VAL I 206 11.13 -37.99 -24.35
N ILE I 207 12.23 -38.10 -25.08
CA ILE I 207 12.64 -39.37 -25.67
C ILE I 207 13.69 -39.98 -24.73
N PRO I 208 13.41 -41.12 -24.11
CA PRO I 208 14.36 -41.70 -23.16
C PRO I 208 15.53 -42.34 -23.86
N GLY I 209 16.61 -42.51 -23.09
CA GLY I 209 17.80 -43.14 -23.61
C GLY I 209 17.79 -44.64 -23.46
N VAL I 210 18.64 -45.28 -24.27
CA VAL I 210 18.72 -46.74 -24.26
C VAL I 210 19.09 -47.24 -22.88
N ALA I 211 20.01 -46.55 -22.21
CA ALA I 211 20.42 -46.97 -20.87
C ALA I 211 19.23 -46.98 -19.91
N THR I 212 18.49 -45.87 -19.87
CA THR I 212 17.36 -45.78 -18.95
C THR I 212 16.32 -46.85 -19.27
N VAL I 213 16.00 -47.01 -20.56
CA VAL I 213 14.94 -47.94 -20.95
C VAL I 213 15.34 -49.37 -20.59
N VAL I 214 16.56 -49.77 -20.92
CA VAL I 214 16.97 -51.15 -20.66
C VAL I 214 17.07 -51.41 -19.16
N GLU I 215 17.63 -50.46 -18.41
CA GLU I 215 17.73 -50.65 -16.97
C GLU I 215 16.36 -50.79 -16.33
N ARG I 216 15.40 -49.96 -16.76
CA ARG I 216 14.05 -50.09 -16.24
C ARG I 216 13.40 -51.38 -16.70
N LEU I 217 13.82 -51.91 -17.85
CA LEU I 217 13.29 -53.20 -18.29
C LEU I 217 13.75 -54.32 -17.37
N LEU I 218 15.04 -54.38 -17.06
CA LEU I 218 15.57 -55.43 -16.20
C LEU I 218 15.31 -55.04 -14.74
N ASN I 219 14.06 -55.21 -14.32
CA ASN I 219 13.63 -54.72 -13.01
C ASN I 219 12.47 -55.57 -12.49
N ASN I 220 12.59 -55.99 -11.23
CA ASN I 220 11.52 -56.66 -10.49
C ASN I 220 11.03 -57.91 -11.21
N GLY I 221 11.93 -58.87 -11.35
CA GLY I 221 11.60 -60.16 -11.92
C GLY I 221 12.30 -61.29 -11.20
N LYS I 222 11.53 -62.27 -10.73
CA LYS I 222 12.07 -63.38 -9.95
C LYS I 222 11.92 -64.67 -10.74
N ALA I 223 12.91 -64.95 -11.59
CA ALA I 223 12.97 -66.18 -12.38
C ALA I 223 14.31 -66.22 -13.08
N LEU I 224 14.53 -67.30 -13.84
CA LEU I 224 15.70 -67.45 -14.69
C LEU I 224 15.23 -68.09 -15.99
N SER I 225 16.18 -68.61 -16.78
CA SER I 225 15.89 -69.32 -18.02
C SER I 225 15.10 -68.43 -19.00
N ASN I 226 15.81 -67.41 -19.48
CA ASN I 226 15.25 -66.42 -20.37
C ASN I 226 15.57 -66.72 -21.83
N ARG I 227 14.82 -66.07 -22.71
CA ARG I 227 15.05 -66.15 -24.15
C ARG I 227 14.67 -64.81 -24.77
N GLN I 228 14.82 -64.72 -26.08
CA GLN I 228 14.67 -63.46 -26.81
C GLN I 228 13.64 -63.61 -27.92
N ALA I 229 12.83 -62.56 -28.10
CA ALA I 229 11.74 -62.57 -29.06
C ALA I 229 11.86 -61.35 -29.97
N GLN I 230 11.89 -61.59 -31.28
CA GLN I 230 11.91 -60.51 -32.25
C GLN I 230 10.51 -59.93 -32.45
N LEU I 261 19.51 -64.89 -11.71
CA LEU I 261 19.45 -63.52 -12.19
C LEU I 261 19.31 -62.52 -11.04
N GLU I 262 19.89 -61.34 -11.22
CA GLU I 262 19.90 -60.29 -10.21
C GLU I 262 19.86 -58.95 -10.93
N ASP I 263 20.23 -57.89 -10.21
CA ASP I 263 20.18 -56.54 -10.74
C ASP I 263 21.46 -56.20 -11.50
N VAL I 264 21.31 -55.78 -12.75
CA VAL I 264 22.42 -55.32 -13.56
C VAL I 264 22.66 -53.85 -13.27
N SER I 265 23.91 -53.42 -13.44
CA SER I 265 24.28 -52.02 -13.29
C SER I 265 24.57 -51.49 -14.69
N LEU I 266 23.72 -50.58 -15.17
CA LEU I 266 23.81 -50.07 -16.53
C LEU I 266 23.79 -48.55 -16.46
N ILE I 267 24.91 -47.92 -16.81
CA ILE I 267 25.02 -46.47 -16.74
C ILE I 267 25.51 -45.94 -18.08
N ALA I 268 25.23 -44.65 -18.30
CA ALA I 268 25.51 -44.00 -19.57
C ALA I 268 26.67 -43.04 -19.39
N TYR I 269 27.63 -43.09 -20.30
CA TYR I 269 28.80 -42.21 -20.31
C TYR I 269 28.78 -41.50 -21.66
N PRO I 270 28.07 -40.38 -21.77
CA PRO I 270 27.92 -39.73 -23.08
C PRO I 270 29.17 -39.02 -23.56
N GLU I 271 30.18 -38.84 -22.71
CA GLU I 271 31.40 -38.16 -23.15
C GLU I 271 32.03 -38.86 -24.33
N THR I 272 32.01 -40.19 -24.32
CA THR I 272 32.37 -40.98 -25.49
C THR I 272 31.17 -41.73 -26.05
N ASN I 273 29.97 -41.38 -25.61
CA ASN I 273 28.73 -41.99 -26.10
C ASN I 273 28.77 -43.51 -25.96
N SER I 274 28.93 -43.95 -24.72
CA SER I 274 29.07 -45.38 -24.44
C SER I 274 28.22 -45.74 -23.24
N ILE I 275 28.15 -47.04 -22.97
CA ILE I 275 27.36 -47.59 -21.88
C ILE I 275 28.24 -48.54 -21.09
N LEU I 276 28.25 -48.39 -19.77
CA LEU I 276 29.00 -49.25 -18.88
C LEU I 276 28.02 -50.23 -18.23
N VAL I 277 28.30 -51.52 -18.37
CA VAL I 277 27.40 -52.57 -17.93
C VAL I 277 28.11 -53.46 -16.92
N LYS I 278 27.32 -54.01 -16.01
CA LYS I 278 27.79 -54.92 -14.98
C LYS I 278 26.72 -55.98 -14.76
N GLY I 279 27.07 -57.25 -14.96
CA GLY I 279 26.09 -58.30 -14.76
C GLY I 279 26.65 -59.66 -15.09
N ASN I 280 25.76 -60.65 -15.06
CA ASN I 280 26.12 -62.03 -15.37
C ASN I 280 26.25 -62.22 -16.88
N ASP I 281 26.76 -63.39 -17.26
CA ASP I 281 27.01 -63.65 -18.68
C ASP I 281 25.70 -63.69 -19.47
N GLN I 282 24.67 -64.33 -18.93
CA GLN I 282 23.38 -64.36 -19.62
C GLN I 282 22.82 -62.95 -19.75
N GLN I 283 22.91 -62.16 -18.68
CA GLN I 283 22.39 -60.80 -18.72
C GLN I 283 23.11 -59.96 -19.77
N ILE I 284 24.45 -60.03 -19.81
CA ILE I 284 25.16 -59.23 -20.79
C ILE I 284 24.86 -59.73 -22.20
N GLN I 285 24.66 -61.04 -22.38
CA GLN I 285 24.32 -61.55 -23.70
C GLN I 285 22.99 -61.00 -24.16
N ILE I 286 21.97 -61.02 -23.30
CA ILE I 286 20.69 -60.48 -23.73
C ILE I 286 20.76 -58.98 -23.92
N ILE I 287 21.61 -58.28 -23.15
CA ILE I 287 21.75 -56.84 -23.35
C ILE I 287 22.36 -56.55 -24.71
N ARG I 288 23.42 -57.28 -25.08
CA ARG I 288 24.02 -57.07 -26.38
C ARG I 288 23.02 -57.35 -27.49
N ASP I 289 22.28 -58.45 -27.37
CA ASP I 289 21.32 -58.78 -28.42
C ASP I 289 20.21 -57.73 -28.53
N ILE I 290 19.69 -57.28 -27.38
CA ILE I 290 18.58 -56.33 -27.43
C ILE I 290 19.04 -54.98 -27.94
N ILE I 291 20.24 -54.54 -27.56
CA ILE I 291 20.75 -53.27 -28.08
C ILE I 291 20.98 -53.35 -29.57
N THR I 292 21.59 -54.44 -30.04
CA THR I 292 21.83 -54.59 -31.46
C THR I 292 20.52 -54.59 -32.24
N GLN I 293 19.50 -55.28 -31.71
CA GLN I 293 18.19 -55.22 -32.34
C GLN I 293 17.52 -53.87 -32.16
N LEU I 294 18.02 -53.04 -31.24
CA LEU I 294 17.36 -51.79 -30.92
C LEU I 294 17.81 -50.63 -31.81
N ASP I 295 19.11 -50.42 -31.99
CA ASP I 295 19.59 -49.28 -32.77
C ASP I 295 20.15 -49.75 -34.11
N VAL I 296 19.54 -49.30 -35.20
CA VAL I 296 20.06 -49.72 -36.50
C VAL I 296 20.39 -48.55 -37.43
N ALA I 297 19.37 -47.81 -37.89
CA ALA I 297 19.71 -46.92 -39.00
C ALA I 297 19.18 -45.49 -38.87
N LYS I 298 17.95 -45.30 -38.39
CA LYS I 298 17.34 -43.98 -38.29
C LYS I 298 17.30 -43.28 -39.64
N ARG I 299 16.41 -43.78 -40.49
CA ARG I 299 16.27 -43.24 -41.84
C ARG I 299 15.78 -41.79 -41.82
N HIS I 300 15.98 -41.10 -42.94
CA HIS I 300 15.73 -39.67 -43.08
C HIS I 300 14.48 -39.43 -43.91
N ILE I 301 13.61 -38.57 -43.42
CA ILE I 301 12.41 -38.15 -44.12
C ILE I 301 12.50 -36.65 -44.37
N GLU I 302 12.25 -36.24 -45.60
CA GLU I 302 12.20 -34.83 -45.96
C GLU I 302 10.80 -34.48 -46.42
N LEU I 303 10.22 -33.47 -45.81
CA LEU I 303 8.83 -33.09 -46.06
C LEU I 303 8.80 -31.75 -46.78
N SER I 304 8.04 -31.67 -47.88
CA SER I 304 7.82 -30.44 -48.60
C SER I 304 6.35 -30.06 -48.46
N LEU I 305 6.08 -28.87 -47.95
CA LEU I 305 4.73 -28.44 -47.65
C LEU I 305 4.34 -27.35 -48.63
N TRP I 306 3.49 -27.67 -49.59
CA TRP I 306 3.07 -26.70 -50.60
C TRP I 306 1.88 -25.92 -50.09
N ILE I 307 1.97 -24.60 -50.14
CA ILE I 307 0.87 -23.71 -49.80
C ILE I 307 0.56 -22.89 -51.03
N ILE I 308 -0.67 -22.98 -51.52
CA ILE I 308 -1.05 -22.35 -52.78
C ILE I 308 -2.23 -21.42 -52.54
N ASP I 309 -2.14 -20.22 -53.07
CA ASP I 309 -3.24 -19.26 -53.02
C ASP I 309 -3.50 -18.74 -54.42
N ILE I 310 -4.77 -18.68 -54.80
CA ILE I 310 -5.20 -18.11 -56.06
C ILE I 310 -6.38 -17.20 -55.79
N ASP I 311 -6.30 -15.95 -56.24
CA ASP I 311 -7.36 -14.99 -56.02
C ASP I 311 -7.70 -14.27 -57.30
N LYS I 312 -8.99 -14.11 -57.56
CA LYS I 312 -9.49 -13.28 -58.64
C LYS I 312 -10.57 -12.37 -58.09
N SER I 313 -10.61 -11.14 -58.56
CA SER I 313 -11.61 -10.21 -58.07
C SER I 313 -11.95 -9.22 -59.18
N GLU I 314 -13.20 -8.77 -59.17
CA GLU I 314 -13.65 -7.77 -60.13
C GLU I 314 -14.69 -6.89 -59.46
N LEU I 315 -14.42 -5.59 -59.41
CA LEU I 315 -15.31 -4.64 -58.78
C LEU I 315 -15.61 -3.54 -59.78
N ASN I 316 -16.87 -3.29 -60.06
CA ASN I 316 -17.18 -2.24 -61.03
C ASN I 316 -18.44 -1.50 -60.62
N ASN I 317 -18.43 -0.18 -60.82
CA ASN I 317 -19.57 0.64 -60.47
C ASN I 317 -19.73 1.78 -61.45
N LEU I 318 -20.96 2.04 -61.84
CA LEU I 318 -21.24 3.15 -62.73
C LEU I 318 -22.64 3.69 -62.46
N GLY I 319 -22.79 4.99 -62.57
CA GLY I 319 -24.08 5.62 -62.36
C GLY I 319 -23.91 7.04 -61.87
N VAL I 320 -25.03 7.61 -61.43
CA VAL I 320 -25.08 9.01 -61.02
C VAL I 320 -25.88 9.12 -59.73
N ASN I 321 -25.40 9.98 -58.82
CA ASN I 321 -26.15 10.36 -57.63
C ASN I 321 -26.51 11.83 -57.72
N TRP I 322 -27.73 12.17 -57.32
CA TRP I 322 -28.25 13.52 -57.47
C TRP I 322 -28.64 14.12 -56.13
N GLN I 323 -28.43 15.42 -55.99
CA GLN I 323 -28.98 16.18 -54.88
C GLN I 323 -29.46 17.52 -55.40
N GLY I 324 -30.48 18.08 -54.75
CA GLY I 324 -31.08 19.29 -55.30
C GLY I 324 -31.62 20.24 -54.25
N THR I 325 -31.74 21.50 -54.67
CA THR I 325 -32.35 22.55 -53.88
C THR I 325 -33.09 23.49 -54.81
N ALA I 326 -34.16 24.11 -54.30
CA ALA I 326 -34.94 25.02 -55.12
C ALA I 326 -35.65 26.03 -54.24
N SER I 327 -35.92 27.20 -54.80
CA SER I 327 -36.60 28.27 -54.08
C SER I 327 -37.60 28.93 -54.99
N PHE I 328 -38.64 29.50 -54.38
CA PHE I 328 -39.68 30.22 -55.11
C PHE I 328 -40.11 31.42 -54.27
N GLY I 329 -39.93 32.61 -54.84
CA GLY I 329 -40.07 33.82 -54.08
C GLY I 329 -39.13 33.81 -52.89
N ASP I 330 -39.55 34.47 -51.83
CA ASP I 330 -38.91 34.33 -50.52
C ASP I 330 -39.79 33.52 -49.58
N SER I 331 -40.64 32.68 -50.15
CA SER I 331 -41.68 31.98 -49.40
C SER I 331 -41.53 30.46 -49.43
N PHE I 332 -41.29 29.87 -50.59
CA PHE I 332 -41.33 28.41 -50.73
C PHE I 332 -39.90 27.89 -50.90
N GLY I 333 -39.46 27.07 -49.96
CA GLY I 333 -38.18 26.40 -50.07
C GLY I 333 -38.38 24.90 -50.28
N ALA I 334 -37.50 24.29 -51.07
CA ALA I 334 -37.60 22.86 -51.33
C ALA I 334 -36.23 22.24 -51.37
N SER I 335 -36.07 21.09 -50.71
CA SER I 335 -34.81 20.36 -50.69
C SER I 335 -35.06 18.94 -51.18
N PHE I 336 -34.39 18.57 -52.26
CA PHE I 336 -34.59 17.27 -52.91
C PHE I 336 -33.45 16.34 -52.54
N ASN I 337 -33.80 15.25 -51.83
CA ASN I 337 -32.83 14.21 -51.45
C ASN I 337 -31.69 14.78 -50.61
N MET I 338 -32.06 15.44 -49.52
CA MET I 338 -31.10 16.00 -48.59
C MET I 338 -31.47 15.60 -47.18
N SER I 339 -30.44 15.38 -46.35
CA SER I 339 -30.68 15.02 -44.95
C SER I 339 -31.33 16.16 -44.19
N SER I 340 -30.76 17.36 -44.28
CA SER I 340 -31.30 18.54 -43.63
C SER I 340 -30.72 19.78 -44.29
N SER I 341 -31.37 20.91 -44.05
CA SER I 341 -30.95 22.17 -44.63
C SER I 341 -29.71 22.73 -43.94
N ASN I 350 -27.26 26.44 -54.90
CA ASN I 350 -28.67 26.83 -54.97
C ASN I 350 -29.45 25.84 -55.83
N LYS I 351 -28.75 25.08 -56.66
CA LYS I 351 -29.39 24.20 -57.62
C LYS I 351 -28.62 22.89 -57.67
N PHE I 352 -28.89 22.08 -58.68
CA PHE I 352 -28.67 20.64 -58.61
C PHE I 352 -27.21 20.26 -58.80
N ILE I 353 -26.81 19.20 -58.07
CA ILE I 353 -25.46 18.65 -58.16
C ILE I 353 -25.57 17.15 -58.43
N ALA I 354 -24.66 16.65 -59.25
CA ALA I 354 -24.64 15.25 -59.63
C ALA I 354 -23.22 14.70 -59.56
N SER I 355 -23.06 13.59 -58.86
CA SER I 355 -21.79 12.88 -58.82
C SER I 355 -21.88 11.69 -59.76
N VAL I 356 -21.04 11.70 -60.79
CA VAL I 356 -21.01 10.62 -61.76
C VAL I 356 -19.81 9.73 -61.46
N MET I 357 -20.07 8.44 -61.32
CA MET I 357 -19.05 7.45 -61.07
C MET I 357 -19.04 6.47 -62.22
N ALA I 358 -17.84 6.10 -62.67
CA ALA I 358 -17.70 5.09 -63.72
C ALA I 358 -16.32 4.49 -63.57
N LEU I 359 -16.25 3.23 -63.17
CA LEU I 359 -14.94 2.62 -62.92
C LEU I 359 -15.10 1.11 -62.89
N ASN I 360 -14.02 0.42 -63.26
CA ASN I 360 -14.00 -1.03 -63.28
C ASN I 360 -12.59 -1.51 -63.02
N GLN I 361 -12.37 -2.28 -61.96
CA GLN I 361 -11.05 -2.76 -61.63
C GLN I 361 -11.06 -4.26 -61.43
N LYS I 362 -10.15 -4.94 -62.11
CA LYS I 362 -9.92 -6.37 -61.96
C LYS I 362 -8.60 -6.60 -61.26
N LYS I 363 -8.50 -7.70 -60.55
CA LYS I 363 -7.30 -8.00 -59.79
C LYS I 363 -7.10 -9.50 -59.76
N LYS I 364 -5.84 -9.95 -59.86
CA LYS I 364 -5.54 -11.36 -59.84
C LYS I 364 -4.22 -11.59 -59.12
N ALA I 365 -4.12 -12.67 -58.36
CA ALA I 365 -2.91 -12.94 -57.62
C ALA I 365 -2.70 -14.43 -57.45
N ASN I 366 -1.46 -14.89 -57.63
CA ASN I 366 -1.08 -16.26 -57.37
C ASN I 366 0.13 -16.27 -56.46
N VAL I 367 0.05 -17.03 -55.37
CA VAL I 367 1.14 -17.13 -54.41
C VAL I 367 1.42 -18.60 -54.17
N VAL I 368 2.69 -19.00 -54.27
CA VAL I 368 3.09 -20.37 -54.02
C VAL I 368 4.24 -20.35 -53.05
N SER I 369 4.04 -20.89 -51.85
CA SER I 369 5.08 -20.98 -50.86
C SER I 369 5.39 -22.44 -50.60
N ARG I 370 6.64 -22.74 -50.28
CA ARG I 370 7.06 -24.12 -50.05
C ARG I 370 8.15 -24.13 -48.99
N PRO I 371 7.81 -24.43 -47.76
CA PRO I 371 8.82 -24.86 -46.80
C PRO I 371 9.22 -26.30 -47.03
N VAL I 372 10.48 -26.60 -46.70
CA VAL I 372 11.04 -27.93 -46.90
C VAL I 372 11.95 -28.22 -45.72
N ILE I 373 11.70 -29.29 -44.99
CA ILE I 373 12.51 -29.60 -43.82
C ILE I 373 12.84 -31.08 -43.80
N LEU I 374 14.07 -31.40 -43.39
CA LEU I 374 14.55 -32.77 -43.32
C LEU I 374 14.76 -33.15 -41.86
N THR I 375 14.49 -34.42 -41.53
CA THR I 375 14.69 -34.91 -40.18
C THR I 375 14.83 -36.42 -40.22
N GLN I 376 15.03 -37.01 -39.04
CA GLN I 376 15.08 -38.45 -38.89
C GLN I 376 13.74 -38.95 -38.40
N GLU I 377 13.40 -40.17 -38.80
CA GLU I 377 12.09 -40.71 -38.46
C GLU I 377 11.90 -40.76 -36.95
N ASN I 378 10.68 -40.45 -36.50
CA ASN I 378 10.23 -40.51 -35.12
C ASN I 378 10.80 -39.42 -34.24
N ILE I 379 11.52 -38.45 -34.80
CA ILE I 379 12.12 -37.38 -34.01
C ILE I 379 11.53 -36.06 -34.46
N PRO I 380 10.97 -35.26 -33.56
CA PRO I 380 10.27 -34.04 -33.97
C PRO I 380 11.21 -33.05 -34.62
N ALA I 381 10.67 -32.30 -35.58
CA ALA I 381 11.43 -31.29 -36.29
C ALA I 381 10.65 -29.99 -36.26
N ILE I 382 11.37 -28.87 -36.15
CA ILE I 382 10.76 -27.55 -36.05
C ILE I 382 11.35 -26.65 -37.12
N PHE I 383 10.49 -25.92 -37.82
CA PHE I 383 10.94 -24.96 -38.83
C PHE I 383 10.02 -23.77 -38.79
N ASP I 384 10.54 -22.59 -38.45
CA ASP I 384 9.75 -21.39 -38.55
C ASP I 384 10.54 -20.31 -39.25
N ASN I 385 9.83 -19.40 -39.90
CA ASN I 385 10.46 -18.42 -40.76
C ASN I 385 9.50 -17.26 -40.92
N ASN I 386 10.06 -16.07 -41.12
CA ASN I 386 9.20 -14.94 -41.49
C ASN I 386 10.04 -13.90 -42.21
N ARG I 387 9.53 -13.43 -43.34
CA ARG I 387 10.13 -12.39 -44.13
C ARG I 387 9.20 -11.18 -44.17
N THR I 388 9.74 -10.06 -44.64
CA THR I 388 8.95 -8.87 -44.85
C THR I 388 9.05 -8.49 -46.33
N PHE I 389 7.92 -8.33 -46.97
CA PHE I 389 7.86 -7.97 -48.38
C PHE I 389 7.57 -6.48 -48.50
N TYR I 390 8.43 -5.77 -49.21
CA TYR I 390 8.32 -4.34 -49.41
C TYR I 390 7.89 -4.04 -50.84
N VAL I 391 7.12 -2.97 -51.00
CA VAL I 391 6.87 -2.38 -52.30
C VAL I 391 7.07 -0.87 -52.18
N SER I 392 7.87 -0.31 -53.09
CA SER I 392 8.16 1.11 -53.09
C SER I 392 7.06 1.85 -53.81
N LEU I 393 6.56 2.91 -53.19
CA LEU I 393 5.55 3.74 -53.82
C LEU I 393 6.13 4.42 -55.06
N VAL I 394 5.23 4.99 -55.86
CA VAL I 394 5.67 5.68 -57.08
C VAL I 394 6.46 6.93 -56.72
N GLY I 395 6.01 7.68 -55.72
CA GLY I 395 6.68 8.90 -55.32
C GLY I 395 6.29 9.39 -53.93
N LEU I 401 6.18 3.18 -49.47
CA LEU I 401 6.89 1.99 -49.01
C LEU I 401 6.02 1.19 -48.09
N GLU I 402 5.28 0.24 -48.65
CA GLU I 402 4.36 -0.58 -47.86
C GLU I 402 4.88 -2.00 -47.75
N HIS I 403 4.73 -2.58 -46.56
CA HIS I 403 5.34 -3.85 -46.24
C HIS I 403 4.32 -4.79 -45.63
N VAL I 404 4.50 -6.08 -45.89
CA VAL I 404 3.66 -7.13 -45.33
C VAL I 404 4.57 -8.22 -44.78
N THR I 405 4.33 -8.64 -43.54
CA THR I 405 5.17 -9.62 -42.87
C THR I 405 4.56 -11.00 -43.04
N TYR I 406 5.20 -11.85 -43.84
CA TYR I 406 4.72 -13.19 -44.11
C TYR I 406 5.50 -14.17 -43.28
N GLY I 407 4.81 -14.93 -42.44
CA GLY I 407 5.47 -15.87 -41.56
C GLY I 407 4.78 -17.23 -41.58
N THR I 408 5.60 -18.26 -41.46
CA THR I 408 5.14 -19.64 -41.37
C THR I 408 5.85 -20.33 -40.22
N LEU I 409 5.20 -21.36 -39.70
CA LEU I 409 5.74 -22.13 -38.58
C LEU I 409 5.16 -23.53 -38.67
N ILE I 410 6.01 -24.52 -38.89
CA ILE I 410 5.58 -25.90 -39.04
C ILE I 410 6.40 -26.76 -38.11
N ASN I 411 5.73 -27.52 -37.27
CA ASN I 411 6.40 -28.52 -36.45
C ASN I 411 5.76 -29.88 -36.70
N VAL I 412 6.61 -30.88 -36.93
CA VAL I 412 6.17 -32.13 -37.53
C VAL I 412 6.84 -33.29 -36.82
N ILE I 413 6.13 -34.40 -36.71
CA ILE I 413 6.68 -35.66 -36.26
C ILE I 413 6.43 -36.70 -37.35
N PRO I 414 7.46 -37.06 -38.11
CA PRO I 414 7.28 -38.06 -39.17
C PRO I 414 7.66 -39.45 -38.73
N ARG I 415 7.20 -40.46 -39.45
CA ARG I 415 7.60 -41.84 -39.23
C ARG I 415 7.11 -42.67 -40.39
N PHE I 416 7.51 -43.93 -40.42
CA PHE I 416 7.17 -44.83 -41.52
C PHE I 416 6.03 -45.75 -41.14
N SER I 417 5.50 -46.43 -42.15
CA SER I 417 4.40 -47.36 -41.97
C SER I 417 4.39 -48.33 -43.15
N SER I 418 3.55 -49.35 -43.02
CA SER I 418 3.50 -50.48 -43.95
C SER I 418 3.56 -50.02 -45.40
N ARG I 419 4.29 -50.80 -46.20
CA ARG I 419 4.49 -50.51 -47.62
C ARG I 419 5.25 -49.20 -47.83
N GLY I 420 6.05 -48.81 -46.85
CA GLY I 420 6.85 -47.61 -46.99
C GLY I 420 6.07 -46.33 -47.04
N GLN I 421 4.86 -46.30 -46.50
CA GLN I 421 4.12 -45.06 -46.43
C GLN I 421 4.69 -44.18 -45.33
N ILE I 422 4.50 -42.87 -45.46
CA ILE I 422 5.03 -41.91 -44.51
C ILE I 422 3.88 -41.28 -43.76
N GLU I 423 3.84 -41.48 -42.45
CA GLU I 423 2.82 -40.88 -41.61
C GLU I 423 3.42 -39.70 -40.88
N MET I 424 2.63 -38.65 -40.67
CA MET I 424 3.12 -37.42 -40.07
C MET I 424 2.05 -36.80 -39.20
N SER I 425 2.48 -36.33 -38.02
CA SER I 425 1.67 -35.46 -37.19
C SER I 425 2.12 -34.04 -37.46
N LEU I 426 1.18 -33.17 -37.84
CA LEU I 426 1.49 -31.85 -38.37
C LEU I 426 0.81 -30.78 -37.54
N THR I 427 1.56 -29.75 -37.18
CA THR I 427 0.99 -28.47 -36.74
C THR I 427 1.55 -27.39 -37.66
N ILE I 428 0.66 -26.70 -38.36
CA ILE I 428 1.07 -25.71 -39.35
C ILE I 428 0.35 -24.41 -39.05
N GLU I 429 1.10 -23.32 -39.01
CA GLU I 429 0.53 -21.99 -39.01
C GLU I 429 1.21 -21.22 -40.13
N ASP I 430 0.46 -20.36 -40.81
CA ASP I 430 1.10 -19.57 -41.84
C ASP I 430 0.23 -18.37 -42.16
N GLY I 431 0.84 -17.39 -42.79
CA GLY I 431 0.10 -16.27 -43.32
C GLY I 431 0.77 -14.97 -43.01
N THR I 432 0.05 -13.89 -43.26
CA THR I 432 0.58 -12.55 -43.17
C THR I 432 0.00 -11.82 -41.97
N GLY I 433 0.44 -10.57 -41.82
CA GLY I 433 -0.11 -9.67 -40.84
C GLY I 433 -0.72 -8.46 -41.51
N ASN I 434 -1.94 -8.10 -41.11
CA ASN I 434 -2.69 -7.04 -41.78
C ASN I 434 -1.90 -5.74 -41.82
N SER I 435 -1.62 -5.26 -43.03
CA SER I 435 -1.01 -3.96 -43.22
C SER I 435 -1.67 -3.29 -44.42
N GLN I 436 -2.67 -2.46 -44.15
CA GLN I 436 -3.39 -1.73 -45.18
C GLN I 436 -2.49 -0.74 -45.90
N ASN I 443 -2.82 3.19 -51.92
CA ASN I 443 -2.72 3.28 -53.37
C ASN I 443 -2.26 1.96 -53.98
N GLU I 444 -3.18 1.00 -54.05
CA GLU I 444 -2.96 -0.31 -54.65
C GLU I 444 -1.86 -1.11 -53.97
N ASN I 445 -1.40 -0.66 -52.80
CA ASN I 445 -0.36 -1.40 -52.08
C ASN I 445 -0.84 -2.79 -51.72
N THR I 446 -2.01 -2.90 -51.11
CA THR I 446 -2.60 -4.21 -50.83
C THR I 446 -2.92 -4.94 -52.13
N SER I 447 -3.20 -4.20 -53.20
CA SER I 447 -3.46 -4.83 -54.48
C SER I 447 -2.24 -5.53 -55.03
N VAL I 448 -1.05 -5.03 -54.69
CA VAL I 448 0.18 -5.64 -55.19
C VAL I 448 0.72 -6.70 -54.23
N LEU I 449 0.72 -6.41 -52.93
CA LEU I 449 1.29 -7.31 -51.96
C LEU I 449 0.41 -8.56 -51.80
N PRO I 450 0.98 -9.66 -51.28
CA PRO I 450 0.22 -10.91 -51.17
C PRO I 450 -1.07 -10.81 -50.37
N GLU I 451 -0.97 -10.50 -49.08
CA GLU I 451 -2.12 -10.35 -48.19
C GLU I 451 -3.05 -11.59 -48.28
N VAL I 452 -2.52 -12.71 -47.81
CA VAL I 452 -3.20 -13.99 -47.93
C VAL I 452 -3.91 -14.41 -46.66
N GLY I 453 -4.07 -13.52 -45.70
CA GLY I 453 -4.75 -13.88 -44.47
C GLY I 453 -3.88 -14.76 -43.59
N ARG I 454 -4.51 -15.43 -42.63
CA ARG I 454 -3.80 -16.32 -41.72
C ARG I 454 -4.56 -17.62 -41.61
N THR I 455 -3.83 -18.73 -41.49
CA THR I 455 -4.45 -20.04 -41.43
C THR I 455 -3.61 -20.98 -40.58
N LYS I 456 -4.26 -21.67 -39.65
CA LYS I 456 -3.61 -22.68 -38.83
C LYS I 456 -4.39 -23.97 -38.96
N ILE I 457 -3.67 -25.06 -39.18
CA ILE I 457 -4.26 -26.39 -39.30
C ILE I 457 -3.43 -27.38 -38.49
N SER I 458 -4.10 -28.17 -37.67
CA SER I 458 -3.44 -29.17 -36.85
C SER I 458 -4.12 -30.51 -37.10
N THR I 459 -3.35 -31.50 -37.51
CA THR I 459 -3.93 -32.78 -37.93
C THR I 459 -2.83 -33.83 -38.01
N ILE I 460 -3.17 -34.98 -38.58
CA ILE I 460 -2.24 -36.09 -38.73
C ILE I 460 -2.68 -36.93 -39.93
N ALA I 461 -1.75 -37.26 -40.82
CA ALA I 461 -2.12 -37.96 -42.03
C ALA I 461 -0.93 -38.76 -42.55
N ARG I 462 -1.23 -39.77 -43.38
CA ARG I 462 -0.19 -40.60 -43.96
C ARG I 462 -0.33 -40.62 -45.47
N VAL I 463 0.81 -40.67 -46.15
CA VAL I 463 0.89 -40.50 -47.59
C VAL I 463 1.66 -41.67 -48.18
N PRO I 464 1.18 -42.29 -49.25
CA PRO I 464 2.02 -43.23 -49.99
C PRO I 464 3.20 -42.49 -50.59
N GLN I 465 4.32 -43.18 -50.69
CA GLN I 465 5.51 -42.54 -51.23
C GLN I 465 5.39 -42.42 -52.74
N GLY I 466 5.62 -41.20 -53.24
CA GLY I 466 5.43 -40.90 -54.64
C GLY I 466 4.20 -40.08 -54.95
N LYS I 467 3.33 -39.86 -53.97
CA LYS I 467 2.12 -39.07 -54.16
C LYS I 467 2.07 -37.99 -53.09
N SER I 468 1.15 -37.05 -53.27
CA SER I 468 1.00 -35.91 -52.37
C SER I 468 -0.46 -35.78 -51.99
N LEU I 469 -0.69 -35.22 -50.80
CA LEU I 469 -2.01 -35.20 -50.21
C LEU I 469 -2.44 -33.78 -49.91
N LEU I 470 -3.74 -33.51 -50.02
CA LEU I 470 -4.30 -32.20 -49.76
C LEU I 470 -4.90 -32.21 -48.36
N ILE I 471 -4.07 -31.93 -47.36
CA ILE I 471 -4.54 -32.06 -45.98
C ILE I 471 -5.54 -30.97 -45.66
N GLY I 472 -5.33 -29.74 -46.13
CA GLY I 472 -6.18 -28.65 -45.73
C GLY I 472 -6.53 -27.77 -46.91
N GLY I 473 -7.64 -27.06 -46.77
CA GLY I 473 -7.99 -26.16 -47.84
C GLY I 473 -9.21 -25.33 -47.50
N TYR I 474 -9.44 -24.32 -48.33
CA TYR I 474 -10.49 -23.35 -48.03
C TYR I 474 -10.76 -22.56 -49.29
N THR I 475 -12.00 -22.59 -49.76
CA THR I 475 -12.40 -21.78 -50.91
C THR I 475 -13.51 -20.85 -50.51
N HIS I 476 -13.64 -19.76 -51.27
CA HIS I 476 -14.57 -18.69 -50.91
C HIS I 476 -15.01 -17.99 -52.17
N GLU I 477 -16.31 -17.75 -52.27
CA GLU I 477 -16.87 -17.07 -53.43
C GLU I 477 -17.87 -16.03 -52.98
N THR I 478 -17.75 -14.82 -53.51
CA THR I 478 -18.60 -13.72 -53.13
C THR I 478 -19.17 -13.06 -54.37
N ASN I 479 -20.47 -12.76 -54.34
CA ASN I 479 -21.12 -12.04 -55.41
C ASN I 479 -22.06 -11.03 -54.78
N SER I 480 -22.04 -9.79 -55.28
CA SER I 480 -22.86 -8.76 -54.67
C SER I 480 -23.28 -7.75 -55.72
N ASN I 481 -24.55 -7.36 -55.68
CA ASN I 481 -25.09 -6.34 -56.55
C ASN I 481 -25.86 -5.33 -55.73
N GLU I 482 -25.80 -4.07 -56.16
CA GLU I 482 -26.56 -3.01 -55.51
C GLU I 482 -27.03 -2.02 -56.56
N ILE I 483 -28.30 -1.63 -56.48
CA ILE I 483 -28.89 -0.72 -57.45
C ILE I 483 -29.60 0.38 -56.69
N ILE I 484 -29.30 1.63 -57.03
CA ILE I 484 -29.96 2.79 -56.45
C ILE I 484 -30.60 3.58 -57.56
N SER I 485 -31.86 3.97 -57.39
CA SER I 485 -32.52 4.68 -58.47
C SER I 485 -33.60 5.60 -57.93
N ILE I 486 -33.78 6.71 -58.62
CA ILE I 486 -34.95 7.58 -58.39
C ILE I 486 -36.20 6.83 -58.82
N PRO I 487 -37.29 6.86 -58.05
CA PRO I 487 -38.41 5.96 -58.30
C PRO I 487 -39.02 6.06 -59.69
N PHE I 488 -39.52 7.24 -60.06
CA PHE I 488 -40.34 7.32 -61.27
C PHE I 488 -39.54 7.60 -62.53
N LEU I 489 -38.85 8.74 -62.57
CA LEU I 489 -38.24 9.18 -63.82
C LEU I 489 -37.16 8.22 -64.31
N SER I 490 -36.45 7.58 -63.39
CA SER I 490 -35.42 6.62 -63.82
C SER I 490 -35.99 5.45 -64.60
N SER I 491 -37.31 5.32 -64.67
CA SER I 491 -37.93 4.26 -65.44
C SER I 491 -38.27 4.66 -66.87
N ILE I 492 -38.08 5.93 -67.24
CA ILE I 492 -38.39 6.36 -68.60
C ILE I 492 -37.38 5.72 -69.55
N PRO I 493 -37.73 5.49 -70.82
CA PRO I 493 -36.94 4.57 -71.65
C PRO I 493 -35.50 4.97 -71.91
N VAL I 494 -35.27 6.18 -72.43
CA VAL I 494 -33.97 6.51 -72.98
C VAL I 494 -33.06 7.12 -71.93
N ILE I 495 -33.43 8.29 -71.40
CA ILE I 495 -32.54 9.00 -70.49
C ILE I 495 -32.67 8.53 -69.05
N GLY I 496 -33.66 7.69 -68.75
CA GLY I 496 -33.81 7.20 -67.40
C GLY I 496 -32.57 6.49 -66.88
N ASN I 497 -31.85 5.81 -67.78
CA ASN I 497 -30.64 5.10 -67.39
C ASN I 497 -29.55 6.03 -66.89
N VAL I 498 -29.76 7.35 -66.92
CA VAL I 498 -28.78 8.26 -66.36
C VAL I 498 -29.01 8.52 -64.87
N PHE I 499 -30.12 8.06 -64.31
CA PHE I 499 -30.42 8.28 -62.90
C PHE I 499 -30.08 7.10 -62.01
N LYS I 500 -29.85 5.92 -62.59
CA LYS I 500 -29.54 4.76 -61.78
C LYS I 500 -28.11 4.86 -61.23
N TYR I 501 -27.75 3.87 -60.44
CA TYR I 501 -26.39 3.72 -59.94
C TYR I 501 -26.21 2.26 -59.60
N LYS I 502 -25.36 1.56 -60.34
CA LYS I 502 -25.21 0.12 -60.23
C LYS I 502 -23.80 -0.19 -59.77
N THR I 503 -23.69 -0.98 -58.70
CA THR I 503 -22.42 -1.41 -58.15
C THR I 503 -22.40 -2.93 -58.09
N SER I 504 -21.26 -3.52 -58.44
CA SER I 504 -21.16 -4.97 -58.49
C SER I 504 -19.78 -5.42 -58.03
N ASN I 505 -19.76 -6.54 -57.34
CA ASN I 505 -18.52 -7.16 -56.86
C ASN I 505 -18.59 -8.65 -57.08
N ILE I 506 -17.48 -9.22 -57.53
CA ILE I 506 -17.33 -10.67 -57.69
C ILE I 506 -15.95 -11.05 -57.22
N SER I 507 -15.83 -12.16 -56.50
CA SER I 507 -14.50 -12.56 -56.05
C SER I 507 -14.45 -14.05 -55.80
N ASN I 508 -13.34 -14.67 -56.19
CA ASN I 508 -13.06 -16.07 -55.90
C ASN I 508 -11.70 -16.17 -55.22
N ILE I 509 -11.63 -17.00 -54.19
CA ILE I 509 -10.41 -17.22 -53.42
C ILE I 509 -10.26 -18.71 -53.20
N VAL I 510 -9.05 -19.22 -53.42
CA VAL I 510 -8.74 -20.63 -53.17
C VAL I 510 -7.43 -20.70 -52.42
N ARG I 511 -7.39 -21.46 -51.33
CA ARG I 511 -6.16 -21.68 -50.61
C ARG I 511 -6.04 -23.16 -50.27
N VAL I 512 -4.85 -23.72 -50.47
CA VAL I 512 -4.65 -25.16 -50.39
C VAL I 512 -3.35 -25.44 -49.64
N PHE I 513 -3.39 -26.39 -48.72
CA PHE I 513 -2.22 -26.92 -48.02
C PHE I 513 -2.07 -28.37 -48.41
N LEU I 514 -1.08 -28.68 -49.23
CA LEU I 514 -0.69 -30.04 -49.58
C LEU I 514 0.63 -30.38 -48.94
N ILE I 515 0.88 -31.69 -48.80
CA ILE I 515 2.15 -32.19 -48.33
C ILE I 515 2.65 -33.24 -49.32
N GLN I 516 3.96 -33.27 -49.51
CA GLN I 516 4.57 -34.43 -50.13
C GLN I 516 5.86 -34.77 -49.40
N PRO I 517 5.93 -35.92 -48.80
CA PRO I 517 7.17 -36.35 -48.15
C PRO I 517 7.99 -37.25 -49.05
N ARG I 518 9.25 -37.48 -48.70
CA ARG I 518 10.05 -38.45 -49.42
C ARG I 518 11.20 -38.90 -48.54
N GLU I 519 11.57 -40.17 -48.69
CA GLU I 519 12.71 -40.70 -47.97
C GLU I 519 13.99 -40.26 -48.66
N ILE I 520 15.01 -39.96 -47.86
CA ILE I 520 16.29 -39.47 -48.39
C ILE I 520 17.19 -40.66 -48.68
N LYS I 521 17.61 -40.78 -49.93
CA LYS I 521 18.48 -41.85 -50.37
C LYS I 521 19.86 -41.29 -50.69
N GLU I 522 20.77 -42.18 -51.08
CA GLU I 522 22.15 -41.77 -51.36
C GLU I 522 22.23 -40.81 -52.53
N SER I 523 21.22 -40.76 -53.38
CA SER I 523 21.22 -39.83 -54.50
C SER I 523 20.69 -38.46 -54.12
N SER I 524 20.24 -38.28 -52.88
CA SER I 524 19.70 -37.00 -52.45
C SER I 524 20.74 -36.08 -51.83
N TYR I 525 21.97 -36.56 -51.65
CA TYR I 525 23.04 -35.70 -51.16
C TYR I 525 23.69 -34.97 -52.33
N TYR I 526 24.46 -33.93 -51.99
CA TYR I 526 25.21 -33.16 -52.97
C TYR I 526 26.67 -33.56 -52.91
N ASN I 527 27.25 -33.88 -54.07
CA ASN I 527 28.67 -34.20 -54.13
C ASN I 527 29.47 -32.92 -53.99
N THR I 528 30.32 -32.86 -52.97
CA THR I 528 31.17 -31.71 -52.73
C THR I 528 32.64 -32.05 -52.92
N ALA I 529 33.15 -33.06 -52.21
CA ALA I 529 34.49 -33.61 -52.37
C ALA I 529 35.59 -32.59 -52.17
N GLU I 530 35.25 -31.38 -51.73
CA GLU I 530 36.25 -30.34 -51.49
C GLU I 530 35.88 -29.61 -50.21
N TYR I 531 36.71 -28.64 -49.83
CA TYR I 531 36.45 -27.90 -48.61
C TYR I 531 37.16 -26.55 -48.73
N LYS I 532 36.40 -25.52 -49.06
CA LYS I 532 36.95 -24.16 -49.14
C LYS I 532 37.39 -23.73 -47.75
N SER I 533 38.68 -23.64 -47.53
CA SER I 533 39.18 -23.07 -46.28
C SER I 533 38.80 -21.60 -46.21
N LEU I 534 38.47 -21.13 -45.00
CA LEU I 534 38.09 -19.74 -44.83
C LEU I 534 39.23 -18.82 -45.23
N ILE I 535 40.44 -19.13 -44.80
CA ILE I 535 41.58 -18.24 -44.97
C ILE I 535 42.73 -19.05 -45.55
N SER I 536 43.62 -18.36 -46.26
CA SER I 536 44.68 -19.04 -46.99
C SER I 536 45.88 -19.30 -46.09
N GLU I 537 46.59 -20.39 -46.38
CA GLU I 537 47.81 -20.71 -45.64
C GLU I 537 48.84 -19.61 -45.81
N ARG I 538 48.99 -19.08 -47.02
CA ARG I 538 49.93 -18.00 -47.24
C ARG I 538 49.54 -16.77 -46.43
N GLU I 539 48.25 -16.46 -46.38
CA GLU I 539 47.79 -15.33 -45.58
C GLU I 539 48.12 -15.52 -44.10
N ILE I 540 47.88 -16.73 -43.59
CA ILE I 540 48.16 -16.98 -42.17
C ILE I 540 49.66 -16.87 -41.90
N GLN I 541 50.48 -17.44 -42.78
CA GLN I 541 51.92 -17.33 -42.58
C GLN I 541 52.36 -15.88 -42.61
N LYS I 542 51.81 -15.10 -43.53
CA LYS I 542 52.15 -13.68 -43.61
C LYS I 542 51.75 -12.93 -42.34
N THR I 543 50.60 -13.28 -41.77
CA THR I 543 50.11 -12.51 -40.63
C THR I 543 50.64 -12.97 -39.28
N THR I 544 51.16 -14.19 -39.17
CA THR I 544 51.66 -14.63 -37.87
C THR I 544 53.06 -15.23 -37.95
N GLN I 545 53.79 -14.99 -39.03
CA GLN I 545 55.19 -15.39 -39.08
C GLN I 545 56.03 -14.30 -38.44
N ILE I 546 57.20 -14.69 -37.94
CA ILE I 546 58.14 -13.70 -37.44
C ILE I 546 58.57 -12.81 -38.60
N ILE I 547 58.65 -11.52 -38.35
CA ILE I 547 59.00 -10.59 -39.42
C ILE I 547 60.40 -10.91 -39.93
N PRO I 548 60.60 -11.06 -41.25
CA PRO I 548 61.89 -11.41 -41.84
C PRO I 548 63.02 -10.45 -41.46
N LYS J 180 11.40 -70.09 -20.22
CA LYS J 180 10.79 -69.69 -18.96
C LYS J 180 10.48 -68.20 -18.95
N VAL J 181 11.42 -67.39 -19.44
CA VAL J 181 11.22 -65.95 -19.59
C VAL J 181 11.59 -65.57 -21.02
N ASN J 182 10.96 -64.52 -21.52
CA ASN J 182 11.25 -64.03 -22.86
C ASN J 182 11.32 -62.52 -22.84
N PHE J 183 12.38 -61.98 -23.43
CA PHE J 183 12.51 -60.56 -23.70
C PHE J 183 12.39 -60.34 -25.20
N GLY J 184 11.52 -59.42 -25.60
CA GLY J 184 11.19 -59.28 -27.00
C GLY J 184 11.06 -57.83 -27.41
N VAL J 185 11.19 -57.62 -28.72
CA VAL J 185 11.05 -56.30 -29.34
C VAL J 185 9.91 -56.39 -30.35
N ILE J 186 8.96 -55.45 -30.26
CA ILE J 186 7.81 -55.42 -31.14
C ILE J 186 7.80 -54.09 -31.87
N LYS J 187 7.67 -54.13 -33.19
CA LYS J 187 7.80 -52.95 -34.04
C LYS J 187 6.40 -52.52 -34.48
N LEU J 188 5.86 -51.50 -33.83
CA LEU J 188 4.58 -50.94 -34.26
C LEU J 188 4.73 -50.23 -35.60
N LYS J 189 3.69 -50.32 -36.42
CA LYS J 189 3.70 -49.72 -37.74
C LYS J 189 2.66 -48.62 -37.91
N ASN J 190 1.40 -48.89 -37.59
CA ASN J 190 0.30 -48.01 -37.97
C ASN J 190 -0.08 -47.00 -36.89
N THR J 191 0.59 -47.00 -35.74
CA THR J 191 0.22 -46.11 -34.66
C THR J 191 1.46 -45.58 -33.97
N PHE J 192 1.29 -44.47 -33.27
CA PHE J 192 2.33 -43.97 -32.38
C PHE J 192 2.22 -44.68 -31.03
N VAL J 193 3.33 -44.69 -30.30
CA VAL J 193 3.42 -45.43 -29.05
C VAL J 193 3.16 -44.54 -27.84
N SER J 194 3.72 -43.34 -27.82
CA SER J 194 3.52 -42.45 -26.70
C SER J 194 2.11 -41.89 -26.70
N ASP J 195 1.54 -41.72 -25.50
CA ASP J 195 0.23 -41.10 -25.37
C ASP J 195 0.28 -39.67 -25.89
N ARG J 196 -0.79 -39.25 -26.57
CA ARG J 196 -0.82 -37.94 -27.19
C ARG J 196 -1.97 -37.12 -26.61
N THR J 197 -1.81 -35.80 -26.68
CA THR J 197 -2.78 -34.86 -26.14
C THR J 197 -3.24 -33.90 -27.23
N TYR J 198 -4.55 -33.64 -27.27
CA TYR J 198 -5.16 -32.77 -28.25
C TYR J 198 -6.07 -31.77 -27.57
N ASN J 199 -6.02 -30.53 -28.04
CA ASN J 199 -6.82 -29.44 -27.48
C ASN J 199 -8.08 -29.26 -28.30
N MET J 200 -9.21 -29.13 -27.62
CA MET J 200 -10.50 -28.93 -28.26
C MET J 200 -11.16 -27.65 -27.75
N ARG J 201 -10.35 -26.64 -27.49
CA ARG J 201 -10.82 -25.33 -27.04
C ARG J 201 -11.70 -25.46 -25.79
N GLY J 202 -11.23 -26.27 -24.84
CA GLY J 202 -11.93 -26.43 -23.58
C GLY J 202 -12.00 -27.86 -23.10
N GLU J 203 -12.10 -28.81 -24.03
CA GLU J 203 -12.23 -30.23 -23.71
C GLU J 203 -10.96 -30.93 -24.17
N ASP J 204 -9.95 -30.93 -23.30
CA ASP J 204 -8.68 -31.57 -23.62
C ASP J 204 -8.86 -33.09 -23.69
N ILE J 205 -8.25 -33.71 -24.69
CA ILE J 205 -8.42 -35.14 -24.95
C ILE J 205 -7.05 -35.79 -24.90
N VAL J 206 -6.94 -36.87 -24.13
CA VAL J 206 -5.71 -37.65 -24.04
C VAL J 206 -5.98 -39.03 -24.64
N ILE J 207 -5.25 -39.34 -25.71
CA ILE J 207 -5.33 -40.65 -26.34
C ILE J 207 -4.17 -41.49 -25.81
N PRO J 208 -4.43 -42.56 -25.07
CA PRO J 208 -3.34 -43.34 -24.48
C PRO J 208 -2.64 -44.19 -25.52
N GLY J 209 -1.41 -44.59 -25.18
CA GLY J 209 -0.63 -45.43 -26.05
C GLY J 209 -0.89 -46.90 -25.83
N VAL J 210 -0.53 -47.69 -26.84
CA VAL J 210 -0.75 -49.13 -26.79
C VAL J 210 -0.01 -49.72 -25.60
N ALA J 211 1.21 -49.26 -25.33
CA ALA J 211 1.98 -49.78 -24.21
C ALA J 211 1.23 -49.57 -22.90
N THR J 212 0.79 -48.33 -22.65
CA THR J 212 0.10 -48.04 -21.40
C THR J 212 -1.17 -48.86 -21.28
N VAL J 213 -1.95 -48.93 -22.36
CA VAL J 213 -3.24 -49.61 -22.31
C VAL J 213 -3.05 -51.10 -22.02
N VAL J 214 -2.12 -51.73 -22.75
CA VAL J 214 -1.92 -53.17 -22.58
C VAL J 214 -1.35 -53.49 -21.20
N GLU J 215 -0.38 -52.68 -20.74
CA GLU J 215 0.19 -52.93 -19.42
C GLU J 215 -0.88 -52.78 -18.34
N ARG J 216 -1.73 -51.77 -18.45
CA ARG J 216 -2.80 -51.64 -17.47
C ARG J 216 -3.82 -52.76 -17.60
N LEU J 217 -3.95 -53.35 -18.80
CA LEU J 217 -4.84 -54.48 -18.97
C LEU J 217 -4.33 -55.69 -18.20
N LEU J 218 -3.04 -56.02 -18.37
CA LEU J 218 -2.46 -57.19 -17.69
C LEU J 218 -2.10 -56.77 -16.26
N ASN J 219 -3.13 -56.71 -15.42
CA ASN J 219 -2.97 -56.17 -14.07
C ASN J 219 -4.00 -56.77 -13.13
N ASN J 220 -3.53 -57.24 -11.97
CA ASN J 220 -4.38 -57.68 -10.87
C ASN J 220 -5.33 -58.80 -11.30
N GLY J 221 -4.74 -59.92 -11.70
CA GLY J 221 -5.50 -61.10 -12.05
C GLY J 221 -4.83 -62.37 -11.57
N LYS J 222 -5.56 -63.19 -10.81
CA LYS J 222 -5.01 -64.39 -10.21
C LYS J 222 -5.68 -65.61 -10.84
N ALA J 223 -5.14 -66.06 -11.96
CA ALA J 223 -5.60 -67.26 -12.66
C ALA J 223 -4.64 -67.57 -13.79
N LEU J 224 -4.93 -68.64 -14.52
CA LEU J 224 -4.17 -69.01 -15.71
C LEU J 224 -5.19 -69.51 -16.73
N SER J 225 -4.72 -70.19 -17.78
CA SER J 225 -5.57 -70.80 -18.79
C SER J 225 -6.45 -69.75 -19.48
N ASN J 226 -5.78 -68.89 -20.23
CA ASN J 226 -6.40 -67.78 -20.92
C ASN J 226 -6.70 -68.11 -22.37
N ARG J 227 -7.56 -67.30 -22.97
CA ARG J 227 -7.89 -67.39 -24.39
C ARG J 227 -8.19 -65.98 -24.90
N GLN J 228 -8.50 -65.89 -26.19
CA GLN J 228 -8.65 -64.62 -26.88
C GLN J 228 -10.01 -64.53 -27.54
N ALA J 229 -10.61 -63.34 -27.48
CA ALA J 229 -11.95 -63.10 -28.00
C ALA J 229 -11.93 -61.91 -28.95
N GLN J 230 -12.42 -62.12 -30.16
CA GLN J 230 -12.52 -61.05 -31.14
C GLN J 230 -13.75 -60.19 -30.86
N LEU J 261 0.86 -67.34 -14.40
CA LEU J 261 0.91 -65.97 -14.91
C LEU J 261 1.40 -65.00 -13.84
N GLU J 262 2.08 -63.95 -14.27
CA GLU J 262 2.65 -62.96 -13.37
C GLU J 262 2.64 -61.62 -14.10
N ASP J 263 3.44 -60.67 -13.62
CA ASP J 263 3.46 -59.32 -14.17
C ASP J 263 4.43 -59.23 -15.34
N VAL J 264 3.93 -58.76 -16.47
CA VAL J 264 4.76 -58.53 -17.66
C VAL J 264 5.37 -57.13 -17.55
N SER J 265 6.53 -56.97 -18.16
CA SER J 265 7.20 -55.68 -18.24
C SER J 265 7.07 -55.18 -19.67
N LEU J 266 6.31 -54.11 -19.86
CA LEU J 266 6.01 -53.60 -21.19
C LEU J 266 6.31 -52.11 -21.21
N ILE J 267 7.33 -51.72 -21.95
CA ILE J 267 7.74 -50.32 -22.00
C ILE J 267 7.81 -49.87 -23.45
N ALA J 268 7.74 -48.56 -23.63
CA ALA J 268 7.67 -47.93 -24.94
C ALA J 268 8.98 -47.23 -25.24
N TYR J 269 9.53 -47.46 -26.43
CA TYR J 269 10.76 -46.83 -26.89
C TYR J 269 10.41 -46.10 -28.18
N PRO J 270 9.95 -44.86 -28.09
CA PRO J 270 9.48 -44.16 -29.30
C PRO J 270 10.59 -43.71 -30.22
N GLU J 271 11.84 -43.76 -29.79
CA GLU J 271 12.93 -43.32 -30.66
C GLU J 271 12.95 -44.13 -31.95
N THR J 272 12.67 -45.42 -31.88
CA THR J 272 12.43 -46.24 -33.05
C THR J 272 10.99 -46.71 -33.12
N ASN J 273 10.11 -46.14 -32.29
CA ASN J 273 8.68 -46.47 -32.27
C ASN J 273 8.48 -47.97 -32.09
N SER J 274 8.98 -48.47 -30.96
CA SER J 274 8.92 -49.90 -30.68
C SER J 274 8.50 -50.10 -29.25
N ILE J 275 8.27 -51.37 -28.91
CA ILE J 275 7.84 -51.77 -27.58
C ILE J 275 8.73 -52.90 -27.10
N LEU J 276 9.24 -52.77 -25.88
CA LEU J 276 10.06 -53.80 -25.26
C LEU J 276 9.21 -54.57 -24.26
N VAL J 277 9.17 -55.89 -24.42
CA VAL J 277 8.29 -56.75 -23.64
C VAL J 277 9.12 -57.79 -22.90
N LYS J 278 8.61 -58.18 -21.74
CA LYS J 278 9.24 -59.20 -20.90
C LYS J 278 8.13 -60.02 -20.25
N GLY J 279 8.13 -61.32 -20.50
CA GLY J 279 7.10 -62.15 -19.92
C GLY J 279 7.22 -63.59 -20.35
N ASN J 280 6.21 -64.38 -19.97
CA ASN J 280 6.16 -65.79 -20.31
C ASN J 280 5.72 -65.98 -21.76
N ASP J 281 5.81 -67.22 -22.23
CA ASP J 281 5.48 -67.49 -23.63
C ASP J 281 4.00 -67.25 -23.90
N GLN J 282 3.12 -67.69 -23.00
CA GLN J 282 1.70 -67.43 -23.19
C GLN J 282 1.40 -65.94 -23.18
N GLN J 283 2.04 -65.21 -22.26
CA GLN J 283 1.80 -63.77 -22.19
C GLN J 283 2.26 -63.07 -23.46
N ILE J 284 3.45 -63.41 -23.96
CA ILE J 284 3.91 -62.74 -25.19
C ILE J 284 3.03 -63.15 -26.37
N GLN J 285 2.54 -64.38 -26.39
CA GLN J 285 1.65 -64.79 -27.48
C GLN J 285 0.37 -63.95 -27.47
N ILE J 286 -0.25 -63.79 -26.30
CA ILE J 286 -1.47 -62.99 -26.28
C ILE J 286 -1.17 -61.53 -26.57
N ILE J 287 0.01 -61.05 -26.18
CA ILE J 287 0.36 -59.66 -26.49
C ILE J 287 0.48 -59.46 -27.99
N ARG J 288 1.18 -60.39 -28.66
CA ARG J 288 1.31 -60.28 -30.11
C ARG J 288 -0.06 -60.32 -30.78
N ASP J 289 -0.91 -61.25 -30.36
CA ASP J 289 -2.23 -61.35 -30.97
C ASP J 289 -3.06 -60.10 -30.73
N ILE J 290 -3.05 -59.57 -29.51
CA ILE J 290 -3.89 -58.42 -29.20
C ILE J 290 -3.39 -57.18 -29.92
N ILE J 291 -2.06 -57.01 -30.01
CA ILE J 291 -1.53 -55.86 -30.73
C ILE J 291 -1.87 -55.94 -32.21
N THR J 292 -1.69 -57.13 -32.81
CA THR J 292 -2.02 -57.30 -34.22
C THR J 292 -3.49 -57.01 -34.48
N GLN J 293 -4.36 -57.48 -33.59
CA GLN J 293 -5.78 -57.14 -33.71
C GLN J 293 -6.06 -55.69 -33.38
N LEU J 294 -5.11 -55.01 -32.74
CA LEU J 294 -5.34 -53.64 -32.28
C LEU J 294 -5.03 -52.58 -33.31
N ASP J 295 -3.86 -52.65 -33.96
CA ASP J 295 -3.48 -51.60 -34.91
C ASP J 295 -3.53 -52.15 -36.33
N VAL J 296 -4.39 -51.56 -37.18
CA VAL J 296 -4.46 -52.04 -38.55
C VAL J 296 -4.26 -50.94 -39.60
N ALA J 297 -5.21 -50.00 -39.70
CA ALA J 297 -5.12 -49.17 -40.90
C ALA J 297 -5.26 -47.67 -40.67
N LYS J 298 -6.18 -47.25 -39.80
CA LYS J 298 -6.44 -45.83 -39.55
C LYS J 298 -6.84 -45.10 -40.84
N ARG J 299 -8.04 -45.39 -41.30
CA ARG J 299 -8.55 -44.81 -42.53
C ARG J 299 -8.70 -43.29 -42.41
N HIS J 300 -8.78 -42.64 -43.57
CA HIS J 300 -8.76 -41.19 -43.69
C HIS J 300 -10.16 -40.67 -44.03
N ILE J 301 -10.61 -39.66 -43.31
CA ILE J 301 -11.88 -39.00 -43.56
C ILE J 301 -11.58 -37.55 -43.90
N GLU J 302 -12.17 -37.06 -44.99
CA GLU J 302 -12.06 -35.66 -45.38
C GLU J 302 -13.43 -35.04 -45.33
N LEU J 303 -13.56 -33.93 -44.61
CA LEU J 303 -14.82 -33.26 -44.38
C LEU J 303 -14.84 -31.94 -45.10
N SER J 304 -15.92 -31.68 -45.86
CA SER J 304 -16.14 -30.41 -46.52
C SER J 304 -17.35 -29.75 -45.90
N LEU J 305 -17.18 -28.54 -45.39
CA LEU J 305 -18.23 -27.85 -44.65
C LEU J 305 -18.71 -26.68 -45.50
N TRP J 306 -19.89 -26.80 -46.08
CA TRP J 306 -20.44 -25.75 -46.91
C TRP J 306 -21.19 -24.75 -46.06
N ILE J 307 -20.87 -23.47 -46.20
CA ILE J 307 -21.59 -22.39 -45.54
C ILE J 307 -22.14 -21.49 -46.63
N ILE J 308 -23.45 -21.32 -46.64
CA ILE J 308 -24.13 -20.60 -47.72
C ILE J 308 -24.93 -19.47 -47.13
N ASP J 309 -24.81 -18.29 -47.72
CA ASP J 309 -25.60 -17.13 -47.34
C ASP J 309 -26.23 -16.53 -48.58
N ILE J 310 -27.52 -16.21 -48.49
CA ILE J 310 -28.24 -15.52 -49.55
C ILE J 310 -29.05 -14.40 -48.92
N ASP J 311 -28.89 -13.19 -49.44
CA ASP J 311 -29.58 -12.05 -48.90
C ASP J 311 -30.21 -11.24 -50.02
N LYS J 312 -31.45 -10.83 -49.81
CA LYS J 312 -32.12 -9.88 -50.69
C LYS J 312 -32.74 -8.79 -49.83
N SER J 313 -32.71 -7.56 -50.33
CA SER J 313 -33.26 -6.45 -49.57
C SER J 313 -33.76 -5.39 -50.53
N GLU J 314 -34.81 -4.69 -50.11
CA GLU J 314 -35.37 -3.60 -50.90
C GLU J 314 -35.92 -2.54 -49.96
N LEU J 315 -35.39 -1.33 -50.07
CA LEU J 315 -35.79 -0.23 -49.22
C LEU J 315 -36.20 0.93 -50.11
N ASN J 316 -37.41 1.45 -49.92
CA ASN J 316 -37.82 2.55 -50.77
C ASN J 316 -38.68 3.52 -49.99
N ASN J 317 -38.48 4.81 -50.26
CA ASN J 317 -39.23 5.84 -49.55
C ASN J 317 -39.50 7.00 -50.48
N LEU J 318 -40.72 7.52 -50.42
CA LEU J 318 -41.07 8.69 -51.21
C LEU J 318 -42.13 9.49 -50.49
N GLY J 319 -42.06 10.79 -50.62
CA GLY J 319 -43.04 11.67 -50.00
C GLY J 319 -42.43 13.01 -49.67
N VAL J 320 -43.18 13.78 -48.89
CA VAL J 320 -42.81 15.16 -48.56
C VAL J 320 -43.06 15.41 -47.08
N ASN J 321 -42.13 16.12 -46.45
CA ASN J 321 -42.31 16.62 -45.09
C ASN J 321 -42.38 18.14 -45.13
N TRP J 322 -43.29 18.71 -44.34
CA TRP J 322 -43.55 20.14 -44.37
C TRP J 322 -43.31 20.77 -43.00
N GLN J 323 -42.82 22.00 -43.01
CA GLN J 323 -42.76 22.83 -41.82
C GLN J 323 -43.13 24.26 -42.21
N GLY J 324 -43.72 25.00 -41.28
CA GLY J 324 -44.22 26.32 -41.63
C GLY J 324 -44.16 27.33 -40.52
N THR J 325 -44.17 28.59 -40.93
CA THR J 325 -44.23 29.74 -40.02
C THR J 325 -45.06 30.83 -40.69
N ALA J 326 -45.73 31.63 -39.87
CA ALA J 326 -46.56 32.70 -40.41
C ALA J 326 -46.68 33.81 -39.38
N SER J 327 -46.90 35.03 -39.87
CA SER J 327 -47.05 36.19 -39.01
C SER J 327 -48.17 37.08 -39.54
N PHE J 328 -48.78 37.83 -38.63
CA PHE J 328 -49.84 38.76 -38.99
C PHE J 328 -49.70 39.99 -38.12
N GLY J 329 -49.50 41.13 -38.76
CA GLY J 329 -49.13 42.34 -38.07
C GLY J 329 -47.84 42.10 -37.30
N ASP J 330 -47.72 42.82 -36.18
CA ASP J 330 -46.70 42.53 -35.19
C ASP J 330 -47.34 41.88 -33.95
N SER J 331 -48.48 41.25 -34.14
CA SER J 331 -49.29 40.75 -33.05
C SER J 331 -49.48 39.25 -33.04
N PHE J 332 -49.78 38.63 -34.18
CA PHE J 332 -50.16 37.22 -34.22
C PHE J 332 -49.02 36.43 -34.85
N GLY J 333 -48.44 35.51 -34.09
CA GLY J 333 -47.44 34.59 -34.62
C GLY J 333 -47.99 33.18 -34.66
N ALA J 334 -47.60 32.42 -35.67
CA ALA J 334 -48.07 31.04 -35.81
C ALA J 334 -46.94 30.15 -36.29
N SER J 335 -46.80 28.99 -35.68
CA SER J 335 -45.78 28.02 -36.06
C SER J 335 -46.46 26.69 -36.36
N PHE J 336 -46.30 26.20 -37.59
CA PHE J 336 -46.98 25.00 -38.06
C PHE J 336 -46.00 23.84 -38.07
N ASN J 337 -46.26 22.83 -37.23
CA ASN J 337 -45.46 21.61 -37.16
C ASN J 337 -44.00 21.92 -36.80
N MET J 338 -43.82 22.62 -35.69
CA MET J 338 -42.50 22.94 -35.19
C MET J 338 -42.41 22.60 -33.71
N SER J 339 -41.23 22.16 -33.29
CA SER J 339 -41.02 21.82 -31.89
C SER J 339 -41.11 23.06 -31.00
N SER J 340 -40.38 24.12 -31.36
CA SER J 340 -40.42 25.36 -30.62
C SER J 340 -39.89 26.47 -31.50
N SER J 341 -40.17 27.71 -31.11
CA SER J 341 -39.73 28.88 -31.87
C SER J 341 -38.25 29.14 -31.69
N ASN J 350 -39.18 32.54 -42.97
CA ASN J 350 -40.42 33.19 -42.56
C ASN J 350 -41.63 32.41 -43.05
N LYS J 351 -41.43 31.55 -44.04
CA LYS J 351 -42.54 30.82 -44.65
C LYS J 351 -42.10 29.39 -44.90
N PHE J 352 -42.87 28.68 -45.71
CA PHE J 352 -42.94 27.22 -45.65
C PHE J 352 -41.74 26.55 -46.31
N ILE J 353 -41.32 25.43 -45.73
CA ILE J 353 -40.24 24.61 -46.25
C ILE J 353 -40.73 23.18 -46.40
N ALA J 354 -40.28 22.51 -47.45
CA ALA J 354 -40.68 21.15 -47.75
C ALA J 354 -39.47 20.33 -48.15
N SER J 355 -39.29 19.18 -47.50
CA SER J 355 -38.26 18.23 -47.86
C SER J 355 -38.91 17.11 -48.66
N VAL J 356 -38.51 16.97 -49.92
CA VAL J 356 -39.04 15.92 -50.78
C VAL J 356 -38.00 14.82 -50.87
N MET J 357 -38.45 13.60 -50.59
CA MET J 357 -37.62 12.40 -50.66
C MET J 357 -38.22 11.47 -51.68
N ALA J 358 -37.36 10.87 -52.50
CA ALA J 358 -37.81 9.88 -53.48
C ALA J 358 -36.60 9.01 -53.80
N LEU J 359 -36.65 7.75 -53.39
CA LEU J 359 -35.49 6.89 -53.58
C LEU J 359 -35.91 5.44 -53.42
N ASN J 360 -35.21 4.56 -54.12
CA ASN J 360 -35.48 3.13 -54.05
C ASN J 360 -34.19 2.38 -54.29
N GLN J 361 -33.77 1.56 -53.34
CA GLN J 361 -32.53 0.80 -53.48
C GLN J 361 -32.77 -0.67 -53.21
N LYS J 362 -32.31 -1.50 -54.13
CA LYS J 362 -32.33 -2.94 -53.99
C LYS J 362 -30.92 -3.45 -53.80
N LYS J 363 -30.80 -4.58 -53.11
CA LYS J 363 -29.49 -5.14 -52.81
C LYS J 363 -29.60 -6.64 -52.78
N LYS J 364 -28.58 -7.33 -53.28
CA LYS J 364 -28.56 -8.77 -53.30
C LYS J 364 -27.14 -9.27 -53.09
N ALA J 365 -27.01 -10.38 -52.35
CA ALA J 365 -25.68 -10.90 -52.07
C ALA J 365 -25.73 -12.41 -51.91
N ASN J 366 -24.75 -13.11 -52.49
CA ASN J 366 -24.58 -14.54 -52.32
C ASN J 366 -23.15 -14.82 -51.89
N VAL J 367 -23.00 -15.57 -50.81
CA VAL J 367 -21.68 -15.91 -50.29
C VAL J 367 -21.62 -17.41 -50.09
N VAL J 368 -20.58 -18.05 -50.61
CA VAL J 368 -20.40 -19.48 -50.44
C VAL J 368 -18.98 -19.72 -49.94
N SER J 369 -18.86 -20.22 -48.72
CA SER J 369 -17.57 -20.55 -48.16
C SER J 369 -17.48 -22.05 -47.95
N ARG J 370 -16.28 -22.60 -48.08
CA ARG J 370 -16.09 -24.04 -47.95
C ARG J 370 -14.73 -24.30 -47.34
N PRO J 371 -14.66 -24.56 -46.04
CA PRO J 371 -13.47 -25.19 -45.48
C PRO J 371 -13.48 -26.69 -45.77
N VAL J 372 -12.28 -27.24 -45.89
CA VAL J 372 -12.10 -28.65 -46.20
C VAL J 372 -10.90 -29.15 -45.41
N ILE J 373 -11.09 -30.16 -44.59
CA ILE J 373 -9.99 -30.66 -43.76
C ILE J 373 -9.96 -32.17 -43.79
N LEU J 374 -8.76 -32.74 -43.82
CA LEU J 374 -8.57 -34.18 -43.85
C LEU J 374 -7.93 -34.63 -42.54
N THR J 375 -8.32 -35.82 -42.07
CA THR J 375 -7.74 -36.37 -40.86
C THR J 375 -7.92 -37.88 -40.86
N GLN J 376 -7.44 -38.52 -39.81
CA GLN J 376 -7.63 -39.95 -39.60
C GLN J 376 -8.79 -40.18 -38.65
N GLU J 377 -9.48 -41.30 -38.84
CA GLU J 377 -10.66 -41.56 -38.02
C GLU J 377 -10.30 -41.61 -36.54
N ASN J 378 -11.19 -41.07 -35.73
CA ASN J 378 -11.12 -41.06 -34.26
C ASN J 378 -10.07 -40.14 -33.69
N ILE J 379 -9.43 -39.32 -34.52
CA ILE J 379 -8.38 -38.41 -34.06
C ILE J 379 -8.82 -36.99 -34.33
N PRO J 380 -8.86 -36.11 -33.34
CA PRO J 380 -9.40 -34.76 -33.53
C PRO J 380 -8.59 -33.97 -34.54
N ALA J 381 -9.26 -33.11 -35.27
CA ALA J 381 -8.62 -32.25 -36.25
C ALA J 381 -9.07 -30.82 -36.02
N ILE J 382 -8.15 -29.88 -36.24
CA ILE J 382 -8.41 -28.47 -35.99
C ILE J 382 -8.08 -27.68 -37.25
N PHE J 383 -8.97 -26.77 -37.64
CA PHE J 383 -8.73 -25.91 -38.78
C PHE J 383 -9.33 -24.55 -38.49
N ASP J 384 -8.49 -23.52 -38.42
CA ASP J 384 -9.01 -22.17 -38.28
C ASP J 384 -8.32 -21.26 -39.28
N ASN J 385 -9.02 -20.22 -39.68
CA ASN J 385 -8.57 -19.36 -40.75
C ASN J 385 -9.26 -18.03 -40.63
N ASN J 386 -8.59 -16.97 -41.07
CA ASN J 386 -9.27 -15.69 -41.18
C ASN J 386 -8.56 -14.81 -42.19
N ARG J 387 -9.34 -14.23 -43.08
CA ARG J 387 -8.86 -13.31 -44.10
C ARG J 387 -9.49 -11.94 -43.87
N THR J 388 -8.95 -10.95 -44.56
CA THR J 388 -9.50 -9.61 -44.54
C THR J 388 -9.86 -9.24 -45.98
N PHE J 389 -11.10 -8.82 -46.19
CA PHE J 389 -11.58 -8.42 -47.50
C PHE J 389 -11.60 -6.91 -47.59
N TYR J 390 -10.92 -6.38 -48.60
CA TYR J 390 -10.81 -4.94 -48.82
C TYR J 390 -11.65 -4.54 -50.01
N VAL J 391 -12.20 -3.33 -49.94
CA VAL J 391 -12.78 -2.67 -51.11
C VAL J 391 -12.25 -1.24 -51.14
N SER J 392 -11.74 -0.84 -52.29
CA SER J 392 -11.18 0.49 -52.47
C SER J 392 -12.31 1.47 -52.80
N LEU J 393 -12.33 2.59 -52.10
CA LEU J 393 -13.32 3.62 -52.38
C LEU J 393 -13.09 4.19 -53.77
N VAL J 394 -14.08 4.96 -54.23
CA VAL J 394 -13.97 5.57 -55.55
C VAL J 394 -12.89 6.63 -55.57
N GLY J 395 -12.79 7.42 -54.51
CA GLY J 395 -11.79 8.48 -54.43
C GLY J 395 -11.56 9.01 -53.03
N LEU J 401 -11.29 2.84 -48.50
CA LEU J 401 -10.72 1.53 -48.26
C LEU J 401 -11.35 0.90 -47.05
N GLU J 402 -12.42 0.13 -47.26
CA GLU J 402 -13.13 -0.49 -46.16
C GLU J 402 -12.90 -2.00 -46.16
N HIS J 403 -12.72 -2.56 -44.97
CA HIS J 403 -12.30 -3.94 -44.83
C HIS J 403 -13.20 -4.67 -43.84
N VAL J 404 -13.39 -5.96 -44.09
CA VAL J 404 -14.16 -6.83 -43.21
C VAL J 404 -13.35 -8.09 -42.96
N THR J 405 -13.21 -8.48 -41.69
CA THR J 405 -12.41 -9.63 -41.31
C THR J 405 -13.29 -10.85 -41.18
N TYR J 406 -13.16 -11.79 -42.12
CA TYR J 406 -13.96 -13.00 -42.13
C TYR J 406 -13.14 -14.14 -41.58
N GLY J 407 -13.62 -14.77 -40.51
CA GLY J 407 -12.90 -15.84 -39.87
C GLY J 407 -13.80 -17.02 -39.58
N THR J 408 -13.21 -18.21 -39.70
CA THR J 408 -13.87 -19.46 -39.39
C THR J 408 -12.95 -20.31 -38.52
N LEU J 409 -13.56 -21.21 -37.75
CA LEU J 409 -12.82 -22.09 -36.86
C LEU J 409 -13.67 -23.33 -36.66
N ILE J 410 -13.16 -24.47 -37.13
CA ILE J 410 -13.88 -25.73 -37.06
C ILE J 410 -12.97 -26.76 -36.41
N ASN J 411 -13.43 -27.39 -35.35
CA ASN J 411 -12.72 -28.52 -34.78
C ASN J 411 -13.67 -29.71 -34.72
N VAL J 412 -13.17 -30.85 -35.17
CA VAL J 412 -14.03 -31.98 -35.51
C VAL J 412 -13.39 -33.27 -35.03
N ILE J 413 -14.23 -34.21 -34.61
CA ILE J 413 -13.82 -35.57 -34.33
C ILE J 413 -14.64 -36.51 -35.20
N PRO J 414 -14.04 -37.05 -36.26
CA PRO J 414 -14.78 -37.98 -37.13
C PRO J 414 -14.55 -39.43 -36.79
N ARG J 415 -15.43 -40.30 -37.24
CA ARG J 415 -15.24 -41.75 -37.10
C ARG J 415 -16.28 -42.43 -37.97
N PHE J 416 -16.17 -43.75 -38.07
CA PHE J 416 -17.05 -44.52 -38.94
C PHE J 416 -18.15 -45.21 -38.12
N SER J 417 -19.12 -45.75 -38.86
CA SER J 417 -20.24 -46.44 -38.24
C SER J 417 -20.87 -47.34 -39.30
N SER J 418 -21.79 -48.19 -38.84
CA SER J 418 -22.40 -49.26 -39.62
C SER J 418 -22.76 -48.79 -41.02
N ARG J 419 -22.52 -49.67 -41.99
CA ARG J 419 -22.79 -49.41 -43.40
C ARG J 419 -21.91 -48.28 -43.93
N GLY J 420 -20.75 -48.08 -43.31
CA GLY J 420 -19.84 -47.07 -43.80
C GLY J 420 -20.32 -45.65 -43.63
N GLN J 421 -21.22 -45.39 -42.69
CA GLN J 421 -21.63 -44.03 -42.43
C GLN J 421 -20.54 -43.30 -41.65
N ILE J 422 -20.51 -41.98 -41.78
CA ILE J 422 -19.49 -41.17 -41.13
C ILE J 422 -20.16 -40.33 -40.05
N GLU J 423 -19.77 -40.55 -38.81
CA GLU J 423 -20.28 -39.78 -37.69
C GLU J 423 -19.23 -38.75 -37.28
N MET J 424 -19.68 -37.57 -36.87
CA MET J 424 -18.77 -36.48 -36.55
C MET J 424 -19.31 -35.68 -35.38
N SER J 425 -18.42 -35.34 -34.45
CA SER J 425 -18.68 -34.34 -33.44
C SER J 425 -18.08 -33.03 -33.92
N LEU J 426 -18.91 -31.99 -34.00
CA LEU J 426 -18.55 -30.74 -34.65
C LEU J 426 -18.68 -29.57 -33.70
N THR J 427 -17.65 -28.72 -33.68
CA THR J 427 -17.77 -27.37 -33.14
C THR J 427 -17.36 -26.41 -34.25
N ILE J 428 -18.28 -25.53 -34.64
CA ILE J 428 -18.08 -24.62 -35.76
C ILE J 428 -18.36 -23.21 -35.29
N GLU J 429 -17.45 -22.30 -35.57
CA GLU J 429 -17.70 -20.87 -35.44
C GLU J 429 -17.34 -20.23 -36.76
N ASP J 430 -18.10 -19.23 -37.18
CA ASP J 430 -17.73 -18.56 -38.41
C ASP J 430 -18.39 -17.20 -38.47
N GLY J 431 -17.86 -16.35 -39.32
CA GLY J 431 -18.52 -15.10 -39.60
C GLY J 431 -17.54 -13.96 -39.63
N THR J 432 -18.07 -12.76 -39.65
CA THR J 432 -17.28 -11.56 -39.83
C THR J 432 -17.24 -10.74 -38.54
N GLY J 433 -16.54 -9.62 -38.61
CA GLY J 433 -16.51 -8.65 -37.54
C GLY J 433 -17.07 -7.33 -38.02
N ASN J 434 -17.97 -6.73 -37.24
CA ASN J 434 -18.68 -5.53 -37.66
C ASN J 434 -17.72 -4.42 -38.04
N SER J 435 -17.80 -3.98 -39.30
CA SER J 435 -17.04 -2.82 -39.76
C SER J 435 -17.96 -2.00 -40.68
N GLN J 436 -18.61 -1.00 -40.12
CA GLN J 436 -19.49 -0.11 -40.86
C GLN J 436 -18.71 0.69 -41.90
N ASN J 443 -20.39 4.74 -47.61
CA ASN J 443 -20.80 4.85 -49.01
C ASN J 443 -20.85 3.48 -49.67
N GLU J 444 -21.90 2.71 -49.37
CA GLU J 444 -22.18 1.41 -49.94
C GLU J 444 -21.09 0.37 -49.64
N ASN J 445 -20.16 0.69 -48.74
CA ASN J 445 -19.10 -0.24 -48.39
C ASN J 445 -19.69 -1.53 -47.82
N THR J 446 -20.57 -1.40 -46.82
CA THR J 446 -21.26 -2.57 -46.30
C THR J 446 -22.16 -3.20 -47.35
N SER J 447 -22.65 -2.38 -48.29
CA SER J 447 -23.47 -2.92 -49.37
C SER J 447 -22.68 -3.85 -50.28
N VAL J 448 -21.39 -3.61 -50.40
CA VAL J 448 -20.55 -4.44 -51.27
C VAL J 448 -19.93 -5.60 -50.51
N LEU J 449 -19.41 -5.35 -49.31
CA LEU J 449 -18.73 -6.38 -48.55
C LEU J 449 -19.71 -7.42 -48.03
N PRO J 450 -19.23 -8.63 -47.68
CA PRO J 450 -20.14 -9.70 -47.26
C PRO J 450 -21.01 -9.35 -46.06
N GLU J 451 -20.39 -9.10 -44.90
CA GLU J 451 -21.10 -8.75 -43.68
C GLU J 451 -22.22 -9.76 -43.36
N VAL J 452 -21.79 -10.98 -43.07
CA VAL J 452 -22.71 -12.09 -42.87
C VAL J 452 -22.99 -12.40 -41.41
N GLY J 453 -22.63 -11.51 -40.49
CA GLY J 453 -22.88 -11.75 -39.09
C GLY J 453 -21.94 -12.80 -38.53
N ARG J 454 -22.30 -13.35 -37.38
CA ARG J 454 -21.51 -14.39 -36.75
C ARG J 454 -22.42 -15.51 -36.30
N THR J 455 -21.92 -16.75 -36.39
CA THR J 455 -22.73 -17.91 -36.04
C THR J 455 -21.85 -19.01 -35.49
N LYS J 456 -22.25 -19.57 -34.36
CA LYS J 456 -21.57 -20.72 -33.78
C LYS J 456 -22.58 -21.82 -33.55
N ILE J 457 -22.21 -23.04 -33.95
CA ILE J 457 -23.07 -24.20 -33.79
C ILE J 457 -22.21 -25.36 -33.28
N SER J 458 -22.69 -26.02 -32.23
CA SER J 458 -21.99 -27.16 -31.64
C SER J 458 -22.96 -28.32 -31.56
N THR J 459 -22.60 -29.44 -32.18
CA THR J 459 -23.54 -30.56 -32.30
C THR J 459 -22.77 -31.81 -32.70
N ILE J 460 -23.51 -32.85 -33.06
CA ILE J 460 -22.94 -34.13 -33.48
C ILE J 460 -23.93 -34.83 -34.38
N ALA J 461 -23.46 -35.32 -35.53
CA ALA J 461 -24.37 -35.91 -36.50
C ALA J 461 -23.63 -36.92 -37.37
N ARG J 462 -24.38 -37.82 -37.97
CA ARG J 462 -23.81 -38.84 -38.84
C ARG J 462 -24.48 -38.79 -40.20
N VAL J 463 -23.68 -39.05 -41.23
CA VAL J 463 -24.09 -38.88 -42.63
C VAL J 463 -23.82 -40.16 -43.39
N PRO J 464 -24.78 -40.66 -44.18
CA PRO J 464 -24.46 -41.73 -45.12
C PRO J 464 -23.44 -41.23 -46.13
N GLN J 465 -22.59 -42.14 -46.59
CA GLN J 465 -21.56 -41.74 -47.55
C GLN J 465 -22.20 -41.55 -48.92
N GLY J 466 -21.92 -40.40 -49.53
CA GLY J 466 -22.54 -40.03 -50.78
C GLY J 466 -23.61 -38.97 -50.68
N LYS J 467 -24.02 -38.60 -49.47
CA LYS J 467 -25.03 -37.58 -49.26
C LYS J 467 -24.49 -36.54 -48.30
N SER J 468 -25.20 -35.42 -48.20
CA SER J 468 -24.80 -34.31 -47.36
C SER J 468 -25.96 -33.88 -46.49
N LEU J 469 -25.63 -33.31 -45.34
CA LEU J 469 -26.62 -33.04 -44.31
C LEU J 469 -26.63 -31.56 -43.96
N LEU J 470 -27.81 -31.04 -43.62
CA LEU J 470 -27.97 -29.64 -43.24
C LEU J 470 -28.01 -29.58 -41.72
N ILE J 471 -26.84 -29.49 -41.10
CA ILE J 471 -26.80 -29.55 -39.64
C ILE J 471 -27.40 -28.28 -39.03
N GLY J 472 -27.12 -27.12 -39.62
CA GLY J 472 -27.54 -25.88 -39.00
C GLY J 472 -28.12 -24.92 -40.02
N GLY J 473 -28.94 -24.01 -39.54
CA GLY J 473 -29.46 -23.03 -40.46
C GLY J 473 -30.28 -21.98 -39.75
N TYR J 474 -30.59 -20.93 -40.50
CA TYR J 474 -31.25 -19.78 -39.91
C TYR J 474 -31.80 -18.91 -41.02
N THR J 475 -33.10 -18.68 -41.03
CA THR J 475 -33.72 -17.79 -42.00
C THR J 475 -34.41 -16.64 -41.29
N HIS J 476 -34.58 -15.55 -42.00
CA HIS J 476 -35.08 -14.32 -41.39
C HIS J 476 -35.81 -13.52 -42.45
N GLU J 477 -36.98 -13.01 -42.10
CA GLU J 477 -37.76 -12.20 -43.03
C GLU J 477 -38.32 -11.00 -42.30
N THR J 478 -38.14 -9.83 -42.90
CA THR J 478 -38.57 -8.57 -42.30
C THR J 478 -39.41 -7.80 -43.29
N ASN J 479 -40.52 -7.24 -42.82
CA ASN J 479 -41.37 -6.38 -43.64
C ASN J 479 -41.80 -5.21 -42.77
N SER J 480 -41.71 -3.99 -43.30
CA SER J 480 -42.03 -2.83 -42.50
C SER J 480 -42.59 -1.73 -43.39
N ASN J 481 -43.65 -1.09 -42.92
CA ASN J 481 -44.26 0.04 -43.59
C ASN J 481 -44.47 1.16 -42.61
N GLU J 482 -44.33 2.39 -43.09
CA GLU J 482 -44.57 3.57 -42.27
C GLU J 482 -45.18 4.66 -43.13
N ILE J 483 -46.24 5.29 -42.64
CA ILE J 483 -46.94 6.33 -43.38
C ILE J 483 -47.10 7.54 -42.48
N ILE J 484 -46.70 8.70 -42.97
CA ILE J 484 -46.87 9.96 -42.25
C ILE J 484 -47.70 10.88 -43.10
N SER J 485 -48.71 11.52 -42.52
CA SER J 485 -49.56 12.37 -43.34
C SER J 485 -50.17 13.48 -42.50
N ILE J 486 -50.36 14.62 -43.13
CA ILE J 486 -51.17 15.70 -42.55
C ILE J 486 -52.62 15.24 -42.47
N PRO J 487 -53.32 15.47 -41.37
CA PRO J 487 -54.63 14.83 -41.17
C PRO J 487 -55.66 15.08 -42.25
N PHE J 488 -56.01 16.35 -42.49
CA PHE J 488 -57.18 16.62 -43.32
C PHE J 488 -56.83 16.75 -44.80
N LEU J 489 -55.99 17.73 -45.14
CA LEU J 489 -55.79 18.06 -46.54
C LEU J 489 -55.18 16.92 -47.33
N SER J 490 -54.32 16.11 -46.70
CA SER J 490 -53.73 14.99 -47.41
C SER J 490 -54.75 13.98 -47.87
N SER J 491 -56.01 14.12 -47.48
CA SER J 491 -57.07 13.22 -47.92
C SER J 491 -57.80 13.72 -49.15
N ILE J 492 -57.50 14.92 -49.63
CA ILE J 492 -58.19 15.44 -50.82
C ILE J 492 -57.73 14.63 -52.02
N PRO J 493 -58.55 14.50 -53.07
CA PRO J 493 -58.31 13.46 -54.08
C PRO J 493 -57.00 13.57 -54.85
N VAL J 494 -56.74 14.71 -55.48
CA VAL J 494 -55.68 14.78 -56.48
C VAL J 494 -54.34 15.17 -55.85
N ILE J 495 -54.27 16.37 -55.28
CA ILE J 495 -52.99 16.88 -54.78
C ILE J 495 -52.70 16.42 -53.37
N GLY J 496 -53.66 15.78 -52.70
CA GLY J 496 -53.41 15.31 -51.34
C GLY J 496 -52.23 14.35 -51.27
N ASN J 497 -52.03 13.55 -52.33
CA ASN J 497 -50.93 12.61 -52.35
C ASN J 497 -49.57 13.28 -52.31
N VAL J 498 -49.52 14.62 -52.34
CA VAL J 498 -48.24 15.31 -52.20
C VAL J 498 -47.86 15.56 -50.75
N PHE J 499 -48.78 15.32 -49.81
CA PHE J 499 -48.50 15.57 -48.40
C PHE J 499 -48.10 14.33 -47.63
N LYS J 500 -48.34 13.14 -48.18
CA LYS J 500 -47.99 11.93 -47.49
C LYS J 500 -46.48 11.72 -47.48
N TYR J 501 -46.07 10.65 -46.82
CA TYR J 501 -44.67 10.23 -46.82
C TYR J 501 -44.68 8.75 -46.48
N LYS J 502 -44.30 7.91 -47.44
CA LYS J 502 -44.40 6.47 -47.32
C LYS J 502 -43.01 5.86 -47.38
N THR J 503 -42.69 5.05 -46.37
CA THR J 503 -41.41 4.35 -46.28
C THR J 503 -41.68 2.87 -46.16
N SER J 504 -40.88 2.06 -46.86
CA SER J 504 -41.09 0.62 -46.86
C SER J 504 -39.76 -0.10 -46.89
N ASN J 505 -39.71 -1.23 -46.20
CA ASN J 505 -38.54 -2.08 -46.16
C ASN J 505 -38.97 -3.53 -46.26
N ILE J 506 -38.22 -4.31 -47.05
CA ILE J 506 -38.44 -5.75 -47.17
C ILE J 506 -37.07 -6.41 -47.20
N SER J 507 -36.93 -7.55 -46.51
CA SER J 507 -35.64 -8.21 -46.54
C SER J 507 -35.80 -9.69 -46.23
N ASN J 508 -35.04 -10.51 -46.97
CA ASN J 508 -34.96 -11.94 -46.73
C ASN J 508 -33.50 -12.33 -46.57
N ILE J 509 -33.24 -13.18 -45.57
CA ILE J 509 -31.89 -13.66 -45.28
C ILE J 509 -31.97 -15.16 -45.05
N VAL J 510 -31.04 -15.91 -45.65
CA VAL J 510 -30.96 -17.34 -45.46
C VAL J 510 -29.50 -17.69 -45.23
N ARG J 511 -29.23 -18.47 -44.19
CA ARG J 511 -27.88 -18.96 -43.93
C ARG J 511 -27.95 -20.43 -43.57
N VAL J 512 -27.05 -21.22 -44.15
CA VAL J 512 -27.11 -22.67 -44.07
C VAL J 512 -25.72 -23.23 -43.82
N PHE J 513 -25.62 -24.18 -42.89
CA PHE J 513 -24.41 -24.94 -42.63
C PHE J 513 -24.69 -26.39 -42.97
N LEU J 514 -24.13 -26.87 -44.08
CA LEU J 514 -24.18 -28.27 -44.46
C LEU J 514 -22.81 -28.89 -44.32
N ILE J 515 -22.80 -30.22 -44.21
CA ILE J 515 -21.56 -30.99 -44.18
C ILE J 515 -21.66 -32.09 -45.22
N GLN J 516 -20.54 -32.38 -45.86
CA GLN J 516 -20.44 -33.63 -46.61
C GLN J 516 -19.07 -34.24 -46.36
N PRO J 517 -19.01 -35.40 -45.77
CA PRO J 517 -17.74 -36.08 -45.58
C PRO J 517 -17.49 -37.11 -46.65
N ARG J 518 -16.26 -37.60 -46.76
CA ARG J 518 -15.98 -38.69 -47.66
C ARG J 518 -14.70 -39.39 -47.23
N GLU J 519 -14.66 -40.70 -47.43
CA GLU J 519 -13.46 -41.47 -47.13
C GLU J 519 -12.45 -41.29 -48.25
N ILE J 520 -11.18 -41.21 -47.88
CA ILE J 520 -10.11 -40.99 -48.85
C ILE J 520 -9.63 -42.32 -49.38
N LYS J 521 -9.71 -42.50 -50.69
CA LYS J 521 -9.28 -43.72 -51.35
C LYS J 521 -8.02 -43.44 -52.16
N GLU J 522 -7.51 -44.49 -52.80
CA GLU J 522 -6.28 -44.36 -53.57
C GLU J 522 -6.42 -43.41 -54.74
N SER J 523 -7.64 -43.14 -55.19
CA SER J 523 -7.85 -42.20 -56.28
C SER J 523 -7.93 -40.76 -55.80
N SER J 524 -7.86 -40.51 -54.51
CA SER J 524 -7.95 -39.17 -53.97
C SER J 524 -6.59 -38.49 -53.81
N TYR J 525 -5.50 -39.21 -54.05
CA TYR J 525 -4.19 -38.60 -54.02
C TYR J 525 -3.85 -37.98 -55.36
N TYR J 526 -2.83 -37.14 -55.39
CA TYR J 526 -2.34 -36.52 -56.60
C TYR J 526 -1.07 -37.21 -57.05
N ASN J 527 -1.01 -37.61 -58.31
CA ASN J 527 0.20 -38.20 -58.86
C ASN J 527 1.23 -37.12 -59.07
N THR J 528 2.38 -37.26 -58.42
CA THR J 528 3.48 -36.30 -58.56
C THR J 528 4.68 -36.94 -59.23
N ALA J 529 5.19 -38.04 -58.69
CA ALA J 529 6.26 -38.85 -59.29
C ALA J 529 7.53 -38.07 -59.56
N GLU J 530 7.62 -36.83 -59.08
CA GLU J 530 8.82 -36.03 -59.26
C GLU J 530 9.08 -35.26 -57.97
N TYR J 531 10.17 -34.50 -57.96
CA TYR J 531 10.52 -33.74 -56.77
C TYR J 531 11.39 -32.56 -57.20
N LYS J 532 10.77 -31.39 -57.29
CA LYS J 532 11.53 -30.18 -57.63
C LYS J 532 12.50 -29.87 -56.51
N SER J 533 13.79 -30.05 -56.76
CA SER J 533 14.79 -29.62 -55.81
C SER J 533 14.75 -28.10 -55.69
N LEU J 534 14.98 -27.62 -54.46
CA LEU J 534 14.97 -26.18 -54.23
C LEU J 534 16.05 -25.49 -55.06
N ILE J 535 17.25 -26.04 -55.06
CA ILE J 535 18.41 -25.41 -55.68
C ILE J 535 19.09 -26.42 -56.58
N SER J 536 19.78 -25.91 -57.59
CA SER J 536 20.36 -26.78 -58.61
C SER J 536 21.73 -27.29 -58.19
N GLU J 537 22.05 -28.49 -58.65
CA GLU J 537 23.36 -29.08 -58.37
C GLU J 537 24.47 -28.21 -58.95
N ARG J 538 24.28 -27.69 -60.16
CA ARG J 538 25.27 -26.81 -60.76
C ARG J 538 25.45 -25.55 -59.93
N GLU J 539 24.35 -25.00 -59.44
CA GLU J 539 24.44 -23.81 -58.59
C GLU J 539 25.22 -24.10 -57.32
N ILE J 540 24.95 -25.23 -56.68
CA ILE J 540 25.66 -25.58 -55.46
C ILE J 540 27.14 -25.77 -55.73
N GLN J 541 27.48 -26.48 -56.81
CA GLN J 541 28.88 -26.67 -57.13
C GLN J 541 29.56 -25.34 -57.40
N LYS J 542 28.87 -24.43 -58.10
CA LYS J 542 29.44 -23.13 -58.37
C LYS J 542 29.67 -22.34 -57.09
N THR J 543 28.76 -22.46 -56.13
CA THR J 543 28.87 -21.62 -54.93
C THR J 543 29.73 -22.21 -53.84
N THR J 544 30.02 -23.51 -53.85
CA THR J 544 30.85 -24.09 -52.80
C THR J 544 31.98 -24.95 -53.32
N GLN J 545 32.32 -24.85 -54.61
CA GLN J 545 33.49 -25.51 -55.13
C GLN J 545 34.71 -24.63 -54.89
N ILE J 546 35.88 -25.26 -54.80
CA ILE J 546 37.11 -24.50 -54.72
C ILE J 546 37.26 -23.69 -56.00
N ILE J 547 37.69 -22.45 -55.86
CA ILE J 547 37.80 -21.58 -57.04
C ILE J 547 38.84 -22.16 -57.99
N PRO J 548 38.53 -22.32 -59.28
CA PRO J 548 39.42 -22.91 -60.28
C PRO J 548 40.78 -22.22 -60.36
N LYS K 180 -10.68 -70.54 -19.39
CA LYS K 180 -10.71 -70.06 -18.01
C LYS K 180 -10.69 -68.53 -17.98
N VAL K 181 -9.85 -67.93 -18.81
CA VAL K 181 -9.79 -66.48 -18.95
C VAL K 181 -9.90 -66.15 -20.44
N ASN K 182 -10.44 -64.97 -20.74
CA ASN K 182 -10.56 -64.53 -22.11
C ASN K 182 -10.19 -63.06 -22.20
N PHE K 183 -9.32 -62.74 -23.16
CA PHE K 183 -9.01 -61.37 -23.53
C PHE K 183 -9.61 -61.11 -24.90
N GLY K 184 -10.37 -60.01 -25.02
CA GLY K 184 -11.15 -59.78 -26.22
C GLY K 184 -11.13 -58.32 -26.63
N VAL K 185 -11.42 -58.11 -27.90
CA VAL K 185 -11.53 -56.78 -28.49
C VAL K 185 -12.93 -56.61 -29.03
N ILE K 186 -13.59 -55.51 -28.66
CA ILE K 186 -14.94 -55.21 -29.08
C ILE K 186 -14.94 -53.89 -29.83
N LYS K 187 -15.54 -53.88 -31.01
CA LYS K 187 -15.50 -52.73 -31.91
C LYS K 187 -16.85 -52.01 -31.86
N LEU K 188 -16.91 -50.91 -31.11
CA LEU K 188 -18.11 -50.10 -31.08
C LEU K 188 -18.32 -49.40 -32.42
N LYS K 189 -19.58 -49.26 -32.81
CA LYS K 189 -19.93 -48.63 -34.09
C LYS K 189 -20.72 -47.35 -33.93
N ASN K 190 -21.81 -47.37 -33.17
CA ASN K 190 -22.76 -46.27 -33.18
C ASN K 190 -22.53 -45.24 -32.10
N THR K 191 -21.51 -45.39 -31.26
CA THR K 191 -21.28 -44.46 -30.16
C THR K 191 -19.79 -44.23 -29.98
N PHE K 192 -19.47 -43.11 -29.34
CA PHE K 192 -18.12 -42.86 -28.89
C PHE K 192 -17.86 -43.55 -27.56
N VAL K 193 -16.59 -43.81 -27.27
CA VAL K 193 -16.22 -44.59 -26.10
C VAL K 193 -15.84 -43.69 -24.93
N SER K 194 -15.08 -42.63 -25.18
CA SER K 194 -14.69 -41.74 -24.09
C SER K 194 -15.87 -40.91 -23.63
N ASP K 195 -15.91 -40.65 -22.32
CA ASP K 195 -16.94 -39.78 -21.77
C ASP K 195 -16.80 -38.38 -22.34
N ARG K 196 -17.93 -37.74 -22.61
CA ARG K 196 -17.93 -36.43 -23.25
C ARG K 196 -18.60 -35.40 -22.35
N THR K 197 -18.22 -34.14 -22.53
CA THR K 197 -18.73 -33.04 -21.74
C THR K 197 -19.35 -31.98 -22.64
N TYR K 198 -20.50 -31.47 -22.22
CA TYR K 198 -21.23 -30.46 -22.98
C TYR K 198 -21.62 -29.30 -22.07
N ASN K 199 -21.49 -28.09 -22.59
CA ASN K 199 -21.81 -26.88 -21.84
C ASN K 199 -23.22 -26.42 -22.17
N MET K 200 -23.98 -26.09 -21.14
CA MET K 200 -25.35 -25.61 -21.29
C MET K 200 -25.52 -24.23 -20.65
N ARG K 201 -24.46 -23.41 -20.74
CA ARG K 201 -24.48 -22.05 -20.22
C ARG K 201 -24.86 -22.02 -18.74
N GLY K 202 -24.25 -22.93 -17.98
CA GLY K 202 -24.47 -22.98 -16.54
C GLY K 202 -24.65 -24.38 -16.00
N GLU K 203 -25.27 -25.26 -16.78
CA GLU K 203 -25.55 -26.63 -16.36
C GLU K 203 -24.69 -27.56 -17.20
N ASP K 204 -23.46 -27.80 -16.75
CA ASP K 204 -22.55 -28.67 -17.46
C ASP K 204 -23.03 -30.11 -17.38
N ILE K 205 -22.97 -30.82 -18.50
CA ILE K 205 -23.49 -32.18 -18.62
C ILE K 205 -22.35 -33.11 -19.01
N VAL K 206 -22.20 -34.21 -18.28
CA VAL K 206 -21.20 -35.22 -18.59
C VAL K 206 -21.93 -36.49 -18.98
N ILE K 207 -21.72 -36.93 -20.22
CA ILE K 207 -22.27 -38.18 -20.72
C ILE K 207 -21.18 -39.25 -20.59
N PRO K 208 -21.37 -40.25 -19.74
CA PRO K 208 -20.32 -41.25 -19.55
C PRO K 208 -20.22 -42.22 -20.71
N GLY K 209 -19.07 -42.86 -20.81
CA GLY K 209 -18.84 -43.82 -21.86
C GLY K 209 -19.29 -45.22 -21.48
N VAL K 210 -19.48 -46.04 -22.52
CA VAL K 210 -19.93 -47.40 -22.32
C VAL K 210 -18.97 -48.16 -21.43
N ALA K 211 -17.66 -47.96 -21.65
CA ALA K 211 -16.66 -48.65 -20.84
C ALA K 211 -16.83 -48.33 -19.36
N THR K 212 -16.89 -47.04 -19.03
CA THR K 212 -17.03 -46.63 -17.64
C THR K 212 -18.31 -47.18 -17.03
N VAL K 213 -19.41 -47.06 -17.76
CA VAL K 213 -20.70 -47.47 -17.21
C VAL K 213 -20.72 -48.97 -16.95
N VAL K 214 -20.27 -49.76 -17.92
CA VAL K 214 -20.30 -51.21 -17.76
C VAL K 214 -19.35 -51.67 -16.65
N GLU K 215 -18.15 -51.09 -16.61
CA GLU K 215 -17.21 -51.48 -15.57
C GLU K 215 -17.76 -51.15 -14.19
N ARG K 216 -18.37 -49.98 -14.04
CA ARG K 216 -18.98 -49.64 -12.75
C ARG K 216 -20.18 -50.54 -12.46
N LEU K 217 -20.84 -51.05 -13.49
CA LEU K 217 -21.94 -51.98 -13.27
C LEU K 217 -21.43 -53.29 -12.68
N LEU K 218 -20.39 -53.87 -13.28
CA LEU K 218 -19.85 -55.14 -12.78
C LEU K 218 -18.93 -54.84 -11.60
N ASN K 219 -19.54 -54.58 -10.46
CA ASN K 219 -18.81 -54.12 -9.29
C ASN K 219 -19.54 -54.52 -8.00
N ASN K 220 -18.78 -55.10 -7.07
CA ASN K 220 -19.25 -55.39 -5.71
C ASN K 220 -20.49 -56.28 -5.71
N GLY K 221 -20.33 -57.48 -6.24
CA GLY K 221 -21.38 -58.48 -6.25
C GLY K 221 -20.85 -59.86 -5.96
N LYS K 222 -21.40 -60.53 -4.95
CA LYS K 222 -20.93 -61.85 -4.52
C LYS K 222 -22.01 -62.88 -4.81
N ALA K 223 -22.00 -63.41 -6.02
CA ALA K 223 -22.92 -64.47 -6.44
C ALA K 223 -22.50 -64.94 -7.82
N LEU K 224 -23.24 -65.91 -8.35
CA LEU K 224 -23.06 -66.41 -9.71
C LEU K 224 -24.46 -66.66 -10.27
N SER K 225 -24.52 -67.40 -11.38
CA SER K 225 -25.79 -67.80 -11.99
C SER K 225 -26.62 -66.58 -12.37
N ASN K 226 -26.11 -65.86 -13.36
CA ASN K 226 -26.71 -64.63 -13.84
C ASN K 226 -27.56 -64.86 -15.08
N ARG K 227 -28.41 -63.88 -15.37
CA ARG K 227 -29.23 -63.86 -16.57
C ARG K 227 -29.40 -62.41 -17.02
N GLN K 228 -30.14 -62.23 -18.12
CA GLN K 228 -30.26 -60.94 -18.77
C GLN K 228 -31.73 -60.56 -18.92
N ALA K 229 -32.01 -59.27 -18.70
CA ALA K 229 -33.38 -58.75 -18.73
C ALA K 229 -33.45 -57.58 -19.69
N GLN K 230 -34.38 -57.66 -20.64
CA GLN K 230 -34.61 -56.56 -21.56
C GLN K 230 -35.47 -55.47 -20.92
N LEU K 261 -17.66 -65.83 -10.36
CA LEU K 261 -17.53 -64.49 -10.92
C LEU K 261 -16.51 -63.66 -10.14
N GLU K 262 -15.83 -62.77 -10.85
CA GLU K 262 -14.79 -61.93 -10.27
C GLU K 262 -14.79 -60.60 -11.02
N ASP K 263 -13.70 -59.85 -10.90
CA ASP K 263 -13.61 -58.52 -11.49
C ASP K 263 -13.13 -58.62 -12.93
N VAL K 264 -13.89 -58.02 -13.84
CA VAL K 264 -13.52 -57.93 -15.24
C VAL K 264 -12.65 -56.70 -15.44
N SER K 265 -11.77 -56.76 -16.43
CA SER K 265 -10.94 -55.63 -16.81
C SER K 265 -11.47 -55.09 -18.11
N LEU K 266 -12.01 -53.88 -18.08
CA LEU K 266 -12.67 -53.29 -19.25
C LEU K 266 -12.10 -51.89 -19.45
N ILE K 267 -11.35 -51.70 -20.53
CA ILE K 267 -10.72 -50.41 -20.79
C ILE K 267 -11.07 -49.95 -22.20
N ALA K 268 -10.95 -48.65 -22.41
CA ALA K 268 -11.36 -48.00 -23.64
C ALA K 268 -10.13 -47.57 -24.42
N TYR K 269 -10.11 -47.88 -25.72
CA TYR K 269 -9.02 -47.51 -26.61
C TYR K 269 -9.64 -46.70 -27.73
N PRO K 270 -9.80 -45.38 -27.55
CA PRO K 270 -10.53 -44.58 -28.54
C PRO K 270 -9.76 -44.34 -29.83
N GLU K 271 -8.46 -44.66 -29.87
CA GLU K 271 -7.70 -44.43 -31.09
C GLU K 271 -8.30 -45.19 -32.26
N THR K 272 -8.78 -46.41 -32.02
CA THR K 272 -9.59 -47.12 -32.99
C THR K 272 -11.02 -47.30 -32.51
N ASN K 273 -11.42 -46.58 -31.47
CA ASN K 273 -12.78 -46.60 -30.93
C ASN K 273 -13.19 -48.03 -30.59
N SER K 274 -12.42 -48.65 -29.70
CA SER K 274 -12.67 -50.04 -29.34
C SER K 274 -12.59 -50.19 -27.83
N ILE K 275 -12.91 -51.39 -27.37
CA ILE K 275 -12.92 -51.72 -25.96
C ILE K 275 -12.15 -53.02 -25.76
N LEU K 276 -11.23 -53.03 -24.81
CA LEU K 276 -10.46 -54.22 -24.47
C LEU K 276 -11.03 -54.83 -23.20
N VAL K 277 -11.40 -56.10 -23.27
CA VAL K 277 -12.08 -56.78 -22.18
C VAL K 277 -11.27 -57.97 -21.73
N LYS K 278 -11.39 -58.29 -20.44
CA LYS K 278 -10.72 -59.43 -19.83
C LYS K 278 -11.67 -60.01 -18.79
N GLY K 279 -12.03 -61.28 -18.95
CA GLY K 279 -12.91 -61.91 -18.00
C GLY K 279 -13.26 -63.34 -18.37
N ASN K 280 -14.18 -63.91 -17.61
CA ASN K 280 -14.63 -65.27 -17.84
C ASN K 280 -15.60 -65.33 -19.01
N ASP K 281 -15.93 -66.54 -19.43
CA ASP K 281 -16.78 -66.72 -20.60
C ASP K 281 -18.18 -66.17 -20.35
N GLN K 282 -18.75 -66.43 -19.17
CA GLN K 282 -20.07 -65.89 -18.85
C GLN K 282 -20.03 -64.38 -18.82
N GLN K 283 -18.98 -63.81 -18.23
CA GLN K 283 -18.88 -62.35 -18.15
C GLN K 283 -18.77 -61.73 -19.54
N ILE K 284 -17.94 -62.30 -20.41
CA ILE K 284 -17.83 -61.72 -21.75
C ILE K 284 -19.13 -61.91 -22.52
N GLN K 285 -19.84 -63.01 -22.30
CA GLN K 285 -21.12 -63.20 -22.98
C GLN K 285 -22.11 -62.13 -22.57
N ILE K 286 -22.23 -61.87 -21.27
CA ILE K 286 -23.18 -60.83 -20.84
C ILE K 286 -22.71 -59.46 -21.30
N ILE K 287 -21.40 -59.23 -21.38
CA ILE K 287 -20.91 -57.94 -21.87
C ILE K 287 -21.29 -57.74 -23.33
N ARG K 288 -21.10 -58.77 -24.16
CA ARG K 288 -21.48 -58.66 -25.56
C ARG K 288 -22.97 -58.40 -25.69
N ASP K 289 -23.78 -59.15 -24.94
CA ASP K 289 -25.23 -58.97 -25.04
C ASP K 289 -25.64 -57.57 -24.60
N ILE K 290 -25.09 -57.09 -23.48
CA ILE K 290 -25.53 -55.80 -22.96
C ILE K 290 -25.06 -54.67 -23.87
N ILE K 291 -23.87 -54.77 -24.43
CA ILE K 291 -23.41 -53.73 -25.36
C ILE K 291 -24.26 -53.71 -26.62
N THR K 292 -24.54 -54.89 -27.17
CA THR K 292 -25.39 -54.97 -28.37
C THR K 292 -26.76 -54.37 -28.09
N GLN K 293 -27.33 -54.68 -26.94
CA GLN K 293 -28.60 -54.07 -26.56
C GLN K 293 -28.45 -52.59 -26.24
N LEU K 294 -27.23 -52.12 -26.01
CA LEU K 294 -27.00 -50.75 -25.57
C LEU K 294 -26.87 -49.76 -26.70
N ASP K 295 -26.05 -50.04 -27.72
CA ASP K 295 -25.83 -49.08 -28.80
C ASP K 295 -26.50 -49.57 -30.08
N VAL K 296 -27.47 -48.80 -30.59
CA VAL K 296 -28.12 -49.22 -31.82
C VAL K 296 -28.09 -48.17 -32.92
N ALA K 297 -28.80 -47.05 -32.73
CA ALA K 297 -28.99 -46.23 -33.93
C ALA K 297 -28.74 -44.74 -33.74
N LYS K 298 -29.18 -44.15 -32.62
CA LYS K 298 -29.04 -42.72 -32.37
C LYS K 298 -29.72 -41.90 -33.47
N ARG K 299 -31.05 -41.93 -33.46
CA ARG K 299 -31.83 -41.22 -34.47
C ARG K 299 -31.63 -39.71 -34.38
N HIS K 300 -31.98 -39.03 -35.47
CA HIS K 300 -31.73 -37.60 -35.65
C HIS K 300 -33.01 -36.81 -35.52
N ILE K 301 -32.97 -35.75 -34.72
CA ILE K 301 -34.08 -34.83 -34.55
C ILE K 301 -33.64 -33.46 -35.05
N GLU K 302 -34.47 -32.84 -35.88
CA GLU K 302 -34.23 -31.49 -36.36
C GLU K 302 -35.35 -30.60 -35.86
N LEU K 303 -34.98 -29.51 -35.21
CA LEU K 303 -35.93 -28.61 -34.57
C LEU K 303 -35.93 -27.28 -35.31
N SER K 304 -37.13 -26.80 -35.64
CA SER K 304 -37.32 -25.49 -36.25
C SER K 304 -38.08 -24.61 -35.28
N LEU K 305 -37.48 -23.48 -34.93
CA LEU K 305 -38.04 -22.60 -33.90
C LEU K 305 -38.55 -21.33 -34.58
N TRP K 306 -39.87 -21.21 -34.69
CA TRP K 306 -40.46 -20.03 -35.33
C TRP K 306 -40.64 -18.92 -34.32
N ILE K 307 -40.14 -17.74 -34.65
CA ILE K 307 -40.34 -16.55 -33.84
C ILE K 307 -41.06 -15.54 -34.70
N ILE K 308 -42.23 -15.09 -34.25
CA ILE K 308 -43.08 -14.23 -35.05
C ILE K 308 -43.38 -12.96 -34.28
N ASP K 309 -43.24 -11.82 -34.93
CA ASP K 309 -43.60 -10.53 -34.35
C ASP K 309 -44.50 -9.79 -35.33
N ILE K 310 -45.58 -9.21 -34.80
CA ILE K 310 -46.48 -8.38 -35.57
C ILE K 310 -46.77 -7.13 -34.75
N ASP K 311 -46.57 -5.96 -35.35
CA ASP K 311 -46.77 -4.71 -34.66
C ASP K 311 -47.59 -3.77 -35.53
N LYS K 312 -48.57 -3.11 -34.92
CA LYS K 312 -49.31 -2.03 -35.55
C LYS K 312 -49.34 -0.86 -34.59
N SER K 313 -49.24 0.36 -35.13
CA SER K 313 -49.26 1.54 -34.29
C SER K 313 -49.85 2.69 -35.06
N GLU K 314 -50.52 3.58 -34.33
CA GLU K 314 -51.09 4.78 -34.93
C GLU K 314 -51.04 5.91 -33.91
N LEU K 315 -50.37 6.99 -34.28
CA LEU K 315 -50.21 8.13 -33.39
C LEU K 315 -50.66 9.37 -34.14
N ASN K 316 -51.60 10.12 -33.56
CA ASN K 316 -52.06 11.30 -34.27
C ASN K 316 -52.37 12.41 -33.28
N ASN K 317 -52.03 13.63 -33.66
CA ASN K 317 -52.25 14.78 -32.80
C ASN K 317 -52.60 16.00 -33.63
N LEU K 318 -53.60 16.75 -33.18
CA LEU K 318 -53.96 17.99 -33.85
C LEU K 318 -54.51 18.97 -32.84
N GLY K 319 -54.23 20.23 -33.05
CA GLY K 319 -54.73 21.27 -32.17
C GLY K 319 -53.78 22.45 -32.15
N VAL K 320 -54.04 23.35 -31.19
CA VAL K 320 -53.31 24.61 -31.09
C VAL K 320 -52.96 24.87 -29.65
N ASN K 321 -51.74 25.36 -29.41
CA ASN K 321 -51.32 25.86 -28.11
C ASN K 321 -51.10 27.36 -28.19
N TRP K 322 -51.53 28.09 -27.18
CA TRP K 322 -51.49 29.54 -27.18
C TRP K 322 -50.66 30.07 -26.02
N GLN K 323 -49.97 31.18 -26.28
CA GLN K 323 -49.32 31.96 -25.23
C GLN K 323 -49.51 33.43 -25.53
N GLY K 324 -49.57 34.26 -24.49
CA GLY K 324 -49.89 35.66 -24.72
C GLY K 324 -49.24 36.62 -23.75
N THR K 325 -49.14 37.86 -24.20
CA THR K 325 -48.65 38.97 -23.39
C THR K 325 -49.42 40.22 -23.78
N ALA K 326 -49.58 41.13 -22.81
CA ALA K 326 -50.31 42.35 -23.08
C ALA K 326 -49.84 43.45 -22.13
N SER K 327 -49.98 44.69 -22.58
CA SER K 327 -49.57 45.84 -21.78
C SER K 327 -50.61 46.95 -21.94
N PHE K 328 -50.69 47.79 -20.91
CA PHE K 328 -51.60 48.93 -20.91
C PHE K 328 -50.91 50.08 -20.21
N GLY K 329 -50.74 51.18 -20.95
CA GLY K 329 -49.90 52.26 -20.50
C GLY K 329 -48.51 51.75 -20.21
N ASP K 330 -47.85 52.40 -19.26
CA ASP K 330 -46.62 51.88 -18.67
C ASP K 330 -46.89 51.36 -17.27
N SER K 331 -48.13 50.98 -17.00
CA SER K 331 -48.57 50.64 -15.66
C SER K 331 -49.03 49.19 -15.51
N PHE K 332 -49.84 48.69 -16.44
CA PHE K 332 -50.49 47.38 -16.27
C PHE K 332 -49.83 46.38 -17.22
N GLY K 333 -49.21 45.34 -16.66
CA GLY K 333 -48.67 44.26 -17.46
C GLY K 333 -49.47 42.99 -17.22
N ALA K 334 -49.62 42.19 -18.28
CA ALA K 334 -50.38 40.95 -18.17
C ALA K 334 -49.69 39.86 -18.97
N SER K 335 -49.58 38.67 -18.38
CA SER K 335 -48.98 37.51 -19.06
C SER K 335 -49.97 36.37 -19.02
N PHE K 336 -50.37 35.89 -20.20
CA PHE K 336 -51.39 34.85 -20.33
C PHE K 336 -50.73 33.52 -20.62
N ASN K 337 -50.88 32.57 -19.70
CA ASN K 337 -50.36 31.21 -19.86
C ASN K 337 -48.84 31.20 -20.06
N MET K 338 -48.15 31.82 -19.11
CA MET K 338 -46.69 31.86 -19.13
C MET K 338 -46.15 31.48 -17.76
N SER K 339 -45.00 30.79 -17.77
CA SER K 339 -44.38 30.38 -16.52
C SER K 339 -43.90 31.59 -15.73
N SER K 340 -43.16 32.48 -16.37
CA SER K 340 -42.67 33.70 -15.73
C SER K 340 -42.27 34.69 -16.81
N SER K 341 -42.15 35.96 -16.40
CA SER K 341 -41.79 37.03 -17.33
C SER K 341 -40.31 36.98 -17.71
N ASN K 350 -44.54 40.74 -28.09
CA ASN K 350 -45.39 41.63 -27.31
C ASN K 350 -46.82 41.13 -27.28
N LYS K 351 -47.17 40.26 -28.22
CA LYS K 351 -48.54 39.79 -28.36
C LYS K 351 -48.51 38.30 -28.68
N PHE K 352 -49.66 37.79 -29.12
CA PHE K 352 -49.97 36.37 -28.96
C PHE K 352 -49.25 35.48 -29.97
N ILE K 353 -48.90 34.29 -29.51
CA ILE K 353 -48.25 33.28 -30.36
C ILE K 353 -49.03 31.98 -30.23
N ALA K 354 -49.14 31.26 -31.35
CA ALA K 354 -49.88 30.02 -31.41
C ALA K 354 -49.08 28.98 -32.17
N SER K 355 -48.91 27.81 -31.57
CA SER K 355 -48.30 26.67 -32.22
C SER K 355 -49.39 25.72 -32.67
N VAL K 356 -49.52 25.53 -33.98
CA VAL K 356 -50.51 24.64 -34.55
C VAL K 356 -49.83 23.34 -34.93
N MET K 357 -50.37 22.23 -34.45
CA MET K 357 -49.87 20.90 -34.75
C MET K 357 -50.98 20.13 -35.44
N ALA K 358 -50.60 19.39 -36.49
CA ALA K 358 -51.55 18.54 -37.18
C ALA K 358 -50.75 17.44 -37.86
N LEU K 359 -50.89 16.22 -37.40
CA LEU K 359 -50.08 15.14 -37.95
C LEU K 359 -50.70 13.80 -37.57
N ASN K 360 -50.47 12.81 -38.43
CA ASN K 360 -50.99 11.46 -38.19
C ASN K 360 -50.04 10.46 -38.83
N GLN K 361 -49.48 9.55 -38.05
CA GLN K 361 -48.56 8.57 -38.59
C GLN K 361 -48.97 7.17 -38.16
N LYS K 362 -49.04 6.28 -39.14
CA LYS K 362 -49.31 4.87 -38.93
C LYS K 362 -48.05 4.08 -39.22
N LYS K 363 -47.91 2.94 -38.56
CA LYS K 363 -46.72 2.12 -38.72
C LYS K 363 -47.10 0.67 -38.57
N LYS K 364 -46.48 -0.20 -39.38
CA LYS K 364 -46.77 -1.62 -39.31
C LYS K 364 -45.50 -2.41 -39.59
N ALA K 365 -45.34 -3.53 -38.90
CA ALA K 365 -44.13 -4.32 -39.08
C ALA K 365 -44.42 -5.79 -38.83
N ASN K 366 -43.87 -6.65 -39.68
CA ASN K 366 -43.94 -8.10 -39.51
C ASN K 366 -42.54 -8.67 -39.60
N VAL K 367 -42.15 -9.47 -38.61
CA VAL K 367 -40.83 -10.07 -38.58
C VAL K 367 -41.01 -11.56 -38.32
N VAL K 368 -40.37 -12.38 -39.14
CA VAL K 368 -40.43 -13.83 -38.98
C VAL K 368 -39.02 -14.37 -39.00
N SER K 369 -38.57 -14.92 -37.89
CA SER K 369 -37.25 -15.51 -37.80
C SER K 369 -37.40 -17.00 -37.55
N ARG K 370 -36.46 -17.78 -38.08
CA ARG K 370 -36.51 -19.23 -37.94
C ARG K 370 -35.11 -19.78 -37.85
N PRO K 371 -34.63 -20.08 -36.65
CA PRO K 371 -33.48 -20.95 -36.51
C PRO K 371 -33.88 -22.40 -36.70
N VAL K 372 -32.93 -23.19 -37.20
CA VAL K 372 -33.16 -24.61 -37.48
C VAL K 372 -31.89 -25.35 -37.15
N ILE K 373 -31.97 -26.33 -36.26
CA ILE K 373 -30.77 -27.05 -35.85
C ILE K 373 -31.05 -28.54 -35.80
N LEU K 374 -30.09 -29.34 -36.24
CA LEU K 374 -30.21 -30.79 -36.25
C LEU K 374 -29.25 -31.40 -35.22
N THR K 375 -29.67 -32.48 -34.59
CA THR K 375 -28.82 -33.16 -33.63
C THR K 375 -29.28 -34.61 -33.50
N GLN K 376 -28.60 -35.36 -32.65
CA GLN K 376 -28.98 -36.72 -32.32
C GLN K 376 -29.74 -36.73 -31.00
N GLU K 377 -30.66 -37.68 -30.87
CA GLU K 377 -31.50 -37.72 -29.68
C GLU K 377 -30.65 -37.87 -28.42
N ASN K 378 -31.07 -37.18 -27.37
CA ASN K 378 -30.48 -37.21 -26.04
C ASN K 378 -29.12 -36.54 -25.93
N ILE K 379 -28.67 -35.85 -26.97
CA ILE K 379 -27.38 -35.19 -26.95
C ILE K 379 -27.59 -33.69 -27.13
N PRO K 380 -27.10 -32.85 -26.23
CA PRO K 380 -27.39 -31.42 -26.30
C PRO K 380 -26.84 -30.79 -27.57
N ALA K 381 -27.56 -29.79 -28.05
CA ALA K 381 -27.15 -29.05 -29.24
C ALA K 381 -27.19 -27.57 -28.94
N ILE K 382 -26.24 -26.84 -29.52
CA ILE K 382 -26.11 -25.40 -29.27
C ILE K 382 -26.10 -24.67 -30.60
N PHE K 383 -26.87 -23.60 -30.70
CA PHE K 383 -26.89 -22.78 -31.90
C PHE K 383 -27.06 -21.32 -31.49
N ASP K 384 -26.07 -20.49 -31.77
CA ASP K 384 -26.23 -19.08 -31.53
C ASP K 384 -25.77 -18.30 -32.76
N ASN K 385 -26.35 -17.13 -32.93
CA ASN K 385 -26.14 -16.36 -34.14
C ASN K 385 -26.48 -14.91 -33.85
N ASN K 386 -25.81 -14.00 -34.55
CA ASN K 386 -26.21 -12.61 -34.48
C ASN K 386 -25.75 -11.88 -35.72
N ARG K 387 -26.67 -11.13 -36.32
CA ARG K 387 -26.41 -10.30 -37.48
C ARG K 387 -26.63 -8.84 -37.11
N THR K 388 -26.18 -7.97 -38.00
CA THR K 388 -26.42 -6.55 -37.87
C THR K 388 -27.18 -6.07 -39.09
N PHE K 389 -28.31 -5.40 -38.87
CA PHE K 389 -29.13 -4.89 -39.94
C PHE K 389 -28.88 -3.40 -40.10
N TYR K 390 -28.51 -3.00 -41.31
CA TYR K 390 -28.21 -1.61 -41.64
C TYR K 390 -29.33 -1.01 -42.47
N VAL K 391 -29.56 0.28 -42.28
CA VAL K 391 -30.37 1.08 -43.19
C VAL K 391 -29.62 2.37 -43.48
N SER K 392 -29.49 2.68 -44.76
CA SER K 392 -28.78 3.88 -45.19
C SER K 392 -29.73 5.06 -45.15
N LEU K 393 -29.27 6.15 -44.54
CA LEU K 393 -30.07 7.36 -44.51
C LEU K 393 -30.25 7.91 -45.93
N VAL K 394 -31.17 8.88 -46.05
CA VAL K 394 -31.42 9.49 -47.35
C VAL K 394 -30.22 10.30 -47.81
N GLY K 395 -29.59 11.03 -46.89
CA GLY K 395 -28.45 11.86 -47.24
C GLY K 395 -27.63 12.29 -46.03
N LEU K 401 -26.99 6.11 -41.57
CA LEU K 401 -26.64 4.70 -41.49
C LEU K 401 -26.91 4.18 -40.09
N GLU K 402 -28.11 3.64 -39.88
CA GLU K 402 -28.50 3.16 -38.57
C GLU K 402 -28.58 1.65 -38.57
N HIS K 403 -28.10 1.03 -37.49
CA HIS K 403 -27.95 -0.41 -37.43
C HIS K 403 -28.56 -0.95 -36.15
N VAL K 404 -29.07 -2.18 -36.24
CA VAL K 404 -29.64 -2.90 -35.11
C VAL K 404 -29.06 -4.30 -35.09
N THR K 405 -28.56 -4.73 -33.95
CA THR K 405 -27.91 -6.04 -33.82
C THR K 405 -28.92 -7.05 -33.32
N TYR K 406 -29.31 -7.97 -34.18
CA TYR K 406 -30.30 -9.00 -33.85
C TYR K 406 -29.58 -10.30 -33.56
N GLY K 407 -29.76 -10.83 -32.37
CA GLY K 407 -29.08 -12.05 -31.97
C GLY K 407 -30.03 -13.02 -31.31
N THR K 408 -29.78 -14.30 -31.57
CA THR K 408 -30.52 -15.40 -30.98
C THR K 408 -29.54 -16.44 -30.45
N LEU K 409 -29.99 -17.21 -29.47
CA LEU K 409 -29.18 -18.24 -28.85
C LEU K 409 -30.13 -19.29 -28.30
N ILE K 410 -30.06 -20.50 -28.86
CA ILE K 410 -30.94 -21.58 -28.46
C ILE K 410 -30.08 -22.79 -28.14
N ASN K 411 -30.25 -23.34 -26.95
CA ASN K 411 -29.62 -24.61 -26.61
C ASN K 411 -30.70 -25.58 -26.15
N VAL K 412 -30.65 -26.79 -26.69
CA VAL K 412 -31.77 -27.70 -26.64
C VAL K 412 -31.28 -29.10 -26.36
N ILE K 413 -32.07 -29.86 -25.61
CA ILE K 413 -31.86 -31.30 -25.42
C ILE K 413 -33.11 -32.02 -25.90
N PRO K 414 -33.06 -32.66 -27.07
CA PRO K 414 -34.22 -33.38 -27.57
C PRO K 414 -34.18 -34.86 -27.25
N ARG K 415 -35.32 -35.53 -27.32
CA ARG K 415 -35.39 -36.98 -27.18
C ARG K 415 -36.79 -37.42 -27.59
N PHE K 416 -36.98 -38.72 -27.66
CA PHE K 416 -38.24 -39.28 -28.10
C PHE K 416 -39.09 -39.74 -26.93
N SER K 417 -40.35 -40.05 -27.23
CA SER K 417 -41.29 -40.52 -26.24
C SER K 417 -42.42 -41.26 -26.94
N SER K 418 -43.25 -41.90 -26.14
CA SER K 418 -44.31 -42.80 -26.60
C SER K 418 -45.05 -42.25 -27.80
N ARG K 419 -45.36 -43.14 -28.74
CA ARG K 419 -46.05 -42.79 -29.97
C ARG K 419 -45.22 -41.85 -30.84
N GLY K 420 -43.90 -41.91 -30.70
CA GLY K 420 -43.04 -41.09 -31.52
C GLY K 420 -43.13 -39.61 -31.27
N GLN K 421 -43.57 -39.20 -30.09
CA GLN K 421 -43.58 -37.78 -29.77
C GLN K 421 -42.16 -37.30 -29.46
N ILE K 422 -41.92 -36.02 -29.67
CA ILE K 422 -40.59 -35.45 -29.47
C ILE K 422 -40.64 -34.52 -28.26
N GLU K 423 -39.88 -34.85 -27.23
CA GLU K 423 -39.79 -34.01 -26.05
C GLU K 423 -38.49 -33.23 -26.09
N MET K 424 -38.52 -31.99 -25.61
CA MET K 424 -37.36 -31.12 -25.69
C MET K 424 -37.27 -30.24 -24.45
N SER K 425 -36.06 -30.12 -23.92
CA SER K 425 -35.74 -29.11 -22.93
C SER K 425 -35.10 -27.94 -23.66
N LEU K 426 -35.68 -26.75 -23.50
CA LEU K 426 -35.34 -25.59 -24.31
C LEU K 426 -34.88 -24.44 -23.43
N THR K 427 -33.76 -23.82 -23.82
CA THR K 427 -33.41 -22.48 -23.35
C THR K 427 -33.25 -21.60 -24.58
N ILE K 428 -34.05 -20.54 -24.65
CA ILE K 428 -34.08 -19.67 -25.81
C ILE K 428 -33.89 -18.24 -25.36
N GLU K 429 -32.97 -17.53 -25.99
CA GLU K 429 -32.89 -16.08 -25.86
C GLU K 429 -32.89 -15.51 -27.26
N ASP K 430 -33.53 -14.36 -27.43
CA ASP K 430 -33.50 -13.76 -28.75
C ASP K 430 -33.86 -12.28 -28.63
N GLY K 431 -33.52 -11.54 -29.66
CA GLY K 431 -33.96 -10.18 -29.76
C GLY K 431 -32.85 -9.27 -30.19
N THR K 432 -33.10 -7.98 -30.09
CA THR K 432 -32.21 -6.95 -30.59
C THR K 432 -31.55 -6.20 -29.45
N GLY K 433 -30.71 -5.24 -29.83
CA GLY K 433 -30.12 -4.32 -28.89
C GLY K 433 -30.53 -2.90 -29.21
N ASN K 434 -30.95 -2.16 -28.19
CA ASN K 434 -31.50 -0.83 -28.39
C ASN K 434 -30.55 0.07 -29.16
N SER K 435 -30.99 0.55 -30.31
CA SER K 435 -30.23 1.54 -31.08
C SER K 435 -31.23 2.55 -31.66
N GLN K 436 -31.42 3.65 -30.95
CA GLN K 436 -32.32 4.72 -31.38
C GLN K 436 -31.83 5.37 -32.68
N ASN K 443 -34.60 9.80 -37.62
CA ASN K 443 -35.45 10.02 -38.79
C ASN K 443 -36.00 8.71 -39.31
N GLU K 444 -37.01 8.17 -38.60
CA GLU K 444 -37.73 6.96 -38.99
C GLU K 444 -36.83 5.73 -39.04
N ASN K 445 -35.59 5.83 -38.54
CA ASN K 445 -34.69 4.68 -38.53
C ASN K 445 -35.28 3.53 -37.73
N THR K 446 -35.69 3.81 -36.50
CA THR K 446 -36.36 2.80 -35.70
C THR K 446 -37.70 2.40 -36.33
N SER K 447 -38.31 3.31 -37.07
CA SER K 447 -39.56 2.98 -37.75
C SER K 447 -39.35 1.93 -38.84
N VAL K 448 -38.16 1.90 -39.43
CA VAL K 448 -37.88 0.94 -40.49
C VAL K 448 -37.27 -0.35 -39.94
N LEU K 449 -36.32 -0.23 -39.02
CA LEU K 449 -35.63 -1.40 -38.50
C LEU K 449 -36.55 -2.23 -37.61
N PRO K 450 -36.22 -3.52 -37.39
CA PRO K 450 -37.10 -4.38 -36.62
C PRO K 450 -37.41 -3.89 -35.21
N GLU K 451 -36.38 -3.79 -34.36
CA GLU K 451 -36.52 -3.34 -32.98
C GLU K 451 -37.62 -4.11 -32.25
N VAL K 452 -37.37 -5.40 -32.05
CA VAL K 452 -38.37 -6.30 -31.48
C VAL K 452 -38.15 -6.58 -30.00
N GLY K 453 -37.31 -5.80 -29.33
CA GLY K 453 -37.09 -6.02 -27.91
C GLY K 453 -36.24 -7.25 -27.67
N ARG K 454 -36.28 -7.74 -26.43
CA ARG K 454 -35.53 -8.93 -26.06
C ARG K 454 -36.42 -9.86 -25.26
N THR K 455 -36.25 -11.16 -25.46
CA THR K 455 -37.09 -12.13 -24.79
C THR K 455 -36.31 -13.41 -24.54
N LYS K 456 -36.38 -13.91 -23.31
CA LYS K 456 -35.77 -15.18 -22.94
C LYS K 456 -36.84 -16.07 -22.32
N ILE K 457 -36.89 -17.31 -22.76
CA ILE K 457 -37.84 -18.29 -22.23
C ILE K 457 -37.11 -19.59 -22.00
N SER K 458 -37.30 -20.18 -20.82
CA SER K 458 -36.68 -21.44 -20.46
C SER K 458 -37.77 -22.38 -19.98
N THR K 459 -37.88 -23.54 -20.62
CA THR K 459 -38.99 -24.44 -20.34
C THR K 459 -38.70 -25.81 -20.93
N ILE K 460 -39.71 -26.68 -20.94
CA ILE K 460 -39.59 -28.03 -21.47
C ILE K 460 -40.96 -28.50 -21.93
N ALA K 461 -41.03 -29.05 -23.13
CA ALA K 461 -42.33 -29.41 -23.70
C ALA K 461 -42.17 -30.53 -24.70
N ARG K 462 -43.25 -31.25 -24.95
CA ARG K 462 -43.24 -32.34 -25.92
C ARG K 462 -44.33 -32.13 -26.95
N VAL K 463 -44.04 -32.52 -28.19
CA VAL K 463 -44.86 -32.24 -29.34
C VAL K 463 -45.16 -33.53 -30.08
N PRO K 464 -46.41 -33.80 -30.46
CA PRO K 464 -46.66 -34.89 -31.39
C PRO K 464 -45.99 -34.59 -32.73
N GLN K 465 -45.56 -35.64 -33.41
CA GLN K 465 -44.90 -35.44 -34.68
C GLN K 465 -45.93 -35.10 -35.75
N GLY K 466 -45.66 -34.02 -36.48
CA GLY K 466 -46.60 -33.49 -37.46
C GLY K 466 -47.32 -32.24 -37.03
N LYS K 467 -47.19 -31.82 -35.78
CA LYS K 467 -47.83 -30.62 -35.28
C LYS K 467 -46.79 -29.74 -34.63
N SER K 468 -47.18 -28.50 -34.34
CA SER K 468 -46.29 -27.51 -33.77
C SER K 468 -46.95 -26.88 -32.56
N LEU K 469 -46.13 -26.41 -31.62
CA LEU K 469 -46.62 -25.97 -30.33
C LEU K 469 -46.20 -24.53 -30.08
N LEU K 470 -47.05 -23.79 -29.37
CA LEU K 470 -46.78 -22.39 -29.04
C LEU K 470 -46.27 -22.34 -27.60
N ILE K 471 -44.96 -22.52 -27.44
CA ILE K 471 -44.41 -22.62 -26.10
C ILE K 471 -44.48 -21.28 -25.39
N GLY K 472 -44.22 -20.18 -26.09
CA GLY K 472 -44.13 -18.89 -25.43
C GLY K 472 -44.82 -17.81 -26.22
N GLY K 473 -45.22 -16.76 -25.53
CA GLY K 473 -45.83 -15.67 -26.26
C GLY K 473 -46.12 -14.50 -25.36
N TYR K 474 -46.46 -13.39 -26.00
CA TYR K 474 -46.62 -12.14 -25.28
C TYR K 474 -47.34 -11.15 -26.17
N THR K 475 -48.49 -10.65 -25.72
CA THR K 475 -49.22 -9.64 -26.46
C THR K 475 -49.36 -8.40 -25.60
N HIS K 476 -49.56 -7.27 -26.27
CA HIS K 476 -49.56 -5.99 -25.60
C HIS K 476 -50.44 -5.03 -26.37
N GLU K 477 -51.28 -4.29 -25.65
CA GLU K 477 -52.17 -3.33 -26.28
C GLU K 477 -52.17 -2.05 -25.47
N THR K 478 -52.00 -0.92 -26.15
CA THR K 478 -51.93 0.37 -25.49
C THR K 478 -52.89 1.33 -26.17
N ASN K 479 -53.62 2.10 -25.37
CA ASN K 479 -54.52 3.13 -25.88
C ASN K 479 -54.36 4.34 -24.98
N SER K 480 -54.23 5.52 -25.57
CA SER K 480 -54.01 6.71 -24.76
C SER K 480 -54.62 7.93 -25.46
N ASN K 481 -55.30 8.75 -24.67
CA ASN K 481 -55.86 10.00 -25.15
C ASN K 481 -55.47 11.12 -24.21
N GLU K 482 -55.27 12.30 -24.78
CA GLU K 482 -54.97 13.49 -23.99
C GLU K 482 -55.61 14.69 -24.64
N ILE K 483 -56.28 15.52 -23.83
CA ILE K 483 -56.97 16.70 -24.33
C ILE K 483 -56.57 17.89 -23.49
N ILE K 484 -56.15 18.97 -24.15
CA ILE K 484 -55.78 20.21 -23.48
C ILE K 484 -56.66 21.30 -24.05
N SER K 485 -57.25 22.13 -23.17
CA SER K 485 -58.14 23.15 -23.68
C SER K 485 -58.18 24.33 -22.73
N ILE K 486 -58.36 25.51 -23.32
CA ILE K 486 -58.68 26.72 -22.54
C ILE K 486 -60.06 26.56 -21.93
N PRO K 487 -60.26 26.91 -20.66
CA PRO K 487 -61.50 26.53 -19.98
C PRO K 487 -62.78 27.02 -20.64
N PHE K 488 -62.94 28.33 -20.81
CA PHE K 488 -64.24 28.86 -21.18
C PHE K 488 -64.44 28.96 -22.69
N LEU K 489 -63.59 29.75 -23.36
CA LEU K 489 -63.85 30.07 -24.76
C LEU K 489 -63.79 28.83 -25.65
N SER K 490 -62.96 27.86 -25.31
CA SER K 490 -62.88 26.66 -26.14
C SER K 490 -64.20 25.88 -26.15
N SER K 491 -65.17 26.27 -25.34
CA SER K 491 -66.47 25.62 -25.33
C SER K 491 -67.48 26.28 -26.24
N ILE K 492 -67.14 27.41 -26.86
CA ILE K 492 -68.09 28.09 -27.75
C ILE K 492 -68.26 27.22 -29.00
N PRO K 493 -69.41 27.29 -29.69
CA PRO K 493 -69.75 26.24 -30.66
C PRO K 493 -68.82 26.11 -31.85
N VAL K 494 -68.58 27.19 -32.58
CA VAL K 494 -67.95 27.06 -33.89
C VAL K 494 -66.44 27.14 -33.80
N ILE K 495 -65.93 28.30 -33.36
CA ILE K 495 -64.48 28.52 -33.38
C ILE K 495 -63.79 27.97 -32.14
N GLY K 496 -64.56 27.54 -31.14
CA GLY K 496 -63.94 26.98 -29.94
C GLY K 496 -63.03 25.81 -30.23
N ASN K 497 -63.39 25.01 -31.25
CA ASN K 497 -62.58 23.86 -31.61
C ASN K 497 -61.19 24.24 -32.10
N VAL K 498 -60.87 25.54 -32.21
CA VAL K 498 -59.53 25.95 -32.57
C VAL K 498 -58.62 26.09 -31.36
N PHE K 499 -59.16 26.03 -30.15
CA PHE K 499 -58.36 26.18 -28.96
C PHE K 499 -57.97 24.86 -28.30
N LYS K 500 -58.61 23.76 -28.67
CA LYS K 500 -58.29 22.48 -28.08
C LYS K 500 -56.95 21.97 -28.60
N TYR K 501 -56.55 20.82 -28.07
CA TYR K 501 -55.36 20.13 -28.55
C TYR K 501 -55.54 18.67 -28.15
N LYS K 502 -55.70 17.80 -29.14
CA LYS K 502 -56.04 16.40 -28.91
C LYS K 502 -54.92 15.52 -29.42
N THR K 503 -54.43 14.64 -28.56
CA THR K 503 -53.37 13.70 -28.89
C THR K 503 -53.86 12.29 -28.61
N SER K 504 -53.55 11.36 -29.50
CA SER K 504 -54.03 10.00 -29.35
C SER K 504 -52.97 9.01 -29.81
N ASN K 505 -52.90 7.89 -29.12
CA ASN K 505 -51.98 6.81 -29.46
C ASN K 505 -52.70 5.48 -29.33
N ILE K 506 -52.45 4.59 -30.28
CA ILE K 506 -52.99 3.22 -30.24
C ILE K 506 -51.88 2.29 -30.72
N SER K 507 -51.73 1.15 -30.07
CA SER K 507 -50.70 0.22 -30.52
C SER K 507 -51.03 -1.20 -30.11
N ASN K 508 -50.77 -2.13 -31.01
CA ASN K 508 -50.89 -3.56 -30.74
C ASN K 508 -49.58 -4.24 -31.08
N ILE K 509 -49.15 -5.16 -30.21
CA ILE K 509 -47.92 -5.90 -30.39
C ILE K 509 -48.20 -7.36 -30.07
N VAL K 510 -47.72 -8.26 -30.92
CA VAL K 510 -47.85 -9.69 -30.69
C VAL K 510 -46.51 -10.34 -30.97
N ARG K 511 -46.05 -11.19 -30.06
CA ARG K 511 -44.82 -11.93 -30.27
C ARG K 511 -45.05 -13.37 -29.84
N VAL K 512 -44.59 -14.32 -30.65
CA VAL K 512 -44.92 -15.72 -30.47
C VAL K 512 -43.67 -16.56 -30.71
N PHE K 513 -43.43 -17.53 -29.83
CA PHE K 513 -42.38 -18.53 -29.97
C PHE K 513 -43.05 -19.89 -30.11
N LEU K 514 -43.03 -20.44 -31.32
CA LEU K 514 -43.50 -21.79 -31.59
C LEU K 514 -42.31 -22.69 -31.91
N ILE K 515 -42.53 -23.99 -31.74
CA ILE K 515 -41.55 -25.00 -32.12
C ILE K 515 -42.23 -26.03 -32.99
N GLN K 516 -41.50 -26.53 -33.98
CA GLN K 516 -41.91 -27.76 -34.63
C GLN K 516 -40.70 -28.63 -34.86
N PRO K 517 -40.67 -29.80 -34.26
CA PRO K 517 -39.57 -30.73 -34.51
C PRO K 517 -39.94 -31.76 -35.55
N ARG K 518 -38.94 -32.49 -36.05
CA ARG K 518 -39.23 -33.60 -36.95
C ARG K 518 -38.05 -34.55 -36.95
N GLU K 519 -38.35 -35.84 -37.08
CA GLU K 519 -37.30 -36.84 -37.19
C GLU K 519 -36.74 -36.84 -38.60
N ILE K 520 -35.44 -37.04 -38.72
CA ILE K 520 -34.76 -37.01 -40.01
C ILE K 520 -34.77 -38.42 -40.60
N LYS K 521 -35.35 -38.54 -41.78
CA LYS K 521 -35.44 -39.80 -42.49
C LYS K 521 -34.53 -39.77 -43.72
N GLU K 522 -34.50 -40.88 -44.44
CA GLU K 522 -33.62 -40.99 -45.60
C GLU K 522 -33.99 -40.01 -46.70
N SER K 523 -35.20 -39.48 -46.70
CA SER K 523 -35.61 -38.50 -47.68
C SER K 523 -35.21 -37.08 -47.30
N SER K 524 -34.64 -36.89 -46.11
CA SER K 524 -34.26 -35.57 -45.66
C SER K 524 -32.83 -35.19 -46.02
N TYR K 525 -32.06 -36.11 -46.60
CA TYR K 525 -30.73 -35.79 -47.06
C TYR K 525 -30.79 -35.21 -48.48
N TYR K 526 -29.70 -34.60 -48.89
CA TYR K 526 -29.56 -34.06 -50.24
C TYR K 526 -28.69 -34.99 -51.07
N ASN K 527 -29.19 -35.36 -52.25
CA ASN K 527 -28.40 -36.18 -53.15
C ASN K 527 -27.30 -35.33 -53.78
N THR K 528 -26.05 -35.72 -53.57
CA THR K 528 -24.91 -35.00 -54.14
C THR K 528 -24.18 -35.85 -55.18
N ALA K 529 -23.74 -37.05 -54.79
CA ALA K 529 -23.15 -38.04 -55.67
C ALA K 529 -21.92 -37.53 -56.41
N GLU K 530 -21.42 -36.36 -56.07
CA GLU K 530 -20.23 -35.82 -56.71
C GLU K 530 -19.38 -35.14 -55.64
N TYR K 531 -18.23 -34.62 -56.06
CA TYR K 531 -17.34 -33.97 -55.11
C TYR K 531 -16.46 -32.98 -55.88
N LYS K 532 -16.82 -31.71 -55.81
CA LYS K 532 -16.02 -30.67 -56.45
C LYS K 532 -14.67 -30.59 -55.77
N SER K 533 -13.62 -31.03 -56.46
CA SER K 533 -12.28 -30.84 -55.94
C SER K 533 -11.96 -29.35 -55.90
N LEU K 534 -11.23 -28.95 -54.86
CA LEU K 534 -10.86 -27.54 -54.72
C LEU K 534 -10.04 -27.07 -55.91
N ILE K 535 -9.05 -27.86 -56.31
CA ILE K 535 -8.10 -27.47 -57.32
C ILE K 535 -7.99 -28.57 -58.36
N SER K 536 -7.63 -28.20 -59.58
CA SER K 536 -7.63 -29.14 -60.68
C SER K 536 -6.33 -29.93 -60.75
N GLU K 537 -6.45 -31.16 -61.23
CA GLU K 537 -5.27 -32.00 -61.41
C GLU K 537 -4.30 -31.37 -62.39
N ARG K 538 -4.80 -30.79 -63.48
CA ARG K 538 -3.93 -30.13 -64.44
C ARG K 538 -3.22 -28.95 -63.78
N GLU K 539 -3.93 -28.18 -62.96
CA GLU K 539 -3.31 -27.06 -62.27
C GLU K 539 -2.20 -27.53 -61.34
N ILE K 540 -2.45 -28.61 -60.60
CA ILE K 540 -1.43 -29.11 -59.69
C ILE K 540 -0.21 -29.60 -60.46
N GLN K 541 -0.44 -30.34 -61.54
CA GLN K 541 0.69 -30.81 -62.34
C GLN K 541 1.48 -29.64 -62.90
N LYS K 542 0.78 -28.60 -63.36
CA LYS K 542 1.46 -27.42 -63.89
C LYS K 542 2.29 -26.74 -62.80
N THR K 543 1.78 -26.68 -61.58
CA THR K 543 2.47 -25.91 -60.55
C THR K 543 3.54 -26.70 -59.80
N THR K 544 3.53 -28.03 -59.84
CA THR K 544 4.56 -28.77 -59.12
C THR K 544 5.23 -29.85 -59.98
N GLN K 545 5.09 -29.78 -61.29
CA GLN K 545 5.85 -30.66 -62.16
C GLN K 545 7.22 -30.06 -62.41
N ILE K 546 8.19 -30.91 -62.71
CA ILE K 546 9.49 -30.42 -63.13
C ILE K 546 9.33 -29.64 -64.41
N ILE K 547 10.02 -28.50 -64.49
CA ILE K 547 9.87 -27.65 -65.68
C ILE K 547 10.36 -28.41 -66.91
N PRO K 548 9.58 -28.48 -67.99
CA PRO K 548 9.93 -29.22 -69.21
C PRO K 548 11.27 -28.81 -69.81
N LYS L 180 -30.55 -66.55 -10.20
CA LYS L 180 -30.01 -66.10 -8.93
C LYS L 180 -29.67 -64.61 -8.98
N VAL L 181 -29.07 -64.17 -10.08
CA VAL L 181 -28.79 -62.76 -10.31
C VAL L 181 -29.32 -62.39 -11.68
N ASN L 182 -29.69 -61.13 -11.84
CA ASN L 182 -30.19 -60.64 -13.12
C ASN L 182 -29.59 -59.28 -13.40
N PHE L 183 -29.06 -59.12 -14.62
CA PHE L 183 -28.63 -57.84 -15.14
C PHE L 183 -29.61 -57.42 -16.23
N GLY L 184 -30.12 -56.20 -16.15
CA GLY L 184 -31.20 -55.79 -17.02
C GLY L 184 -31.03 -54.36 -17.49
N VAL L 185 -31.71 -54.07 -18.60
CA VAL L 185 -31.73 -52.74 -19.19
C VAL L 185 -33.19 -52.28 -19.23
N ILE L 186 -33.44 -51.07 -18.72
CA ILE L 186 -34.77 -50.50 -18.66
C ILE L 186 -34.77 -49.19 -19.43
N LYS L 187 -35.73 -49.03 -20.34
CA LYS L 187 -35.77 -47.89 -21.25
C LYS L 187 -36.85 -46.93 -20.78
N LEU L 188 -36.43 -45.85 -20.12
CA LEU L 188 -37.36 -44.82 -19.73
C LEU L 188 -37.88 -44.06 -20.95
N LYS L 189 -39.14 -43.65 -20.90
CA LYS L 189 -39.77 -42.96 -22.00
C LYS L 189 -40.19 -41.54 -21.66
N ASN L 190 -40.93 -41.35 -20.57
CA ASN L 190 -41.60 -40.08 -20.32
C ASN L 190 -40.80 -39.13 -19.43
N THR L 191 -39.60 -39.51 -18.99
CA THR L 191 -38.84 -38.67 -18.08
C THR L 191 -37.36 -38.73 -18.43
N PHE L 192 -36.63 -37.72 -17.99
CA PHE L 192 -35.18 -37.76 -18.05
C PHE L 192 -34.63 -38.53 -16.85
N VAL L 193 -33.42 -39.04 -17.00
CA VAL L 193 -32.82 -39.89 -15.98
C VAL L 193 -31.90 -39.11 -15.05
N SER L 194 -31.08 -38.22 -15.61
CA SER L 194 -30.16 -37.46 -14.77
C SER L 194 -30.92 -36.40 -13.97
N ASP L 195 -30.47 -36.17 -12.75
CA ASP L 195 -31.05 -35.12 -11.92
C ASP L 195 -30.84 -33.77 -12.58
N ARG L 196 -31.85 -32.90 -12.49
CA ARG L 196 -31.81 -31.61 -13.16
C ARG L 196 -31.90 -30.49 -12.14
N THR L 197 -31.37 -29.32 -12.50
CA THR L 197 -31.34 -28.16 -11.63
C THR L 197 -32.02 -26.98 -12.33
N TYR L 198 -32.83 -26.25 -11.58
CA TYR L 198 -33.56 -25.10 -12.09
C TYR L 198 -33.38 -23.91 -11.17
N ASN L 199 -33.20 -22.73 -11.76
CA ASN L 199 -33.00 -21.51 -11.01
C ASN L 199 -34.32 -20.77 -10.87
N MET L 200 -34.59 -20.29 -9.65
CA MET L 200 -35.80 -19.54 -9.36
C MET L 200 -35.47 -18.18 -8.79
N ARG L 201 -34.38 -17.59 -9.26
CA ARG L 201 -33.94 -16.26 -8.84
C ARG L 201 -33.78 -16.19 -7.33
N GLY L 202 -33.14 -17.21 -6.77
CA GLY L 202 -32.85 -17.24 -5.35
C GLY L 202 -33.11 -18.58 -4.69
N GLU L 203 -34.11 -19.31 -5.17
CA GLU L 203 -34.49 -20.60 -4.61
C GLU L 203 -34.18 -21.68 -5.65
N ASP L 204 -32.94 -22.16 -5.63
CA ASP L 204 -32.53 -23.19 -6.56
C ASP L 204 -33.23 -24.51 -6.24
N ILE L 205 -33.69 -25.19 -7.28
CA ILE L 205 -34.48 -26.41 -7.13
C ILE L 205 -33.75 -27.54 -7.85
N VAL L 206 -33.57 -28.65 -7.15
CA VAL L 206 -32.96 -29.85 -7.74
C VAL L 206 -34.01 -30.94 -7.79
N ILE L 207 -34.34 -31.38 -9.00
CA ILE L 207 -35.27 -32.49 -9.21
C ILE L 207 -34.43 -33.76 -9.40
N PRO L 208 -34.52 -34.73 -8.49
CA PRO L 208 -33.68 -35.91 -8.61
C PRO L 208 -34.18 -36.85 -9.69
N GLY L 209 -33.28 -37.72 -10.14
CA GLY L 209 -33.62 -38.70 -11.15
C GLY L 209 -34.18 -39.98 -10.58
N VAL L 210 -34.86 -40.72 -11.44
CA VAL L 210 -35.49 -41.96 -11.02
C VAL L 210 -34.44 -42.93 -10.48
N ALA L 211 -33.29 -42.99 -11.13
CA ALA L 211 -32.22 -43.88 -10.68
C ALA L 211 -31.80 -43.55 -9.26
N THR L 212 -31.50 -42.28 -8.99
CA THR L 212 -31.05 -41.89 -7.66
C THR L 212 -32.13 -42.17 -6.63
N VAL L 213 -33.38 -41.82 -6.94
CA VAL L 213 -34.45 -41.97 -5.97
C VAL L 213 -34.68 -43.44 -5.64
N VAL L 214 -34.74 -44.29 -6.65
CA VAL L 214 -35.01 -45.71 -6.41
C VAL L 214 -33.85 -46.36 -5.68
N GLU L 215 -32.62 -46.05 -6.08
CA GLU L 215 -31.46 -46.63 -5.40
C GLU L 215 -31.43 -46.23 -3.94
N ARG L 216 -31.72 -44.96 -3.65
CA ARG L 216 -31.76 -44.54 -2.25
C ARG L 216 -32.94 -45.17 -1.51
N LEU L 217 -34.01 -45.51 -2.23
CA LEU L 217 -35.12 -46.21 -1.61
C LEU L 217 -34.72 -47.61 -1.16
N LEU L 218 -34.08 -48.37 -2.04
CA LEU L 218 -33.65 -49.73 -1.69
C LEU L 218 -32.34 -49.66 -0.91
N ASN L 219 -32.47 -49.29 0.36
CA ASN L 219 -31.30 -49.01 1.18
C ASN L 219 -31.61 -49.29 2.65
N ASN L 220 -30.70 -50.02 3.31
CA ASN L 220 -30.73 -50.24 4.76
C ASN L 220 -32.04 -50.85 5.23
N GLY L 221 -32.31 -52.06 4.73
CA GLY L 221 -33.47 -52.81 5.15
C GLY L 221 -33.16 -54.28 5.30
N LYS L 222 -33.45 -54.84 6.47
CA LYS L 222 -33.12 -56.24 6.78
C LYS L 222 -34.42 -57.03 6.94
N ALA L 223 -34.93 -57.51 5.82
CA ALA L 223 -36.13 -58.36 5.80
C ALA L 223 -36.32 -58.88 4.38
N LEU L 224 -37.36 -59.67 4.20
CA LEU L 224 -37.77 -60.17 2.88
C LEU L 224 -39.29 -60.13 2.84
N SER L 225 -39.88 -60.82 1.87
CA SER L 225 -41.34 -60.94 1.74
C SER L 225 -41.99 -59.57 1.60
N ASN L 226 -41.72 -58.95 0.46
CA ASN L 226 -42.19 -57.61 0.15
C ASN L 226 -43.45 -57.64 -0.71
N ARG L 227 -44.13 -56.50 -0.74
CA ARG L 227 -45.29 -56.29 -1.60
C ARG L 227 -45.32 -54.84 -2.03
N GLN L 228 -46.33 -54.49 -2.83
CA GLN L 228 -46.42 -53.19 -3.47
C GLN L 228 -47.75 -52.51 -3.12
N ALA L 229 -47.68 -51.20 -2.90
CA ALA L 229 -48.83 -50.41 -2.48
C ALA L 229 -49.01 -49.22 -3.42
N GLN L 230 -50.19 -49.09 -3.99
CA GLN L 230 -50.50 -47.95 -4.84
C GLN L 230 -50.86 -46.74 -4.00
N LEU L 261 -32.92 -60.70 0.40
CA LEU L 261 -32.73 -59.39 -0.24
C LEU L 261 -31.36 -58.80 0.09
N GLU L 262 -30.80 -58.06 -0.85
CA GLU L 262 -29.49 -57.46 -0.70
C GLU L 262 -29.48 -56.15 -1.47
N ASP L 263 -28.29 -55.63 -1.77
CA ASP L 263 -28.14 -54.34 -2.43
C ASP L 263 -28.22 -54.50 -3.94
N VAL L 264 -29.12 -53.75 -4.56
CA VAL L 264 -29.24 -53.70 -6.01
C VAL L 264 -28.27 -52.68 -6.56
N SER L 265 -27.81 -52.90 -7.78
CA SER L 265 -26.95 -51.95 -8.47
C SER L 265 -27.79 -51.28 -9.56
N LEU L 266 -28.04 -50.00 -9.40
CA LEU L 266 -28.92 -49.26 -10.30
C LEU L 266 -28.19 -48.01 -10.76
N ILE L 267 -27.84 -47.95 -12.04
CA ILE L 267 -27.10 -46.81 -12.57
C ILE L 267 -27.82 -46.26 -13.78
N ALA L 268 -27.52 -45.00 -14.09
CA ALA L 268 -28.19 -44.27 -15.15
C ALA L 268 -27.24 -44.08 -16.32
N TYR L 269 -27.73 -44.37 -17.53
CA TYR L 269 -26.97 -44.20 -18.76
C TYR L 269 -27.77 -43.26 -19.65
N PRO L 270 -27.59 -41.95 -19.50
CA PRO L 270 -28.43 -41.00 -20.22
C PRO L 270 -28.12 -40.89 -21.69
N GLU L 271 -27.01 -41.47 -22.16
CA GLU L 271 -26.68 -41.38 -23.58
C GLU L 271 -27.78 -41.98 -24.43
N THR L 272 -28.38 -43.08 -23.98
CA THR L 272 -29.60 -43.60 -24.58
C THR L 272 -30.79 -43.48 -23.63
N ASN L 273 -30.65 -42.72 -22.55
CA ASN L 273 -31.72 -42.48 -21.58
C ASN L 273 -32.27 -43.81 -21.05
N SER L 274 -31.38 -44.58 -20.44
CA SER L 274 -31.75 -45.90 -19.95
C SER L 274 -31.18 -46.09 -18.55
N ILE L 275 -31.57 -47.20 -17.95
CA ILE L 275 -31.15 -47.56 -16.60
C ILE L 275 -30.64 -48.99 -16.61
N LEU L 276 -29.46 -49.20 -16.03
CA LEU L 276 -28.88 -50.53 -15.91
C LEU L 276 -29.08 -51.02 -14.49
N VAL L 277 -29.69 -52.20 -14.36
CA VAL L 277 -30.08 -52.74 -13.07
C VAL L 277 -29.41 -54.09 -12.86
N LYS L 278 -29.15 -54.40 -11.59
CA LYS L 278 -28.55 -55.65 -11.18
C LYS L 278 -29.18 -56.06 -9.86
N GLY L 279 -29.80 -57.23 -9.83
CA GLY L 279 -30.42 -57.67 -8.59
C GLY L 279 -31.14 -58.99 -8.75
N ASN L 280 -31.85 -59.38 -7.69
CA ASN L 280 -32.60 -60.62 -7.68
C ASN L 280 -33.91 -60.45 -8.46
N ASP L 281 -34.60 -61.58 -8.67
CA ASP L 281 -35.81 -61.55 -9.46
C ASP L 281 -36.90 -60.72 -8.78
N GLN L 282 -37.07 -60.90 -7.47
CA GLN L 282 -38.06 -60.10 -6.75
C GLN L 282 -37.72 -58.62 -6.81
N GLN L 283 -36.44 -58.29 -6.65
CA GLN L 283 -36.04 -56.89 -6.68
C GLN L 283 -36.29 -56.28 -8.05
N ILE L 284 -35.94 -56.98 -9.13
CA ILE L 284 -36.19 -56.41 -10.45
C ILE L 284 -37.67 -56.32 -10.73
N GLN L 285 -38.47 -57.26 -10.21
CA GLN L 285 -39.91 -57.18 -10.41
C GLN L 285 -40.48 -55.93 -9.74
N ILE L 286 -40.08 -55.67 -8.49
CA ILE L 286 -40.60 -54.49 -7.83
C ILE L 286 -40.07 -53.23 -8.49
N ILE L 287 -38.84 -53.26 -9.03
CA ILE L 287 -38.31 -52.09 -9.71
C ILE L 287 -39.12 -51.79 -10.96
N ARG L 288 -39.43 -52.82 -11.75
CA ARG L 288 -40.24 -52.61 -12.95
C ARG L 288 -41.61 -52.05 -12.58
N ASP L 289 -42.23 -52.63 -11.56
CA ASP L 289 -43.56 -52.16 -11.16
C ASP L 289 -43.52 -50.71 -10.68
N ILE L 290 -42.54 -50.38 -9.85
CA ILE L 290 -42.49 -49.03 -9.28
C ILE L 290 -42.16 -48.01 -10.35
N ILE L 291 -41.28 -48.33 -11.29
CA ILE L 291 -40.97 -47.39 -12.35
C ILE L 291 -42.20 -47.18 -13.25
N THR L 292 -42.87 -48.27 -13.61
CA THR L 292 -44.06 -48.14 -14.44
C THR L 292 -45.12 -47.30 -13.75
N GLN L 293 -45.30 -47.50 -12.45
CA GLN L 293 -46.21 -46.64 -11.71
C GLN L 293 -45.67 -45.23 -11.53
N LEU L 294 -44.38 -45.03 -11.75
CA LEU L 294 -43.75 -43.75 -11.49
C LEU L 294 -43.83 -42.78 -12.65
N ASP L 295 -43.48 -43.21 -13.87
CA ASP L 295 -43.46 -42.29 -15.01
C ASP L 295 -44.61 -42.61 -15.95
N VAL L 296 -45.53 -41.65 -16.14
CA VAL L 296 -46.63 -41.91 -17.06
C VAL L 296 -46.77 -40.86 -18.16
N ALA L 297 -47.14 -39.62 -17.80
CA ALA L 297 -47.56 -38.76 -18.90
C ALA L 297 -46.97 -37.36 -18.89
N LYS L 298 -46.89 -36.71 -17.72
CA LYS L 298 -46.39 -35.33 -17.61
C LYS L 298 -47.22 -34.38 -18.46
N ARG L 299 -48.44 -34.14 -17.99
CA ARG L 299 -49.37 -33.28 -18.71
C ARG L 299 -48.85 -31.84 -18.78
N HIS L 300 -49.42 -31.08 -19.71
CA HIS L 300 -48.97 -29.73 -20.05
C HIS L 300 -49.95 -28.69 -19.52
N ILE L 301 -49.42 -27.68 -18.85
CA ILE L 301 -50.20 -26.55 -18.35
C ILE L 301 -49.70 -25.29 -19.05
N GLU L 302 -50.63 -24.50 -19.58
CA GLU L 302 -50.31 -23.22 -20.17
C GLU L 302 -50.98 -22.12 -19.38
N LEU L 303 -50.20 -21.15 -18.95
CA LEU L 303 -50.67 -20.08 -18.07
C LEU L 303 -50.67 -18.77 -18.83
N SER L 304 -51.80 -18.05 -18.77
CA SER L 304 -51.92 -16.71 -19.35
C SER L 304 -52.11 -15.73 -18.22
N LEU L 305 -51.22 -14.74 -18.14
CA LEU L 305 -51.21 -13.79 -17.05
C LEU L 305 -51.66 -12.43 -17.57
N TRP L 306 -52.87 -12.03 -17.24
CA TRP L 306 -53.41 -10.76 -17.70
C TRP L 306 -53.01 -9.65 -16.75
N ILE L 307 -52.43 -8.58 -17.28
CA ILE L 307 -52.09 -7.39 -16.51
C ILE L 307 -52.85 -6.24 -17.13
N ILE L 308 -53.69 -5.58 -16.34
CA ILE L 308 -54.58 -4.55 -16.85
C ILE L 308 -54.33 -3.26 -16.08
N ASP L 309 -54.21 -2.15 -16.81
CA ASP L 309 -54.08 -0.83 -16.21
C ASP L 309 -55.10 0.08 -16.86
N ILE L 310 -55.79 0.86 -16.03
CA ILE L 310 -56.72 1.88 -16.47
C ILE L 310 -56.46 3.14 -15.69
N ASP L 311 -56.26 4.26 -16.38
CA ASP L 311 -55.96 5.52 -15.74
C ASP L 311 -56.82 6.62 -16.32
N LYS L 312 -57.37 7.45 -15.44
CA LYS L 312 -58.05 8.67 -15.84
C LYS L 312 -57.53 9.81 -14.99
N SER L 313 -57.38 10.99 -15.59
CA SER L 313 -56.87 12.13 -14.86
C SER L 313 -57.45 13.40 -15.44
N GLU L 314 -57.64 14.39 -14.58
CA GLU L 314 -58.14 15.69 -15.01
C GLU L 314 -57.52 16.76 -14.13
N LEU L 315 -56.81 17.69 -14.75
CA LEU L 315 -56.14 18.76 -14.04
C LEU L 315 -56.56 20.08 -14.65
N ASN L 316 -57.08 20.98 -13.84
CA ASN L 316 -57.51 22.25 -14.40
C ASN L 316 -57.24 23.39 -13.43
N ASN L 317 -56.81 24.52 -13.97
CA ASN L 317 -56.50 25.68 -13.14
C ASN L 317 -56.86 26.95 -13.86
N LEU L 318 -57.47 27.88 -13.14
CA LEU L 318 -57.79 29.18 -13.71
C LEU L 318 -57.77 30.23 -12.62
N GLY L 319 -57.33 31.42 -12.98
CA GLY L 319 -57.28 32.52 -12.05
C GLY L 319 -56.17 33.49 -12.41
N VAL L 320 -55.90 34.40 -11.49
CA VAL L 320 -54.94 35.48 -11.70
C VAL L 320 -54.07 35.63 -10.47
N ASN L 321 -52.78 35.86 -10.69
CA ASN L 321 -51.85 36.24 -9.64
C ASN L 321 -51.37 37.67 -9.88
N TRP L 322 -51.27 38.45 -8.80
CA TRP L 322 -50.95 39.86 -8.91
C TRP L 322 -49.69 40.20 -8.13
N GLN L 323 -48.92 41.15 -8.66
CA GLN L 323 -47.82 41.76 -7.93
C GLN L 323 -47.80 43.24 -8.23
N GLY L 324 -47.34 44.05 -7.28
CA GLY L 324 -47.44 45.48 -7.45
C GLY L 324 -46.31 46.27 -6.83
N THR L 325 -46.13 47.48 -7.35
CA THR L 325 -45.18 48.45 -6.81
C THR L 325 -45.77 49.83 -6.97
N ALA L 326 -45.41 50.74 -6.07
CA ALA L 326 -45.93 52.10 -6.13
C ALA L 326 -44.96 53.04 -5.46
N SER L 327 -45.00 54.30 -5.89
CA SER L 327 -44.13 55.33 -5.35
C SER L 327 -44.90 56.62 -5.20
N PHE L 328 -44.47 57.45 -4.25
CA PHE L 328 -45.08 58.75 -4.00
C PHE L 328 -43.98 59.73 -3.63
N GLY L 329 -43.85 60.78 -4.46
CA GLY L 329 -42.72 61.67 -4.37
C GLY L 329 -41.44 60.88 -4.55
N ASP L 330 -40.38 61.35 -3.91
CA ASP L 330 -39.15 60.59 -3.75
C ASP L 330 -39.02 60.10 -2.31
N SER L 331 -40.14 59.98 -1.62
CA SER L 331 -40.16 59.70 -0.20
C SER L 331 -40.81 58.39 0.18
N PHE L 332 -41.98 58.07 -0.39
CA PHE L 332 -42.76 56.92 0.05
C PHE L 332 -42.69 55.83 -1.00
N GLY L 333 -42.13 54.68 -0.63
CA GLY L 333 -42.12 53.52 -1.51
C GLY L 333 -43.03 52.43 -0.96
N ALA L 334 -43.68 51.69 -1.85
CA ALA L 334 -44.58 50.64 -1.42
C ALA L 334 -44.46 49.45 -2.35
N SER L 335 -44.38 48.25 -1.77
CA SER L 335 -44.28 47.01 -2.55
C SER L 335 -45.41 46.09 -2.12
N PHE L 336 -46.27 45.72 -3.07
CA PHE L 336 -47.45 44.92 -2.79
C PHE L 336 -47.22 43.48 -3.22
N ASN L 337 -47.22 42.56 -2.25
CA ASN L 337 -47.07 41.13 -2.50
C ASN L 337 -45.74 40.82 -3.20
N MET L 338 -44.65 41.27 -2.59
CA MET L 338 -43.32 41.01 -3.10
C MET L 338 -42.43 40.49 -1.99
N SER L 339 -41.52 39.60 -2.34
CA SER L 339 -40.60 39.04 -1.35
C SER L 339 -39.65 40.12 -0.84
N SER L 340 -39.00 40.85 -1.75
CA SER L 340 -38.10 41.93 -1.37
C SER L 340 -37.91 42.84 -2.58
N SER L 341 -37.41 44.04 -2.30
CA SER L 341 -37.18 45.03 -3.34
C SER L 341 -35.97 44.69 -4.20
N ASN L 350 -42.67 49.44 -12.71
CA ASN L 350 -43.01 50.46 -11.73
C ASN L 350 -44.42 50.26 -11.19
N LYS L 351 -45.23 49.50 -11.92
CA LYS L 351 -46.63 49.33 -11.56
C LYS L 351 -47.01 47.86 -11.78
N PHE L 352 -48.32 47.59 -11.78
CA PHE L 352 -48.83 46.28 -11.46
C PHE L 352 -48.70 45.28 -12.60
N ILE L 353 -48.44 44.03 -12.23
CA ILE L 353 -48.34 42.93 -13.18
C ILE L 353 -49.27 41.81 -12.73
N ALA L 354 -49.89 41.15 -13.71
CA ALA L 354 -50.84 40.08 -13.44
C ALA L 354 -50.56 38.91 -14.38
N SER L 355 -50.44 37.72 -13.80
CA SER L 355 -50.32 36.50 -14.58
C SER L 355 -51.68 35.80 -14.57
N VAL L 356 -52.27 35.66 -15.74
CA VAL L 356 -53.56 35.00 -15.90
C VAL L 356 -53.31 33.60 -16.43
N MET L 357 -53.86 32.62 -15.72
CA MET L 357 -53.78 31.22 -16.10
C MET L 357 -55.18 30.70 -16.34
N ALA L 358 -55.35 29.92 -17.40
CA ALA L 358 -56.62 29.29 -17.69
C ALA L 358 -56.33 28.08 -18.56
N LEU L 359 -56.55 26.89 -18.00
CA LEU L 359 -56.20 25.67 -18.73
C LEU L 359 -56.90 24.49 -18.09
N ASN L 360 -57.19 23.49 -18.92
CA ASN L 360 -57.84 22.27 -18.46
C ASN L 360 -57.40 21.12 -19.34
N GLN L 361 -56.79 20.09 -18.74
CA GLN L 361 -56.32 18.95 -19.50
C GLN L 361 -56.83 17.66 -18.89
N LYS L 362 -57.41 16.82 -19.74
CA LYS L 362 -57.86 15.49 -19.38
C LYS L 362 -56.96 14.46 -20.04
N LYS L 363 -56.83 13.31 -19.41
CA LYS L 363 -55.95 12.27 -19.92
C LYS L 363 -56.54 10.91 -19.57
N LYS L 364 -56.42 9.96 -20.49
CA LYS L 364 -56.95 8.63 -20.26
C LYS L 364 -56.03 7.60 -20.91
N ALA L 365 -55.85 6.46 -20.26
CA ALA L 365 -54.97 5.44 -20.79
C ALA L 365 -55.44 4.05 -20.39
N ASN L 366 -55.39 3.12 -21.32
CA ASN L 366 -55.69 1.71 -21.06
C ASN L 366 -54.54 0.87 -21.59
N VAL L 367 -54.00 0.00 -20.75
CA VAL L 367 -52.90 -0.87 -21.14
C VAL L 367 -53.27 -2.29 -20.76
N VAL L 368 -53.13 -3.22 -21.70
CA VAL L 368 -53.41 -4.63 -21.46
C VAL L 368 -52.22 -5.43 -21.93
N SER L 369 -51.54 -6.08 -21.01
CA SER L 369 -50.41 -6.93 -21.34
C SER L 369 -50.76 -8.37 -20.98
N ARG L 370 -50.23 -9.31 -21.75
CA ARG L 370 -50.52 -10.72 -21.53
C ARG L 370 -49.31 -11.55 -21.89
N PRO L 371 -48.52 -11.96 -20.91
CA PRO L 371 -47.59 -13.06 -21.13
C PRO L 371 -48.31 -14.39 -21.09
N VAL L 372 -47.77 -15.34 -21.84
CA VAL L 372 -48.35 -16.67 -21.96
C VAL L 372 -47.21 -17.66 -22.04
N ILE L 373 -47.17 -18.63 -21.13
CA ILE L 373 -46.07 -19.58 -21.10
C ILE L 373 -46.61 -20.99 -20.89
N LEU L 374 -46.02 -21.96 -21.58
CA LEU L 374 -46.42 -23.35 -21.47
C LEU L 374 -45.32 -24.16 -20.82
N THR L 375 -45.70 -25.15 -20.02
CA THR L 375 -44.72 -26.01 -19.37
C THR L 375 -45.39 -27.34 -19.01
N GLN L 376 -44.61 -28.22 -18.40
CA GLN L 376 -45.12 -29.48 -17.89
C GLN L 376 -45.37 -29.37 -16.40
N GLU L 377 -46.35 -30.11 -15.92
CA GLU L 377 -46.72 -30.00 -14.51
C GLU L 377 -45.55 -30.35 -13.61
N ASN L 378 -45.42 -29.60 -12.52
CA ASN L 378 -44.44 -29.77 -11.46
C ASN L 378 -43.03 -29.39 -11.86
N ILE L 379 -42.83 -28.79 -13.02
CA ILE L 379 -41.50 -28.41 -13.48
C ILE L 379 -41.47 -26.90 -13.66
N PRO L 380 -40.54 -26.19 -13.02
CA PRO L 380 -40.55 -24.73 -13.06
C PRO L 380 -40.35 -24.20 -14.47
N ALA L 381 -40.98 -23.07 -14.74
CA ALA L 381 -40.88 -22.41 -16.03
C ALA L 381 -40.52 -20.95 -15.81
N ILE L 382 -39.70 -20.41 -16.72
CA ILE L 382 -39.21 -19.05 -16.61
C ILE L 382 -39.52 -18.31 -17.90
N PHE L 383 -40.04 -17.09 -17.78
CA PHE L 383 -40.32 -16.26 -18.95
C PHE L 383 -40.03 -14.82 -18.58
N ASP L 384 -39.06 -14.20 -19.23
CA ASP L 384 -38.84 -12.78 -19.02
C ASP L 384 -38.69 -12.10 -20.37
N ASN L 385 -39.06 -10.82 -20.39
CA ASN L 385 -39.13 -10.09 -21.65
C ASN L 385 -39.04 -8.61 -21.34
N ASN L 386 -38.50 -7.85 -22.27
CA ASN L 386 -38.57 -6.40 -22.14
C ASN L 386 -38.43 -5.75 -23.49
N ARG L 387 -39.33 -4.82 -23.78
CA ARG L 387 -39.33 -4.04 -25.01
C ARG L 387 -39.11 -2.58 -24.67
N THR L 388 -38.84 -1.79 -25.70
CA THR L 388 -38.73 -0.35 -25.56
C THR L 388 -39.75 0.29 -26.48
N PHE L 389 -40.58 1.16 -25.92
CA PHE L 389 -41.61 1.86 -26.68
C PHE L 389 -41.13 3.26 -26.99
N TYR L 390 -41.14 3.61 -28.27
CA TYR L 390 -40.70 4.90 -28.75
C TYR L 390 -41.89 5.73 -29.19
N VAL L 391 -41.79 7.05 -29.00
CA VAL L 391 -42.68 8.00 -29.62
C VAL L 391 -41.84 9.11 -30.22
N SER L 392 -42.10 9.43 -31.49
CA SER L 392 -41.36 10.45 -32.19
C SER L 392 -41.99 11.81 -31.90
N LEU L 393 -41.14 12.77 -31.53
CA LEU L 393 -41.62 14.12 -31.30
C LEU L 393 -42.17 14.72 -32.59
N VAL L 394 -42.85 15.85 -32.45
CA VAL L 394 -43.41 16.52 -33.61
C VAL L 394 -42.31 17.09 -34.49
N GLY L 395 -41.28 17.66 -33.89
CA GLY L 395 -40.19 18.24 -34.65
C GLY L 395 -38.94 18.49 -33.82
N LEU L 401 -38.04 12.22 -29.52
CA LEU L 401 -37.96 10.76 -29.49
C LEU L 401 -37.83 10.28 -28.06
N GLU L 402 -38.96 10.00 -27.41
CA GLU L 402 -38.96 9.58 -26.02
C GLU L 402 -39.34 8.11 -25.92
N HIS L 403 -38.65 7.39 -25.04
CA HIS L 403 -38.78 5.95 -24.96
C HIS L 403 -38.99 5.51 -23.52
N VAL L 404 -39.74 4.44 -23.37
CA VAL L 404 -40.01 3.82 -22.07
C VAL L 404 -39.75 2.33 -22.19
N THR L 405 -38.99 1.77 -21.25
CA THR L 405 -38.60 0.37 -21.27
C THR L 405 -39.56 -0.43 -20.41
N TYR L 406 -40.40 -1.24 -21.04
CA TYR L 406 -41.40 -2.05 -20.35
C TYR L 406 -40.89 -3.47 -20.26
N GLY L 407 -40.75 -3.98 -19.04
CA GLY L 407 -40.23 -5.31 -18.84
C GLY L 407 -41.07 -6.09 -17.85
N THR L 408 -41.18 -7.38 -18.11
CA THR L 408 -41.87 -8.33 -17.24
C THR L 408 -41.00 -9.55 -17.03
N LEU L 409 -41.22 -10.22 -15.91
CA LEU L 409 -40.47 -11.41 -15.54
C LEU L 409 -41.36 -12.27 -14.65
N ILE L 410 -41.72 -13.44 -15.14
CA ILE L 410 -42.61 -14.34 -14.41
C ILE L 410 -41.95 -15.70 -14.33
N ASN L 411 -41.81 -16.22 -13.12
CA ASN L 411 -41.37 -17.60 -12.96
C ASN L 411 -42.38 -18.34 -12.11
N VAL L 412 -42.76 -19.53 -12.57
CA VAL L 412 -43.96 -20.19 -12.09
C VAL L 412 -43.68 -21.68 -11.92
N ILE L 413 -44.30 -22.27 -10.91
CA ILE L 413 -44.32 -23.71 -10.73
C ILE L 413 -45.79 -24.16 -10.71
N PRO L 414 -46.26 -24.77 -11.79
CA PRO L 414 -47.65 -25.23 -11.83
C PRO L 414 -47.78 -26.70 -11.47
N ARG L 415 -48.99 -27.12 -11.11
CA ARG L 415 -49.30 -28.52 -10.88
C ARG L 415 -50.80 -28.66 -10.77
N PHE L 416 -51.26 -29.91 -10.70
CA PHE L 416 -52.69 -30.19 -10.66
C PHE L 416 -53.15 -30.49 -9.24
N SER L 417 -54.47 -30.53 -9.07
CA SER L 417 -55.09 -30.81 -7.79
C SER L 417 -56.51 -31.29 -8.04
N SER L 418 -57.13 -31.77 -6.95
CA SER L 418 -58.43 -32.43 -6.99
C SER L 418 -59.41 -31.71 -7.89
N ARG L 419 -60.20 -32.50 -8.62
CA ARG L 419 -61.19 -31.99 -9.57
C ARG L 419 -60.54 -31.23 -10.71
N GLY L 420 -59.29 -31.56 -11.02
CA GLY L 420 -58.62 -30.92 -12.13
C GLY L 420 -58.32 -29.45 -11.94
N GLN L 421 -58.24 -28.98 -10.70
CA GLN L 421 -57.86 -27.59 -10.48
C GLN L 421 -56.36 -27.43 -10.71
N ILE L 422 -55.95 -26.22 -11.05
CA ILE L 422 -54.55 -25.93 -11.33
C ILE L 422 -54.01 -25.03 -10.24
N GLU L 423 -53.02 -25.52 -9.51
CA GLU L 423 -52.36 -24.74 -8.47
C GLU L 423 -51.03 -24.25 -8.99
N MET L 424 -50.64 -23.04 -8.59
CA MET L 424 -49.43 -22.42 -9.12
C MET L 424 -48.75 -21.60 -8.03
N SER L 425 -47.43 -21.73 -7.95
CA SER L 425 -46.60 -20.83 -7.18
C SER L 425 -46.03 -19.80 -8.15
N LEU L 426 -46.27 -18.52 -7.86
CA LEU L 426 -46.00 -17.44 -8.80
C LEU L 426 -45.05 -16.43 -8.20
N THR L 427 -44.05 -16.04 -8.97
CA THR L 427 -43.30 -14.81 -8.72
C THR L 427 -43.40 -13.96 -9.97
N ILE L 428 -43.96 -12.75 -9.83
CA ILE L 428 -44.21 -11.87 -10.95
C ILE L 428 -43.59 -10.52 -10.65
N GLU L 429 -42.84 -10.00 -11.60
CA GLU L 429 -42.42 -8.61 -11.59
C GLU L 429 -42.79 -8.01 -12.93
N ASP L 430 -43.21 -6.76 -12.94
CA ASP L 430 -43.53 -6.14 -14.21
C ASP L 430 -43.51 -4.63 -14.05
N GLY L 431 -43.40 -3.96 -15.18
CA GLY L 431 -43.58 -2.53 -15.20
C GLY L 431 -42.52 -1.86 -16.02
N THR L 432 -42.47 -0.54 -15.91
CA THR L 432 -41.63 0.28 -16.75
C THR L 432 -40.48 0.86 -15.94
N GLY L 433 -39.65 1.65 -16.62
CA GLY L 433 -38.59 2.41 -16.00
C GLY L 433 -38.81 3.89 -16.23
N ASN L 434 -38.70 4.68 -15.17
CA ASN L 434 -39.02 6.10 -15.23
C ASN L 434 -38.22 6.80 -16.33
N SER L 435 -38.93 7.38 -17.29
CA SER L 435 -38.31 8.21 -18.32
C SER L 435 -39.22 9.40 -18.58
N GLN L 436 -38.93 10.52 -17.90
CA GLN L 436 -39.69 11.75 -18.06
C GLN L 436 -39.56 12.31 -19.48
N ASN L 443 -42.92 17.30 -23.41
CA ASN L 443 -44.06 17.71 -24.23
C ASN L 443 -45.02 16.54 -24.46
N GLU L 444 -45.80 16.21 -23.44
CA GLU L 444 -46.83 15.18 -23.47
C GLU L 444 -46.27 13.79 -23.77
N ASN L 445 -44.95 13.63 -23.72
CA ASN L 445 -44.34 12.32 -23.97
C ASN L 445 -44.82 11.30 -22.95
N THR L 446 -44.73 11.64 -21.67
CA THR L 446 -45.27 10.77 -20.64
C THR L 446 -46.79 10.65 -20.76
N SER L 447 -47.43 11.69 -21.29
CA SER L 447 -48.88 11.64 -21.49
C SER L 447 -49.26 10.59 -22.52
N VAL L 448 -48.38 10.32 -23.48
CA VAL L 448 -48.68 9.35 -24.52
C VAL L 448 -48.18 7.96 -24.15
N LEU L 449 -46.97 7.85 -23.61
CA LEU L 449 -46.38 6.56 -23.30
C LEU L 449 -47.09 5.93 -22.10
N PRO L 450 -46.96 4.59 -21.95
CA PRO L 450 -47.69 3.91 -20.87
C PRO L 450 -47.38 4.43 -19.47
N GLU L 451 -46.12 4.29 -19.03
CA GLU L 451 -45.69 4.75 -17.71
C GLU L 451 -46.60 4.20 -16.60
N VAL L 452 -46.56 2.88 -16.44
CA VAL L 452 -47.45 2.19 -15.51
C VAL L 452 -46.79 1.85 -14.19
N GLY L 453 -45.65 2.42 -13.88
CA GLY L 453 -45.00 2.15 -12.62
C GLY L 453 -44.38 0.76 -12.62
N ARG L 454 -44.08 0.26 -11.41
CA ARG L 454 -43.50 -1.06 -11.26
C ARG L 454 -44.23 -1.80 -10.15
N THR L 455 -44.40 -3.11 -10.33
CA THR L 455 -45.14 -3.91 -9.36
C THR L 455 -44.58 -5.32 -9.33
N LYS L 456 -44.32 -5.82 -8.12
CA LYS L 456 -43.89 -7.19 -7.91
C LYS L 456 -44.83 -7.85 -6.92
N ILE L 457 -45.28 -9.06 -7.25
CA ILE L 457 -46.15 -9.82 -6.39
C ILE L 457 -45.67 -11.26 -6.35
N SER L 458 -45.55 -11.81 -5.14
CA SER L 458 -45.10 -13.19 -4.95
C SER L 458 -46.11 -13.89 -4.07
N THR L 459 -46.67 -14.99 -4.58
CA THR L 459 -47.79 -15.64 -3.89
C THR L 459 -47.97 -17.04 -4.48
N ILE L 460 -49.08 -17.68 -4.09
CA ILE L 460 -49.41 -19.02 -4.56
C ILE L 460 -50.93 -19.19 -4.50
N ALA L 461 -51.52 -19.69 -5.58
CA ALA L 461 -52.97 -19.77 -5.64
C ALA L 461 -53.39 -20.89 -6.59
N ARG L 462 -54.62 -21.36 -6.41
CA ARG L 462 -55.15 -22.41 -7.27
C ARG L 462 -56.47 -21.96 -7.87
N VAL L 463 -56.70 -22.39 -9.11
CA VAL L 463 -57.80 -21.92 -9.94
C VAL L 463 -58.57 -23.12 -10.46
N PRO L 464 -59.91 -23.11 -10.38
CA PRO L 464 -60.67 -24.12 -11.11
C PRO L 464 -60.47 -23.93 -12.59
N GLN L 465 -60.51 -25.03 -13.33
CA GLN L 465 -60.30 -24.95 -14.77
C GLN L 465 -61.53 -24.38 -15.44
N GLY L 466 -61.34 -23.36 -16.27
CA GLY L 466 -62.43 -22.65 -16.89
C GLY L 466 -62.71 -21.28 -16.32
N LYS L 467 -62.06 -20.92 -15.21
CA LYS L 467 -62.25 -19.63 -14.58
C LYS L 467 -60.89 -18.97 -14.38
N SER L 468 -60.91 -17.70 -14.04
CA SER L 468 -59.69 -16.92 -13.84
C SER L 468 -59.77 -16.19 -12.52
N LEU L 469 -58.60 -15.92 -11.94
CA LEU L 469 -58.52 -15.40 -10.60
C LEU L 469 -57.76 -14.09 -10.57
N LEU L 470 -58.15 -13.21 -9.66
CA LEU L 470 -57.51 -11.89 -9.51
C LEU L 470 -56.54 -11.98 -8.34
N ILE L 471 -55.31 -12.43 -8.63
CA ILE L 471 -54.36 -12.65 -7.54
C ILE L 471 -53.93 -11.33 -6.92
N GLY L 472 -53.71 -10.31 -7.73
CA GLY L 472 -53.15 -9.08 -7.21
C GLY L 472 -53.84 -7.87 -7.78
N GLY L 473 -53.77 -6.77 -7.05
CA GLY L 473 -54.37 -5.56 -7.58
C GLY L 473 -54.08 -4.37 -6.70
N TYR L 474 -54.40 -3.21 -7.24
CA TYR L 474 -54.05 -1.96 -6.58
C TYR L 474 -54.82 -0.84 -7.22
N THR L 475 -55.63 -0.13 -6.44
CA THR L 475 -56.35 1.02 -6.93
C THR L 475 -55.95 2.26 -6.14
N HIS L 476 -56.13 3.42 -6.77
CA HIS L 476 -55.64 4.66 -6.20
C HIS L 476 -56.53 5.80 -6.68
N GLU L 477 -56.91 6.67 -5.75
CA GLU L 477 -57.75 7.81 -6.09
C GLU L 477 -57.22 9.04 -5.40
N THR L 478 -57.07 10.13 -6.15
CA THR L 478 -56.53 11.37 -5.64
C THR L 478 -57.45 12.51 -5.99
N ASN L 479 -57.70 13.39 -5.03
CA ASN L 479 -58.48 14.60 -5.25
C ASN L 479 -57.81 15.73 -4.52
N SER L 480 -57.65 16.88 -5.19
CA SER L 480 -56.94 17.98 -4.57
C SER L 480 -57.49 19.30 -5.07
N ASN L 481 -57.68 20.25 -4.15
CA ASN L 481 -58.13 21.59 -4.47
C ASN L 481 -57.23 22.59 -3.78
N GLU L 482 -57.00 23.72 -4.45
CA GLU L 482 -56.22 24.80 -3.88
C GLU L 482 -56.79 26.12 -4.33
N ILE L 483 -56.97 27.05 -3.39
CA ILE L 483 -57.54 28.35 -3.68
C ILE L 483 -56.65 29.43 -3.10
N ILE L 484 -56.27 30.40 -3.91
CA ILE L 484 -55.47 31.53 -3.48
C ILE L 484 -56.25 32.80 -3.76
N SER L 485 -56.32 33.70 -2.79
CA SER L 485 -57.12 34.90 -3.01
C SER L 485 -56.60 36.05 -2.18
N ILE L 486 -56.73 37.24 -2.72
CA ILE L 486 -56.51 38.47 -1.96
C ILE L 486 -57.61 38.58 -0.91
N PRO L 487 -57.29 38.94 0.34
CA PRO L 487 -58.26 38.82 1.43
C PRO L 487 -59.57 39.57 1.22
N PHE L 488 -59.52 40.88 1.04
CA PHE L 488 -60.74 41.67 1.10
C PHE L 488 -61.42 41.84 -0.25
N LEU L 489 -60.71 42.45 -1.21
CA LEU L 489 -61.37 42.85 -2.46
C LEU L 489 -61.87 41.64 -3.24
N SER L 490 -61.17 40.51 -3.17
CA SER L 490 -61.62 39.33 -3.89
C SER L 490 -62.98 38.85 -3.43
N SER L 491 -63.53 39.41 -2.35
CA SER L 491 -64.85 39.03 -1.86
C SER L 491 -65.96 39.90 -2.42
N ILE L 492 -65.64 40.96 -3.16
CA ILE L 492 -66.68 41.82 -3.72
C ILE L 492 -67.43 41.04 -4.78
N PRO L 493 -68.70 41.36 -5.04
CA PRO L 493 -69.57 40.41 -5.78
C PRO L 493 -69.14 40.11 -7.20
N VAL L 494 -68.97 41.13 -8.03
CA VAL L 494 -68.87 40.91 -9.47
C VAL L 494 -67.43 40.69 -9.90
N ILE L 495 -66.58 41.71 -9.72
CA ILE L 495 -65.22 41.62 -10.24
C ILE L 495 -64.26 40.92 -9.28
N GLY L 496 -64.71 40.63 -8.06
CA GLY L 496 -63.84 39.94 -7.12
C GLY L 496 -63.34 38.62 -7.64
N ASN L 497 -64.16 37.93 -8.44
CA ASN L 497 -63.78 36.64 -8.99
C ASN L 497 -62.60 36.74 -9.94
N VAL L 498 -62.09 37.95 -10.22
CA VAL L 498 -60.90 38.09 -11.04
C VAL L 498 -59.62 38.01 -10.23
N PHE L 499 -59.72 38.03 -8.90
CA PHE L 499 -58.53 38.00 -8.04
C PHE L 499 -58.21 36.62 -7.51
N LYS L 500 -59.15 35.68 -7.58
CA LYS L 500 -58.91 34.35 -7.07
C LYS L 500 -57.96 33.59 -7.98
N TYR L 501 -57.63 32.38 -7.57
CA TYR L 501 -56.84 31.46 -8.37
C TYR L 501 -57.15 30.06 -7.87
N LYS L 502 -57.82 29.26 -8.68
CA LYS L 502 -58.32 27.96 -8.28
C LYS L 502 -57.64 26.88 -9.10
N THR L 503 -57.06 25.90 -8.41
CA THR L 503 -56.39 24.77 -9.04
C THR L 503 -57.03 23.49 -8.53
N SER L 504 -57.22 22.53 -9.42
CA SER L 504 -57.89 21.29 -9.05
C SER L 504 -57.27 20.12 -9.79
N ASN L 505 -57.19 18.99 -9.11
CA ASN L 505 -56.67 17.75 -9.67
C ASN L 505 -57.55 16.60 -9.23
N ILE L 506 -57.83 15.70 -10.17
CA ILE L 506 -58.57 14.47 -9.88
C ILE L 506 -57.91 13.34 -10.65
N SER L 507 -57.78 12.17 -10.04
CA SER L 507 -57.16 11.07 -10.75
C SER L 507 -57.60 9.74 -10.19
N ASN L 508 -57.86 8.78 -11.08
CA ASN L 508 -58.15 7.40 -10.71
C ASN L 508 -57.20 6.47 -11.44
N ILE L 509 -56.69 5.48 -10.72
CA ILE L 509 -55.77 4.50 -11.27
C ILE L 509 -56.20 3.12 -10.79
N VAL L 510 -56.24 2.16 -11.70
CA VAL L 510 -56.56 0.78 -11.38
C VAL L 510 -55.55 -0.12 -12.06
N ARG L 511 -54.98 -1.05 -11.31
CA ARG L 511 -54.08 -2.04 -11.89
C ARG L 511 -54.42 -3.41 -11.32
N VAL L 512 -54.46 -4.40 -12.21
CA VAL L 512 -54.97 -5.72 -11.85
C VAL L 512 -54.08 -6.79 -12.45
N PHE L 513 -53.74 -7.80 -11.65
CA PHE L 513 -53.03 -9.00 -12.10
C PHE L 513 -53.96 -10.18 -11.92
N LEU L 514 -54.47 -10.71 -13.03
CA LEU L 514 -55.26 -11.93 -13.06
C LEU L 514 -54.46 -13.04 -13.71
N ILE L 515 -54.85 -14.28 -13.41
CA ILE L 515 -54.28 -15.45 -14.05
C ILE L 515 -55.41 -16.31 -14.58
N GLN L 516 -55.18 -16.93 -15.73
CA GLN L 516 -56.03 -18.03 -16.14
C GLN L 516 -55.16 -19.14 -16.72
N PRO L 517 -55.16 -20.30 -16.11
CA PRO L 517 -54.41 -21.42 -16.66
C PRO L 517 -55.32 -22.35 -17.46
N ARG L 518 -54.72 -23.25 -18.23
CA ARG L 518 -55.50 -24.25 -18.92
C ARG L 518 -54.61 -25.43 -19.28
N GLU L 519 -55.19 -26.62 -19.23
CA GLU L 519 -54.47 -27.81 -19.63
C GLU L 519 -54.44 -27.91 -21.15
N ILE L 520 -53.32 -28.36 -21.69
CA ILE L 520 -53.13 -28.46 -23.13
C ILE L 520 -53.63 -29.81 -23.61
N LYS L 521 -54.59 -29.79 -24.52
CA LYS L 521 -55.16 -31.00 -25.09
C LYS L 521 -54.74 -31.13 -26.55
N GLU L 522 -55.18 -32.21 -27.18
CA GLU L 522 -54.80 -32.47 -28.56
C GLU L 522 -55.31 -31.41 -29.52
N SER L 523 -56.32 -30.65 -29.13
CA SER L 523 -56.84 -29.59 -29.97
C SER L 523 -56.06 -28.29 -29.81
N SER L 524 -55.09 -28.24 -28.91
CA SER L 524 -54.33 -27.02 -28.68
C SER L 524 -53.07 -26.94 -29.54
N TYR L 525 -52.74 -27.99 -30.28
CA TYR L 525 -51.62 -27.93 -31.19
C TYR L 525 -52.04 -27.33 -32.53
N TYR L 526 -51.06 -26.94 -33.33
CA TYR L 526 -51.30 -26.42 -34.66
C TYR L 526 -50.97 -27.48 -35.69
N ASN L 527 -51.89 -27.73 -36.61
CA ASN L 527 -51.64 -28.68 -37.69
C ASN L 527 -50.69 -28.06 -38.69
N THR L 528 -49.54 -28.69 -38.90
CA THR L 528 -48.56 -28.22 -39.85
C THR L 528 -48.41 -29.18 -41.03
N ALA L 529 -48.11 -30.44 -40.76
CA ALA L 529 -48.07 -31.52 -41.74
C ALA L 529 -47.09 -31.26 -42.88
N GLU L 530 -46.28 -30.22 -42.79
CA GLU L 530 -45.30 -29.91 -43.82
C GLU L 530 -44.02 -29.45 -43.15
N TYR L 531 -43.01 -29.16 -43.95
CA TYR L 531 -41.73 -28.73 -43.40
C TYR L 531 -41.00 -27.93 -44.48
N LYS L 532 -41.05 -26.60 -44.36
CA LYS L 532 -40.33 -25.75 -45.28
C LYS L 532 -38.84 -25.96 -45.11
N SER L 533 -38.20 -26.58 -46.09
CA SER L 533 -36.75 -26.67 -46.07
C SER L 533 -36.15 -25.28 -46.21
N LEU L 534 -35.04 -25.06 -45.52
CA LEU L 534 -34.38 -23.76 -45.58
C LEU L 534 -33.94 -23.45 -47.00
N ILE L 535 -33.33 -24.41 -47.67
CA ILE L 535 -32.72 -24.20 -48.97
C ILE L 535 -33.20 -25.28 -49.91
N SER L 536 -33.21 -24.96 -51.20
CA SER L 536 -33.78 -25.87 -52.19
C SER L 536 -32.77 -26.90 -52.65
N GLU L 537 -33.28 -28.07 -53.00
CA GLU L 537 -32.43 -29.14 -53.53
C GLU L 537 -31.74 -28.70 -54.81
N ARG L 538 -32.47 -28.01 -55.69
CA ARG L 538 -31.86 -27.52 -56.92
C ARG L 538 -30.75 -26.52 -56.61
N GLU L 539 -30.99 -25.64 -55.64
CA GLU L 539 -29.95 -24.69 -55.25
C GLU L 539 -28.71 -25.39 -54.75
N ILE L 540 -28.89 -26.41 -53.90
CA ILE L 540 -27.74 -27.12 -53.37
C ILE L 540 -26.99 -27.83 -54.48
N GLN L 541 -27.71 -28.49 -55.39
CA GLN L 541 -27.04 -29.16 -56.49
C GLN L 541 -26.28 -28.16 -57.34
N LYS L 542 -26.87 -27.00 -57.59
CA LYS L 542 -26.19 -25.97 -58.38
C LYS L 542 -24.93 -25.49 -57.69
N THR L 543 -24.96 -25.36 -56.37
CA THR L 543 -23.83 -24.77 -55.67
C THR L 543 -22.74 -25.76 -55.29
N THR L 544 -23.02 -27.06 -55.26
CA THR L 544 -21.99 -28.01 -54.89
C THR L 544 -21.87 -29.19 -55.86
N GLN L 545 -22.43 -29.07 -57.06
CA GLN L 545 -22.21 -30.07 -58.08
C GLN L 545 -20.93 -29.75 -58.82
N ILE L 546 -20.31 -30.79 -59.38
CA ILE L 546 -19.16 -30.56 -60.23
C ILE L 546 -19.59 -29.73 -61.44
N ILE L 547 -18.76 -28.76 -61.81
CA ILE L 547 -19.14 -27.88 -62.91
C ILE L 547 -19.26 -28.70 -64.20
N PRO L 548 -20.36 -28.58 -64.95
CA PRO L 548 -20.62 -29.36 -66.17
C PRO L 548 -19.50 -29.22 -67.20
N LYS M 180 -44.66 -58.74 4.84
CA LYS M 180 -43.62 -58.42 5.80
C LYS M 180 -43.04 -57.04 5.56
N VAL M 181 -42.79 -56.71 4.30
CA VAL M 181 -42.33 -55.37 3.91
C VAL M 181 -43.24 -54.87 2.80
N ASN M 182 -43.38 -53.56 2.70
CA ASN M 182 -44.20 -52.96 1.66
C ASN M 182 -43.48 -51.75 1.10
N PHE M 183 -43.39 -51.67 -0.23
CA PHE M 183 -42.94 -50.49 -0.94
C PHE M 183 -44.13 -49.87 -1.63
N GLY M 184 -44.33 -48.57 -1.43
CA GLY M 184 -45.55 -47.93 -1.90
C GLY M 184 -45.28 -46.56 -2.47
N VAL M 185 -46.23 -46.11 -3.28
CA VAL M 185 -46.22 -44.79 -3.90
C VAL M 185 -47.46 -44.04 -3.45
N ILE M 186 -47.27 -42.82 -2.94
CA ILE M 186 -48.36 -41.99 -2.46
C ILE M 186 -48.37 -40.69 -3.25
N LYS M 187 -49.53 -40.33 -3.77
CA LYS M 187 -49.67 -39.19 -4.68
C LYS M 187 -50.30 -38.03 -3.91
N LEU M 188 -49.47 -37.07 -3.50
CA LEU M 188 -49.98 -35.87 -2.86
C LEU M 188 -50.73 -35.01 -3.86
N LYS M 189 -51.78 -34.36 -3.38
CA LYS M 189 -52.63 -33.52 -4.24
C LYS M 189 -52.61 -32.05 -3.84
N ASN M 190 -52.86 -31.74 -2.58
CA ASN M 190 -53.13 -30.37 -2.17
C ASN M 190 -51.90 -29.62 -1.67
N THR M 191 -50.72 -30.24 -1.66
CA THR M 191 -49.53 -29.59 -1.13
C THR M 191 -48.32 -29.96 -1.98
N PHE M 192 -47.29 -29.12 -1.88
CA PHE M 192 -46.00 -29.44 -2.44
C PHE M 192 -45.22 -30.33 -1.47
N VAL M 193 -44.27 -31.08 -2.00
CA VAL M 193 -43.53 -32.07 -1.23
C VAL M 193 -42.20 -31.50 -0.73
N SER M 194 -41.48 -30.79 -1.57
CA SER M 194 -40.19 -30.24 -1.16
C SER M 194 -40.39 -29.07 -0.20
N ASP M 195 -39.49 -28.96 0.78
CA ASP M 195 -39.53 -27.83 1.70
C ASP M 195 -39.30 -26.53 0.92
N ARG M 196 -40.01 -25.48 1.32
CA ARG M 196 -39.96 -24.21 0.61
C ARG M 196 -39.48 -23.11 1.53
N THR M 197 -38.89 -22.07 0.94
CA THR M 197 -38.32 -20.96 1.68
C THR M 197 -38.95 -19.66 1.20
N TYR M 198 -39.28 -18.78 2.16
CA TYR M 198 -39.91 -17.50 1.87
C TYR M 198 -39.19 -16.39 2.60
N ASN M 199 -39.00 -15.27 1.93
CA ASN M 199 -38.30 -14.12 2.48
C ASN M 199 -39.31 -13.13 3.05
N MET M 200 -39.04 -12.63 4.25
CA MET M 200 -39.90 -11.66 4.90
C MET M 200 -39.11 -10.40 5.26
N ARG M 201 -38.17 -10.04 4.40
CA ARG M 201 -37.36 -8.83 4.56
C ARG M 201 -36.65 -8.83 5.92
N GLY M 202 -36.07 -9.97 6.27
CA GLY M 202 -35.31 -10.09 7.50
C GLY M 202 -35.58 -11.36 8.26
N GLU M 203 -36.81 -11.85 8.21
CA GLU M 203 -37.22 -13.05 8.95
C GLU M 203 -37.51 -14.14 7.93
N ASP M 204 -36.47 -14.87 7.53
CA ASP M 204 -36.62 -15.95 6.57
C ASP M 204 -37.40 -17.10 7.19
N ILE M 205 -38.33 -17.66 6.41
CA ILE M 205 -39.24 -18.69 6.89
C ILE M 205 -39.05 -19.94 6.04
N VAL M 206 -38.87 -21.08 6.68
CA VAL M 206 -38.75 -22.36 5.99
C VAL M 206 -39.95 -23.21 6.37
N ILE M 207 -40.76 -23.56 5.38
CA ILE M 207 -41.91 -24.45 5.57
C ILE M 207 -41.46 -25.86 5.16
N PRO M 208 -41.40 -26.80 6.09
CA PRO M 208 -40.91 -28.14 5.75
C PRO M 208 -41.94 -28.93 4.97
N GLY M 209 -41.45 -29.96 4.28
CA GLY M 209 -42.30 -30.82 3.51
C GLY M 209 -42.86 -31.98 4.31
N VAL M 210 -43.95 -32.53 3.79
CA VAL M 210 -44.61 -33.64 4.47
C VAL M 210 -43.66 -34.80 4.65
N ALA M 211 -42.84 -35.09 3.65
CA ALA M 211 -41.88 -36.19 3.74
C ALA M 211 -40.92 -35.98 4.91
N THR M 212 -40.30 -34.80 4.98
CA THR M 212 -39.35 -34.53 6.04
C THR M 212 -40.03 -34.62 7.40
N VAL M 213 -41.20 -34.00 7.53
CA VAL M 213 -41.87 -33.96 8.83
C VAL M 213 -42.24 -35.36 9.29
N VAL M 214 -42.84 -36.15 8.41
CA VAL M 214 -43.27 -37.49 8.81
C VAL M 214 -42.08 -38.38 9.13
N GLU M 215 -41.03 -38.32 8.30
CA GLU M 215 -39.86 -39.14 8.56
C GLU M 215 -39.22 -38.78 9.89
N ARG M 216 -39.14 -37.48 10.20
CA ARG M 216 -38.60 -37.08 11.50
C ARG M 216 -39.53 -37.48 12.63
N LEU M 217 -40.83 -37.59 12.35
CA LEU M 217 -41.77 -38.06 13.36
C LEU M 217 -41.51 -39.51 13.72
N LEU M 218 -41.39 -40.37 12.72
CA LEU M 218 -41.15 -41.80 12.96
C LEU M 218 -39.67 -42.01 13.23
N ASN M 219 -39.25 -41.65 14.45
CA ASN M 219 -37.83 -41.63 14.79
C ASN M 219 -37.65 -41.86 16.28
N ASN M 220 -36.74 -42.77 16.62
CA ASN M 220 -36.29 -43.01 17.99
C ASN M 220 -37.44 -43.36 18.92
N GLY M 221 -38.10 -44.48 18.62
CA GLY M 221 -39.16 -44.99 19.46
C GLY M 221 -39.12 -46.50 19.57
N LYS M 222 -39.07 -47.01 20.80
CA LYS M 222 -38.94 -48.44 21.05
C LYS M 222 -40.22 -48.95 21.70
N ALA M 223 -41.19 -49.31 20.86
CA ALA M 223 -42.45 -49.89 21.30
C ALA M 223 -43.23 -50.33 20.07
N LEU M 224 -44.41 -50.90 20.31
CA LEU M 224 -45.35 -51.27 19.25
C LEU M 224 -46.74 -50.92 19.74
N SER M 225 -47.77 -51.45 19.08
CA SER M 225 -49.16 -51.28 19.48
C SER M 225 -49.54 -49.79 19.50
N ASN M 226 -49.57 -49.22 18.31
CA ASN M 226 -49.85 -47.80 18.12
C ASN M 226 -51.31 -47.57 17.75
N ARG M 227 -51.72 -46.31 17.90
CA ARG M 227 -53.05 -45.86 17.50
C ARG M 227 -52.95 -44.41 17.03
N GLN M 228 -54.08 -43.86 16.62
CA GLN M 228 -54.13 -42.55 15.98
C GLN M 228 -55.08 -41.63 16.73
N ALA M 229 -54.68 -40.36 16.85
CA ALA M 229 -55.43 -39.37 17.60
C ALA M 229 -55.69 -38.15 16.72
N GLN M 230 -56.96 -37.76 16.60
CA GLN M 230 -57.32 -36.57 15.85
C GLN M 230 -57.10 -35.32 16.69
N LEU M 261 -41.90 -52.72 15.26
CA LEU M 261 -41.69 -51.48 14.52
C LEU M 261 -40.21 -51.18 14.32
N GLU M 262 -39.89 -50.55 13.20
CA GLU M 262 -38.52 -50.24 12.84
C GLU M 262 -38.52 -48.92 12.05
N ASP M 263 -37.44 -48.66 11.33
CA ASP M 263 -37.29 -47.42 10.59
C ASP M 263 -37.92 -47.52 9.21
N VAL M 264 -38.82 -46.59 8.90
CA VAL M 264 -39.44 -46.51 7.59
C VAL M 264 -38.53 -45.69 6.68
N SER M 265 -38.60 -45.97 5.39
CA SER M 265 -37.88 -45.21 4.39
C SER M 265 -38.89 -44.36 3.63
N LEU M 266 -38.81 -43.04 3.80
CA LEU M 266 -39.79 -42.13 3.22
C LEU M 266 -39.04 -41.05 2.47
N ILE M 267 -39.16 -41.03 1.15
CA ILE M 267 -38.45 -40.07 0.33
C ILE M 267 -39.44 -39.35 -0.58
N ALA M 268 -39.02 -38.18 -1.04
CA ALA M 268 -39.87 -37.29 -1.84
C ALA M 268 -39.38 -37.29 -3.27
N TYR M 269 -40.31 -37.44 -4.22
CA TYR M 269 -40.02 -37.42 -5.64
C TYR M 269 -40.88 -36.32 -6.24
N PRO M 270 -40.40 -35.06 -6.22
CA PRO M 270 -41.25 -33.95 -6.66
C PRO M 270 -41.46 -33.88 -8.16
N GLU M 271 -40.73 -34.66 -8.95
CA GLU M 271 -40.91 -34.62 -10.40
C GLU M 271 -42.34 -34.96 -10.77
N THR M 272 -42.95 -35.92 -10.09
CA THR M 272 -44.38 -36.17 -10.18
C THR M 272 -45.09 -35.84 -8.88
N ASN M 273 -44.43 -35.14 -7.97
CA ASN M 273 -45.02 -34.71 -6.70
C ASN M 273 -45.60 -35.90 -5.94
N SER M 274 -44.72 -36.85 -5.63
CA SER M 274 -45.14 -38.08 -4.98
C SER M 274 -44.17 -38.41 -3.86
N ILE M 275 -44.53 -39.43 -3.09
CA ILE M 275 -43.73 -39.89 -1.96
C ILE M 275 -43.55 -41.38 -2.08
N LEU M 276 -42.31 -41.85 -1.93
CA LEU M 276 -42.00 -43.27 -1.96
C LEU M 276 -41.77 -43.75 -0.53
N VAL M 277 -42.52 -44.78 -0.14
CA VAL M 277 -42.53 -45.25 1.24
C VAL M 277 -42.11 -46.71 1.27
N LYS M 278 -41.47 -47.09 2.38
CA LYS M 278 -41.02 -48.45 2.62
C LYS M 278 -41.22 -48.74 4.10
N GLY M 279 -42.00 -49.77 4.41
CA GLY M 279 -42.21 -50.10 5.82
C GLY M 279 -43.19 -51.24 5.98
N ASN M 280 -43.53 -51.49 7.24
CA ASN M 280 -44.47 -52.55 7.59
C ASN M 280 -45.90 -52.11 7.31
N ASP M 281 -46.82 -53.07 7.42
CA ASP M 281 -48.22 -52.77 7.10
C ASP M 281 -48.80 -51.76 8.08
N GLN M 282 -48.53 -51.92 9.38
CA GLN M 282 -49.02 -50.96 10.35
C GLN M 282 -48.44 -49.57 10.08
N GLN M 283 -47.15 -49.51 9.78
CA GLN M 283 -46.51 -48.23 9.53
C GLN M 283 -47.11 -47.55 8.31
N ILE M 284 -47.31 -48.29 7.22
CA ILE M 284 -47.89 -47.65 6.03
C ILE M 284 -49.34 -47.26 6.29
N GLN M 285 -50.07 -48.02 7.10
CA GLN M 285 -51.44 -47.64 7.43
C GLN M 285 -51.47 -46.32 8.17
N ILE M 286 -50.61 -46.17 9.19
CA ILE M 286 -50.61 -44.92 9.93
C ILE M 286 -50.11 -43.78 9.06
N ILE M 287 -49.20 -44.06 8.13
CA ILE M 287 -48.73 -43.00 7.24
C ILE M 287 -49.85 -42.52 6.34
N ARG M 288 -50.61 -43.45 5.76
CA ARG M 288 -51.74 -43.06 4.92
C ARG M 288 -52.74 -42.24 5.71
N ASP M 289 -53.07 -42.70 6.92
CA ASP M 289 -54.05 -41.97 7.72
C ASP M 289 -53.55 -40.58 8.09
N ILE M 290 -52.29 -40.46 8.50
CA ILE M 290 -51.79 -39.17 8.95
C ILE M 290 -51.67 -38.20 7.77
N ILE M 291 -51.25 -38.69 6.61
CA ILE M 291 -51.17 -37.82 5.44
C ILE M 291 -52.56 -37.34 5.02
N THR M 292 -53.52 -38.27 4.98
CA THR M 292 -54.88 -37.87 4.62
C THR M 292 -55.43 -36.84 5.59
N GLN M 293 -55.18 -37.02 6.89
CA GLN M 293 -55.58 -36.02 7.86
C GLN M 293 -54.74 -34.76 7.76
N LEU M 294 -53.60 -34.83 7.08
CA LEU M 294 -52.68 -33.70 7.03
C LEU M 294 -52.98 -32.71 5.92
N ASP M 295 -53.18 -33.17 4.68
CA ASP M 295 -53.38 -32.26 3.56
C ASP M 295 -54.83 -32.32 3.10
N VAL M 296 -55.54 -31.20 3.19
CA VAL M 296 -56.93 -31.20 2.74
C VAL M 296 -57.24 -30.12 1.71
N ALA M 297 -57.21 -28.85 2.10
CA ALA M 297 -57.82 -27.89 1.17
C ALA M 297 -56.99 -26.64 0.91
N LYS M 298 -56.36 -26.05 1.93
CA LYS M 298 -55.61 -24.81 1.79
C LYS M 298 -56.48 -23.68 1.23
N ARG M 299 -57.38 -23.20 2.09
CA ARG M 299 -58.31 -22.15 1.69
C ARG M 299 -57.59 -20.85 1.37
N HIS M 300 -58.29 -19.98 0.66
CA HIS M 300 -57.72 -18.74 0.11
C HIS M 300 -58.23 -17.54 0.89
N ILE M 301 -57.31 -16.67 1.27
CA ILE M 301 -57.62 -15.41 1.95
C ILE M 301 -57.17 -14.27 1.07
N GLU M 302 -58.04 -13.30 0.85
CA GLU M 302 -57.71 -12.09 0.11
C GLU M 302 -57.83 -10.90 1.02
N LEU M 303 -56.77 -10.11 1.11
CA LEU M 303 -56.68 -8.99 2.02
C LEU M 303 -56.70 -7.69 1.24
N SER M 304 -57.56 -6.75 1.66
CA SER M 304 -57.61 -5.42 1.09
C SER M 304 -57.18 -4.43 2.16
N LEU M 305 -56.15 -3.65 1.87
CA LEU M 305 -55.57 -2.74 2.83
C LEU M 305 -55.90 -1.31 2.42
N TRP M 306 -56.81 -0.68 3.15
CA TRP M 306 -57.21 0.69 2.84
C TRP M 306 -56.29 1.67 3.53
N ILE M 307 -55.74 2.60 2.76
CA ILE M 307 -54.93 3.68 3.30
C ILE M 307 -55.61 4.98 2.92
N ILE M 308 -55.96 5.78 3.92
CA ILE M 308 -56.76 6.99 3.70
C ILE M 308 -56.01 8.18 4.26
N ASP M 309 -55.93 9.25 3.48
CA ASP M 309 -55.34 10.51 3.92
C ASP M 309 -56.32 11.63 3.63
N ILE M 310 -56.50 12.52 4.60
CA ILE M 310 -57.31 13.71 4.45
C ILE M 310 -56.55 14.88 5.03
N ASP M 311 -56.39 15.93 4.25
CA ASP M 311 -55.63 17.10 4.69
C ASP M 311 -56.40 18.36 4.38
N LYS M 312 -56.44 19.27 5.35
CA LYS M 312 -56.96 20.62 5.15
C LYS M 312 -55.96 21.61 5.70
N SER M 313 -55.81 22.74 5.02
CA SER M 313 -54.85 23.73 5.46
C SER M 313 -55.34 25.11 5.06
N GLU M 314 -55.01 26.10 5.88
CA GLU M 314 -55.36 27.48 5.58
C GLU M 314 -54.27 28.39 6.12
N LEU M 315 -53.66 29.17 5.23
CA LEU M 315 -52.58 30.06 5.61
C LEU M 315 -52.93 31.45 5.12
N ASN M 316 -52.93 32.42 6.01
CA ASN M 316 -53.28 33.77 5.57
C ASN M 316 -52.47 34.81 6.32
N ASN M 317 -52.05 35.84 5.60
CA ASN M 317 -51.23 36.88 6.20
C ASN M 317 -51.57 38.23 5.58
N LEU M 318 -51.68 39.24 6.42
CA LEU M 318 -51.93 40.59 5.93
C LEU M 318 -51.31 41.59 6.88
N GLY M 319 -50.80 42.67 6.32
CA GLY M 319 -50.21 43.72 7.11
C GLY M 319 -49.14 44.45 6.34
N VAL M 320 -48.38 45.27 7.06
CA VAL M 320 -47.37 46.14 6.46
C VAL M 320 -46.10 46.09 7.30
N ASN M 321 -44.96 46.06 6.62
CA ASN M 321 -43.65 46.22 7.26
C ASN M 321 -43.03 47.52 6.79
N TRP M 322 -42.40 48.25 7.72
CA TRP M 322 -41.86 49.56 7.44
C TRP M 322 -40.37 49.62 7.69
N GLN M 323 -39.67 50.40 6.88
CA GLN M 323 -38.28 50.76 7.14
C GLN M 323 -38.08 52.22 6.77
N GLY M 324 -37.16 52.89 7.45
CA GLY M 324 -37.03 54.32 7.25
C GLY M 324 -35.62 54.85 7.40
N THR M 325 -35.41 56.01 6.78
CA THR M 325 -34.16 56.75 6.90
C THR M 325 -34.48 58.24 6.87
N ALA M 326 -33.65 59.03 7.55
CA ALA M 326 -33.89 60.46 7.60
C ALA M 326 -32.57 61.19 7.83
N SER M 327 -32.50 62.42 7.37
CA SER M 327 -31.32 63.24 7.52
C SER M 327 -31.72 64.67 7.87
N PHE M 328 -30.82 65.36 8.55
CA PHE M 328 -31.03 66.75 8.92
C PHE M 328 -29.70 67.49 8.82
N GLY M 329 -29.68 68.50 7.96
CA GLY M 329 -28.43 69.14 7.59
C GLY M 329 -27.48 68.11 7.02
N ASP M 330 -26.20 68.35 7.21
CA ASP M 330 -25.17 67.35 6.97
C ASP M 330 -24.63 66.82 8.29
N SER M 331 -25.43 66.91 9.35
CA SER M 331 -24.99 66.61 10.70
C SER M 331 -25.72 65.45 11.35
N PHE M 332 -27.05 65.40 11.24
CA PHE M 332 -27.83 64.41 11.99
C PHE M 332 -28.36 63.35 11.04
N GLY M 333 -27.94 62.11 11.25
CA GLY M 333 -28.48 60.99 10.50
C GLY M 333 -29.32 60.10 11.40
N ALA M 334 -30.38 59.53 10.83
CA ALA M 334 -31.26 58.66 11.61
C ALA M 334 -31.71 57.49 10.75
N SER M 335 -31.67 56.29 11.33
CA SER M 335 -32.11 55.08 10.64
C SER M 335 -33.17 54.39 11.49
N PHE M 336 -34.36 54.22 10.92
CA PHE M 336 -35.50 53.68 11.65
C PHE M 336 -35.72 52.24 11.24
N ASN M 337 -35.55 51.32 12.20
CA ASN M 337 -35.79 49.89 11.99
C ASN M 337 -34.89 49.33 10.88
N MET M 338 -33.60 49.53 11.05
CA MET M 338 -32.60 49.03 10.11
C MET M 338 -31.49 48.31 10.87
N SER M 339 -30.96 47.25 10.26
CA SER M 339 -29.88 46.50 10.88
C SER M 339 -28.62 47.35 10.98
N SER M 340 -28.21 47.95 9.86
CA SER M 340 -27.04 48.82 9.84
C SER M 340 -27.11 49.70 8.60
N SER M 341 -26.32 50.77 8.61
CA SER M 341 -26.29 51.72 7.51
C SER M 341 -25.55 51.16 6.30
N ASN M 350 -33.77 57.32 0.45
CA ASN M 350 -33.52 58.38 1.42
C ASN M 350 -34.66 58.45 2.44
N LYS M 351 -35.81 57.89 2.08
CA LYS M 351 -36.99 58.00 2.92
C LYS M 351 -37.71 56.66 2.93
N PHE M 352 -38.95 56.66 3.39
CA PHE M 352 -39.57 55.46 3.96
C PHE M 352 -40.04 54.49 2.89
N ILE M 353 -39.93 53.19 3.22
CA ILE M 353 -40.39 52.11 2.35
C ILE M 353 -41.30 51.21 3.16
N ALA M 354 -42.35 50.70 2.51
CA ALA M 354 -43.33 49.84 3.14
C ALA M 354 -43.65 48.67 2.24
N SER M 355 -43.56 47.47 2.79
CA SER M 355 -43.96 46.25 2.10
C SER M 355 -45.34 45.85 2.62
N VAL M 356 -46.33 45.85 1.73
CA VAL M 356 -47.69 45.47 2.08
C VAL M 356 -47.93 44.06 1.58
N MET M 357 -48.38 43.20 2.48
CA MET M 357 -48.71 41.82 2.18
C MET M 357 -50.17 41.60 2.47
N ALA M 358 -50.86 40.90 1.57
CA ALA M 358 -52.25 40.55 1.79
C ALA M 358 -52.54 39.31 0.95
N LEU M 359 -52.77 38.18 1.61
CA LEU M 359 -52.95 36.94 0.87
C LEU M 359 -53.60 35.91 1.78
N ASN M 360 -54.35 35.00 1.16
CA ASN M 360 -55.02 33.93 1.89
C ASN M 360 -55.15 32.73 0.98
N GLN M 361 -54.59 31.59 1.38
CA GLN M 361 -54.65 30.39 0.56
C GLN M 361 -55.16 29.22 1.38
N LYS M 362 -56.15 28.54 0.83
CA LYS M 362 -56.70 27.32 1.40
C LYS M 362 -56.32 26.14 0.52
N LYS M 363 -56.20 24.97 1.14
CA LYS M 363 -55.79 23.79 0.40
C LYS M 363 -56.46 22.57 1.01
N LYS M 364 -56.87 21.64 0.16
CA LYS M 364 -57.53 20.43 0.63
C LYS M 364 -57.13 19.25 -0.25
N ALA M 365 -56.96 18.09 0.37
CA ALA M 365 -56.54 16.92 -0.39
C ALA M 365 -57.10 15.65 0.23
N ASN M 366 -57.58 14.74 -0.61
CA ASN M 366 -58.03 13.42 -0.19
C ASN M 366 -57.33 12.37 -1.04
N VAL M 367 -56.72 11.40 -0.40
CA VAL M 367 -56.02 10.32 -1.09
C VAL M 367 -56.50 9.00 -0.54
N VAL M 368 -56.89 8.09 -1.42
CA VAL M 368 -57.34 6.77 -1.01
C VAL M 368 -56.58 5.75 -1.83
N SER M 369 -55.76 4.94 -1.16
CA SER M 369 -55.01 3.89 -1.83
C SER M 369 -55.49 2.55 -1.30
N ARG M 370 -55.46 1.53 -2.15
CA ARG M 370 -55.93 0.20 -1.76
C ARG M 370 -55.10 -0.83 -2.48
N PRO M 371 -54.12 -1.42 -1.82
CA PRO M 371 -53.56 -2.69 -2.30
C PRO M 371 -54.46 -3.84 -1.94
N VAL M 372 -54.43 -4.87 -2.78
CA VAL M 372 -55.26 -6.05 -2.60
C VAL M 372 -54.45 -7.25 -3.03
N ILE M 373 -54.28 -8.22 -2.13
CA ILE M 373 -53.46 -9.39 -2.45
C ILE M 373 -54.15 -10.65 -1.98
N LEU M 374 -54.05 -11.71 -2.78
CA LEU M 374 -54.66 -12.99 -2.48
C LEU M 374 -53.57 -14.02 -2.19
N THR M 375 -53.83 -14.92 -1.26
CA THR M 375 -52.88 -15.98 -0.95
C THR M 375 -53.62 -17.14 -0.31
N GLN M 376 -52.86 -18.18 0.03
CA GLN M 376 -53.40 -19.33 0.75
C GLN M 376 -53.07 -19.18 2.23
N GLU M 377 -53.95 -19.73 3.07
CA GLU M 377 -53.76 -19.57 4.50
C GLU M 377 -52.44 -20.16 4.95
N ASN M 378 -51.79 -19.48 5.90
CA ASN M 378 -50.55 -19.88 6.55
C ASN M 378 -49.32 -19.79 5.65
N ILE M 379 -49.44 -19.21 4.47
CA ILE M 379 -48.32 -19.10 3.55
C ILE M 379 -48.05 -17.62 3.29
N PRO M 380 -46.83 -17.13 3.52
CA PRO M 380 -46.57 -15.70 3.41
C PRO M 380 -46.79 -15.19 1.99
N ALA M 381 -47.23 -13.95 1.89
CA ALA M 381 -47.47 -13.30 0.62
C ALA M 381 -46.78 -11.96 0.61
N ILE M 382 -46.24 -11.58 -0.55
CA ILE M 382 -45.48 -10.34 -0.69
C ILE M 382 -46.08 -9.53 -1.83
N PHE M 383 -46.27 -8.24 -1.59
CA PHE M 383 -46.77 -7.34 -2.64
C PHE M 383 -46.10 -5.99 -2.47
N ASP M 384 -45.32 -5.57 -3.46
CA ASP M 384 -44.77 -4.24 -3.42
C ASP M 384 -44.97 -3.56 -4.76
N ASN M 385 -45.07 -2.25 -4.73
CA ASN M 385 -45.44 -1.49 -5.91
C ASN M 385 -44.95 -0.07 -5.73
N ASN M 386 -44.64 0.59 -6.84
CA ASN M 386 -44.37 2.02 -6.77
C ASN M 386 -44.60 2.65 -8.13
N ARG M 387 -45.34 3.75 -8.13
CA ARG M 387 -45.62 4.53 -9.30
C ARG M 387 -45.01 5.92 -9.15
N THR M 388 -44.97 6.65 -10.25
CA THR M 388 -44.54 8.03 -10.25
C THR M 388 -45.68 8.90 -10.78
N PHE M 389 -46.06 9.91 -10.01
CA PHE M 389 -47.13 10.81 -10.40
C PHE M 389 -46.53 12.09 -10.93
N TYR M 390 -46.92 12.46 -12.14
CA TYR M 390 -46.44 13.65 -12.82
C TYR M 390 -47.52 14.72 -12.85
N VAL M 391 -47.10 15.97 -12.78
CA VAL M 391 -47.95 17.11 -13.11
C VAL M 391 -47.17 18.03 -14.01
N SER M 392 -47.79 18.41 -15.12
CA SER M 392 -47.18 19.29 -16.10
C SER M 392 -47.37 20.74 -15.68
N LEU M 393 -46.28 21.50 -15.69
CA LEU M 393 -46.37 22.90 -15.38
C LEU M 393 -47.21 23.64 -16.43
N VAL M 394 -47.57 24.87 -16.11
CA VAL M 394 -48.36 25.67 -17.03
C VAL M 394 -47.55 26.02 -18.29
N GLY M 395 -46.28 26.35 -18.11
CA GLY M 395 -45.43 26.72 -19.23
C GLY M 395 -43.95 26.68 -18.91
N LEU M 401 -42.84 20.27 -14.87
CA LEU M 401 -43.05 18.83 -14.79
C LEU M 401 -42.51 18.31 -13.48
N GLU M 402 -43.36 18.25 -12.45
CA GLU M 402 -42.96 17.82 -11.13
C GLU M 402 -43.56 16.45 -10.83
N HIS M 403 -42.75 15.59 -10.20
CA HIS M 403 -43.13 14.20 -10.00
C HIS M 403 -42.91 13.80 -8.56
N VAL M 404 -43.75 12.88 -8.09
CA VAL M 404 -43.65 12.31 -6.76
C VAL M 404 -43.75 10.80 -6.88
N THR M 405 -42.83 10.09 -6.24
CA THR M 405 -42.76 8.64 -6.33
C THR M 405 -43.49 8.04 -5.13
N TYR M 406 -44.64 7.42 -5.39
CA TYR M 406 -45.46 6.82 -4.34
C TYR M 406 -45.24 5.32 -4.36
N GLY M 407 -44.78 4.77 -3.24
CA GLY M 407 -44.49 3.36 -3.16
C GLY M 407 -45.07 2.74 -1.89
N THR M 408 -45.52 1.50 -2.03
CA THR M 408 -46.03 0.71 -0.93
C THR M 408 -45.40 -0.67 -0.97
N LEU M 409 -45.34 -1.31 0.20
CA LEU M 409 -44.75 -2.63 0.33
C LEU M 409 -45.42 -3.30 1.52
N ILE M 410 -46.15 -4.37 1.27
CA ILE M 410 -46.88 -5.08 2.30
C ILE M 410 -46.52 -6.55 2.21
N ASN M 411 -46.06 -7.12 3.33
CA ASN M 411 -45.87 -8.56 3.41
C ASN M 411 -46.65 -9.09 4.59
N VAL M 412 -47.38 -10.16 4.36
CA VAL M 412 -48.44 -10.59 5.27
C VAL M 412 -48.42 -12.09 5.41
N ILE M 413 -48.75 -12.57 6.60
CA ILE M 413 -48.99 -13.98 6.86
C ILE M 413 -50.40 -14.13 7.41
N PRO M 414 -51.34 -14.60 6.61
CA PRO M 414 -52.71 -14.77 7.08
C PRO M 414 -53.00 -16.18 7.54
N ARG M 415 -54.05 -16.36 8.33
CA ARG M 415 -54.53 -17.68 8.72
C ARG M 415 -55.89 -17.51 9.37
N PHE M 416 -56.53 -18.63 9.67
CA PHE M 416 -57.87 -18.62 10.23
C PHE M 416 -57.86 -18.85 11.72
N SER M 417 -59.01 -18.62 12.34
CA SER M 417 -59.17 -18.80 13.78
C SER M 417 -60.65 -18.98 14.07
N SER M 418 -60.93 -19.34 15.32
CA SER M 418 -62.27 -19.72 15.78
C SER M 418 -63.34 -18.80 15.25
N ARG M 419 -64.48 -19.39 14.89
CA ARG M 419 -65.61 -18.68 14.32
C ARG M 419 -65.27 -18.04 12.98
N GLY M 420 -64.31 -18.61 12.28
CA GLY M 420 -63.96 -18.10 10.97
C GLY M 420 -63.34 -16.73 10.96
N GLN M 421 -62.73 -16.31 12.06
CA GLN M 421 -62.03 -15.03 12.07
C GLN M 421 -60.70 -15.17 11.32
N ILE M 422 -60.21 -14.06 10.79
CA ILE M 422 -58.98 -14.06 10.01
C ILE M 422 -57.92 -13.31 10.80
N GLU M 423 -56.85 -14.01 11.15
CA GLU M 423 -55.73 -13.40 11.85
C GLU M 423 -54.60 -13.17 10.86
N MET M 424 -53.86 -12.08 11.03
CA MET M 424 -52.82 -11.72 10.09
C MET M 424 -51.66 -11.07 10.82
N SER M 425 -50.45 -11.47 10.44
CA SER M 425 -49.23 -10.76 10.81
C SER M 425 -48.86 -9.85 9.66
N LEU M 426 -48.72 -8.56 9.94
CA LEU M 426 -48.60 -7.54 8.91
C LEU M 426 -47.32 -6.75 9.09
N THR M 427 -46.60 -6.56 7.98
CA THR M 427 -45.58 -5.52 7.89
C THR M 427 -45.94 -4.64 6.71
N ILE M 428 -46.17 -3.35 6.97
CA ILE M 428 -46.63 -2.42 5.96
C ILE M 428 -45.70 -1.22 5.95
N GLU M 429 -45.24 -0.84 4.77
CA GLU M 429 -44.58 0.43 4.56
C GLU M 429 -45.27 1.12 3.41
N ASP M 430 -45.41 2.43 3.48
CA ASP M 430 -46.03 3.12 2.37
C ASP M 430 -45.66 4.59 2.43
N GLY M 431 -45.84 5.25 1.30
CA GLY M 431 -45.72 6.69 1.27
C GLY M 431 -44.93 7.15 0.08
N THR M 432 -44.57 8.42 0.10
CA THR M 432 -43.94 9.07 -1.02
C THR M 432 -42.48 9.39 -0.71
N GLY M 433 -41.81 10.00 -1.67
CA GLY M 433 -40.48 10.52 -1.51
C GLY M 433 -40.46 12.02 -1.73
N ASN M 434 -39.83 12.75 -0.83
CA ASN M 434 -39.86 14.21 -0.85
C ASN M 434 -39.39 14.76 -2.18
N SER M 435 -40.27 15.49 -2.87
CA SER M 435 -39.89 16.19 -4.09
C SER M 435 -40.58 17.55 -4.07
N GLN M 436 -39.86 18.56 -3.61
CA GLN M 436 -40.37 19.93 -3.55
C GLN M 436 -40.64 20.48 -4.95
N ASN M 443 -44.13 26.13 -7.72
CA ASN M 443 -45.38 26.78 -8.10
C ASN M 443 -46.57 25.84 -7.92
N GLU M 444 -46.98 25.65 -6.66
CA GLU M 444 -48.14 24.85 -6.29
C GLU M 444 -48.01 23.38 -6.68
N ASN M 445 -46.81 22.96 -7.10
CA ASN M 445 -46.60 21.56 -7.47
C ASN M 445 -46.89 20.64 -6.30
N THR M 446 -46.28 20.92 -5.15
CA THR M 446 -46.58 20.16 -3.94
C THR M 446 -48.02 20.36 -3.52
N SER M 447 -48.60 21.52 -3.85
CA SER M 447 -50.01 21.76 -3.53
C SER M 447 -50.93 20.83 -4.29
N VAL M 448 -50.52 20.41 -5.49
CA VAL M 448 -51.34 19.53 -6.30
C VAL M 448 -51.03 18.07 -6.05
N LEU M 449 -49.76 17.71 -5.97
CA LEU M 449 -49.37 16.33 -5.81
C LEU M 449 -49.72 15.81 -4.41
N PRO M 450 -49.80 14.48 -4.24
CA PRO M 450 -50.22 13.93 -2.94
C PRO M 450 -49.34 14.35 -1.77
N GLU M 451 -48.07 13.97 -1.79
CA GLU M 451 -47.11 14.29 -0.73
C GLU M 451 -47.65 13.93 0.65
N VAL M 452 -47.81 12.62 0.87
CA VAL M 452 -48.44 12.11 2.07
C VAL M 452 -47.44 11.62 3.10
N GLY M 453 -46.17 11.94 2.96
CA GLY M 453 -45.18 11.50 3.92
C GLY M 453 -44.89 10.02 3.78
N ARG M 454 -44.28 9.45 4.82
CA ARG M 454 -43.97 8.03 4.84
C ARG M 454 -44.38 7.44 6.17
N THR M 455 -44.85 6.19 6.13
CA THR M 455 -45.34 5.54 7.34
C THR M 455 -45.10 4.04 7.26
N LYS M 456 -44.53 3.49 8.32
CA LYS M 456 -44.33 2.06 8.44
C LYS M 456 -44.96 1.57 9.73
N ILE M 457 -45.73 0.50 9.64
CA ILE M 457 -46.38 -0.09 10.81
C ILE M 457 -46.20 -1.60 10.75
N SER M 458 -45.77 -2.19 11.86
CA SER M 458 -45.57 -3.63 11.96
C SER M 458 -46.32 -4.13 13.17
N THR M 459 -47.23 -5.09 12.96
CA THR M 459 -48.13 -5.52 14.02
C THR M 459 -48.78 -6.83 13.63
N ILE M 460 -49.78 -7.24 14.41
CA ILE M 460 -50.53 -8.48 14.16
C ILE M 460 -51.91 -8.33 14.76
N ALA M 461 -52.94 -8.67 13.98
CA ALA M 461 -54.30 -8.47 14.44
C ALA M 461 -55.24 -9.45 13.77
N ARG M 462 -56.40 -9.67 14.39
CA ARG M 462 -57.40 -10.58 13.83
C ARG M 462 -58.72 -9.86 13.70
N VAL M 463 -59.45 -10.20 12.65
CA VAL M 463 -60.66 -9.50 12.24
C VAL M 463 -61.80 -10.51 12.09
N PRO M 464 -62.97 -10.24 12.63
CA PRO M 464 -64.14 -11.04 12.28
C PRO M 464 -64.44 -10.87 10.80
N GLN M 465 -64.96 -11.92 10.19
CA GLN M 465 -65.26 -11.86 8.76
C GLN M 465 -66.51 -11.04 8.54
N GLY M 466 -66.43 -10.07 7.64
CA GLY M 466 -67.51 -9.14 7.41
C GLY M 466 -67.29 -7.75 7.97
N LYS M 467 -66.24 -7.55 8.76
CA LYS M 467 -65.93 -6.26 9.33
C LYS M 467 -64.49 -5.90 9.02
N SER M 468 -64.13 -4.66 9.28
CA SER M 468 -62.79 -4.15 8.98
C SER M 468 -62.25 -3.44 10.21
N LEU M 469 -60.93 -3.42 10.31
CA LEU M 469 -60.26 -2.96 11.52
C LEU M 469 -59.30 -1.83 11.20
N LEU M 470 -59.17 -0.90 12.15
CA LEU M 470 -58.27 0.25 12.00
C LEU M 470 -56.99 -0.06 12.74
N ILE M 471 -56.05 -0.73 12.07
CA ILE M 471 -54.85 -1.18 12.76
C ILE M 471 -53.97 0.01 13.12
N GLY M 472 -53.85 0.99 12.22
CA GLY M 472 -52.91 2.07 12.46
C GLY M 472 -53.51 3.41 12.10
N GLY M 473 -52.96 4.45 12.70
CA GLY M 473 -53.46 5.77 12.34
C GLY M 473 -52.66 6.86 13.00
N TYR M 474 -52.91 8.07 12.53
CA TYR M 474 -52.11 9.20 12.97
C TYR M 474 -52.82 10.48 12.59
N THR M 475 -53.14 11.32 13.56
CA THR M 475 -53.74 12.61 13.29
C THR M 475 -52.86 13.72 13.81
N HIS M 476 -53.02 14.91 13.23
CA HIS M 476 -52.12 16.01 13.53
C HIS M 476 -52.88 17.31 13.34
N GLU M 477 -52.73 18.23 14.28
CA GLU M 477 -53.40 19.51 14.20
C GLU M 477 -52.42 20.61 14.59
N THR M 478 -52.34 21.65 13.78
CA THR M 478 -51.42 22.74 14.00
C THR M 478 -52.17 24.06 13.92
N ASN M 479 -51.87 24.95 14.87
CA ASN M 479 -52.43 26.29 14.87
C ASN M 479 -51.33 27.26 15.25
N SER M 480 -51.20 28.36 14.52
CA SER M 480 -50.11 29.29 14.78
C SER M 480 -50.53 30.69 14.44
N ASN M 481 -50.20 31.63 15.31
CA ASN M 481 -50.45 33.05 15.09
C ASN M 481 -49.18 33.84 15.36
N GLU M 482 -48.99 34.90 14.60
CA GLU M 482 -47.86 35.79 14.81
C GLU M 482 -48.28 37.21 14.52
N ILE M 483 -47.92 38.13 15.40
CA ILE M 483 -48.30 39.54 15.26
C ILE M 483 -47.05 40.39 15.43
N ILE M 484 -46.82 41.29 14.48
CA ILE M 484 -45.70 42.22 14.54
C ILE M 484 -46.27 43.62 14.48
N SER M 485 -45.82 44.50 15.37
CA SER M 485 -46.38 45.84 15.38
C SER M 485 -45.38 46.84 15.92
N ILE M 486 -45.47 48.06 15.38
CA ILE M 486 -44.76 49.20 15.96
C ILE M 486 -45.35 49.51 17.32
N PRO M 487 -44.54 49.77 18.35
CA PRO M 487 -45.07 49.83 19.71
C PRO M 487 -46.20 50.83 19.93
N PHE M 488 -45.95 52.12 19.68
CA PHE M 488 -46.89 53.14 20.13
C PHE M 488 -47.95 53.46 19.10
N LEU M 489 -47.54 53.94 17.92
CA LEU M 489 -48.49 54.48 16.97
C LEU M 489 -49.47 53.42 16.47
N SER M 490 -49.03 52.16 16.36
CA SER M 490 -49.94 51.12 15.90
C SER M 490 -51.11 50.91 16.84
N SER M 491 -51.11 51.55 18.01
CA SER M 491 -52.22 51.44 18.95
C SER M 491 -53.26 52.53 18.78
N ILE M 492 -53.03 53.51 17.90
CA ILE M 492 -54.00 54.58 17.71
C ILE M 492 -55.23 53.99 17.03
N PRO M 493 -56.43 54.56 17.21
CA PRO M 493 -57.66 53.83 16.89
C PRO M 493 -57.84 53.47 15.41
N VAL M 494 -57.78 54.45 14.52
CA VAL M 494 -58.23 54.24 13.14
C VAL M 494 -57.11 53.74 12.25
N ILE M 495 -56.08 54.56 12.06
CA ILE M 495 -55.03 54.21 11.10
C ILE M 495 -53.95 53.32 11.71
N GLY M 496 -53.98 53.10 13.02
CA GLY M 496 -52.99 52.23 13.63
C GLY M 496 -52.98 50.85 13.04
N ASN M 497 -54.16 50.35 12.63
CA ASN M 497 -54.26 49.02 12.04
C ASN M 497 -53.48 48.90 10.73
N VAL M 498 -52.89 49.98 10.23
CA VAL M 498 -52.06 49.89 9.04
C VAL M 498 -50.62 49.54 9.35
N PHE M 499 -50.23 49.55 10.62
CA PHE M 499 -48.86 49.26 11.00
C PHE M 499 -48.65 47.84 11.47
N LYS M 500 -49.71 47.12 11.80
CA LYS M 500 -49.57 45.75 12.25
C LYS M 500 -49.17 44.83 11.11
N TYR M 501 -48.96 43.57 11.44
CA TYR M 501 -48.71 42.53 10.46
C TYR M 501 -49.09 41.22 11.12
N LYS M 502 -50.15 40.58 10.63
CA LYS M 502 -50.73 39.40 11.25
C LYS M 502 -50.60 38.22 10.30
N THR M 503 -50.02 37.13 10.81
CA THR M 503 -49.86 35.90 10.05
C THR M 503 -50.51 34.76 10.82
N SER M 504 -51.20 33.88 10.10
CA SER M 504 -51.91 32.79 10.75
C SER M 504 -51.85 31.54 9.90
N ASN M 505 -51.75 30.40 10.58
CA ASN M 505 -51.72 29.10 9.93
C ASN M 505 -52.60 28.14 10.71
N ILE M 506 -53.36 27.33 9.99
CA ILE M 506 -54.17 26.27 10.58
C ILE M 506 -54.07 25.05 9.69
N SER M 507 -53.95 23.87 10.28
CA SER M 507 -53.86 22.68 9.45
C SER M 507 -54.33 21.45 10.21
N ASN M 508 -55.07 20.58 9.52
CA ASN M 508 -55.48 19.29 10.05
C ASN M 508 -55.06 18.20 9.08
N ILE M 509 -54.52 17.12 9.63
CA ILE M 509 -54.07 15.97 8.85
C ILE M 509 -54.58 14.70 9.51
N VAL M 510 -55.12 13.79 8.73
CA VAL M 510 -55.57 12.50 9.22
C VAL M 510 -55.06 11.43 8.29
N ARG M 511 -54.46 10.38 8.83
CA ARG M 511 -54.04 9.24 8.03
C ARG M 511 -54.42 7.96 8.75
N VAL M 512 -54.97 7.01 8.00
CA VAL M 512 -55.57 5.82 8.58
C VAL M 512 -55.18 4.60 7.75
N PHE M 513 -54.79 3.53 8.45
CA PHE M 513 -54.52 2.22 7.84
C PHE M 513 -55.55 1.25 8.40
N LEU M 514 -56.51 0.86 7.57
CA LEU M 514 -57.48 -0.18 7.89
C LEU M 514 -57.20 -1.42 7.05
N ILE M 515 -57.70 -2.55 7.54
CA ILE M 515 -57.63 -3.80 6.81
C ILE M 515 -59.03 -4.40 6.75
N GLN M 516 -59.34 -5.04 5.63
CA GLN M 516 -60.48 -5.94 5.60
C GLN M 516 -60.11 -7.18 4.82
N PRO M 517 -60.12 -8.33 5.45
CA PRO M 517 -59.86 -9.57 4.74
C PRO M 517 -61.15 -10.27 4.35
N ARG M 518 -61.06 -11.26 3.48
CA ARG M 518 -62.22 -12.08 3.16
C ARG M 518 -61.76 -13.41 2.58
N GLU M 519 -62.50 -14.45 2.89
CA GLU M 519 -62.22 -15.76 2.33
C GLU M 519 -62.76 -15.82 0.90
N ILE M 520 -62.01 -16.49 0.03
CA ILE M 520 -62.38 -16.59 -1.37
C ILE M 520 -63.27 -17.81 -1.58
N LYS M 521 -64.46 -17.57 -2.09
CA LYS M 521 -65.43 -18.63 -2.36
C LYS M 521 -65.59 -18.81 -3.85
N GLU M 522 -66.43 -19.77 -4.24
CA GLU M 522 -66.62 -20.07 -5.65
C GLU M 522 -67.22 -18.92 -6.42
N SER M 523 -67.85 -17.98 -5.74
CA SER M 523 -68.42 -16.81 -6.41
C SER M 523 -67.40 -15.70 -6.59
N SER M 524 -66.18 -15.87 -6.10
CA SER M 524 -65.16 -14.84 -6.23
C SER M 524 -64.30 -14.99 -7.47
N TYR M 525 -64.46 -16.06 -8.22
CA TYR M 525 -63.75 -16.22 -9.48
C TYR M 525 -64.50 -15.53 -10.61
N TYR M 526 -63.81 -15.33 -11.72
CA TYR M 526 -64.40 -14.75 -12.91
C TYR M 526 -64.67 -15.83 -13.93
N ASN M 527 -65.89 -15.87 -14.46
CA ASN M 527 -66.23 -16.83 -15.49
C ASN M 527 -65.59 -16.39 -16.80
N THR M 528 -64.75 -17.24 -17.37
CA THR M 528 -64.09 -16.96 -18.63
C THR M 528 -64.57 -17.91 -19.73
N ALA M 529 -64.44 -19.22 -19.51
CA ALA M 529 -64.97 -20.25 -20.38
C ALA M 529 -64.42 -20.18 -21.80
N GLU M 530 -63.44 -19.33 -22.07
CA GLU M 530 -62.86 -19.20 -23.39
C GLU M 530 -61.36 -19.02 -23.23
N TYR M 531 -60.67 -18.94 -24.36
CA TYR M 531 -59.21 -18.79 -24.32
C TYR M 531 -58.78 -18.12 -25.62
N LYS M 532 -58.52 -16.82 -25.56
CA LYS M 532 -58.02 -16.10 -26.73
C LYS M 532 -56.63 -16.62 -27.07
N SER M 533 -56.52 -17.35 -28.18
CA SER M 533 -55.22 -17.73 -28.67
C SER M 533 -54.43 -16.49 -29.09
N LEU M 534 -53.13 -16.51 -28.84
CA LEU M 534 -52.30 -15.37 -29.21
C LEU M 534 -52.33 -15.12 -30.71
N ILE M 535 -52.20 -16.18 -31.49
CA ILE M 535 -52.08 -16.06 -32.94
C ILE M 535 -53.06 -17.01 -33.59
N SER M 536 -53.46 -16.67 -34.81
CA SER M 536 -54.52 -17.41 -35.48
C SER M 536 -53.95 -18.63 -36.21
N GLU M 537 -54.78 -19.67 -36.29
CA GLU M 537 -54.39 -20.87 -37.02
C GLU M 537 -54.14 -20.55 -38.50
N ARG M 538 -54.98 -19.71 -39.09
CA ARG M 538 -54.76 -19.34 -40.48
C ARG M 538 -53.45 -18.58 -40.64
N GLU M 539 -53.14 -17.70 -39.70
CA GLU M 539 -51.88 -16.98 -39.76
C GLU M 539 -50.69 -17.94 -39.68
N ILE M 540 -50.76 -18.91 -38.77
CA ILE M 540 -49.66 -19.86 -38.64
C ILE M 540 -49.51 -20.69 -39.90
N GLN M 541 -50.62 -21.16 -40.46
CA GLN M 541 -50.53 -21.93 -41.69
C GLN M 541 -49.94 -21.09 -42.81
N LYS M 542 -50.34 -19.83 -42.90
CA LYS M 542 -49.80 -18.96 -43.93
C LYS M 542 -48.30 -18.75 -43.75
N THR M 543 -47.83 -18.63 -42.51
CA THR M 543 -46.43 -18.30 -42.30
C THR M 543 -45.50 -19.50 -42.26
N THR M 544 -46.01 -20.73 -42.06
CA THR M 544 -45.12 -21.88 -42.04
C THR M 544 -45.59 -23.02 -42.92
N GLN M 545 -46.51 -22.77 -43.84
CA GLN M 545 -46.87 -23.78 -44.83
C GLN M 545 -45.89 -23.70 -45.99
N ILE M 546 -45.73 -24.84 -46.68
CA ILE M 546 -44.93 -24.83 -47.89
C ILE M 546 -45.59 -23.91 -48.91
N ILE M 547 -44.77 -23.12 -49.60
CA ILE M 547 -45.34 -22.16 -50.55
C ILE M 547 -46.07 -22.91 -51.65
N PRO M 548 -47.32 -22.57 -51.98
CA PRO M 548 -48.14 -23.24 -52.99
C PRO M 548 -47.46 -23.31 -54.36
N LYS N 180 -50.66 -48.50 23.42
CA LYS N 180 -49.29 -48.43 23.95
C LYS N 180 -48.58 -47.17 23.44
N VAL N 181 -48.74 -46.89 22.16
CA VAL N 181 -48.20 -45.67 21.55
C VAL N 181 -49.33 -44.98 20.81
N ASN N 182 -49.23 -43.65 20.70
CA ASN N 182 -50.23 -42.88 19.98
C ASN N 182 -49.53 -41.82 19.15
N PHE N 183 -49.91 -41.74 17.87
CA PHE N 183 -49.52 -40.67 16.98
C PHE N 183 -50.74 -39.81 16.71
N GLY N 184 -50.59 -38.49 16.89
CA GLY N 184 -51.74 -37.61 16.86
C GLY N 184 -51.42 -36.30 16.16
N VAL N 185 -52.49 -35.67 15.71
CA VAL N 185 -52.44 -34.37 15.05
C VAL N 185 -53.27 -33.38 15.86
N ILE N 186 -52.68 -32.23 16.20
CA ILE N 186 -53.33 -31.21 17.01
C ILE N 186 -53.36 -29.92 16.19
N LYS N 187 -54.54 -29.32 16.10
CA LYS N 187 -54.77 -28.16 15.24
C LYS N 187 -54.84 -26.92 16.11
N LEU N 188 -53.75 -26.16 16.15
CA LEU N 188 -53.75 -24.89 16.86
C LEU N 188 -54.63 -23.88 16.15
N LYS N 189 -55.29 -23.02 16.92
CA LYS N 189 -56.19 -22.02 16.37
C LYS N 189 -55.75 -20.60 16.66
N ASN N 190 -55.47 -20.27 17.91
CA ASN N 190 -55.30 -18.88 18.31
C ASN N 190 -53.86 -18.40 18.30
N THR N 191 -52.90 -19.25 17.94
CA THR N 191 -51.49 -18.87 17.98
C THR N 191 -50.76 -19.45 16.78
N PHE N 192 -49.62 -18.85 16.47
CA PHE N 192 -48.70 -19.42 15.51
C PHE N 192 -47.81 -20.46 16.19
N VAL N 193 -47.29 -21.38 15.39
CA VAL N 193 -46.53 -22.50 15.91
C VAL N 193 -45.03 -22.23 15.88
N SER N 194 -44.52 -21.67 14.79
CA SER N 194 -43.09 -21.40 14.70
C SER N 194 -42.71 -20.23 15.60
N ASP N 195 -41.52 -20.32 16.19
CA ASP N 195 -41.00 -19.23 17.00
C ASP N 195 -40.82 -17.99 16.14
N ARG N 196 -41.11 -16.83 16.70
CA ARG N 196 -41.08 -15.58 15.95
C ARG N 196 -40.07 -14.63 16.57
N THR N 197 -39.55 -13.72 15.76
CA THR N 197 -38.55 -12.75 16.19
C THR N 197 -39.04 -11.33 15.90
N TYR N 198 -38.83 -10.44 16.85
CA TYR N 198 -39.26 -9.05 16.74
C TYR N 198 -38.10 -8.13 17.11
N ASN N 199 -37.96 -7.04 16.35
CA ASN N 199 -36.90 -6.08 16.56
C ASN N 199 -37.42 -4.91 17.39
N MET N 200 -36.65 -4.51 18.39
CA MET N 200 -37.01 -3.39 19.26
C MET N 200 -35.92 -2.33 19.24
N ARG N 201 -35.29 -2.15 18.08
CA ARG N 201 -34.25 -1.14 17.88
C ARG N 201 -33.13 -1.30 18.90
N GLY N 202 -32.70 -2.54 19.09
CA GLY N 202 -31.59 -2.83 19.98
C GLY N 202 -31.82 -4.04 20.86
N GLU N 203 -33.05 -4.28 21.27
CA GLU N 203 -33.40 -5.38 22.16
C GLU N 203 -34.24 -6.37 21.37
N ASP N 204 -33.58 -7.29 20.68
CA ASP N 204 -34.27 -8.30 19.89
C ASP N 204 -35.00 -9.27 20.81
N ILE N 205 -36.23 -9.61 20.44
CA ILE N 205 -37.10 -10.45 21.26
C ILE N 205 -37.47 -11.69 20.46
N VAL N 206 -37.29 -12.85 21.06
CA VAL N 206 -37.68 -14.12 20.44
C VAL N 206 -38.81 -14.71 21.27
N ILE N 207 -39.98 -14.87 20.64
CA ILE N 207 -41.12 -15.51 21.27
C ILE N 207 -41.14 -16.97 20.82
N PRO N 208 -40.94 -17.93 21.72
CA PRO N 208 -40.88 -19.33 21.29
C PRO N 208 -42.26 -19.89 20.97
N GLY N 209 -42.25 -20.97 20.21
CA GLY N 209 -43.48 -21.63 19.84
C GLY N 209 -43.93 -22.66 20.85
N VAL N 210 -45.22 -22.98 20.77
CA VAL N 210 -45.80 -23.93 21.70
C VAL N 210 -45.09 -25.28 21.60
N ALA N 211 -44.76 -25.70 20.38
CA ALA N 211 -44.08 -26.98 20.20
C ALA N 211 -42.74 -26.99 20.94
N THR N 212 -41.92 -25.97 20.72
CA THR N 212 -40.61 -25.91 21.37
C THR N 212 -40.76 -25.89 22.88
N VAL N 213 -41.67 -25.05 23.39
CA VAL N 213 -41.81 -24.89 24.83
C VAL N 213 -42.26 -26.20 25.48
N VAL N 214 -43.27 -26.84 24.90
CA VAL N 214 -43.80 -28.07 25.50
C VAL N 214 -42.77 -29.19 25.42
N GLU N 215 -42.10 -29.32 24.27
CA GLU N 215 -41.10 -30.37 24.15
C GLU N 215 -39.97 -30.17 25.15
N ARG N 216 -39.53 -28.92 25.34
CA ARG N 216 -38.49 -28.67 26.34
C ARG N 216 -39.02 -28.89 27.74
N LEU N 217 -40.33 -28.73 27.95
CA LEU N 217 -40.91 -29.02 29.25
C LEU N 217 -40.84 -30.50 29.58
N LEU N 218 -41.26 -31.35 28.64
CA LEU N 218 -41.24 -32.80 28.87
C LEU N 218 -39.82 -33.32 28.60
N ASN N 219 -38.94 -33.07 29.57
CA ASN N 219 -37.52 -33.34 29.39
C ASN N 219 -36.86 -33.64 30.73
N ASN N 220 -36.09 -34.73 30.78
CA ASN N 220 -35.23 -35.08 31.92
C ASN N 220 -36.03 -35.19 33.22
N GLY N 221 -36.96 -36.15 33.22
CA GLY N 221 -37.73 -36.45 34.41
C GLY N 221 -37.94 -37.93 34.58
N LYS N 222 -37.57 -38.47 35.73
CA LYS N 222 -37.64 -39.91 36.00
C LYS N 222 -38.69 -40.16 37.09
N ALA N 223 -39.94 -40.30 36.67
CA ALA N 223 -41.05 -40.62 37.56
C ALA N 223 -42.28 -40.87 36.70
N LEU N 224 -43.39 -41.18 37.37
CA LEU N 224 -44.69 -41.34 36.73
C LEU N 224 -45.72 -40.72 37.67
N SER N 225 -47.00 -41.02 37.43
CA SER N 225 -48.10 -40.58 38.29
C SER N 225 -48.15 -39.04 38.36
N ASN N 226 -48.49 -38.46 37.23
CA ASN N 226 -48.52 -37.01 37.07
C ASN N 226 -49.94 -36.47 37.23
N ARG N 227 -50.02 -35.16 37.44
CA ARG N 227 -51.28 -34.44 37.52
C ARG N 227 -51.07 -33.03 36.95
N GLN N 228 -52.14 -32.25 36.94
CA GLN N 228 -52.16 -30.95 36.29
C GLN N 228 -52.59 -29.87 37.27
N ALA N 229 -51.93 -28.71 37.18
CA ALA N 229 -52.15 -27.60 38.09
C ALA N 229 -52.45 -26.34 37.30
N GLN N 230 -53.58 -25.70 37.60
CA GLN N 230 -53.95 -24.45 36.97
C GLN N 230 -53.20 -23.29 37.61
N LEU N 261 -43.25 -43.38 31.87
CA LEU N 261 -43.08 -42.18 31.04
C LEU N 261 -41.74 -42.20 30.31
N GLU N 262 -41.72 -41.62 29.12
CA GLU N 262 -40.52 -41.58 28.28
C GLU N 262 -40.56 -40.30 27.47
N ASP N 263 -39.78 -40.24 26.40
CA ASP N 263 -39.65 -39.04 25.59
C ASP N 263 -40.74 -38.99 24.54
N VAL N 264 -41.49 -37.89 24.52
CA VAL N 264 -42.50 -37.64 23.50
C VAL N 264 -41.84 -37.02 22.29
N SER N 265 -42.41 -37.25 21.12
CA SER N 265 -41.95 -36.63 19.88
C SER N 265 -42.98 -35.58 19.48
N LEU N 266 -42.59 -34.32 19.54
CA LEU N 266 -43.51 -33.21 19.30
C LEU N 266 -42.88 -32.28 18.28
N ILE N 267 -43.47 -32.22 17.09
CA ILE N 267 -42.92 -31.40 16.02
C ILE N 267 -43.99 -30.48 15.47
N ALA N 268 -43.55 -29.41 14.83
CA ALA N 268 -44.42 -28.36 14.34
C ALA N 268 -44.49 -28.42 12.81
N TYR N 269 -45.71 -28.37 12.28
CA TYR N 269 -45.95 -28.37 10.84
C TYR N 269 -46.72 -27.10 10.53
N PRO N 270 -46.04 -25.98 10.29
CA PRO N 270 -46.75 -24.70 10.13
C PRO N 270 -47.46 -24.57 8.81
N GLU N 271 -47.22 -25.47 7.85
CA GLU N 271 -47.90 -25.36 6.56
C GLU N 271 -49.41 -25.39 6.73
N THR N 272 -49.90 -26.22 7.65
CA THR N 272 -51.30 -26.18 8.06
C THR N 272 -51.42 -25.73 9.51
N ASN N 273 -50.36 -25.20 10.10
CA ASN N 273 -50.35 -24.68 11.46
C ASN N 273 -50.85 -25.75 12.45
N SER N 274 -50.13 -26.86 12.47
CA SER N 274 -50.52 -27.98 13.30
C SER N 274 -49.30 -28.53 14.02
N ILE N 275 -49.55 -29.48 14.92
CA ILE N 275 -48.51 -30.11 15.72
C ILE N 275 -48.69 -31.62 15.62
N LEU N 276 -47.60 -32.32 15.35
CA LEU N 276 -47.60 -33.78 15.29
C LEU N 276 -46.98 -34.31 16.57
N VAL N 277 -47.72 -35.17 17.26
CA VAL N 277 -47.34 -35.66 18.58
C VAL N 277 -47.22 -37.18 18.54
N LYS N 278 -46.32 -37.70 19.38
CA LYS N 278 -46.10 -39.13 19.52
C LYS N 278 -45.81 -39.41 20.98
N GLY N 279 -46.62 -40.26 21.61
CA GLY N 279 -46.37 -40.56 23.00
C GLY N 279 -47.43 -41.49 23.57
N ASN N 280 -47.35 -41.69 24.89
CA ASN N 280 -48.29 -42.54 25.60
C ASN N 280 -49.61 -41.82 25.82
N ASP N 281 -50.61 -42.56 26.29
CA ASP N 281 -51.93 -41.99 26.47
C ASP N 281 -51.92 -40.90 27.54
N GLN N 282 -51.24 -41.14 28.66
CA GLN N 282 -51.15 -40.11 29.70
C GLN N 282 -50.44 -38.87 29.17
N GLN N 283 -49.36 -39.07 28.42
CA GLN N 283 -48.61 -37.93 27.88
C GLN N 283 -49.46 -37.11 26.92
N ILE N 284 -50.19 -37.78 26.01
CA ILE N 284 -51.00 -37.02 25.08
C ILE N 284 -52.15 -36.34 25.81
N GLN N 285 -52.69 -36.96 26.86
CA GLN N 285 -53.75 -36.31 27.62
C GLN N 285 -53.25 -35.03 28.27
N ILE N 286 -52.08 -35.08 28.90
CA ILE N 286 -51.57 -33.86 29.53
C ILE N 286 -51.20 -32.84 28.47
N ILE N 287 -50.75 -33.28 27.30
CA ILE N 287 -50.42 -32.32 26.24
C ILE N 287 -51.68 -31.60 25.77
N ARG N 288 -52.75 -32.34 25.55
CA ARG N 288 -54.00 -31.72 25.14
C ARG N 288 -54.49 -30.73 26.19
N ASP N 289 -54.45 -31.14 27.46
CA ASP N 289 -54.91 -30.24 28.51
C ASP N 289 -54.05 -28.98 28.61
N ILE N 290 -52.73 -29.13 28.54
CA ILE N 290 -51.86 -27.98 28.71
C ILE N 290 -51.98 -27.04 27.52
N ILE N 291 -52.11 -27.58 26.30
CA ILE N 291 -52.27 -26.71 25.14
C ILE N 291 -53.59 -25.96 25.21
N THR N 292 -54.67 -26.66 25.56
CA THR N 292 -55.97 -26.00 25.68
C THR N 292 -55.92 -24.89 26.73
N GLN N 293 -55.27 -25.15 27.86
CA GLN N 293 -55.09 -24.11 28.86
C GLN N 293 -54.11 -23.04 28.40
N LEU N 294 -53.33 -23.32 27.36
CA LEU N 294 -52.27 -22.41 26.94
C LEU N 294 -52.75 -21.36 25.95
N ASP N 295 -53.46 -21.74 24.89
CA ASP N 295 -53.86 -20.78 23.86
C ASP N 295 -55.36 -20.54 23.94
N VAL N 296 -55.75 -19.29 24.22
CA VAL N 296 -57.19 -19.01 24.28
C VAL N 296 -57.63 -17.87 23.37
N ALA N 297 -57.21 -16.63 23.66
CA ALA N 297 -57.90 -15.56 22.95
C ALA N 297 -57.01 -14.50 22.35
N LYS N 298 -55.95 -14.06 23.05
CA LYS N 298 -55.06 -13.01 22.58
C LYS N 298 -55.84 -11.71 22.31
N ARG N 299 -56.27 -11.08 23.40
CA ARG N 299 -57.04 -9.85 23.30
C ARG N 299 -56.23 -8.72 22.67
N HIS N 300 -56.95 -7.71 22.20
CA HIS N 300 -56.40 -6.60 21.43
C HIS N 300 -56.35 -5.34 22.27
N ILE N 301 -55.19 -4.68 22.27
CA ILE N 301 -54.99 -3.40 22.93
C ILE N 301 -54.67 -2.36 21.88
N GLU N 302 -55.36 -1.23 21.94
CA GLU N 302 -55.08 -0.10 21.06
C GLU N 302 -54.63 1.08 21.90
N LEU N 303 -53.47 1.64 21.56
CA LEU N 303 -52.84 2.69 22.32
C LEU N 303 -52.88 3.99 21.52
N SER N 304 -53.33 5.07 22.17
CA SER N 304 -53.32 6.40 21.59
C SER N 304 -52.35 7.26 22.38
N LEU N 305 -51.37 7.82 21.69
CA LEU N 305 -50.30 8.56 22.34
C LEU N 305 -50.46 10.04 22.00
N TRP N 306 -50.93 10.83 22.96
CA TRP N 306 -51.13 12.25 22.73
C TRP N 306 -49.85 13.01 23.01
N ILE N 307 -49.44 13.84 22.05
CA ILE N 307 -48.29 14.71 22.20
C ILE N 307 -48.79 16.14 22.02
N ILE N 308 -48.59 16.98 23.03
CA ILE N 308 -49.16 18.31 23.05
C ILE N 308 -48.05 19.32 23.24
N ASP N 309 -48.04 20.37 22.41
CA ASP N 309 -47.10 21.47 22.56
C ASP N 309 -47.88 22.76 22.57
N ILE N 310 -47.52 23.65 23.49
CA ILE N 310 -48.08 24.99 23.57
C ILE N 310 -46.95 25.97 23.78
N ASP N 311 -46.87 26.99 22.94
CA ASP N 311 -45.80 27.97 23.02
C ASP N 311 -46.37 29.38 22.93
N LYS N 312 -45.87 30.25 23.80
CA LYS N 312 -46.16 31.67 23.73
C LYS N 312 -44.85 32.42 23.84
N SER N 313 -44.73 33.51 23.09
CA SER N 313 -43.51 34.29 23.11
C SER N 313 -43.82 35.74 22.82
N GLU N 314 -43.03 36.63 23.43
CA GLU N 314 -43.19 38.06 23.19
C GLU N 314 -41.82 38.71 23.27
N LEU N 315 -41.42 39.37 22.19
CA LEU N 315 -40.13 40.01 22.10
C LEU N 315 -40.35 41.46 21.68
N ASN N 316 -39.84 42.40 22.47
CA ASN N 316 -40.05 43.79 22.11
C ASN N 316 -38.84 44.62 22.47
N ASN N 317 -38.50 45.56 21.59
CA ASN N 317 -37.34 46.42 21.81
C ASN N 317 -37.60 47.80 21.27
N LEU N 318 -37.21 48.80 22.05
CA LEU N 318 -37.35 50.19 21.60
C LEU N 318 -36.24 51.02 22.21
N GLY N 319 -35.76 51.99 21.46
CA GLY N 319 -34.73 52.87 21.93
C GLY N 319 -33.89 53.39 20.79
N VAL N 320 -32.77 54.03 21.16
CA VAL N 320 -31.89 54.68 20.20
C VAL N 320 -30.45 54.35 20.53
N ASN N 321 -29.65 54.11 19.50
CA ASN N 321 -28.20 53.98 19.63
C ASN N 321 -27.54 55.14 18.90
N TRP N 322 -26.49 55.70 19.50
CA TRP N 322 -25.85 56.90 18.98
C TRP N 322 -24.37 56.63 18.70
N GLN N 323 -23.87 57.28 17.64
CA GLN N 323 -22.44 57.34 17.38
C GLN N 323 -22.11 58.73 16.88
N GLY N 324 -20.89 59.19 17.16
CA GLY N 324 -20.55 60.57 16.84
C GLY N 324 -19.11 60.79 16.46
N THR N 325 -18.90 61.89 15.75
CA THR N 325 -17.57 62.37 15.37
C THR N 325 -17.59 63.89 15.39
N ALA N 326 -16.44 64.48 15.68
CA ALA N 326 -16.35 65.93 15.73
C ALA N 326 -14.92 66.36 15.45
N SER N 327 -14.78 67.58 14.92
CA SER N 327 -13.48 68.13 14.60
C SER N 327 -13.44 69.60 14.99
N PHE N 328 -12.24 70.08 15.27
CA PHE N 328 -12.03 71.48 15.63
C PHE N 328 -10.71 71.93 15.02
N GLY N 329 -10.78 72.94 14.15
CA GLY N 329 -9.66 73.31 13.33
C GLY N 329 -9.20 72.13 12.52
N ASP N 330 -7.90 72.10 12.24
CA ASP N 330 -7.25 70.91 11.71
C ASP N 330 -6.39 70.25 12.78
N SER N 331 -6.73 70.49 14.04
CA SER N 331 -5.91 70.09 15.17
C SER N 331 -6.57 69.08 16.09
N PHE N 332 -7.83 69.29 16.47
CA PHE N 332 -8.47 68.48 17.50
C PHE N 332 -9.50 67.57 16.85
N GLY N 333 -9.30 66.27 16.96
CA GLY N 333 -10.27 65.29 16.51
C GLY N 333 -10.89 64.57 17.69
N ALA N 334 -12.19 64.25 17.57
CA ALA N 334 -12.88 63.56 18.65
C ALA N 334 -13.82 62.52 18.07
N SER N 335 -13.82 61.32 18.67
CA SER N 335 -14.70 60.24 18.24
C SER N 335 -15.51 59.77 19.44
N PHE N 336 -16.83 59.86 19.35
CA PHE N 336 -17.72 59.55 20.46
C PHE N 336 -18.35 58.18 20.23
N ASN N 337 -18.04 57.23 21.11
CA ASN N 337 -18.61 55.88 21.07
C ASN N 337 -18.30 55.18 19.76
N MET N 338 -17.00 55.11 19.45
CA MET N 338 -16.54 54.42 18.25
C MET N 338 -15.40 53.49 18.62
N SER N 339 -15.34 52.35 17.91
CA SER N 339 -14.27 51.40 18.16
C SER N 339 -12.92 51.96 17.75
N SER N 340 -12.81 52.49 16.53
CA SER N 340 -11.59 53.09 16.05
C SER N 340 -11.92 54.00 14.88
N SER N 341 -10.98 54.88 14.55
CA SER N 341 -11.16 55.83 13.45
C SER N 341 -11.02 55.15 12.09
N ASN N 350 -19.40 62.98 9.18
CA ASN N 350 -18.62 63.93 9.95
C ASN N 350 -19.28 64.23 11.29
N LYS N 351 -20.57 63.91 11.39
CA LYS N 351 -21.33 64.24 12.59
C LYS N 351 -22.25 63.07 12.92
N PHE N 352 -23.22 63.31 13.79
CA PHE N 352 -23.82 62.26 14.59
C PHE N 352 -24.83 61.42 13.83
N ILE N 353 -24.86 60.14 14.16
CA ILE N 353 -25.79 59.18 13.57
C ILE N 353 -26.52 58.46 14.70
N ALA N 354 -27.81 58.20 14.48
CA ALA N 354 -28.65 57.54 15.47
C ALA N 354 -29.49 56.47 14.80
N SER N 355 -29.46 55.27 15.35
CA SER N 355 -30.31 54.18 14.92
C SER N 355 -31.46 54.05 15.89
N VAL N 356 -32.68 54.28 15.42
CA VAL N 356 -33.87 54.17 16.25
C VAL N 356 -34.56 52.86 15.94
N MET N 357 -34.81 52.08 16.99
CA MET N 357 -35.49 50.81 16.89
C MET N 357 -36.77 50.89 17.70
N ALA N 358 -37.85 50.35 17.14
CA ALA N 358 -39.12 50.29 17.85
C ALA N 358 -39.92 49.15 17.24
N LEU N 359 -40.12 48.07 17.99
CA LEU N 359 -40.79 46.92 17.43
C LEU N 359 -41.27 46.02 18.55
N ASN N 360 -42.36 45.30 18.30
CA ASN N 360 -42.92 44.37 19.28
C ASN N 360 -43.60 43.24 18.53
N GLN N 361 -43.16 42.00 18.77
CA GLN N 361 -43.75 40.86 18.09
C GLN N 361 -44.15 39.80 19.10
N LYS N 362 -45.40 39.34 18.98
CA LYS N 362 -45.92 38.25 19.77
C LYS N 362 -46.12 37.04 18.88
N LYS N 363 -46.02 35.85 19.47
CA LYS N 363 -46.14 34.63 18.71
C LYS N 363 -46.79 33.57 19.57
N LYS N 364 -47.64 32.74 18.98
CA LYS N 364 -48.32 31.69 19.72
C LYS N 364 -48.48 30.48 18.82
N ALA N 365 -48.35 29.29 19.40
CA ALA N 365 -48.47 28.07 18.61
C ALA N 365 -49.00 26.94 19.45
N ASN N 366 -49.92 26.16 18.88
CA ASN N 366 -50.44 24.96 19.51
C ASN N 366 -50.32 23.80 18.52
N VAL N 367 -49.72 22.70 18.96
CA VAL N 367 -49.54 21.53 18.12
C VAL N 367 -50.04 20.32 18.89
N VAL N 368 -50.90 19.52 18.25
CA VAL N 368 -51.42 18.32 18.86
C VAL N 368 -51.22 17.17 17.88
N SER N 369 -50.38 16.22 18.26
CA SER N 369 -50.15 15.04 17.44
C SER N 369 -50.66 13.82 18.17
N ARG N 370 -51.14 12.84 17.41
CA ARG N 370 -51.69 11.62 18.01
C ARG N 370 -51.40 10.44 17.11
N PRO N 371 -50.38 9.66 17.42
CA PRO N 371 -50.28 8.32 16.84
C PRO N 371 -51.21 7.36 17.56
N VAL N 372 -51.68 6.36 16.82
CA VAL N 372 -52.62 5.37 17.34
C VAL N 372 -52.25 4.03 16.72
N ILE N 373 -51.98 3.04 17.55
CA ILE N 373 -51.57 1.75 17.03
C ILE N 373 -52.28 0.63 17.78
N LEU N 374 -52.69 -0.40 17.05
CA LEU N 374 -53.38 -1.55 17.63
C LEU N 374 -52.48 -2.77 17.56
N THR N 375 -52.57 -3.63 18.57
CA THR N 375 -51.81 -4.86 18.58
C THR N 375 -52.48 -5.86 19.51
N GLN N 376 -51.88 -7.04 19.61
CA GLN N 376 -52.33 -8.07 20.54
C GLN N 376 -51.48 -8.03 21.80
N GLU N 377 -52.08 -8.39 22.93
CA GLU N 377 -51.38 -8.30 24.19
C GLU N 377 -50.12 -9.17 24.17
N ASN N 378 -49.06 -8.65 24.79
CA ASN N 378 -47.77 -9.31 24.98
C ASN N 378 -46.95 -9.45 23.71
N ILE N 379 -47.36 -8.83 22.61
CA ILE N 379 -46.65 -8.93 21.35
C ILE N 379 -46.20 -7.53 20.93
N PRO N 380 -44.91 -7.32 20.69
CA PRO N 380 -44.43 -5.96 20.42
C PRO N 380 -45.04 -5.39 19.15
N ALA N 381 -45.23 -4.08 19.15
CA ALA N 381 -45.77 -3.37 18.00
C ALA N 381 -44.87 -2.20 17.67
N ILE N 382 -44.72 -1.92 16.38
CA ILE N 382 -43.84 -0.85 15.92
C ILE N 382 -44.63 0.09 15.02
N PHE N 383 -44.47 1.39 15.23
CA PHE N 383 -45.12 2.38 14.39
C PHE N 383 -44.19 3.56 14.24
N ASP N 384 -43.73 3.83 13.02
CA ASP N 384 -42.96 5.04 12.78
C ASP N 384 -43.49 5.76 11.56
N ASN N 385 -43.30 7.07 11.55
CA ASN N 385 -43.91 7.90 10.53
C ASN N 385 -43.13 9.19 10.46
N ASN N 386 -43.10 9.80 9.28
CA ASN N 386 -42.55 11.14 9.18
C ASN N 386 -43.12 11.82 7.95
N ARG N 387 -43.57 13.05 8.15
CA ARG N 387 -44.10 13.91 7.10
C ARG N 387 -43.21 15.13 6.97
N THR N 388 -43.43 15.86 5.88
CA THR N 388 -42.75 17.14 5.66
C THR N 388 -43.81 18.21 5.52
N PHE N 389 -43.70 19.27 6.31
CA PHE N 389 -44.63 20.38 6.28
C PHE N 389 -44.02 21.52 5.51
N TYR N 390 -44.74 21.98 4.48
CA TYR N 390 -44.29 23.06 3.62
C TYR N 390 -45.09 24.32 3.90
N VAL N 391 -44.43 25.47 3.76
CA VAL N 391 -45.10 26.76 3.70
C VAL N 391 -44.53 27.52 2.52
N SER N 392 -45.42 28.04 1.68
CA SER N 392 -45.03 28.79 0.50
C SER N 392 -44.77 30.24 0.88
N LEU N 393 -43.63 30.77 0.45
CA LEU N 393 -43.32 32.17 0.70
C LEU N 393 -44.32 33.06 -0.03
N VAL N 394 -44.29 34.35 0.33
CA VAL N 394 -45.19 35.30 -0.31
C VAL N 394 -44.82 35.50 -1.77
N GLY N 395 -43.52 35.57 -2.08
CA GLY N 395 -43.08 35.78 -3.45
C GLY N 395 -41.63 35.44 -3.67
N LEU N 401 -40.43 28.86 0.07
CA LEU N 401 -40.87 27.49 0.30
C LEU N 401 -40.02 26.84 1.37
N GLU N 402 -40.45 26.94 2.62
CA GLU N 402 -39.70 26.40 3.74
C GLU N 402 -40.40 25.18 4.31
N HIS N 403 -39.62 24.17 4.65
CA HIS N 403 -40.17 22.87 5.04
C HIS N 403 -39.52 22.40 6.34
N VAL N 404 -40.31 21.67 7.13
CA VAL N 404 -39.86 21.07 8.36
C VAL N 404 -40.29 19.61 8.38
N THR N 405 -39.36 18.71 8.69
CA THR N 405 -39.62 17.28 8.66
C THR N 405 -39.98 16.82 10.07
N TYR N 406 -41.24 16.45 10.27
CA TYR N 406 -41.73 16.01 11.56
C TYR N 406 -41.83 14.50 11.55
N GLY N 407 -41.13 13.85 12.46
CA GLY N 407 -41.11 12.40 12.52
C GLY N 407 -41.31 11.90 13.94
N THR N 408 -42.02 10.77 14.04
CA THR N 408 -42.25 10.08 15.29
C THR N 408 -41.95 8.60 15.10
N LEU N 409 -41.62 7.95 16.20
CA LEU N 409 -41.30 6.52 16.20
C LEU N 409 -41.60 5.98 17.58
N ILE N 410 -42.58 5.09 17.65
CA ILE N 410 -43.02 4.52 18.92
C ILE N 410 -43.01 3.01 18.79
N ASN N 411 -42.31 2.34 19.70
CA ASN N 411 -42.39 0.89 19.78
C ASN N 411 -42.78 0.50 21.19
N VAL N 412 -43.75 -0.40 21.29
CA VAL N 412 -44.48 -0.60 22.53
C VAL N 412 -44.70 -2.09 22.74
N ILE N 413 -44.67 -2.52 24.00
CA ILE N 413 -45.08 -3.85 24.41
C ILE N 413 -46.20 -3.71 25.42
N PRO N 414 -47.44 -3.97 25.02
CA PRO N 414 -48.56 -3.88 25.96
C PRO N 414 -48.93 -5.21 26.57
N ARG N 415 -49.65 -5.18 27.69
CA ARG N 415 -50.21 -6.39 28.30
C ARG N 415 -51.19 -5.95 29.37
N PHE N 416 -51.89 -6.92 29.94
CA PHE N 416 -52.92 -6.65 30.93
C PHE N 416 -52.41 -6.91 32.33
N SER N 417 -53.20 -6.47 33.30
CA SER N 417 -52.88 -6.63 34.71
C SER N 417 -54.16 -6.51 35.52
N SER N 418 -54.04 -6.84 36.81
CA SER N 418 -55.16 -6.94 37.73
C SER N 418 -56.16 -5.82 37.55
N ARG N 419 -57.44 -6.16 37.64
CA ARG N 419 -58.55 -5.21 37.48
C ARG N 419 -58.58 -4.64 36.07
N GLY N 420 -58.06 -5.38 35.10
CA GLY N 420 -58.11 -4.93 33.73
C GLY N 420 -57.28 -3.70 33.43
N GLN N 421 -56.24 -3.44 34.22
CA GLN N 421 -55.35 -2.33 33.91
C GLN N 421 -54.44 -2.72 32.75
N ILE N 422 -53.96 -1.72 32.03
CA ILE N 422 -53.10 -1.95 30.87
C ILE N 422 -51.71 -1.46 31.19
N GLU N 423 -50.74 -2.36 31.18
CA GLU N 423 -49.35 -2.00 31.41
C GLU N 423 -48.63 -2.00 30.07
N MET N 424 -47.68 -1.07 29.92
CA MET N 424 -46.99 -0.91 28.65
C MET N 424 -45.53 -0.54 28.89
N SER N 425 -44.64 -1.17 28.13
CA SER N 425 -43.27 -0.73 28.01
C SER N 425 -43.15 0.12 26.75
N LEU N 426 -42.67 1.35 26.89
CA LEU N 426 -42.72 2.33 25.84
C LEU N 426 -41.34 2.85 25.50
N THR N 427 -41.03 2.91 24.21
CA THR N 427 -39.93 3.71 23.71
C THR N 427 -40.51 4.68 22.68
N ILE N 428 -40.37 5.97 22.94
CA ILE N 428 -40.96 7.01 22.10
C ILE N 428 -39.87 7.99 21.70
N GLU N 429 -39.81 8.28 20.41
CA GLU N 429 -39.02 9.40 19.92
C GLU N 429 -39.93 10.23 19.05
N ASP N 430 -39.78 11.55 19.10
CA ASP N 430 -40.61 12.37 18.23
C ASP N 430 -39.96 13.74 18.08
N GLY N 431 -40.38 14.45 17.04
CA GLY N 431 -40.01 15.83 16.91
C GLY N 431 -39.60 16.14 15.49
N THR N 432 -39.03 17.31 15.32
CA THR N 432 -38.71 17.85 14.01
C THR N 432 -37.22 17.85 13.78
N GLY N 433 -36.83 18.32 12.60
CA GLY N 433 -35.44 18.56 12.27
C GLY N 433 -35.22 20.04 11.97
N ASN N 434 -34.17 20.60 12.55
CA ASN N 434 -33.92 22.04 12.46
C ASN N 434 -33.86 22.50 11.01
N SER N 435 -34.75 23.41 10.64
CA SER N 435 -34.72 24.04 9.33
C SER N 435 -35.07 25.51 9.51
N GLN N 436 -34.05 26.35 9.63
CA GLN N 436 -34.23 27.79 9.79
C GLN N 436 -34.86 28.42 8.56
N ASN N 443 -37.92 34.71 6.88
CA ASN N 443 -39.06 35.61 6.93
C ASN N 443 -40.27 34.92 7.57
N GLU N 444 -40.25 34.80 8.90
CA GLU N 444 -41.32 34.24 9.71
C GLU N 444 -41.63 32.79 9.36
N ASN N 445 -40.77 32.13 8.58
CA ASN N 445 -40.99 30.73 8.24
C ASN N 445 -41.02 29.86 9.49
N THR N 446 -40.00 30.00 10.33
CA THR N 446 -39.99 29.29 11.61
C THR N 446 -41.12 29.77 12.49
N SER N 447 -41.53 31.03 12.34
CA SER N 447 -42.65 31.54 13.11
C SER N 447 -43.96 30.84 12.76
N VAL N 448 -44.08 30.36 11.53
CA VAL N 448 -45.31 29.70 11.11
C VAL N 448 -45.22 28.19 11.32
N LEU N 449 -44.09 27.58 10.96
CA LEU N 449 -43.95 26.14 11.04
C LEU N 449 -43.88 25.68 12.51
N PRO N 450 -44.16 24.40 12.77
CA PRO N 450 -44.18 23.92 14.16
C PRO N 450 -42.88 24.12 14.93
N GLU N 451 -41.81 23.48 14.47
CA GLU N 451 -40.48 23.58 15.11
C GLU N 451 -40.56 23.32 16.62
N VAL N 452 -40.89 22.07 16.94
CA VAL N 452 -41.14 21.67 18.32
C VAL N 452 -39.95 20.96 18.96
N GLY N 453 -38.78 21.02 18.35
CA GLY N 453 -37.62 20.37 18.94
C GLY N 453 -37.69 18.87 18.78
N ARG N 454 -36.89 18.17 19.57
CA ARG N 454 -36.86 16.72 19.55
C ARG N 454 -36.90 16.19 20.97
N THR N 455 -37.58 15.06 21.18
CA THR N 455 -37.73 14.51 22.50
C THR N 455 -37.82 13.00 22.43
N LYS N 456 -37.04 12.31 23.25
CA LYS N 456 -37.10 10.86 23.37
C LYS N 456 -37.32 10.50 24.83
N ILE N 457 -38.25 9.60 25.07
CA ILE N 457 -38.55 9.13 26.42
C ILE N 457 -38.71 7.62 26.39
N SER N 458 -38.04 6.94 27.31
CA SER N 458 -38.10 5.48 27.40
C SER N 458 -38.46 5.13 28.83
N THR N 459 -39.54 4.39 29.00
CA THR N 459 -40.08 4.12 30.34
C THR N 459 -41.08 2.98 30.26
N ILE N 460 -41.80 2.76 31.36
CA ILE N 460 -42.80 1.70 31.47
C ILE N 460 -43.83 2.12 32.51
N ALA N 461 -45.11 2.00 32.16
CA ALA N 461 -46.16 2.48 33.05
C ALA N 461 -47.45 1.72 32.81
N ARG N 462 -48.32 1.72 33.81
CA ARG N 462 -49.60 1.05 33.70
C ARG N 462 -50.73 2.03 34.00
N VAL N 463 -51.83 1.86 33.29
CA VAL N 463 -52.95 2.80 33.30
C VAL N 463 -54.24 2.05 33.61
N PRO N 464 -55.07 2.55 34.51
CA PRO N 464 -56.42 2.00 34.64
C PRO N 464 -57.18 2.26 33.35
N GLN N 465 -58.09 1.35 33.02
CA GLN N 465 -58.85 1.50 31.80
C GLN N 465 -59.92 2.56 31.99
N GLY N 466 -59.97 3.51 31.05
CA GLY N 466 -60.85 4.65 31.17
C GLY N 466 -60.18 5.95 31.54
N LYS N 467 -58.89 5.92 31.90
CA LYS N 467 -58.15 7.11 32.25
C LYS N 467 -56.88 7.16 31.43
N SER N 468 -56.22 8.31 31.48
CA SER N 468 -55.01 8.55 30.71
C SER N 468 -53.92 9.11 31.62
N LEU N 469 -52.68 8.85 31.26
CA LEU N 469 -51.55 9.14 32.13
C LEU N 469 -50.56 10.06 31.44
N LEU N 470 -49.91 10.92 32.21
CA LEU N 470 -48.94 11.86 31.70
C LEU N 470 -47.55 11.29 31.96
N ILE N 471 -47.07 10.45 31.04
CA ILE N 471 -45.81 9.76 31.29
C ILE N 471 -44.64 10.73 31.24
N GLY N 472 -44.66 11.69 30.31
CA GLY N 472 -43.51 12.55 30.14
C GLY N 472 -43.92 13.99 29.94
N GLY N 473 -43.00 14.89 30.25
CA GLY N 473 -43.33 16.28 30.03
C GLY N 473 -42.14 17.17 30.30
N TYR N 474 -42.29 18.42 29.89
CA TYR N 474 -41.18 19.36 29.96
C TYR N 474 -41.73 20.77 29.77
N THR N 475 -41.50 21.63 30.75
CA THR N 475 -41.90 23.02 30.64
C THR N 475 -40.68 23.92 30.76
N HIS N 476 -40.80 25.12 30.21
CA HIS N 476 -39.67 26.02 30.11
C HIS N 476 -40.17 27.44 30.13
N GLU N 477 -39.51 28.29 30.90
CA GLU N 477 -39.90 29.69 30.99
C GLU N 477 -38.65 30.55 30.95
N THR N 478 -38.67 31.58 30.10
CA THR N 478 -37.52 32.45 29.93
C THR N 478 -37.97 33.89 30.05
N ASN N 479 -37.19 34.69 30.78
CA ASN N 479 -37.44 36.12 30.91
C ASN N 479 -36.11 36.83 30.83
N SER N 480 -36.03 37.89 30.03
CA SER N 480 -34.76 38.57 29.84
C SER N 480 -34.99 40.05 29.60
N ASN N 481 -34.19 40.88 30.24
CA ASN N 481 -34.22 42.32 30.05
C ASN N 481 -32.82 42.83 29.82
N GLU N 482 -32.70 43.85 28.98
CA GLU N 482 -31.41 44.49 28.73
C GLU N 482 -31.63 45.97 28.52
N ILE N 483 -30.80 46.79 29.18
CA ILE N 483 -30.92 48.23 29.10
C ILE N 483 -29.55 48.82 28.77
N ILE N 484 -29.49 49.66 27.76
CA ILE N 484 -28.27 50.34 27.37
C ILE N 484 -28.53 51.83 27.44
N SER N 485 -27.63 52.59 28.06
CA SER N 485 -27.88 54.01 28.20
C SER N 485 -26.58 54.77 28.29
N ILE N 486 -26.60 55.99 27.76
CA ILE N 486 -25.52 56.95 27.98
C ILE N 486 -25.53 57.36 29.45
N PRO N 487 -24.38 57.42 30.11
CA PRO N 487 -24.36 57.56 31.57
C PRO N 487 -25.10 58.76 32.12
N PHE N 488 -24.72 59.98 31.72
CA PHE N 488 -25.22 61.16 32.42
C PHE N 488 -26.50 61.72 31.80
N LEU N 489 -26.44 62.11 30.53
CA LEU N 489 -27.55 62.86 29.96
C LEU N 489 -28.82 62.04 29.89
N SER N 490 -28.71 60.72 29.69
CA SER N 490 -29.91 59.89 29.65
C SER N 490 -30.68 59.90 30.95
N SER N 491 -30.14 60.51 32.01
CA SER N 491 -30.84 60.60 33.28
C SER N 491 -31.63 61.89 33.43
N ILE N 492 -31.54 62.82 32.48
CA ILE N 492 -32.29 64.07 32.57
C ILE N 492 -33.78 63.75 32.39
N PRO N 493 -34.69 64.55 32.97
CA PRO N 493 -36.07 64.10 33.12
C PRO N 493 -36.83 63.82 31.84
N VAL N 494 -36.89 64.78 30.92
CA VAL N 494 -37.84 64.69 29.83
C VAL N 494 -37.23 63.98 28.62
N ILE N 495 -36.19 64.58 28.03
CA ILE N 495 -35.65 64.05 26.79
C ILE N 495 -34.64 62.94 27.02
N GLY N 496 -34.24 62.71 28.27
CA GLY N 496 -33.29 61.65 28.54
C GLY N 496 -33.76 60.30 28.06
N ASN N 497 -35.07 60.06 28.12
CA ASN N 497 -35.63 58.79 27.67
C ASN N 497 -35.42 58.54 26.19
N VAL N 498 -34.84 59.49 25.45
CA VAL N 498 -34.53 59.25 24.04
C VAL N 498 -33.16 58.62 23.85
N PHE N 499 -32.35 58.52 24.91
CA PHE N 499 -31.02 57.95 24.79
C PHE N 499 -30.94 56.51 25.23
N LYS N 500 -31.95 56.01 25.94
CA LYS N 500 -31.92 54.63 26.39
C LYS N 500 -32.15 53.67 25.23
N TYR N 501 -32.08 52.39 25.55
CA TYR N 501 -32.41 51.33 24.60
C TYR N 501 -32.78 50.11 25.41
N LYS N 502 -34.05 49.72 25.36
CA LYS N 502 -34.59 48.67 26.21
C LYS N 502 -35.04 47.50 25.35
N THR N 503 -34.54 46.32 25.67
CA THR N 503 -34.91 45.09 24.97
C THR N 503 -35.46 44.10 25.98
N SER N 504 -36.51 43.39 25.61
CA SER N 504 -37.15 42.46 26.52
C SER N 504 -37.64 41.23 25.77
N ASN N 505 -37.54 40.08 26.44
CA ASN N 505 -37.99 38.82 25.89
C ASN N 505 -38.70 38.04 26.98
N ILE N 506 -39.82 37.41 26.62
CA ILE N 506 -40.57 36.54 27.51
C ILE N 506 -41.03 35.33 26.71
N SER N 507 -40.94 34.14 27.29
CA SER N 507 -41.39 32.97 26.55
C SER N 507 -41.79 31.85 27.49
N ASN N 508 -42.88 31.17 27.15
CA ASN N 508 -43.32 29.97 27.86
C ASN N 508 -43.49 28.84 26.86
N ILE N 509 -43.03 27.65 27.24
CA ILE N 509 -43.12 26.47 26.41
C ILE N 509 -43.59 25.32 27.29
N VAL N 510 -44.54 24.54 26.79
CA VAL N 510 -45.03 23.36 27.49
C VAL N 510 -45.12 22.22 26.49
N ARG N 511 -44.58 21.07 26.84
CA ARG N 511 -44.69 19.89 26.01
C ARG N 511 -45.04 18.70 26.88
N VAL N 512 -46.00 17.89 26.43
CA VAL N 512 -46.58 16.83 27.25
C VAL N 512 -46.74 15.58 26.41
N PHE N 513 -46.36 14.43 26.97
CA PHE N 513 -46.60 13.12 26.38
C PHE N 513 -47.53 12.36 27.32
N LEU N 514 -48.78 12.19 26.90
CA LEU N 514 -49.76 11.36 27.60
C LEU N 514 -50.03 10.11 26.79
N ILE N 515 -50.54 9.09 27.48
CA ILE N 515 -51.00 7.87 26.84
C ILE N 515 -52.40 7.57 27.31
N GLN N 516 -53.22 7.03 26.41
CA GLN N 516 -54.44 6.39 26.84
C GLN N 516 -54.63 5.10 26.04
N PRO N 517 -54.64 3.97 26.70
CA PRO N 517 -54.90 2.72 26.00
C PRO N 517 -56.35 2.31 26.14
N ARG N 518 -56.77 1.33 25.35
CA ARG N 518 -58.10 0.78 25.50
C ARG N 518 -58.16 -0.60 24.86
N GLU N 519 -58.93 -1.48 25.48
CA GLU N 519 -59.13 -2.81 24.92
C GLU N 519 -60.14 -2.73 23.79
N ILE N 520 -59.90 -3.52 22.74
CA ILE N 520 -60.75 -3.52 21.56
C ILE N 520 -61.88 -4.52 21.75
N LYS N 521 -63.11 -4.04 21.68
CA LYS N 521 -64.29 -4.88 21.82
C LYS N 521 -65.00 -4.99 20.49
N GLU N 522 -66.10 -5.75 20.49
CA GLU N 522 -66.83 -5.98 19.25
C GLU N 522 -67.43 -4.71 18.68
N SER N 523 -67.58 -3.68 19.49
CA SER N 523 -68.10 -2.40 18.99
C SER N 523 -67.02 -1.53 18.40
N SER N 524 -65.77 -1.95 18.44
CA SER N 524 -64.68 -1.14 17.91
C SER N 524 -64.36 -1.45 16.46
N TYR N 525 -64.99 -2.45 15.87
CA TYR N 525 -64.81 -2.72 14.45
C TYR N 525 -65.77 -1.87 13.63
N TYR N 526 -65.50 -1.80 12.33
CA TYR N 526 -66.33 -1.08 11.39
C TYR N 526 -67.16 -2.06 10.60
N ASN N 527 -68.47 -1.84 10.54
CA ASN N 527 -69.34 -2.70 9.73
C ASN N 527 -69.13 -2.37 8.27
N THR N 528 -68.72 -3.36 7.49
CA THR N 528 -68.52 -3.20 6.06
C THR N 528 -69.53 -4.00 5.25
N ALA N 529 -69.60 -5.31 5.49
CA ALA N 529 -70.60 -6.21 4.91
C ALA N 529 -70.60 -6.22 3.39
N GLU N 530 -69.62 -5.58 2.75
CA GLU N 530 -69.53 -5.54 1.30
C GLU N 530 -68.08 -5.68 0.91
N TYR N 531 -67.82 -5.72 -0.39
CA TYR N 531 -66.45 -5.86 -0.87
C TYR N 531 -66.37 -5.28 -2.28
N LYS N 532 -65.87 -4.06 -2.39
CA LYS N 532 -65.69 -3.43 -3.70
C LYS N 532 -64.64 -4.21 -4.48
N SER N 533 -65.07 -4.92 -5.51
CA SER N 533 -64.14 -5.56 -6.41
C SER N 533 -63.33 -4.50 -7.13
N LEU N 534 -62.05 -4.78 -7.36
CA LEU N 534 -61.19 -3.82 -8.06
C LEU N 534 -61.72 -3.55 -9.46
N ILE N 535 -62.09 -4.60 -10.18
CA ILE N 535 -62.44 -4.48 -11.59
C ILE N 535 -63.78 -5.19 -11.80
N SER N 536 -64.50 -4.76 -12.82
CA SER N 536 -65.85 -5.26 -13.04
C SER N 536 -65.84 -6.55 -13.85
N GLU N 537 -66.83 -7.40 -13.58
CA GLU N 537 -66.97 -8.64 -14.33
C GLU N 537 -67.19 -8.35 -15.81
N ARG N 538 -68.02 -7.35 -16.12
CA ARG N 538 -68.24 -7.00 -17.52
C ARG N 538 -66.95 -6.52 -18.17
N GLU N 539 -66.15 -5.74 -17.44
CA GLU N 539 -64.88 -5.29 -17.98
C GLU N 539 -63.95 -6.46 -18.27
N ILE N 540 -63.89 -7.42 -17.35
CA ILE N 540 -63.02 -8.57 -17.56
C ILE N 540 -63.49 -9.40 -18.75
N GLN N 541 -64.80 -9.62 -18.85
CA GLN N 541 -65.31 -10.38 -20.00
C GLN N 541 -65.00 -9.65 -21.29
N LYS N 542 -65.15 -8.33 -21.30
CA LYS N 542 -64.85 -7.56 -22.50
C LYS N 542 -63.38 -7.67 -22.88
N THR N 543 -62.50 -7.67 -21.89
CA THR N 543 -61.07 -7.64 -22.20
C THR N 543 -60.45 -9.01 -22.43
N THR N 544 -61.07 -10.10 -22.00
CA THR N 544 -60.47 -11.41 -22.22
C THR N 544 -61.45 -12.42 -22.82
N GLN N 545 -62.57 -11.97 -23.37
CA GLN N 545 -63.44 -12.86 -24.11
C GLN N 545 -62.94 -12.97 -25.54
N ILE N 546 -63.27 -14.09 -26.19
CA ILE N 546 -62.97 -14.23 -27.60
C ILE N 546 -63.75 -13.16 -28.36
N ILE N 547 -63.10 -12.55 -29.34
CA ILE N 547 -63.76 -11.47 -30.08
C ILE N 547 -64.96 -12.04 -30.82
N PRO N 548 -66.15 -11.44 -30.69
CA PRO N 548 -67.39 -11.91 -31.32
C PRO N 548 -67.28 -12.10 -32.83
N LYS O 180 -47.52 -37.62 42.35
CA LYS O 180 -46.08 -37.84 42.36
C LYS O 180 -45.36 -36.75 41.57
N VAL O 181 -45.91 -36.41 40.39
CA VAL O 181 -45.39 -35.32 39.58
C VAL O 181 -46.54 -34.39 39.24
N ASN O 182 -46.23 -33.12 39.04
CA ASN O 182 -47.24 -32.15 38.67
C ASN O 182 -46.70 -31.24 37.59
N PHE O 183 -47.47 -31.06 36.53
CA PHE O 183 -47.22 -30.07 35.50
C PHE O 183 -48.26 -28.96 35.63
N GLY O 184 -47.81 -27.71 35.68
CA GLY O 184 -48.69 -26.62 36.00
C GLY O 184 -48.40 -25.39 35.16
N VAL O 185 -49.41 -24.53 35.08
CA VAL O 185 -49.33 -23.26 34.38
C VAL O 185 -49.61 -22.15 35.38
N ILE O 186 -48.72 -21.15 35.42
CA ILE O 186 -48.84 -20.04 36.35
C ILE O 186 -48.91 -18.76 35.53
N LYS O 187 -49.89 -17.91 35.82
CA LYS O 187 -50.18 -16.71 35.04
C LYS O 187 -49.69 -15.50 35.81
N LEU O 188 -48.53 -14.99 35.42
CA LEU O 188 -48.02 -13.76 36.02
C LEU O 188 -48.88 -12.57 35.60
N LYS O 189 -49.04 -11.62 36.52
CA LYS O 189 -49.86 -10.45 36.26
C LYS O 189 -49.07 -9.15 36.30
N ASN O 190 -48.32 -8.90 37.35
CA ASN O 190 -47.74 -7.58 37.59
C ASN O 190 -46.32 -7.41 37.05
N THR O 191 -45.75 -8.43 36.42
CA THR O 191 -44.38 -8.35 35.94
C THR O 191 -44.25 -9.04 34.60
N PHE O 192 -43.20 -8.67 33.86
CA PHE O 192 -42.81 -9.41 32.68
C PHE O 192 -41.97 -10.62 33.06
N VAL O 193 -41.95 -11.60 32.18
CA VAL O 193 -41.29 -12.87 32.46
C VAL O 193 -39.88 -12.91 31.90
N SER O 194 -39.69 -12.44 30.66
CA SER O 194 -38.37 -12.47 30.06
C SER O 194 -37.47 -11.42 30.70
N ASP O 195 -36.19 -11.76 30.85
CA ASP O 195 -35.21 -10.81 31.36
C ASP O 195 -35.10 -9.62 30.41
N ARG O 196 -34.95 -8.44 30.98
CA ARG O 196 -34.93 -7.21 30.20
C ARG O 196 -33.60 -6.48 30.38
N THR O 197 -33.23 -5.69 29.39
CA THR O 197 -31.98 -4.95 29.39
C THR O 197 -32.25 -3.47 29.20
N TYR O 198 -31.54 -2.64 29.98
CA TYR O 198 -31.70 -1.20 29.94
C TYR O 198 -30.34 -0.53 29.83
N ASN O 199 -30.26 0.50 29.01
CA ASN O 199 -29.03 1.24 28.79
C ASN O 199 -28.98 2.46 29.68
N MET O 200 -27.84 2.69 30.32
CA MET O 200 -27.63 3.83 31.19
C MET O 200 -26.44 4.65 30.74
N ARG O 201 -26.25 4.72 29.43
CA ARG O 201 -25.16 5.51 28.82
C ARG O 201 -23.81 5.09 29.39
N GLY O 202 -23.59 3.79 29.48
CA GLY O 202 -22.33 3.27 29.94
C GLY O 202 -22.45 2.10 30.90
N GLU O 203 -23.48 2.13 31.74
CA GLU O 203 -23.70 1.09 32.75
C GLU O 203 -24.95 0.31 32.36
N ASP O 204 -24.76 -0.70 31.53
CA ASP O 204 -25.88 -1.53 31.09
C ASP O 204 -26.40 -2.36 32.26
N ILE O 205 -27.73 -2.44 32.37
CA ILE O 205 -28.40 -3.09 33.49
C ILE O 205 -29.26 -4.22 32.94
N VAL O 206 -29.12 -5.41 33.50
CA VAL O 206 -29.94 -6.55 33.13
C VAL O 206 -30.81 -6.92 34.33
N ILE O 207 -32.12 -6.83 34.16
CA ILE O 207 -33.07 -7.24 35.19
C ILE O 207 -33.53 -8.65 34.85
N PRO O 208 -33.22 -9.64 35.67
CA PRO O 208 -33.59 -11.02 35.34
C PRO O 208 -35.08 -11.28 35.54
N GLY O 209 -35.56 -12.33 34.89
CA GLY O 209 -36.94 -12.71 35.01
C GLY O 209 -37.19 -13.65 36.17
N VAL O 210 -38.46 -13.70 36.57
CA VAL O 210 -38.86 -14.54 37.69
C VAL O 210 -38.50 -15.99 37.43
N ALA O 211 -38.72 -16.45 36.19
CA ALA O 211 -38.41 -17.83 35.84
C ALA O 211 -36.92 -18.13 36.07
N THR O 212 -36.05 -17.29 35.52
CA THR O 212 -34.62 -17.52 35.67
C THR O 212 -34.21 -17.49 37.13
N VAL O 213 -34.70 -16.50 37.88
CA VAL O 213 -34.28 -16.34 39.26
C VAL O 213 -34.73 -17.54 40.09
N VAL O 214 -35.98 -17.96 39.95
CA VAL O 214 -36.48 -19.06 40.76
C VAL O 214 -35.80 -20.36 40.39
N GLU O 215 -35.61 -20.62 39.09
CA GLU O 215 -34.95 -21.84 38.68
C GLU O 215 -33.52 -21.90 39.21
N ARG O 216 -32.81 -20.77 39.16
CA ARG O 216 -31.46 -20.75 39.71
C ARG O 216 -31.49 -20.88 41.23
N LEU O 217 -32.58 -20.47 41.87
CA LEU O 217 -32.70 -20.65 43.31
C LEU O 217 -32.82 -22.13 43.67
N LEU O 218 -33.69 -22.85 42.98
CA LEU O 218 -33.89 -24.28 43.26
C LEU O 218 -32.78 -25.06 42.55
N ASN O 219 -31.59 -25.03 43.13
CA ASN O 219 -30.40 -25.58 42.48
C ASN O 219 -29.39 -26.03 43.52
N ASN O 220 -28.89 -27.25 43.34
CA ASN O 220 -27.76 -27.79 44.13
C ASN O 220 -28.06 -27.77 45.63
N GLY O 221 -29.09 -28.52 46.02
CA GLY O 221 -29.43 -28.68 47.41
C GLY O 221 -29.86 -30.10 47.73
N LYS O 222 -29.20 -30.72 48.70
CA LYS O 222 -29.46 -32.11 49.06
C LYS O 222 -30.07 -32.16 50.45
N ALA O 223 -31.40 -32.03 50.51
CA ALA O 223 -32.16 -32.14 51.74
C ALA O 223 -33.64 -32.12 51.40
N LEU O 224 -34.48 -32.22 52.42
CA LEU O 224 -35.92 -32.10 52.29
C LEU O 224 -36.42 -31.30 53.50
N SER O 225 -37.73 -31.32 53.74
CA SER O 225 -38.33 -30.67 54.91
C SER O 225 -38.05 -29.18 54.91
N ASN O 226 -38.65 -28.50 53.94
CA ASN O 226 -38.46 -27.09 53.72
C ASN O 226 -39.59 -26.27 54.35
N ARG O 227 -39.33 -24.97 54.50
CA ARG O 227 -40.31 -24.01 54.96
C ARG O 227 -40.04 -22.68 54.29
N GLN O 228 -40.87 -21.69 54.62
CA GLN O 228 -40.86 -20.39 53.95
C GLN O 228 -40.69 -19.27 54.96
N ALA O 229 -39.89 -18.27 54.58
CA ALA O 229 -39.56 -17.15 55.44
C ALA O 229 -39.86 -15.83 54.74
N GLN O 230 -40.66 -15.00 55.39
CA GLN O 230 -40.98 -13.68 54.85
C GLN O 230 -39.83 -12.70 55.12
N LEU O 261 -36.74 -34.28 47.35
CA LEU O 261 -36.64 -33.14 46.45
C LEU O 261 -35.68 -33.41 45.31
N GLU O 262 -35.97 -32.83 44.15
CA GLU O 262 -35.18 -33.02 42.95
C GLU O 262 -35.23 -31.73 42.14
N ASP O 263 -34.89 -31.81 40.85
CA ASP O 263 -34.83 -30.64 39.98
C ASP O 263 -36.20 -30.35 39.38
N VAL O 264 -36.66 -29.12 39.56
CA VAL O 264 -37.91 -28.66 38.95
C VAL O 264 -37.60 -28.15 37.56
N SER O 265 -38.59 -28.25 36.68
CA SER O 265 -38.49 -27.71 35.33
C SER O 265 -39.36 -26.46 35.27
N LEU O 266 -38.74 -25.30 35.11
CA LEU O 266 -39.44 -24.04 35.16
C LEU O 266 -39.04 -23.23 33.92
N ILE O 267 -39.98 -23.04 33.01
CA ILE O 267 -39.70 -22.32 31.77
C ILE O 267 -40.71 -21.19 31.59
N ALA O 268 -40.32 -20.22 30.78
CA ALA O 268 -41.09 -19.00 30.57
C ALA O 268 -41.70 -19.02 29.18
N TYR O 269 -42.99 -18.72 29.09
CA TYR O 269 -43.72 -18.64 27.83
C TYR O 269 -44.29 -17.23 27.75
N PRO O 270 -43.52 -16.27 27.23
CA PRO O 270 -43.98 -14.87 27.26
C PRO O 270 -45.08 -14.56 26.25
N GLU O 271 -45.38 -15.47 25.33
CA GLU O 271 -46.43 -15.20 24.36
C GLU O 271 -47.76 -14.93 25.05
N THR O 272 -48.05 -15.67 26.12
CA THR O 272 -49.16 -15.34 27.00
C THR O 272 -48.68 -14.90 28.38
N ASN O 273 -47.39 -14.61 28.52
CA ASN O 273 -46.80 -14.14 29.77
C ASN O 273 -47.11 -15.10 30.91
N SER O 274 -46.66 -16.34 30.74
CA SER O 274 -46.95 -17.38 31.72
C SER O 274 -45.68 -18.17 32.00
N ILE O 275 -45.78 -19.06 32.97
CA ILE O 275 -44.68 -19.91 33.39
C ILE O 275 -45.16 -21.35 33.45
N LEU O 276 -44.40 -22.25 32.85
CA LEU O 276 -44.71 -23.67 32.87
C LEU O 276 -43.79 -24.35 33.88
N VAL O 277 -44.40 -25.06 34.83
CA VAL O 277 -43.68 -25.65 35.95
C VAL O 277 -43.89 -27.15 35.96
N LYS O 278 -42.87 -27.85 36.45
CA LYS O 278 -42.90 -29.31 36.59
C LYS O 278 -42.16 -29.67 37.86
N GLY O 279 -42.85 -30.34 38.78
CA GLY O 279 -42.19 -30.72 40.02
C GLY O 279 -43.14 -31.42 40.97
N ASN O 280 -42.63 -31.66 42.17
CA ASN O 280 -43.41 -32.32 43.22
C ASN O 280 -44.39 -31.34 43.85
N ASP O 281 -45.28 -31.88 44.68
CA ASP O 281 -46.32 -31.05 45.30
C ASP O 281 -45.72 -30.01 46.23
N GLN O 282 -44.74 -30.40 47.04
CA GLN O 282 -44.10 -29.43 47.92
C GLN O 282 -43.38 -28.35 47.12
N GLN O 283 -42.69 -28.76 46.04
CA GLN O 283 -41.98 -27.78 45.23
C GLN O 283 -42.95 -26.80 44.57
N ILE O 284 -44.04 -27.28 44.01
CA ILE O 284 -44.99 -26.35 43.40
C ILE O 284 -45.64 -25.46 44.44
N GLN O 285 -45.89 -25.99 45.65
CA GLN O 285 -46.45 -25.15 46.70
C GLN O 285 -45.51 -24.01 47.05
N ILE O 286 -44.23 -24.31 47.24
CA ILE O 286 -43.30 -23.23 47.59
C ILE O 286 -43.13 -22.28 46.41
N ILE O 287 -43.22 -22.79 45.17
CA ILE O 287 -43.12 -21.90 44.02
C ILE O 287 -44.28 -20.93 43.98
N ARG O 288 -45.49 -21.43 44.20
CA ARG O 288 -46.66 -20.54 44.22
C ARG O 288 -46.53 -19.50 45.31
N ASP O 289 -46.13 -19.94 46.51
CA ASP O 289 -45.99 -18.99 47.61
C ASP O 289 -44.93 -17.93 47.32
N ILE O 290 -43.78 -18.35 46.80
CA ILE O 290 -42.70 -17.40 46.59
C ILE O 290 -43.04 -16.43 45.47
N ILE O 291 -43.69 -16.91 44.41
CA ILE O 291 -44.09 -16.00 43.33
C ILE O 291 -45.12 -15.00 43.83
N THR O 292 -46.12 -15.47 44.58
CA THR O 292 -47.14 -14.56 45.10
C THR O 292 -46.50 -13.52 46.00
N GLN O 293 -45.55 -13.93 46.84
CA GLN O 293 -44.83 -12.96 47.66
C GLN O 293 -43.89 -12.09 46.83
N LEU O 294 -43.60 -12.51 45.60
CA LEU O 294 -42.60 -11.83 44.79
C LEU O 294 -43.18 -10.68 43.96
N ASP O 295 -44.28 -10.90 43.25
CA ASP O 295 -44.83 -9.85 42.37
C ASP O 295 -46.12 -9.31 42.97
N VAL O 296 -46.15 -8.02 43.29
CA VAL O 296 -47.37 -7.45 43.84
C VAL O 296 -47.87 -6.22 43.08
N ALA O 297 -47.14 -5.10 43.14
CA ALA O 297 -47.82 -3.90 42.66
C ALA O 297 -47.00 -3.03 41.72
N LYS O 298 -45.70 -2.84 41.98
CA LYS O 298 -44.85 -1.98 41.17
C LYS O 298 -45.40 -0.54 41.12
N ARG O 299 -45.28 0.14 42.26
CA ARG O 299 -45.79 1.50 42.38
C ARG O 299 -45.04 2.46 41.44
N HIS O 300 -45.67 3.61 41.20
CA HIS O 300 -45.22 4.59 40.23
C HIS O 300 -44.62 5.80 40.93
N ILE O 301 -43.44 6.22 40.47
CA ILE O 301 -42.77 7.42 40.96
C ILE O 301 -42.65 8.39 39.81
N GLU O 302 -43.02 9.63 40.04
CA GLU O 302 -42.86 10.69 39.06
C GLU O 302 -41.91 11.74 39.62
N LEU O 303 -40.87 12.05 38.87
CA LEU O 303 -39.82 12.95 39.30
C LEU O 303 -39.88 14.24 38.50
N SER O 304 -39.85 15.37 39.20
CA SER O 304 -39.79 16.69 38.58
C SER O 304 -38.45 17.32 38.93
N LEU O 305 -37.69 17.68 37.91
CA LEU O 305 -36.33 18.18 38.10
C LEU O 305 -36.31 19.67 37.78
N TRP O 306 -36.23 20.52 38.78
CA TRP O 306 -36.23 21.96 38.57
C TRP O 306 -34.81 22.43 38.32
N ILE O 307 -34.61 23.18 37.24
CA ILE O 307 -33.33 23.80 36.94
C ILE O 307 -33.58 25.29 36.86
N ILE O 308 -32.87 26.05 37.70
CA ILE O 308 -33.12 27.47 37.83
C ILE O 308 -31.83 28.23 37.56
N ASP O 309 -31.92 29.27 36.74
CA ASP O 309 -30.79 30.16 36.49
C ASP O 309 -31.24 31.59 36.69
N ILE O 310 -30.41 32.36 37.39
CA ILE O 310 -30.63 33.79 37.59
C ILE O 310 -29.32 34.51 37.33
N ASP O 311 -29.36 35.51 36.45
CA ASP O 311 -28.15 36.24 36.10
C ASP O 311 -28.43 37.74 36.15
N LYS O 312 -27.50 38.47 36.74
CA LYS O 312 -27.50 39.93 36.69
C LYS O 312 -26.12 40.40 36.28
N SER O 313 -26.06 41.46 35.49
CA SER O 313 -24.78 41.96 35.03
C SER O 313 -24.88 43.46 34.81
N GLU O 314 -23.78 44.16 35.04
CA GLU O 314 -23.72 45.59 34.79
C GLU O 314 -22.32 45.95 34.35
N LEU O 315 -22.21 46.53 33.16
CA LEU O 315 -20.93 46.91 32.59
C LEU O 315 -20.99 48.36 32.21
N ASN O 316 -20.06 49.16 32.71
CA ASN O 316 -20.11 50.58 32.37
C ASN O 316 -18.70 51.15 32.23
N ASN O 317 -18.53 52.01 31.24
CA ASN O 317 -17.22 52.60 31.00
C ASN O 317 -17.38 54.03 30.51
N LEU O 318 -16.55 54.91 31.04
CA LEU O 318 -16.55 56.29 30.59
C LEU O 318 -15.17 56.88 30.74
N GLY O 319 -14.80 57.74 29.81
CA GLY O 319 -13.52 58.40 29.84
C GLY O 319 -13.05 58.75 28.45
N VAL O 320 -11.78 59.14 28.37
CA VAL O 320 -11.18 59.62 27.12
C VAL O 320 -9.81 59.00 26.94
N ASN O 321 -9.50 58.61 25.71
CA ASN O 321 -8.16 58.20 25.33
C ASN O 321 -7.58 59.21 24.35
N TRP O 322 -6.30 59.53 24.51
CA TRP O 322 -5.66 60.58 23.73
C TRP O 322 -4.46 60.03 22.96
N GLN O 323 -4.25 60.58 21.77
CA GLN O 323 -3.03 60.35 21.01
C GLN O 323 -2.62 61.66 20.35
N GLY O 324 -1.32 61.85 20.17
CA GLY O 324 -0.86 63.13 19.67
C GLY O 324 0.37 63.08 18.80
N THR O 325 0.52 64.12 18.00
CA THR O 325 1.69 64.32 17.15
C THR O 325 1.99 65.82 17.10
N ALA O 326 3.26 66.16 16.93
CA ALA O 326 3.65 67.56 16.86
C ALA O 326 4.94 67.69 16.07
N SER O 327 5.11 68.87 15.47
CA SER O 327 6.30 69.15 14.68
C SER O 327 6.77 70.57 14.95
N PHE O 328 8.06 70.80 14.76
CA PHE O 328 8.65 72.11 14.94
C PHE O 328 9.73 72.29 13.89
N GLY O 329 9.55 73.32 13.05
CA GLY O 329 10.37 73.47 11.87
C GLY O 329 10.26 72.23 11.01
N ASP O 330 11.34 71.95 10.30
CA ASP O 330 11.52 70.66 9.63
C ASP O 330 12.55 69.82 10.37
N SER O 331 12.73 70.10 11.66
CA SER O 331 13.80 69.51 12.44
C SER O 331 13.33 68.65 13.59
N PHE O 332 12.35 69.10 14.38
CA PHE O 332 11.98 68.42 15.61
C PHE O 332 10.62 67.75 15.41
N GLY O 333 10.60 66.43 15.52
CA GLY O 333 9.35 65.68 15.48
C GLY O 333 9.05 65.08 16.85
N ALA O 334 7.77 65.02 17.21
CA ALA O 334 7.38 64.47 18.50
C ALA O 334 6.11 63.66 18.35
N SER O 335 6.09 62.48 18.97
CA SER O 335 4.93 61.60 18.95
C SER O 335 4.52 61.28 20.37
N PHE O 336 3.30 61.64 20.74
CA PHE O 336 2.81 61.50 22.11
C PHE O 336 1.89 60.29 22.19
N ASN O 337 2.29 59.27 22.96
CA ASN O 337 1.50 58.07 23.21
C ASN O 337 1.18 57.35 21.90
N MET O 338 2.23 57.03 21.16
CA MET O 338 2.10 56.28 19.92
C MET O 338 3.08 55.13 19.91
N SER O 339 2.67 54.02 19.29
CA SER O 339 3.54 52.86 19.19
C SER O 339 4.75 53.14 18.30
N SER O 340 4.51 53.67 17.11
CA SER O 340 5.58 54.02 16.19
C SER O 340 5.03 54.99 15.16
N SER O 341 5.95 55.67 14.47
CA SER O 341 5.58 56.66 13.46
C SER O 341 5.09 55.99 12.18
N ASN O 350 -2.05 65.41 11.97
CA ASN O 350 -0.88 66.18 12.37
C ASN O 350 -0.95 66.57 13.84
N LYS O 351 -2.15 66.52 14.40
CA LYS O 351 -2.36 66.98 15.78
C LYS O 351 -3.31 66.01 16.47
N PHE O 352 -3.84 66.43 17.61
CA PHE O 352 -4.31 65.50 18.63
C PHE O 352 -5.67 64.91 18.31
N ILE O 353 -5.83 63.65 18.70
CA ILE O 353 -7.09 62.92 18.54
C ILE O 353 -7.49 62.34 19.88
N ALA O 354 -8.80 62.35 20.15
CA ALA O 354 -9.35 61.86 21.41
C ALA O 354 -10.57 61.00 21.13
N SER O 355 -10.56 59.80 21.70
CA SER O 355 -11.73 58.91 21.65
C SER O 355 -12.45 59.00 22.99
N VAL O 356 -13.68 59.48 22.96
CA VAL O 356 -14.50 59.60 24.15
C VAL O 356 -15.49 58.45 24.18
N MET O 357 -15.50 57.74 25.29
CA MET O 357 -16.41 56.62 25.51
C MET O 357 -17.28 56.95 26.71
N ALA O 358 -18.57 56.64 26.59
CA ALA O 358 -19.50 56.84 27.70
C ALA O 358 -20.66 55.90 27.48
N LEU O 359 -20.79 54.87 28.31
CA LEU O 359 -21.83 53.88 28.09
C LEU O 359 -22.04 53.08 29.36
N ASN O 360 -23.27 52.60 29.53
CA ASN O 360 -23.62 51.79 30.69
C ASN O 360 -24.73 50.84 30.30
N GLN O 361 -24.49 49.54 30.44
CA GLN O 361 -25.49 48.54 30.08
C GLN O 361 -25.71 47.57 31.21
N LYS O 362 -26.98 47.37 31.56
CA LYS O 362 -27.40 46.40 32.55
C LYS O 362 -28.13 45.27 31.85
N LYS O 363 -28.07 44.08 32.44
CA LYS O 363 -28.69 42.92 31.83
C LYS O 363 -29.17 42.00 32.93
N LYS O 364 -30.33 41.38 32.71
CA LYS O 364 -30.89 40.47 33.70
C LYS O 364 -31.61 39.33 32.99
N ALA O 365 -31.51 38.13 33.54
CA ALA O 365 -32.14 36.97 32.91
C ALA O 365 -32.55 35.96 33.96
N ASN O 366 -33.74 35.40 33.78
CA ASN O 366 -34.24 34.30 34.62
C ASN O 366 -34.71 33.18 33.72
N VAL O 367 -34.21 31.98 33.98
CA VAL O 367 -34.58 30.80 33.19
C VAL O 367 -35.01 29.71 34.14
N VAL O 368 -36.17 29.11 33.89
CA VAL O 368 -36.68 28.02 34.71
C VAL O 368 -37.06 26.88 33.79
N SER O 369 -36.35 25.76 33.90
CA SER O 369 -36.67 24.59 33.11
C SER O 369 -37.11 23.47 34.05
N ARG O 370 -38.01 22.63 33.57
CA ARG O 370 -38.53 21.54 34.39
C ARG O 370 -38.82 20.34 33.51
N PRO O 371 -37.94 19.37 33.47
CA PRO O 371 -38.32 18.04 32.98
C PRO O 371 -39.10 17.28 34.03
N VAL O 372 -39.99 16.42 33.56
CA VAL O 372 -40.86 15.63 34.41
C VAL O 372 -41.01 14.26 33.78
N ILE O 373 -40.65 13.21 34.52
CA ILE O 373 -40.73 11.87 33.95
C ILE O 373 -41.32 10.92 34.97
N LEU O 374 -42.16 9.99 34.49
CA LEU O 374 -42.81 9.00 35.33
C LEU O 374 -42.26 7.62 35.02
N THR O 375 -42.15 6.78 36.05
CA THR O 375 -41.69 5.41 35.85
C THR O 375 -42.17 4.55 37.01
N GLN O 376 -41.82 3.28 36.96
CA GLN O 376 -42.10 2.35 38.05
C GLN O 376 -40.87 2.19 38.92
N GLU O 377 -41.10 1.93 40.20
CA GLU O 377 -39.98 1.85 41.13
C GLU O 377 -39.01 0.75 40.72
N ASN O 378 -37.72 1.03 40.89
CA ASN O 378 -36.60 0.13 40.66
C ASN O 378 -36.34 -0.15 39.19
N ILE O 379 -36.98 0.55 38.27
CA ILE O 379 -36.79 0.33 36.85
C ILE O 379 -36.26 1.61 36.22
N PRO O 380 -35.13 1.58 35.53
CA PRO O 380 -34.52 2.81 35.03
C PRO O 380 -35.40 3.51 34.03
N ALA O 381 -35.32 4.83 34.03
CA ALA O 381 -36.09 5.65 33.11
C ALA O 381 -35.15 6.63 32.42
N ILE O 382 -35.42 6.91 31.14
CA ILE O 382 -34.57 7.78 30.35
C ILE O 382 -35.42 8.87 29.73
N PHE O 383 -34.95 10.11 29.81
CA PHE O 383 -35.64 11.23 29.18
C PHE O 383 -34.62 12.20 28.65
N ASP O 384 -34.58 12.40 27.34
CA ASP O 384 -33.71 13.42 26.79
C ASP O 384 -34.50 14.25 25.79
N ASN O 385 -34.07 15.50 25.64
CA ASN O 385 -34.83 16.46 24.86
C ASN O 385 -33.88 17.57 24.45
N ASN O 386 -34.16 18.18 23.30
CA ASN O 386 -33.42 19.38 22.93
C ASN O 386 -34.24 20.20 21.95
N ARG O 387 -34.35 21.48 22.24
CA ARG O 387 -35.03 22.44 21.39
C ARG O 387 -34.03 23.47 20.88
N THR O 388 -34.46 24.25 19.90
CA THR O 388 -33.68 25.36 19.40
C THR O 388 -34.49 26.63 19.58
N PHE O 389 -33.89 27.63 20.22
CA PHE O 389 -34.53 28.90 20.46
C PHE O 389 -34.02 29.92 19.45
N TYR O 390 -34.95 30.53 18.73
CA TYR O 390 -34.64 31.52 17.70
C TYR O 390 -35.01 32.91 18.18
N VAL O 391 -34.24 33.89 17.75
CA VAL O 391 -34.62 35.30 17.87
C VAL O 391 -34.37 35.96 16.52
N SER O 392 -35.38 36.66 16.02
CA SER O 392 -35.29 37.34 14.73
C SER O 392 -34.63 38.69 14.93
N LEU O 393 -33.64 38.99 14.09
CA LEU O 393 -32.99 40.28 14.14
C LEU O 393 -33.99 41.38 13.77
N VAL O 394 -33.58 42.62 14.02
CA VAL O 394 -34.44 43.76 13.69
C VAL O 394 -34.59 43.90 12.18
N GLY O 395 -33.50 43.71 11.43
CA GLY O 395 -33.54 43.85 9.99
C GLY O 395 -32.35 43.23 9.29
N LEU O 401 -31.23 36.47 12.72
CA LEU O 401 -31.82 35.22 13.17
C LEU O 401 -30.80 34.39 13.90
N GLU O 402 -30.72 34.55 15.21
CA GLU O 402 -29.74 33.85 16.03
C GLU O 402 -30.43 32.79 16.87
N HIS O 403 -29.79 31.62 16.98
CA HIS O 403 -30.40 30.47 17.60
C HIS O 403 -29.45 29.85 18.61
N VAL O 404 -30.03 29.28 19.66
CA VAL O 404 -29.30 28.57 20.70
C VAL O 404 -29.97 27.23 20.93
N THR O 405 -29.19 26.16 20.94
CA THR O 405 -29.72 24.81 21.09
C THR O 405 -29.63 24.39 22.56
N TYR O 406 -30.79 24.30 23.20
CA TYR O 406 -30.86 23.94 24.61
C TYR O 406 -31.26 22.48 24.72
N GLY O 407 -30.42 21.68 25.37
CA GLY O 407 -30.68 20.26 25.49
C GLY O 407 -30.45 19.78 26.91
N THR O 408 -31.28 18.82 27.31
CA THR O 408 -31.18 18.17 28.60
C THR O 408 -31.27 16.66 28.40
N LEU O 409 -30.70 15.93 29.35
CA LEU O 409 -30.69 14.47 29.31
C LEU O 409 -30.59 13.98 30.73
N ILE O 410 -31.63 13.30 31.20
CA ILE O 410 -31.69 12.81 32.56
C ILE O 410 -32.03 11.33 32.52
N ASN O 411 -31.19 10.52 33.17
CA ASN O 411 -31.52 9.11 33.35
C ASN O 411 -31.45 8.78 34.83
N VAL O 412 -32.49 8.10 35.31
CA VAL O 412 -32.75 8.01 36.74
C VAL O 412 -33.17 6.60 37.10
N ILE O 413 -32.78 6.16 38.27
CA ILE O 413 -33.28 4.93 38.87
C ILE O 413 -33.91 5.27 40.21
N PRO O 414 -35.23 5.27 40.29
CA PRO O 414 -35.90 5.59 41.56
C PRO O 414 -36.30 4.34 42.33
N ARG O 415 -36.55 4.49 43.62
CA ARG O 415 -37.07 3.42 44.45
C ARG O 415 -37.51 4.02 45.77
N PHE O 416 -38.14 3.20 46.61
CA PHE O 416 -38.68 3.66 47.87
C PHE O 416 -37.75 3.27 49.03
N SER O 417 -38.05 3.84 50.19
CA SER O 417 -37.28 3.59 51.40
C SER O 417 -38.15 3.96 52.60
N SER O 418 -37.64 3.59 53.77
CA SER O 418 -38.36 3.69 55.04
C SER O 418 -39.11 5.00 55.16
N ARG O 419 -40.32 4.92 55.72
CA ARG O 419 -41.20 6.07 55.91
C ARG O 419 -41.62 6.68 54.57
N GLY O 420 -41.64 5.86 53.52
CA GLY O 420 -42.08 6.35 52.24
C GLY O 420 -41.18 7.38 51.59
N GLN O 421 -39.90 7.41 51.95
CA GLN O 421 -38.99 8.31 51.29
C GLN O 421 -38.63 7.77 49.91
N ILE O 422 -38.25 8.67 49.00
CA ILE O 422 -37.94 8.29 47.64
C ILE O 422 -36.45 8.48 47.42
N GLU O 423 -35.75 7.40 47.12
CA GLU O 423 -34.32 7.46 46.82
C GLU O 423 -34.13 7.35 45.32
N MET O 424 -33.14 8.06 44.79
CA MET O 424 -32.93 8.11 43.35
C MET O 424 -31.44 8.18 43.04
N SER O 425 -31.03 7.39 42.05
CA SER O 425 -29.72 7.54 41.44
C SER O 425 -29.90 8.36 40.17
N LEU O 426 -29.17 9.47 40.08
CA LEU O 426 -29.39 10.47 39.04
C LEU O 426 -28.14 10.69 38.22
N THR O 427 -28.31 10.72 36.90
CA THR O 427 -27.32 11.30 36.00
C THR O 427 -28.03 12.38 35.20
N ILE O 428 -27.56 13.62 35.31
CA ILE O 428 -28.19 14.76 34.68
C ILE O 428 -27.15 15.51 33.87
N GLU O 429 -27.48 15.80 32.63
CA GLU O 429 -26.73 16.76 31.83
C GLU O 429 -27.69 17.77 31.29
N ASP O 430 -27.28 19.03 31.21
CA ASP O 430 -28.18 20.02 30.65
C ASP O 430 -27.38 21.23 30.21
N GLY O 431 -28.00 22.02 29.35
CA GLY O 431 -27.43 23.30 29.01
C GLY O 431 -27.51 23.56 27.53
N THR O 432 -26.80 24.59 27.10
CA THR O 432 -26.88 25.07 25.74
C THR O 432 -25.58 24.78 24.99
N GLY O 433 -25.56 25.19 23.73
CA GLY O 433 -24.37 25.15 22.92
C GLY O 433 -23.98 26.54 22.48
N ASN O 434 -22.70 26.88 22.62
CA ASN O 434 -22.23 28.24 22.38
C ASN O 434 -22.58 28.70 20.98
N SER O 435 -23.36 29.78 20.90
CA SER O 435 -23.66 30.42 19.63
C SER O 435 -23.64 31.93 19.84
N GLN O 436 -22.50 32.53 19.55
CA GLN O 436 -22.32 33.97 19.68
C GLN O 436 -23.21 34.74 18.71
N ASN O 443 -25.36 41.56 17.88
CA ASN O 443 -26.21 42.67 18.29
C ASN O 443 -27.22 42.23 19.35
N GLU O 444 -26.75 42.08 20.58
CA GLU O 444 -27.56 41.74 21.75
C GLU O 444 -28.25 40.38 21.62
N ASN O 445 -27.87 39.58 20.62
CA ASN O 445 -28.47 38.27 20.44
C ASN O 445 -28.22 37.40 21.67
N THR O 446 -26.96 37.30 22.09
CA THR O 446 -26.64 36.58 23.32
C THR O 446 -27.26 37.26 24.53
N SER O 447 -27.46 38.58 24.45
CA SER O 447 -28.10 39.30 25.54
C SER O 447 -29.54 38.88 25.72
N VAL O 448 -30.20 38.48 24.64
CA VAL O 448 -31.60 38.07 24.71
C VAL O 448 -31.74 36.57 24.95
N LEU O 449 -30.97 35.76 24.25
CA LEU O 449 -31.09 34.32 24.37
C LEU O 449 -30.59 33.83 25.72
N PRO O 450 -31.01 32.62 26.14
CA PRO O 450 -30.62 32.12 27.47
C PRO O 450 -29.12 32.05 27.72
N GLU O 451 -28.42 31.22 26.96
CA GLU O 451 -26.98 31.03 27.08
C GLU O 451 -26.57 30.76 28.53
N VAL O 452 -27.00 29.59 29.01
CA VAL O 452 -26.81 29.22 30.41
C VAL O 452 -25.64 28.28 30.63
N GLY O 453 -24.76 28.11 29.65
CA GLY O 453 -23.63 27.23 29.82
C GLY O 453 -24.04 25.78 29.79
N ARG O 454 -23.16 24.91 30.28
CA ARG O 454 -23.44 23.48 30.33
C ARG O 454 -23.07 22.94 31.69
N THR O 455 -23.84 21.98 32.19
CA THR O 455 -23.61 21.43 33.52
C THR O 455 -24.03 19.98 33.56
N LYS O 456 -23.16 19.13 34.09
CA LYS O 456 -23.45 17.73 34.30
C LYS O 456 -23.20 17.38 35.75
N ILE O 457 -24.15 16.69 36.37
CA ILE O 457 -24.05 16.27 37.75
C ILE O 457 -24.49 14.82 37.86
N SER O 458 -23.68 14.00 38.52
CA SER O 458 -23.99 12.59 38.71
C SER O 458 -23.89 12.28 40.19
N THR O 459 -24.96 11.77 40.77
CA THR O 459 -25.02 11.60 42.22
C THR O 459 -26.19 10.68 42.57
N ILE O 460 -26.50 10.59 43.86
CA ILE O 460 -27.59 9.76 44.37
C ILE O 460 -28.08 10.36 45.68
N ALA O 461 -29.39 10.51 45.81
CA ALA O 461 -29.93 11.17 46.99
C ALA O 461 -31.35 10.70 47.26
N ARG O 462 -31.79 10.86 48.50
CA ARG O 462 -33.14 10.47 48.88
C ARG O 462 -33.87 11.64 49.51
N VAL O 463 -35.17 11.72 49.23
CA VAL O 463 -36.00 12.87 49.59
C VAL O 463 -37.21 12.39 50.37
N PRO O 464 -37.55 13.02 51.49
CA PRO O 464 -38.85 12.77 52.11
C PRO O 464 -39.96 13.20 51.16
N GLN O 465 -41.07 12.49 51.22
CA GLN O 465 -42.18 12.82 50.33
C GLN O 465 -42.87 14.08 50.83
N GLY O 466 -43.07 15.03 49.93
CA GLY O 466 -43.61 16.32 50.28
C GLY O 466 -42.60 17.45 50.32
N LYS O 467 -41.31 17.15 50.21
CA LYS O 467 -40.27 18.16 50.22
C LYS O 467 -39.39 17.97 48.99
N SER O 468 -38.53 18.96 48.74
CA SER O 468 -37.66 18.96 47.58
C SER O 468 -36.24 19.27 48.02
N LEU O 469 -35.28 18.77 47.26
CA LEU O 469 -33.88 18.81 47.66
C LEU O 469 -33.05 19.52 46.61
N LEU O 470 -32.01 20.21 47.07
CA LEU O 470 -31.11 20.95 46.19
C LEU O 470 -29.87 20.09 45.99
N ILE O 471 -29.92 19.20 45.00
CA ILE O 471 -28.82 18.27 44.82
C ILE O 471 -27.57 18.99 44.32
N GLY O 472 -27.73 19.93 43.41
CA GLY O 472 -26.57 20.55 42.79
C GLY O 472 -26.73 22.04 42.68
N GLY O 473 -25.60 22.73 42.59
CA GLY O 473 -25.71 24.17 42.42
C GLY O 473 -24.36 24.79 42.20
N TYR O 474 -24.39 26.05 41.81
CA TYR O 474 -23.17 26.75 41.43
C TYR O 474 -23.45 28.23 41.37
N THR O 475 -22.74 29.01 42.16
CA THR O 475 -22.86 30.46 42.11
C THR O 475 -21.53 31.09 41.75
N HIS O 476 -21.60 32.29 41.22
CA HIS O 476 -20.42 32.94 40.68
C HIS O 476 -20.59 34.45 40.78
N GLU O 477 -19.54 35.12 41.24
CA GLU O 477 -19.59 36.57 41.37
C GLU O 477 -18.30 37.17 40.86
N THR O 478 -18.41 38.18 40.02
CA THR O 478 -17.25 38.81 39.41
C THR O 478 -17.33 40.32 39.60
N ASN O 479 -16.20 40.92 39.97
CA ASN O 479 -16.11 42.36 40.09
C ASN O 479 -14.78 42.79 39.50
N SER O 480 -14.79 43.84 38.68
CA SER O 480 -13.55 44.25 38.02
C SER O 480 -13.56 45.74 37.79
N ASN O 481 -12.44 46.38 38.07
CA ASN O 481 -12.25 47.80 37.82
C ASN O 481 -10.95 48.02 37.07
N GLU O 482 -10.93 49.01 36.20
CA GLU O 482 -9.73 49.37 35.48
C GLU O 482 -9.70 50.87 35.28
N ILE O 483 -8.55 51.49 35.55
CA ILE O 483 -8.40 52.94 35.44
C ILE O 483 -7.16 53.23 34.63
N ILE O 484 -7.30 54.07 33.61
CA ILE O 484 -6.19 54.49 32.78
C ILE O 484 -6.10 56.00 32.86
N SER O 485 -4.91 56.54 33.09
CA SER O 485 -4.82 57.99 33.23
C SER O 485 -3.44 58.47 32.81
N ILE O 486 -3.42 59.68 32.25
CA ILE O 486 -2.16 60.40 32.03
C ILE O 486 -1.55 60.75 33.38
N PRO O 487 -0.26 60.58 33.59
CA PRO O 487 0.29 60.68 34.94
C PRO O 487 0.05 62.01 35.65
N PHE O 488 0.51 63.12 35.08
CA PHE O 488 0.53 64.37 35.84
C PHE O 488 -0.75 65.18 35.68
N LEU O 489 -1.06 65.59 34.45
CA LEU O 489 -2.14 66.55 34.26
C LEU O 489 -3.49 66.01 34.70
N SER O 490 -3.71 64.70 34.55
CA SER O 490 -4.98 64.13 34.97
C SER O 490 -5.23 64.28 36.46
N SER O 491 -4.24 64.73 37.22
CA SER O 491 -4.41 64.95 38.65
C SER O 491 -4.83 66.37 39.00
N ILE O 492 -4.90 67.28 38.03
CA ILE O 492 -5.30 68.65 38.32
C ILE O 492 -6.78 68.65 38.69
N PRO O 493 -7.25 69.60 39.50
CA PRO O 493 -8.56 69.43 40.16
C PRO O 493 -9.76 69.33 39.24
N VAL O 494 -9.96 70.31 38.35
CA VAL O 494 -11.23 70.43 37.66
C VAL O 494 -11.24 69.65 36.36
N ILE O 495 -10.38 70.03 35.41
CA ILE O 495 -10.43 69.42 34.09
C ILE O 495 -9.64 68.13 34.01
N GLY O 496 -8.88 67.79 35.05
CA GLY O 496 -8.12 66.55 35.02
C GLY O 496 -9.00 65.34 34.82
N ASN O 497 -10.22 65.38 35.35
CA ASN O 497 -11.14 64.26 35.20
C ASN O 497 -11.53 63.99 33.75
N VAL O 498 -11.07 64.82 32.80
CA VAL O 498 -11.33 64.55 31.39
C VAL O 498 -10.27 63.65 30.77
N PHE O 499 -9.18 63.38 31.47
CA PHE O 499 -8.11 62.56 30.92
C PHE O 499 -8.16 61.11 31.39
N LYS O 500 -8.93 60.81 32.43
CA LYS O 500 -9.02 59.45 32.92
C LYS O 500 -9.83 58.59 31.96
N TYR O 501 -9.92 57.31 32.31
CA TYR O 501 -10.76 56.37 31.60
C TYR O 501 -11.04 55.23 32.55
N LYS O 502 -12.30 55.09 32.98
CA LYS O 502 -12.69 54.17 34.02
C LYS O 502 -13.65 53.13 33.43
N THR O 503 -13.31 51.87 33.62
CA THR O 503 -14.13 50.75 33.17
C THR O 503 -14.47 49.87 34.35
N SER O 504 -15.71 49.40 34.42
CA SER O 504 -16.16 48.60 35.55
C SER O 504 -17.10 47.52 35.09
N ASN O 505 -17.01 46.35 35.73
CA ASN O 505 -17.86 45.21 35.45
C ASN O 505 -18.28 44.58 36.76
N ILE O 506 -19.55 44.21 36.85
CA ILE O 506 -20.08 43.48 38.00
C ILE O 506 -21.03 42.41 37.48
N SER O 507 -20.98 41.22 38.05
CA SER O 507 -21.88 40.18 37.57
C SER O 507 -22.13 39.14 38.65
N ASN O 508 -23.39 38.70 38.77
CA ASN O 508 -23.77 37.61 39.64
C ASN O 508 -24.51 36.55 38.84
N ILE O 509 -24.19 35.30 39.09
CA ILE O 509 -24.79 34.16 38.41
C ILE O 509 -25.13 33.11 39.46
N VAL O 510 -26.34 32.56 39.37
CA VAL O 510 -26.77 31.49 40.27
C VAL O 510 -27.43 30.42 39.41
N ARG O 511 -27.04 29.17 39.63
CA ARG O 511 -27.67 28.05 38.95
C ARG O 511 -27.92 26.94 39.95
N VAL O 512 -29.11 26.35 39.91
CA VAL O 512 -29.56 25.43 40.93
C VAL O 512 -30.26 24.25 40.28
N PHE O 513 -29.94 23.03 40.73
CA PHE O 513 -30.61 21.80 40.34
C PHE O 513 -31.28 21.23 41.58
N LEU O 514 -32.61 21.33 41.63
CA LEU O 514 -33.42 20.71 42.67
C LEU O 514 -34.20 19.56 42.09
N ILE O 515 -34.62 18.65 42.96
CA ILE O 515 -35.50 17.55 42.59
C ILE O 515 -36.68 17.54 43.55
N GLN O 516 -37.85 17.19 43.02
CA GLN O 516 -38.95 16.81 43.88
C GLN O 516 -39.65 15.60 43.27
N PRO O 517 -39.65 14.49 43.96
CA PRO O 517 -40.38 13.33 43.46
C PRO O 517 -41.74 13.21 44.12
N ARG O 518 -42.61 12.36 43.58
CA ARG O 518 -43.87 12.08 44.23
C ARG O 518 -44.41 10.76 43.73
N GLU O 519 -45.09 10.04 44.63
CA GLU O 519 -45.73 8.79 44.25
C GLU O 519 -47.04 9.09 43.52
N ILE O 520 -47.34 8.29 42.51
CA ILE O 520 -48.54 8.50 41.71
C ILE O 520 -49.69 7.74 42.34
N LYS O 521 -50.75 8.46 42.68
CA LYS O 521 -51.94 7.88 43.28
C LYS O 521 -53.10 7.95 42.29
N GLU O 522 -54.25 7.42 42.71
CA GLU O 522 -55.40 7.36 41.82
C GLU O 522 -55.90 8.74 41.43
N SER O 523 -55.55 9.77 42.18
CA SER O 523 -55.95 11.13 41.84
C SER O 523 -55.00 11.78 40.85
N SER O 524 -53.92 11.11 40.47
CA SER O 524 -52.96 11.68 39.55
C SER O 524 -53.24 11.36 38.10
N TYR O 525 -54.23 10.52 37.82
CA TYR O 525 -54.62 10.24 36.45
C TYR O 525 -55.62 11.29 35.97
N TYR O 526 -55.81 11.33 34.66
CA TYR O 526 -56.77 12.22 34.04
C TYR O 526 -58.01 11.43 33.64
N ASN O 527 -59.17 11.92 34.03
CA ASN O 527 -60.43 11.28 33.64
C ASN O 527 -60.70 11.59 32.18
N THR O 528 -60.80 10.55 31.36
CA THR O 528 -61.09 10.70 29.95
C THR O 528 -62.45 10.13 29.59
N ALA O 529 -62.69 8.85 29.89
CA ALA O 529 -63.98 8.19 29.75
C ALA O 529 -64.53 8.21 28.34
N GLU O 530 -63.74 8.65 27.37
CA GLU O 530 -64.15 8.70 25.97
C GLU O 530 -62.99 8.27 25.10
N TYR O 531 -63.23 8.22 23.80
CA TYR O 531 -62.18 7.80 22.88
C TYR O 531 -62.50 8.39 21.51
N LYS O 532 -61.83 9.48 21.16
CA LYS O 532 -62.01 10.08 19.84
C LYS O 532 -61.49 9.12 18.78
N SER O 533 -62.39 8.54 18.01
CA SER O 533 -61.97 7.74 16.87
C SER O 533 -61.29 8.63 15.85
N LEU O 534 -60.25 8.09 15.20
CA LEU O 534 -59.53 8.87 14.20
C LEU O 534 -60.45 9.27 13.07
N ILE O 535 -61.25 8.34 12.56
CA ILE O 535 -62.06 8.55 11.38
C ILE O 535 -63.49 8.13 11.69
N SER O 536 -64.43 8.72 10.97
CA SER O 536 -65.84 8.51 11.27
C SER O 536 -66.37 7.26 10.57
N GLU O 537 -67.35 6.62 11.22
CA GLU O 537 -67.99 5.46 10.63
C GLU O 537 -68.66 5.81 9.31
N ARG O 538 -69.32 6.97 9.26
CA ARG O 538 -69.95 7.39 8.02
C ARG O 538 -68.91 7.60 6.93
N GLU O 539 -67.78 8.19 7.28
CA GLU O 539 -66.71 8.37 6.30
C GLU O 539 -66.20 7.04 5.78
N ILE O 540 -66.00 6.07 6.67
CA ILE O 540 -65.51 4.78 6.22
C ILE O 540 -66.53 4.09 5.33
N GLN O 541 -67.80 4.14 5.70
CA GLN O 541 -68.83 3.54 4.86
C GLN O 541 -68.86 4.20 3.49
N LYS O 542 -68.73 5.53 3.47
CA LYS O 542 -68.74 6.25 2.20
C LYS O 542 -67.55 5.85 1.33
N THR O 543 -66.39 5.63 1.94
CA THR O 543 -65.19 5.39 1.16
C THR O 543 -64.97 3.92 0.79
N THR O 544 -65.62 2.98 1.48
CA THR O 544 -65.41 1.58 1.12
C THR O 544 -66.71 0.79 0.96
N GLN O 545 -67.83 1.48 0.82
CA GLN O 545 -69.07 0.79 0.48
C GLN O 545 -69.15 0.61 -1.02
N ILE O 546 -69.90 -0.41 -1.44
CA ILE O 546 -70.15 -0.57 -2.87
C ILE O 546 -70.92 0.64 -3.36
N ILE O 547 -70.55 1.13 -4.54
CA ILE O 547 -71.21 2.33 -5.06
C ILE O 547 -72.69 2.04 -5.29
N PRO O 548 -73.62 2.87 -4.79
CA PRO O 548 -75.06 2.67 -4.91
C PRO O 548 -75.52 2.49 -6.36
#